data_5Z8I
#
_entry.id   5Z8I
#
_entity_poly.entity_id   1
_entity_poly.type   'polypeptide(L)'
_entity_poly.pdbx_seq_one_letter_code
;SSKTQDLLLLDVAPLSLGIETAGGVMTKLIPRNSTIPTKKSEIFSTYADNQPGVLIQVFEGERAKTKDNNLLGKFELSGI
PPAPRGVPQIEVTFDVDSNGILNVSAVEKGTGKSNKITITNDKGRLSKEDIEKMVAEAEKFKEEDEKESQRIASKNQLES
IAYSLKNTISEAG
;
_entity_poly.pdbx_strand_id   A
#
# COMPACT_ATOMS: atom_id res chain seq x y z
N SER A 1 -10.95 19.27 -5.13
CA SER A 1 -10.39 20.39 -4.43
C SER A 1 -10.28 20.07 -2.92
N SER A 2 -10.06 18.81 -2.57
CA SER A 2 -10.05 18.43 -1.18
C SER A 2 -8.62 18.30 -0.61
N LYS A 3 -8.16 19.36 0.04
CA LYS A 3 -6.92 19.33 0.80
C LYS A 3 -7.06 20.15 2.09
N THR A 4 -7.82 21.23 2.00
CA THR A 4 -8.22 22.04 3.15
C THR A 4 -9.74 22.25 3.07
N GLN A 5 -10.37 21.33 2.38
CA GLN A 5 -11.80 21.30 2.20
C GLN A 5 -12.30 19.97 2.70
N ASP A 6 -13.55 19.67 2.48
CA ASP A 6 -14.11 18.45 3.04
C ASP A 6 -14.77 17.62 1.97
N LEU A 7 -15.13 16.47 2.40
CA LEU A 7 -15.99 15.52 1.74
C LEU A 7 -16.78 14.99 2.90
N LEU A 8 -17.94 14.46 2.67
CA LEU A 8 -18.77 14.07 3.80
C LEU A 8 -18.22 12.89 4.59
N LEU A 9 -17.73 13.21 5.78
CA LEU A 9 -17.27 12.24 6.78
C LEU A 9 -16.02 11.44 6.35
N LEU A 10 -14.88 12.08 6.46
CA LEU A 10 -13.60 11.48 6.14
C LEU A 10 -12.88 11.09 7.43
N ASP A 11 -13.66 10.74 8.42
CA ASP A 11 -13.13 10.43 9.75
C ASP A 11 -12.49 9.07 9.74
N VAL A 12 -13.04 8.19 8.96
CA VAL A 12 -12.56 6.85 8.87
C VAL A 12 -12.08 6.55 7.47
N ALA A 13 -11.13 5.67 7.35
CA ALA A 13 -10.66 5.23 6.05
C ALA A 13 -11.80 4.45 5.36
N PRO A 14 -12.22 4.89 4.14
CA PRO A 14 -13.28 4.23 3.37
C PRO A 14 -12.88 2.84 2.89
N LEU A 15 -11.61 2.64 2.74
CA LEU A 15 -11.01 1.40 2.29
C LEU A 15 -9.67 1.29 2.94
N SER A 16 -9.14 0.10 3.00
CA SER A 16 -7.85 -0.12 3.56
C SER A 16 -6.74 0.41 2.65
N LEU A 17 -5.78 1.06 3.25
CA LEU A 17 -4.66 1.63 2.56
C LEU A 17 -3.45 0.77 2.82
N GLY A 18 -2.76 0.44 1.78
CA GLY A 18 -1.62 -0.39 1.91
C GLY A 18 -0.77 -0.39 0.67
N ILE A 19 -0.03 -1.43 0.49
CA ILE A 19 0.88 -1.56 -0.64
C ILE A 19 0.68 -2.87 -1.34
N GLU A 20 1.20 -2.96 -2.53
CA GLU A 20 1.23 -4.21 -3.22
C GLU A 20 2.52 -4.87 -2.85
N THR A 21 2.47 -6.11 -2.59
CA THR A 21 3.63 -6.87 -2.41
C THR A 21 3.73 -7.88 -3.55
N ALA A 22 4.96 -8.14 -4.01
CA ALA A 22 5.25 -8.98 -5.19
C ALA A 22 4.44 -10.26 -5.25
N GLY A 23 3.50 -10.27 -6.16
CA GLY A 23 2.71 -11.46 -6.38
C GLY A 23 1.26 -11.10 -6.50
N GLY A 24 0.98 -9.86 -6.24
CA GLY A 24 -0.35 -9.39 -6.32
C GLY A 24 -1.02 -9.55 -5.00
N VAL A 25 -0.24 -9.42 -3.95
CA VAL A 25 -0.75 -9.53 -2.60
C VAL A 25 -0.89 -8.15 -2.04
N MET A 26 -2.05 -7.82 -1.58
CA MET A 26 -2.30 -6.51 -1.03
C MET A 26 -2.05 -6.51 0.47
N THR A 27 -1.09 -5.74 0.90
CA THR A 27 -0.69 -5.62 2.27
C THR A 27 -1.34 -4.36 2.90
N LYS A 28 -2.29 -4.56 3.83
CA LYS A 28 -3.06 -3.46 4.44
C LYS A 28 -2.34 -2.89 5.68
N LEU A 29 -2.22 -1.57 5.75
CA LEU A 29 -1.65 -0.92 6.95
C LEU A 29 -2.72 -0.12 7.68
N ILE A 30 -3.49 0.64 6.94
CA ILE A 30 -4.57 1.42 7.51
C ILE A 30 -5.87 0.75 7.08
N PRO A 31 -6.58 0.09 7.98
CA PRO A 31 -7.81 -0.63 7.63
C PRO A 31 -9.03 0.30 7.48
N ARG A 32 -10.06 -0.21 6.82
CA ARG A 32 -11.31 0.51 6.71
C ARG A 32 -11.97 0.59 8.08
N ASN A 33 -12.66 1.71 8.34
CA ASN A 33 -13.40 1.99 9.60
C ASN A 33 -12.47 2.47 10.69
N SER A 34 -11.20 2.51 10.39
CA SER A 34 -10.24 3.03 11.31
C SER A 34 -10.21 4.56 11.22
N THR A 35 -10.53 5.19 12.32
CA THR A 35 -10.63 6.61 12.44
C THR A 35 -9.24 7.26 12.46
N ILE A 36 -9.03 8.19 11.56
CA ILE A 36 -7.78 8.92 11.45
C ILE A 36 -7.84 10.22 12.30
N PRO A 37 -6.69 10.90 12.61
CA PRO A 37 -5.32 10.56 12.13
C PRO A 37 -4.79 9.20 12.60
N THR A 38 -4.10 8.54 11.72
CA THR A 38 -3.48 7.27 12.00
C THR A 38 -2.18 7.17 11.21
N LYS A 39 -1.10 7.02 11.90
CA LYS A 39 0.18 6.83 11.31
C LYS A 39 0.63 5.42 11.62
N LYS A 40 0.85 4.65 10.61
CA LYS A 40 1.28 3.29 10.79
C LYS A 40 2.63 3.10 10.15
N SER A 41 3.57 2.63 10.91
CA SER A 41 4.90 2.41 10.44
C SER A 41 5.29 0.96 10.59
N GLU A 42 5.68 0.35 9.50
CA GLU A 42 6.15 -1.01 9.53
C GLU A 42 7.46 -1.08 8.77
N ILE A 43 8.32 -1.93 9.22
CA ILE A 43 9.58 -2.14 8.57
C ILE A 43 9.42 -3.26 7.56
N PHE A 44 9.54 -2.95 6.31
CA PHE A 44 9.39 -3.90 5.26
C PHE A 44 10.79 -4.24 4.70
N SER A 45 10.88 -5.37 4.05
CA SER A 45 12.11 -5.83 3.48
C SER A 45 11.89 -6.06 2.00
N THR A 46 12.91 -5.90 1.21
CA THR A 46 12.76 -5.99 -0.20
C THR A 46 13.12 -7.39 -0.64
N TYR A 47 12.29 -8.01 -1.42
CA TYR A 47 12.58 -9.36 -1.86
C TYR A 47 13.39 -9.43 -3.08
N ALA A 48 14.61 -9.00 -2.92
CA ALA A 48 15.58 -8.92 -3.94
C ALA A 48 16.88 -8.47 -3.33
N ASP A 49 17.93 -9.14 -3.67
CA ASP A 49 19.25 -8.78 -3.22
C ASP A 49 19.96 -8.04 -4.34
N ASN A 50 20.92 -7.18 -3.99
CA ASN A 50 21.67 -6.35 -4.97
C ASN A 50 20.77 -5.27 -5.55
N GLN A 51 19.78 -4.92 -4.78
CA GLN A 51 18.78 -3.93 -5.14
C GLN A 51 19.38 -2.50 -5.15
N PRO A 52 18.88 -1.60 -6.01
CA PRO A 52 19.34 -0.22 -6.10
C PRO A 52 18.34 0.79 -5.46
N GLY A 53 17.36 0.28 -4.80
CA GLY A 53 16.33 1.08 -4.27
C GLY A 53 15.09 0.25 -4.06
N VAL A 54 14.05 0.88 -3.57
CA VAL A 54 12.80 0.21 -3.32
C VAL A 54 11.68 1.04 -3.91
N LEU A 55 10.63 0.42 -4.24
CA LEU A 55 9.51 1.06 -4.81
C LEU A 55 8.32 0.81 -3.90
N ILE A 56 7.63 1.87 -3.54
CA ILE A 56 6.46 1.74 -2.70
C ILE A 56 5.25 2.14 -3.52
N GLN A 57 4.48 1.16 -3.89
CA GLN A 57 3.28 1.34 -4.64
C GLN A 57 2.07 1.23 -3.72
N VAL A 58 1.35 2.31 -3.62
CA VAL A 58 0.27 2.41 -2.69
C VAL A 58 -1.05 1.99 -3.32
N PHE A 59 -1.66 1.01 -2.71
CA PHE A 59 -2.92 0.49 -3.14
C PHE A 59 -3.94 0.63 -2.04
N GLU A 60 -5.15 0.78 -2.45
CA GLU A 60 -6.26 0.97 -1.57
C GLU A 60 -7.33 -0.06 -1.90
N GLY A 61 -7.97 -0.60 -0.90
CA GLY A 61 -9.04 -1.54 -1.15
C GLY A 61 -9.02 -2.70 -0.20
N GLU A 62 -9.93 -3.63 -0.39
CA GLU A 62 -10.07 -4.75 0.53
C GLU A 62 -9.62 -6.09 -0.03
N ARG A 63 -9.26 -6.16 -1.31
CA ARG A 63 -8.97 -7.46 -1.94
C ARG A 63 -7.63 -8.02 -1.46
N ALA A 64 -7.46 -9.34 -1.58
CA ALA A 64 -6.17 -9.95 -1.34
C ALA A 64 -5.29 -9.73 -2.55
N LYS A 65 -5.93 -9.66 -3.70
CA LYS A 65 -5.27 -9.41 -4.95
C LYS A 65 -5.41 -7.99 -5.39
N THR A 66 -4.28 -7.34 -5.54
CA THR A 66 -4.14 -5.94 -5.89
C THR A 66 -4.82 -5.49 -7.19
N LYS A 67 -5.20 -6.44 -8.00
CA LYS A 67 -5.88 -6.12 -9.23
C LYS A 67 -7.28 -5.54 -8.99
N ASP A 68 -7.87 -5.81 -7.83
CA ASP A 68 -9.19 -5.22 -7.50
C ASP A 68 -9.00 -4.06 -6.56
N ASN A 69 -7.78 -3.59 -6.47
CA ASN A 69 -7.46 -2.49 -5.62
C ASN A 69 -7.27 -1.24 -6.43
N ASN A 70 -7.39 -0.11 -5.77
CA ASN A 70 -7.22 1.19 -6.36
C ASN A 70 -5.77 1.59 -6.23
N LEU A 71 -5.18 2.05 -7.28
CA LEU A 71 -3.82 2.52 -7.25
C LEU A 71 -3.83 4.00 -6.92
N LEU A 72 -3.27 4.36 -5.80
CA LEU A 72 -3.24 5.74 -5.38
C LEU A 72 -2.06 6.46 -6.00
N GLY A 73 -0.96 5.77 -6.06
CA GLY A 73 0.24 6.30 -6.61
C GLY A 73 1.39 5.50 -6.12
N LYS A 74 2.58 5.84 -6.52
CA LYS A 74 3.73 5.15 -6.04
C LYS A 74 4.90 6.09 -6.02
N PHE A 75 5.91 5.74 -5.28
CA PHE A 75 7.13 6.49 -5.26
C PHE A 75 8.29 5.53 -5.17
N GLU A 76 9.31 5.84 -5.90
CA GLU A 76 10.48 5.04 -5.97
C GLU A 76 11.56 5.69 -5.14
N LEU A 77 12.08 4.97 -4.19
CA LEU A 77 13.17 5.48 -3.41
C LEU A 77 14.38 4.84 -4.02
N SER A 78 15.12 5.61 -4.74
CA SER A 78 16.23 5.12 -5.46
C SER A 78 17.54 5.60 -4.83
N GLY A 79 18.55 4.78 -4.95
CA GLY A 79 19.83 5.14 -4.40
C GLY A 79 20.09 4.45 -3.11
N ILE A 80 19.53 3.28 -2.95
CA ILE A 80 19.77 2.48 -1.79
C ILE A 80 20.99 1.63 -2.08
N PRO A 81 21.90 1.47 -1.12
CA PRO A 81 23.11 0.68 -1.29
C PRO A 81 22.76 -0.77 -1.67
N PRO A 82 23.33 -1.27 -2.78
CA PRO A 82 23.11 -2.65 -3.21
C PRO A 82 23.55 -3.61 -2.13
N ALA A 83 22.61 -4.33 -1.59
CA ALA A 83 22.84 -5.20 -0.48
C ALA A 83 21.80 -6.33 -0.52
N PRO A 84 21.98 -7.41 0.28
CA PRO A 84 20.97 -8.49 0.42
C PRO A 84 19.56 -7.95 0.74
N ARG A 85 18.58 -8.81 0.51
CA ARG A 85 17.13 -8.50 0.59
C ARG A 85 16.74 -7.76 1.88
N GLY A 86 17.20 -8.30 2.94
CA GLY A 86 16.83 -7.81 4.25
C GLY A 86 17.91 -7.04 4.97
N VAL A 87 18.93 -6.60 4.26
CA VAL A 87 19.94 -5.75 4.88
C VAL A 87 19.41 -4.32 5.14
N PRO A 88 18.88 -3.60 4.13
CA PRO A 88 18.29 -2.29 4.36
C PRO A 88 16.88 -2.43 4.97
N GLN A 89 16.69 -1.79 6.10
CA GLN A 89 15.41 -1.77 6.76
C GLN A 89 14.63 -0.58 6.27
N ILE A 90 13.57 -0.81 5.52
CA ILE A 90 12.79 0.31 5.05
C ILE A 90 11.50 0.38 5.82
N GLU A 91 11.40 1.38 6.63
CA GLU A 91 10.23 1.60 7.43
C GLU A 91 9.29 2.44 6.61
N VAL A 92 8.18 1.87 6.25
CA VAL A 92 7.20 2.54 5.47
C VAL A 92 6.08 3.00 6.39
N THR A 93 6.02 4.28 6.53
CA THR A 93 5.07 4.94 7.34
C THR A 93 3.92 5.50 6.52
N PHE A 94 2.75 5.03 6.79
CA PHE A 94 1.54 5.59 6.24
C PHE A 94 1.02 6.57 7.27
N ASP A 95 1.19 7.83 7.01
CA ASP A 95 0.74 8.84 7.93
C ASP A 95 -0.47 9.54 7.34
N VAL A 96 -1.63 9.15 7.81
CA VAL A 96 -2.87 9.73 7.34
C VAL A 96 -3.36 10.72 8.35
N ASP A 97 -3.38 11.98 7.98
CA ASP A 97 -3.80 13.01 8.92
C ASP A 97 -5.33 13.12 8.92
N SER A 98 -5.86 13.96 9.79
CA SER A 98 -7.29 14.18 9.96
C SER A 98 -8.03 14.63 8.69
N ASN A 99 -7.32 15.20 7.72
CA ASN A 99 -7.95 15.62 6.46
C ASN A 99 -7.97 14.48 5.47
N GLY A 100 -7.41 13.36 5.86
CA GLY A 100 -7.39 12.19 5.03
C GLY A 100 -6.28 12.23 4.00
N ILE A 101 -5.22 12.97 4.27
CA ILE A 101 -4.12 13.03 3.37
C ILE A 101 -3.08 12.01 3.80
N LEU A 102 -2.79 11.11 2.90
CA LEU A 102 -1.90 10.04 3.15
C LEU A 102 -0.49 10.42 2.75
N ASN A 103 0.35 10.55 3.71
CA ASN A 103 1.73 10.80 3.45
C ASN A 103 2.47 9.53 3.71
N VAL A 104 3.01 8.96 2.66
CA VAL A 104 3.70 7.71 2.78
C VAL A 104 5.18 8.00 2.80
N SER A 105 5.81 7.68 3.89
CA SER A 105 7.21 7.94 4.05
C SER A 105 7.96 6.63 4.12
N ALA A 106 8.97 6.48 3.34
CA ALA A 106 9.81 5.33 3.40
C ALA A 106 11.16 5.75 3.91
N VAL A 107 11.57 5.17 4.98
CA VAL A 107 12.82 5.50 5.60
C VAL A 107 13.72 4.27 5.64
N GLU A 108 14.85 4.40 5.02
CA GLU A 108 15.82 3.36 4.90
C GLU A 108 16.85 3.54 6.06
N LYS A 109 16.90 2.59 6.97
CA LYS A 109 17.76 2.66 8.17
C LYS A 109 19.22 2.29 7.96
N GLY A 110 19.55 1.71 6.84
CA GLY A 110 20.91 1.29 6.59
C GLY A 110 21.83 2.45 6.33
N THR A 111 21.45 3.29 5.41
CA THR A 111 22.22 4.45 5.09
C THR A 111 21.59 5.72 5.65
N GLY A 112 20.29 5.67 5.88
CA GLY A 112 19.62 6.80 6.49
C GLY A 112 18.83 7.65 5.51
N LYS A 113 18.49 7.09 4.38
CA LYS A 113 17.71 7.83 3.40
C LYS A 113 16.24 7.79 3.70
N SER A 114 15.52 8.77 3.26
CA SER A 114 14.11 8.86 3.51
C SER A 114 13.43 9.57 2.35
N ASN A 115 12.32 9.06 1.92
CA ASN A 115 11.57 9.68 0.83
C ASN A 115 10.09 9.53 1.12
N LYS A 116 9.31 10.56 0.92
CA LYS A 116 7.89 10.48 1.20
C LYS A 116 7.11 11.11 0.07
N ILE A 117 5.88 10.68 -0.12
CA ILE A 117 5.04 11.23 -1.14
C ILE A 117 3.72 11.67 -0.49
N THR A 118 3.11 12.69 -1.02
CA THR A 118 1.87 13.18 -0.51
C THR A 118 0.72 12.69 -1.41
N ILE A 119 -0.07 11.80 -0.91
CA ILE A 119 -1.21 11.27 -1.62
C ILE A 119 -2.47 11.74 -0.91
N THR A 120 -3.16 12.66 -1.52
CA THR A 120 -4.36 13.18 -0.94
C THR A 120 -5.58 12.50 -1.54
N ASN A 121 -6.63 12.44 -0.77
CA ASN A 121 -7.88 11.75 -1.14
C ASN A 121 -8.70 12.56 -2.17
N ASP A 122 -8.02 13.15 -3.11
CA ASP A 122 -8.62 14.10 -4.01
C ASP A 122 -8.39 13.72 -5.42
N LYS A 123 -9.45 13.30 -5.99
CA LYS A 123 -9.68 12.86 -7.39
C LYS A 123 -10.90 12.03 -7.29
N GLY A 124 -11.36 11.52 -8.39
CA GLY A 124 -12.40 10.54 -8.35
C GLY A 124 -11.74 9.20 -8.15
N ARG A 125 -11.04 9.09 -7.02
CA ARG A 125 -10.28 7.91 -6.67
C ARG A 125 -11.21 6.72 -6.67
N LEU A 126 -12.16 6.74 -5.76
CA LEU A 126 -13.20 5.76 -5.73
C LEU A 126 -14.47 6.49 -6.03
N SER A 127 -15.39 5.83 -6.65
CA SER A 127 -16.71 6.35 -6.70
C SER A 127 -17.42 5.73 -5.50
N LYS A 128 -18.63 6.13 -5.24
CA LYS A 128 -19.37 5.56 -4.13
C LYS A 128 -19.55 4.04 -4.38
N GLU A 129 -19.70 3.71 -5.66
CA GLU A 129 -19.85 2.33 -6.11
C GLU A 129 -18.58 1.53 -5.75
N ASP A 130 -17.40 2.09 -6.09
CA ASP A 130 -16.09 1.41 -5.87
C ASP A 130 -15.86 1.04 -4.43
N ILE A 131 -16.16 1.99 -3.55
CA ILE A 131 -16.00 1.80 -2.11
C ILE A 131 -16.80 0.58 -1.67
N GLU A 132 -18.07 0.58 -2.02
CA GLU A 132 -18.94 -0.51 -1.67
C GLU A 132 -18.50 -1.79 -2.34
N LYS A 133 -18.03 -1.71 -3.60
CA LYS A 133 -17.56 -2.91 -4.33
C LYS A 133 -16.48 -3.62 -3.58
N MET A 134 -15.43 -2.90 -3.26
CA MET A 134 -14.28 -3.51 -2.63
C MET A 134 -14.64 -4.08 -1.27
N VAL A 135 -15.48 -3.37 -0.55
CA VAL A 135 -15.95 -3.83 0.74
C VAL A 135 -16.81 -5.09 0.57
N ALA A 136 -17.73 -5.04 -0.38
CA ALA A 136 -18.66 -6.12 -0.65
C ALA A 136 -17.97 -7.34 -1.19
N GLU A 137 -17.01 -7.16 -2.09
CA GLU A 137 -16.30 -8.28 -2.71
C GLU A 137 -15.48 -9.04 -1.68
N ALA A 138 -14.83 -8.31 -0.78
CA ALA A 138 -14.02 -8.92 0.27
C ALA A 138 -14.91 -9.66 1.26
N GLU A 139 -16.07 -9.10 1.52
CA GLU A 139 -17.07 -9.75 2.35
C GLU A 139 -17.70 -10.95 1.62
N LYS A 140 -17.91 -10.79 0.34
CA LYS A 140 -18.52 -11.79 -0.52
C LYS A 140 -17.65 -13.05 -0.54
N PHE A 141 -16.41 -12.86 -0.87
CA PHE A 141 -15.44 -13.93 -0.92
C PHE A 141 -14.62 -13.92 0.36
N LYS A 142 -15.31 -13.79 1.50
CA LYS A 142 -14.68 -13.66 2.81
C LYS A 142 -13.73 -14.80 3.13
N GLU A 143 -14.07 -15.99 2.67
CA GLU A 143 -13.28 -17.15 2.95
C GLU A 143 -12.10 -17.23 1.99
N GLU A 144 -12.38 -16.97 0.72
CA GLU A 144 -11.39 -17.07 -0.33
C GLU A 144 -10.27 -16.07 -0.13
N ASP A 145 -10.62 -14.79 -0.05
CA ASP A 145 -9.61 -13.71 0.05
C ASP A 145 -8.72 -13.81 1.27
N GLU A 146 -9.26 -14.21 2.42
CA GLU A 146 -8.40 -14.37 3.58
C GLU A 146 -7.47 -15.55 3.37
N LYS A 147 -7.99 -16.64 2.78
CA LYS A 147 -7.19 -17.82 2.51
C LYS A 147 -6.10 -17.49 1.50
N GLU A 148 -6.38 -16.54 0.62
CA GLU A 148 -5.40 -16.08 -0.38
C GLU A 148 -4.19 -15.55 0.34
N SER A 149 -4.42 -14.59 1.23
CA SER A 149 -3.37 -13.97 2.00
C SER A 149 -2.61 -15.02 2.83
N GLN A 150 -3.35 -15.96 3.39
CA GLN A 150 -2.79 -16.97 4.27
C GLN A 150 -2.04 -18.08 3.50
N ARG A 151 -2.52 -18.42 2.32
CA ARG A 151 -1.86 -19.43 1.51
C ARG A 151 -0.64 -18.89 0.80
N ILE A 152 -0.71 -17.63 0.38
CA ILE A 152 0.43 -17.00 -0.28
C ILE A 152 1.50 -16.69 0.76
N ALA A 153 1.08 -16.09 1.89
CA ALA A 153 1.93 -15.75 3.06
C ALA A 153 2.96 -14.64 2.79
N SER A 154 3.52 -14.62 1.62
CA SER A 154 4.49 -13.63 1.23
C SER A 154 3.88 -12.25 1.05
N LYS A 155 3.94 -11.49 2.11
CA LYS A 155 3.48 -10.14 2.14
C LYS A 155 4.51 -9.36 2.93
N ASN A 156 4.28 -8.07 3.15
CA ASN A 156 5.21 -7.20 3.93
C ASN A 156 6.56 -7.07 3.22
N GLN A 157 6.51 -7.15 1.92
CA GLN A 157 7.66 -7.07 1.08
C GLN A 157 7.71 -5.72 0.43
N LEU A 158 8.81 -5.45 -0.18
CA LEU A 158 9.00 -4.31 -1.01
C LEU A 158 9.66 -4.79 -2.25
N GLU A 159 9.35 -4.18 -3.33
CA GLU A 159 9.98 -4.51 -4.56
C GLU A 159 10.99 -3.43 -4.88
N SER A 160 12.10 -3.83 -5.42
CA SER A 160 13.16 -2.90 -5.76
C SER A 160 12.79 -2.11 -7.02
N ILE A 161 12.06 -2.78 -7.87
CA ILE A 161 11.64 -2.29 -9.16
C ILE A 161 10.25 -2.83 -9.42
N ALA A 162 9.50 -2.17 -10.27
CA ALA A 162 8.18 -2.66 -10.61
C ALA A 162 8.33 -3.89 -11.50
N TYR A 163 7.87 -5.01 -11.00
CA TYR A 163 7.95 -6.27 -11.72
C TYR A 163 6.91 -6.31 -12.85
N SER A 164 5.73 -5.77 -12.56
CA SER A 164 4.58 -5.66 -13.49
C SER A 164 4.19 -7.00 -14.17
N LEU A 165 4.58 -8.12 -13.60
CA LEU A 165 4.29 -9.40 -14.20
C LEU A 165 3.31 -10.17 -13.35
N LYS A 166 2.33 -10.73 -14.01
CA LYS A 166 1.35 -11.59 -13.38
C LYS A 166 1.38 -12.95 -14.05
N ASN A 167 1.26 -12.94 -15.38
CA ASN A 167 1.25 -14.16 -16.20
C ASN A 167 0.12 -15.07 -15.77
N THR A 168 -1.08 -14.55 -15.85
CA THR A 168 -2.23 -15.28 -15.42
C THR A 168 -2.72 -16.28 -16.47
N ILE A 169 -2.12 -17.44 -16.45
CA ILE A 169 -2.50 -18.53 -17.32
C ILE A 169 -3.07 -19.59 -16.42
N SER A 170 -4.39 -19.80 -16.52
CA SER A 170 -5.16 -20.64 -15.60
C SER A 170 -5.29 -19.88 -14.26
N GLU A 171 -5.01 -18.56 -14.37
CA GLU A 171 -5.03 -17.58 -13.31
C GLU A 171 -4.21 -17.98 -12.09
N ALA A 172 -4.83 -18.69 -11.17
CA ALA A 172 -4.25 -19.12 -9.92
C ALA A 172 -5.33 -19.89 -9.20
N GLY A 173 -5.02 -20.41 -8.06
CA GLY A 173 -5.97 -21.10 -7.28
C GLY A 173 -5.30 -21.75 -6.13
N SER A 1 -9.87 19.39 19.44
CA SER A 1 -10.55 18.94 18.25
C SER A 1 -9.88 19.53 17.02
N SER A 2 -9.82 18.77 15.96
CA SER A 2 -9.24 19.24 14.72
C SER A 2 -10.34 19.71 13.79
N LYS A 3 -10.65 21.02 13.90
CA LYS A 3 -11.69 21.69 13.12
C LYS A 3 -13.07 21.20 13.52
N THR A 4 -14.06 21.71 12.86
CA THR A 4 -15.39 21.26 13.06
C THR A 4 -15.75 20.32 11.91
N GLN A 5 -15.48 19.05 12.09
CA GLN A 5 -15.79 18.05 11.09
C GLN A 5 -16.90 17.16 11.62
N ASP A 6 -16.65 16.60 12.80
CA ASP A 6 -17.60 15.79 13.57
C ASP A 6 -17.98 14.49 12.81
N LEU A 7 -19.03 13.83 13.22
CA LEU A 7 -19.44 12.55 12.66
C LEU A 7 -20.39 12.69 11.48
N LEU A 8 -20.40 13.85 10.83
CA LEU A 8 -21.21 14.02 9.63
C LEU A 8 -20.52 13.30 8.48
N LEU A 9 -19.22 13.20 8.61
CA LEU A 9 -18.39 12.51 7.66
C LEU A 9 -17.95 11.22 8.30
N LEU A 10 -17.54 10.26 7.50
CA LEU A 10 -16.99 9.04 8.02
C LEU A 10 -15.59 9.32 8.51
N ASP A 11 -15.41 9.22 9.80
CA ASP A 11 -14.14 9.54 10.45
C ASP A 11 -13.31 8.24 10.58
N VAL A 12 -13.54 7.35 9.65
CA VAL A 12 -12.89 6.06 9.58
C VAL A 12 -12.42 5.81 8.15
N ALA A 13 -11.47 4.92 7.99
CA ALA A 13 -10.96 4.56 6.67
C ALA A 13 -11.96 3.67 5.92
N PRO A 14 -12.40 4.10 4.70
CA PRO A 14 -13.36 3.34 3.89
C PRO A 14 -12.80 1.98 3.46
N LEU A 15 -11.57 1.99 3.01
CA LEU A 15 -10.90 0.80 2.57
C LEU A 15 -9.55 0.72 3.23
N SER A 16 -8.98 -0.45 3.21
CA SER A 16 -7.70 -0.68 3.78
C SER A 16 -6.61 -0.14 2.86
N LEU A 17 -5.66 0.53 3.45
CA LEU A 17 -4.58 1.16 2.71
C LEU A 17 -3.31 0.36 2.87
N GLY A 18 -2.59 0.19 1.80
CA GLY A 18 -1.37 -0.53 1.87
C GLY A 18 -0.56 -0.43 0.60
N ILE A 19 0.28 -1.39 0.41
CA ILE A 19 1.17 -1.49 -0.72
C ILE A 19 1.18 -2.91 -1.16
N GLU A 20 1.64 -3.19 -2.32
CA GLU A 20 1.80 -4.57 -2.63
C GLU A 20 3.23 -4.93 -2.48
N THR A 21 3.46 -6.12 -2.12
CA THR A 21 4.77 -6.59 -2.01
C THR A 21 4.99 -7.67 -3.05
N ALA A 22 6.26 -7.96 -3.32
CA ALA A 22 6.68 -8.87 -4.36
C ALA A 22 5.91 -10.19 -4.38
N GLY A 23 4.95 -10.26 -5.28
CA GLY A 23 4.18 -11.46 -5.46
C GLY A 23 2.74 -11.15 -5.76
N GLY A 24 2.38 -9.89 -5.63
CA GLY A 24 1.01 -9.50 -5.87
C GLY A 24 0.19 -9.64 -4.62
N VAL A 25 0.89 -9.65 -3.50
CA VAL A 25 0.28 -9.77 -2.20
C VAL A 25 0.09 -8.38 -1.64
N MET A 26 -1.14 -8.02 -1.38
CA MET A 26 -1.46 -6.70 -0.90
C MET A 26 -1.20 -6.63 0.59
N THR A 27 -0.19 -5.91 0.91
CA THR A 27 0.30 -5.73 2.22
C THR A 27 -0.43 -4.56 2.86
N LYS A 28 -1.28 -4.89 3.77
CA LYS A 28 -2.18 -3.98 4.40
C LYS A 28 -1.52 -3.36 5.63
N LEU A 29 -1.62 -2.04 5.75
CA LEU A 29 -1.12 -1.37 6.93
C LEU A 29 -2.25 -0.74 7.68
N ILE A 30 -3.09 -0.02 6.97
CA ILE A 30 -4.22 0.65 7.56
C ILE A 30 -5.45 -0.17 7.22
N PRO A 31 -6.13 -0.71 8.20
CA PRO A 31 -7.32 -1.52 7.96
C PRO A 31 -8.59 -0.68 7.77
N ARG A 32 -9.54 -1.25 7.09
CA ARG A 32 -10.85 -0.69 6.90
C ARG A 32 -11.55 -0.50 8.27
N ASN A 33 -12.27 0.60 8.41
CA ASN A 33 -13.05 0.97 9.63
C ASN A 33 -12.16 1.47 10.75
N SER A 34 -10.90 1.71 10.45
CA SER A 34 -9.98 2.21 11.45
C SER A 34 -10.29 3.68 11.72
N THR A 35 -10.14 4.08 12.94
CA THR A 35 -10.43 5.42 13.32
C THR A 35 -9.26 6.34 13.03
N ILE A 36 -9.45 7.21 12.07
CA ILE A 36 -8.43 8.13 11.63
C ILE A 36 -8.61 9.48 12.36
N PRO A 37 -7.56 10.30 12.53
CA PRO A 37 -6.20 10.05 12.06
C PRO A 37 -5.50 8.91 12.80
N THR A 38 -4.80 8.10 12.08
CA THR A 38 -4.07 7.04 12.66
C THR A 38 -2.81 6.85 11.82
N LYS A 39 -1.78 6.24 12.39
CA LYS A 39 -0.54 6.07 11.68
C LYS A 39 -0.10 4.61 11.80
N LYS A 40 0.65 4.16 10.85
CA LYS A 40 1.22 2.84 10.84
C LYS A 40 2.61 2.90 10.27
N SER A 41 3.56 2.46 11.00
CA SER A 41 4.89 2.33 10.47
C SER A 41 5.23 0.87 10.52
N GLU A 42 5.58 0.32 9.41
CA GLU A 42 5.88 -1.07 9.37
C GLU A 42 7.15 -1.24 8.58
N ILE A 43 8.00 -2.09 9.04
CA ILE A 43 9.29 -2.26 8.45
C ILE A 43 9.30 -3.38 7.43
N PHE A 44 9.64 -3.01 6.23
CA PHE A 44 9.67 -3.92 5.13
C PHE A 44 11.10 -4.04 4.64
N SER A 45 11.36 -4.96 3.77
CA SER A 45 12.67 -5.12 3.22
C SER A 45 12.59 -5.49 1.79
N THR A 46 13.67 -5.41 1.13
CA THR A 46 13.74 -5.84 -0.18
C THR A 46 14.58 -7.10 -0.19
N TYR A 47 14.08 -8.09 -0.88
CA TYR A 47 14.71 -9.40 -0.96
C TYR A 47 15.50 -9.45 -2.23
N ALA A 48 15.84 -8.28 -2.63
CA ALA A 48 16.59 -8.00 -3.76
C ALA A 48 18.02 -7.83 -3.33
N ASP A 49 18.89 -8.57 -3.92
CA ASP A 49 20.28 -8.53 -3.57
C ASP A 49 20.98 -7.59 -4.53
N ASN A 50 21.87 -6.73 -4.00
CA ASN A 50 22.61 -5.72 -4.82
C ASN A 50 21.66 -4.67 -5.41
N GLN A 51 20.54 -4.47 -4.74
CA GLN A 51 19.50 -3.52 -5.17
C GLN A 51 20.01 -2.04 -5.16
N PRO A 52 19.53 -1.19 -6.10
CA PRO A 52 19.84 0.26 -6.10
C PRO A 52 18.72 1.12 -5.45
N GLY A 53 17.64 0.49 -5.11
CA GLY A 53 16.51 1.18 -4.55
C GLY A 53 15.28 0.32 -4.61
N VAL A 54 14.16 0.86 -4.17
CA VAL A 54 12.87 0.14 -4.18
C VAL A 54 11.80 1.01 -4.78
N LEU A 55 10.80 0.39 -5.31
CA LEU A 55 9.68 1.07 -5.88
C LEU A 55 8.48 0.69 -5.01
N ILE A 56 7.89 1.66 -4.38
CA ILE A 56 6.81 1.44 -3.46
C ILE A 56 5.48 1.80 -4.14
N GLN A 57 4.69 0.79 -4.38
CA GLN A 57 3.42 0.91 -5.08
C GLN A 57 2.28 0.85 -4.08
N VAL A 58 1.53 1.95 -3.98
CA VAL A 58 0.49 2.11 -2.97
C VAL A 58 -0.90 1.78 -3.55
N PHE A 59 -1.63 0.95 -2.83
CA PHE A 59 -2.94 0.49 -3.24
C PHE A 59 -3.91 0.57 -2.09
N GLU A 60 -5.19 0.71 -2.40
CA GLU A 60 -6.19 0.61 -1.39
C GLU A 60 -7.20 -0.46 -1.77
N GLY A 61 -7.67 -1.16 -0.77
CA GLY A 61 -8.63 -2.21 -0.95
C GLY A 61 -8.54 -3.25 0.15
N GLU A 62 -9.52 -4.12 0.21
CA GLU A 62 -9.59 -5.20 1.22
C GLU A 62 -9.06 -6.51 0.68
N ARG A 63 -8.82 -6.54 -0.60
CA ARG A 63 -8.44 -7.75 -1.30
C ARG A 63 -7.00 -8.12 -1.00
N ALA A 64 -6.74 -9.39 -0.91
CA ALA A 64 -5.41 -9.91 -0.63
C ALA A 64 -4.56 -9.85 -1.86
N LYS A 65 -5.18 -10.00 -3.00
CA LYS A 65 -4.49 -9.92 -4.23
C LYS A 65 -4.72 -8.59 -4.85
N THR A 66 -3.65 -7.90 -5.03
CA THR A 66 -3.58 -6.54 -5.48
C THR A 66 -4.33 -6.25 -6.81
N LYS A 67 -4.62 -7.29 -7.58
CA LYS A 67 -5.31 -7.15 -8.85
C LYS A 67 -6.74 -6.55 -8.73
N ASP A 68 -7.37 -6.68 -7.58
CA ASP A 68 -8.71 -6.07 -7.37
C ASP A 68 -8.61 -4.77 -6.59
N ASN A 69 -7.40 -4.39 -6.27
CA ASN A 69 -7.15 -3.21 -5.47
C ASN A 69 -6.77 -2.05 -6.36
N ASN A 70 -6.91 -0.83 -5.87
CA ASN A 70 -6.70 0.36 -6.71
C ASN A 70 -5.36 1.01 -6.38
N LEU A 71 -4.56 1.27 -7.42
CA LEU A 71 -3.26 1.93 -7.25
C LEU A 71 -3.47 3.42 -7.38
N LEU A 72 -3.29 4.14 -6.30
CA LEU A 72 -3.46 5.58 -6.32
C LEU A 72 -2.15 6.31 -6.50
N GLY A 73 -1.06 5.62 -6.34
CA GLY A 73 0.21 6.25 -6.54
C GLY A 73 1.34 5.35 -6.19
N LYS A 74 2.51 5.75 -6.52
CA LYS A 74 3.70 5.02 -6.23
C LYS A 74 4.83 5.99 -6.07
N PHE A 75 5.82 5.63 -5.32
CA PHE A 75 6.99 6.43 -5.21
C PHE A 75 8.18 5.53 -5.03
N GLU A 76 9.28 5.95 -5.51
CA GLU A 76 10.46 5.14 -5.57
C GLU A 76 11.62 5.81 -4.85
N LEU A 77 12.32 5.04 -4.06
CA LEU A 77 13.43 5.54 -3.29
C LEU A 77 14.68 4.89 -3.84
N SER A 78 15.52 5.67 -4.47
CA SER A 78 16.76 5.19 -4.99
C SER A 78 17.88 5.64 -4.07
N GLY A 79 18.96 4.90 -4.05
CA GLY A 79 20.06 5.27 -3.20
C GLY A 79 20.12 4.42 -1.97
N ILE A 80 19.39 3.35 -1.98
CA ILE A 80 19.40 2.43 -0.88
C ILE A 80 20.64 1.59 -1.07
N PRO A 81 21.50 1.47 -0.04
CA PRO A 81 22.81 0.81 -0.16
C PRO A 81 22.73 -0.63 -0.73
N PRO A 82 23.48 -0.90 -1.82
CA PRO A 82 23.57 -2.24 -2.39
C PRO A 82 24.22 -3.17 -1.37
N ALA A 83 23.48 -4.15 -0.96
CA ALA A 83 23.89 -5.04 0.08
C ALA A 83 23.23 -6.39 -0.16
N PRO A 84 23.60 -7.45 0.61
CA PRO A 84 22.93 -8.75 0.53
C PRO A 84 21.44 -8.59 0.78
N ARG A 85 20.64 -9.36 0.06
CA ARG A 85 19.18 -9.31 0.19
C ARG A 85 18.74 -9.51 1.65
N GLY A 86 17.81 -8.70 2.09
CA GLY A 86 17.36 -8.77 3.47
C GLY A 86 18.01 -7.70 4.34
N VAL A 87 19.25 -7.36 3.99
CA VAL A 87 19.99 -6.32 4.70
C VAL A 87 19.38 -4.91 4.45
N PRO A 88 19.08 -4.50 3.17
CA PRO A 88 18.41 -3.23 2.94
C PRO A 88 17.00 -3.28 3.53
N GLN A 89 16.76 -2.43 4.47
CA GLN A 89 15.54 -2.43 5.24
C GLN A 89 14.86 -1.08 5.10
N ILE A 90 13.59 -1.08 4.76
CA ILE A 90 12.87 0.15 4.51
C ILE A 90 11.64 0.21 5.43
N GLU A 91 11.62 1.21 6.24
CA GLU A 91 10.54 1.44 7.16
C GLU A 91 9.57 2.40 6.51
N VAL A 92 8.35 1.98 6.30
CA VAL A 92 7.37 2.81 5.64
C VAL A 92 6.29 3.24 6.63
N THR A 93 6.10 4.52 6.71
CA THR A 93 5.13 5.14 7.57
C THR A 93 3.92 5.64 6.75
N PHE A 94 2.77 5.11 7.09
CA PHE A 94 1.47 5.49 6.55
C PHE A 94 0.76 6.35 7.56
N ASP A 95 0.56 7.59 7.25
CA ASP A 95 -0.19 8.46 8.15
C ASP A 95 -1.47 8.87 7.49
N VAL A 96 -2.58 8.55 8.10
CA VAL A 96 -3.87 8.89 7.55
C VAL A 96 -4.53 9.90 8.44
N ASP A 97 -4.97 10.98 7.88
CA ASP A 97 -5.67 11.99 8.65
C ASP A 97 -7.18 11.88 8.44
N SER A 98 -7.93 12.74 9.10
CA SER A 98 -9.38 12.75 9.00
C SER A 98 -9.87 13.48 7.74
N ASN A 99 -8.91 14.01 7.00
CA ASN A 99 -9.18 14.77 5.78
C ASN A 99 -9.16 13.79 4.61
N GLY A 100 -8.69 12.58 4.90
CA GLY A 100 -8.67 11.52 3.95
C GLY A 100 -7.35 11.44 3.22
N ILE A 101 -6.34 12.08 3.74
CA ILE A 101 -5.05 12.08 3.12
C ILE A 101 -4.14 11.03 3.75
N LEU A 102 -3.40 10.33 2.90
CA LEU A 102 -2.45 9.36 3.30
C LEU A 102 -1.05 9.87 2.99
N ASN A 103 -0.29 10.09 3.99
CA ASN A 103 1.07 10.51 3.83
C ASN A 103 1.93 9.28 3.95
N VAL A 104 2.59 8.91 2.87
CA VAL A 104 3.42 7.75 2.89
C VAL A 104 4.86 8.20 2.90
N SER A 105 5.56 7.88 3.93
CA SER A 105 6.94 8.26 4.05
C SER A 105 7.78 6.99 4.18
N ALA A 106 8.80 6.87 3.37
CA ALA A 106 9.66 5.71 3.40
C ALA A 106 11.03 6.09 3.85
N VAL A 107 11.49 5.43 4.86
CA VAL A 107 12.79 5.67 5.39
C VAL A 107 13.61 4.41 5.27
N GLU A 108 14.71 4.46 4.57
CA GLU A 108 15.55 3.32 4.51
C GLU A 108 16.52 3.37 5.69
N LYS A 109 16.61 2.27 6.37
CA LYS A 109 17.35 2.19 7.60
C LYS A 109 18.87 2.02 7.38
N GLY A 110 19.28 1.82 6.13
CA GLY A 110 20.66 1.54 5.82
C GLY A 110 21.55 2.77 5.89
N THR A 111 21.29 3.74 5.04
CA THR A 111 22.11 4.94 5.01
C THR A 111 21.42 6.15 5.67
N GLY A 112 20.12 6.05 5.86
CA GLY A 112 19.38 7.09 6.54
C GLY A 112 18.59 7.96 5.59
N LYS A 113 18.33 7.46 4.40
CA LYS A 113 17.56 8.21 3.42
C LYS A 113 16.10 8.10 3.68
N SER A 114 15.38 9.09 3.26
CA SER A 114 13.96 9.16 3.48
C SER A 114 13.29 9.94 2.36
N ASN A 115 12.20 9.43 1.88
CA ASN A 115 11.40 10.15 0.89
C ASN A 115 9.95 9.97 1.23
N LYS A 116 9.11 10.82 0.74
CA LYS A 116 7.72 10.74 1.06
C LYS A 116 6.84 11.20 -0.08
N ILE A 117 5.58 10.86 -0.03
CA ILE A 117 4.64 11.24 -1.05
C ILE A 117 3.28 11.47 -0.40
N THR A 118 2.51 12.33 -0.97
CA THR A 118 1.21 12.61 -0.48
C THR A 118 0.18 11.87 -1.34
N ILE A 119 -0.44 10.88 -0.78
CA ILE A 119 -1.44 10.14 -1.49
C ILE A 119 -2.81 10.47 -0.91
N THR A 120 -3.54 11.22 -1.64
CA THR A 120 -4.87 11.52 -1.29
C THR A 120 -5.73 10.97 -2.41
N ASN A 121 -6.93 10.58 -2.12
CA ASN A 121 -7.79 10.07 -3.15
C ASN A 121 -8.45 11.25 -3.86
N ASP A 122 -7.71 11.78 -4.80
CA ASP A 122 -8.09 12.96 -5.56
C ASP A 122 -9.02 12.56 -6.68
N LYS A 123 -9.72 13.55 -7.26
CA LYS A 123 -10.70 13.38 -8.37
C LYS A 123 -11.97 12.67 -7.92
N GLY A 124 -11.78 11.62 -7.23
CA GLY A 124 -12.81 10.75 -6.84
C GLY A 124 -12.52 9.43 -7.45
N ARG A 125 -11.29 8.93 -7.19
CA ARG A 125 -10.80 7.68 -7.75
C ARG A 125 -11.70 6.55 -7.29
N LEU A 126 -12.27 6.72 -6.13
CA LEU A 126 -13.31 5.86 -5.66
C LEU A 126 -14.56 6.67 -5.58
N SER A 127 -15.57 6.28 -6.31
CA SER A 127 -16.83 6.93 -6.19
C SER A 127 -17.53 6.28 -4.98
N LYS A 128 -18.65 6.82 -4.51
CA LYS A 128 -19.38 6.19 -3.41
C LYS A 128 -19.76 4.79 -3.82
N GLU A 129 -20.11 4.63 -5.09
CA GLU A 129 -20.45 3.35 -5.62
C GLU A 129 -19.24 2.43 -5.56
N ASP A 130 -18.07 2.92 -5.99
CA ASP A 130 -16.84 2.10 -5.99
C ASP A 130 -16.46 1.67 -4.61
N ILE A 131 -16.62 2.55 -3.66
CA ILE A 131 -16.37 2.25 -2.26
C ILE A 131 -17.26 1.09 -1.84
N GLU A 132 -18.55 1.20 -2.12
CA GLU A 132 -19.49 0.16 -1.76
C GLU A 132 -19.20 -1.12 -2.52
N LYS A 133 -18.85 -0.97 -3.80
CA LYS A 133 -18.48 -2.08 -4.67
C LYS A 133 -17.33 -2.88 -4.09
N MET A 134 -16.23 -2.18 -3.81
CA MET A 134 -15.04 -2.82 -3.30
C MET A 134 -15.26 -3.38 -1.93
N VAL A 135 -16.03 -2.67 -1.10
CA VAL A 135 -16.38 -3.17 0.21
C VAL A 135 -17.22 -4.44 0.10
N ALA A 136 -18.29 -4.36 -0.66
CA ALA A 136 -19.23 -5.47 -0.80
C ALA A 136 -18.59 -6.72 -1.34
N GLU A 137 -17.84 -6.60 -2.44
CA GLU A 137 -17.25 -7.77 -3.05
C GLU A 137 -16.13 -8.35 -2.19
N ALA A 138 -15.32 -7.50 -1.59
CA ALA A 138 -14.20 -7.95 -0.79
C ALA A 138 -14.66 -8.50 0.55
N GLU A 139 -15.79 -8.04 1.02
CA GLU A 139 -16.36 -8.56 2.25
C GLU A 139 -17.13 -9.86 1.97
N LYS A 140 -17.77 -9.92 0.82
CA LYS A 140 -18.50 -11.11 0.40
C LYS A 140 -17.53 -12.25 0.15
N PHE A 141 -16.49 -11.96 -0.58
CA PHE A 141 -15.47 -12.94 -0.94
C PHE A 141 -14.26 -12.85 -0.02
N LYS A 142 -14.45 -12.33 1.19
CA LYS A 142 -13.34 -12.19 2.12
C LYS A 142 -12.73 -13.51 2.52
N GLU A 143 -13.55 -14.56 2.53
CA GLU A 143 -13.04 -15.92 2.76
C GLU A 143 -11.92 -16.25 1.79
N GLU A 144 -12.05 -15.81 0.55
CA GLU A 144 -11.02 -16.01 -0.44
C GLU A 144 -9.78 -15.25 -0.02
N ASP A 145 -9.97 -13.97 0.26
CA ASP A 145 -8.87 -13.08 0.59
C ASP A 145 -8.12 -13.51 1.83
N GLU A 146 -8.82 -13.84 2.90
CA GLU A 146 -8.16 -14.24 4.11
C GLU A 146 -7.51 -15.61 3.97
N LYS A 147 -8.14 -16.52 3.22
CA LYS A 147 -7.54 -17.83 3.01
C LYS A 147 -6.32 -17.74 2.12
N GLU A 148 -6.36 -16.85 1.15
CA GLU A 148 -5.19 -16.58 0.36
C GLU A 148 -4.11 -15.96 1.22
N SER A 149 -4.50 -15.12 2.15
CA SER A 149 -3.57 -14.53 3.11
C SER A 149 -3.00 -15.60 4.05
N GLN A 150 -3.67 -16.73 4.15
CA GLN A 150 -3.18 -17.84 4.94
C GLN A 150 -2.17 -18.65 4.12
N ARG A 151 -2.40 -18.74 2.80
CA ARG A 151 -1.52 -19.53 1.94
C ARG A 151 -0.32 -18.73 1.47
N ILE A 152 -0.53 -17.49 1.12
CA ILE A 152 0.53 -16.63 0.67
C ILE A 152 0.70 -15.41 1.56
N ALA A 153 1.26 -15.66 2.70
CA ALA A 153 1.45 -14.63 3.70
C ALA A 153 2.88 -14.16 3.71
N SER A 154 3.58 -14.43 2.65
CA SER A 154 4.93 -14.00 2.52
C SER A 154 4.89 -12.59 1.93
N LYS A 155 4.82 -11.63 2.82
CA LYS A 155 4.69 -10.25 2.43
C LYS A 155 5.99 -9.54 2.74
N ASN A 156 5.92 -8.23 2.72
CA ASN A 156 6.98 -7.33 3.18
C ASN A 156 8.21 -7.33 2.30
N GLN A 157 8.07 -7.83 1.08
CA GLN A 157 9.16 -7.80 0.13
C GLN A 157 8.92 -6.64 -0.82
N LEU A 158 9.81 -5.70 -0.87
CA LEU A 158 9.65 -4.55 -1.74
C LEU A 158 10.35 -4.79 -3.05
N GLU A 159 9.76 -4.34 -4.13
CA GLU A 159 10.34 -4.53 -5.43
C GLU A 159 11.41 -3.50 -5.64
N SER A 160 12.58 -3.96 -6.02
CA SER A 160 13.67 -3.08 -6.28
C SER A 160 13.36 -2.39 -7.60
N ILE A 161 13.03 -3.20 -8.55
CA ILE A 161 12.53 -2.79 -9.81
C ILE A 161 11.28 -3.57 -10.01
N ALA A 162 10.26 -2.90 -10.42
CA ALA A 162 8.97 -3.53 -10.50
C ALA A 162 8.85 -4.42 -11.71
N TYR A 163 8.70 -5.70 -11.45
CA TYR A 163 8.44 -6.66 -12.48
C TYR A 163 6.94 -6.70 -12.75
N SER A 164 6.18 -6.19 -11.79
CA SER A 164 4.71 -6.18 -11.78
C SER A 164 4.09 -5.15 -12.78
N LEU A 165 4.90 -4.72 -13.75
CA LEU A 165 4.52 -3.76 -14.81
C LEU A 165 4.40 -2.33 -14.28
N LYS A 166 4.69 -2.13 -12.99
CA LYS A 166 4.75 -0.82 -12.30
C LYS A 166 3.38 -0.29 -11.98
N ASN A 167 2.47 -0.44 -12.91
CA ASN A 167 1.13 0.01 -12.76
C ASN A 167 0.25 -0.61 -13.83
N THR A 168 -0.60 -1.51 -13.45
CA THR A 168 -1.53 -2.11 -14.37
C THR A 168 -2.85 -1.35 -14.37
N ILE A 169 -2.95 -0.35 -13.52
CA ILE A 169 -4.15 0.42 -13.36
C ILE A 169 -4.04 1.69 -14.21
N SER A 170 -4.45 1.59 -15.45
CA SER A 170 -4.43 2.73 -16.34
C SER A 170 -5.67 3.60 -16.13
N GLU A 171 -6.53 3.13 -15.23
CA GLU A 171 -7.78 3.79 -14.91
C GLU A 171 -7.53 5.06 -14.09
N ALA A 172 -6.49 5.05 -13.29
CA ALA A 172 -6.21 6.17 -12.40
C ALA A 172 -4.82 6.79 -12.64
N GLY A 173 -3.91 6.02 -13.19
CA GLY A 173 -2.58 6.53 -13.40
C GLY A 173 -2.49 7.39 -14.62
N SER A 1 -11.16 1.07 22.27
CA SER A 1 -10.99 1.83 21.06
C SER A 1 -11.91 3.05 21.10
N SER A 2 -11.35 4.22 21.25
CA SER A 2 -12.15 5.41 21.36
C SER A 2 -12.05 6.27 20.12
N LYS A 3 -13.19 6.59 19.55
CA LYS A 3 -13.26 7.51 18.44
C LYS A 3 -14.43 8.43 18.74
N THR A 4 -14.79 9.30 17.83
CA THR A 4 -15.95 10.15 18.04
C THR A 4 -17.07 9.68 17.09
N GLN A 5 -16.87 8.47 16.57
CA GLN A 5 -17.76 7.79 15.62
C GLN A 5 -17.70 8.43 14.24
N ASP A 6 -18.05 9.69 14.15
CA ASP A 6 -18.00 10.41 12.88
C ASP A 6 -17.75 11.87 13.16
N LEU A 7 -16.62 12.36 12.72
CA LEU A 7 -16.32 13.77 12.79
C LEU A 7 -16.61 14.38 11.45
N LEU A 8 -15.99 13.82 10.43
CA LEU A 8 -16.14 14.32 9.06
C LEU A 8 -17.04 13.42 8.23
N LEU A 9 -17.82 12.57 8.91
CA LEU A 9 -18.78 11.61 8.30
C LEU A 9 -18.04 10.46 7.62
N LEU A 10 -17.27 10.76 6.60
CA LEU A 10 -16.39 9.76 6.04
C LEU A 10 -15.15 9.80 6.88
N ASP A 11 -15.30 9.22 8.04
CA ASP A 11 -14.35 9.31 9.14
C ASP A 11 -13.47 8.06 9.18
N VAL A 12 -13.75 7.15 8.31
CA VAL A 12 -13.02 5.92 8.26
C VAL A 12 -12.41 5.72 6.88
N ALA A 13 -11.42 4.87 6.80
CA ALA A 13 -10.80 4.52 5.53
C ALA A 13 -11.76 3.69 4.68
N PRO A 14 -12.00 4.08 3.40
CA PRO A 14 -12.93 3.37 2.52
C PRO A 14 -12.50 1.92 2.23
N LEU A 15 -11.22 1.76 1.95
CA LEU A 15 -10.64 0.49 1.65
C LEU A 15 -9.33 0.42 2.39
N SER A 16 -8.74 -0.74 2.45
CA SER A 16 -7.47 -0.88 3.09
C SER A 16 -6.37 -0.31 2.21
N LEU A 17 -5.50 0.43 2.81
CA LEU A 17 -4.43 1.08 2.11
C LEU A 17 -3.17 0.33 2.40
N GLY A 18 -2.48 -0.04 1.38
CA GLY A 18 -1.29 -0.81 1.56
C GLY A 18 -0.39 -0.78 0.37
N ILE A 19 0.54 -1.71 0.34
CA ILE A 19 1.52 -1.77 -0.71
C ILE A 19 1.40 -3.04 -1.52
N GLU A 20 1.90 -2.96 -2.71
CA GLU A 20 1.93 -4.06 -3.65
C GLU A 20 3.31 -4.70 -3.51
N THR A 21 3.38 -5.99 -3.31
CA THR A 21 4.66 -6.65 -3.33
C THR A 21 4.67 -7.57 -4.57
N ALA A 22 5.80 -7.64 -5.28
CA ALA A 22 5.85 -8.35 -6.57
C ALA A 22 5.43 -9.79 -6.49
N GLY A 23 4.38 -10.07 -7.17
CA GLY A 23 3.76 -11.35 -7.16
C GLY A 23 2.27 -11.15 -7.13
N GLY A 24 1.86 -9.92 -6.87
CA GLY A 24 0.47 -9.58 -6.84
C GLY A 24 -0.09 -9.78 -5.47
N VAL A 25 0.76 -9.65 -4.48
CA VAL A 25 0.39 -9.88 -3.10
C VAL A 25 0.15 -8.56 -2.38
N MET A 26 -1.08 -8.35 -2.00
CA MET A 26 -1.51 -7.16 -1.29
C MET A 26 -1.00 -7.17 0.14
N THR A 27 -0.47 -6.07 0.57
CA THR A 27 0.02 -5.92 1.89
C THR A 27 -0.69 -4.72 2.56
N LYS A 28 -1.64 -5.04 3.44
CA LYS A 28 -2.46 -4.03 4.11
C LYS A 28 -1.73 -3.35 5.27
N LEU A 29 -1.78 -2.03 5.28
CA LEU A 29 -1.29 -1.24 6.39
C LEU A 29 -2.46 -0.62 7.11
N ILE A 30 -3.18 0.22 6.42
CA ILE A 30 -4.36 0.87 6.98
C ILE A 30 -5.56 0.00 6.61
N PRO A 31 -6.25 -0.60 7.58
CA PRO A 31 -7.39 -1.45 7.28
C PRO A 31 -8.66 -0.67 6.94
N ARG A 32 -9.46 -1.23 6.06
CA ARG A 32 -10.76 -0.70 5.69
C ARG A 32 -11.63 -0.49 6.92
N ASN A 33 -12.35 0.64 6.94
CA ASN A 33 -13.32 0.98 7.98
C ASN A 33 -12.66 1.39 9.30
N SER A 34 -11.36 1.56 9.27
CA SER A 34 -10.66 2.02 10.43
C SER A 34 -10.69 3.53 10.45
N THR A 35 -10.95 4.09 11.61
CA THR A 35 -11.05 5.49 11.78
C THR A 35 -9.71 6.19 11.57
N ILE A 36 -9.75 7.21 10.78
CA ILE A 36 -8.63 8.04 10.52
C ILE A 36 -8.83 9.33 11.32
N PRO A 37 -7.78 9.98 11.86
CA PRO A 37 -6.37 9.64 11.66
C PRO A 37 -5.92 8.34 12.33
N THR A 38 -5.17 7.57 11.59
CA THR A 38 -4.55 6.39 12.08
C THR A 38 -3.21 6.26 11.33
N LYS A 39 -2.24 5.64 11.96
CA LYS A 39 -0.94 5.50 11.37
C LYS A 39 -0.47 4.07 11.54
N LYS A 40 0.17 3.56 10.52
CA LYS A 40 0.73 2.22 10.53
C LYS A 40 2.13 2.26 9.96
N SER A 41 3.07 1.81 10.73
CA SER A 41 4.45 1.77 10.31
C SER A 41 5.00 0.37 10.49
N GLU A 42 5.71 -0.11 9.48
CA GLU A 42 6.30 -1.43 9.55
C GLU A 42 7.56 -1.47 8.70
N ILE A 43 8.46 -2.36 9.04
CA ILE A 43 9.71 -2.53 8.35
C ILE A 43 9.61 -3.66 7.32
N PHE A 44 9.86 -3.30 6.11
CA PHE A 44 9.87 -4.20 4.99
C PHE A 44 11.32 -4.32 4.52
N SER A 45 11.64 -5.26 3.67
CA SER A 45 13.03 -5.50 3.35
C SER A 45 13.32 -5.39 1.87
N THR A 46 14.58 -5.35 1.61
CA THR A 46 15.09 -5.30 0.32
C THR A 46 15.37 -6.73 -0.04
N TYR A 47 14.63 -7.24 -0.95
CA TYR A 47 14.83 -8.57 -1.37
C TYR A 47 15.67 -8.60 -2.59
N ALA A 48 16.81 -9.23 -2.41
CA ALA A 48 17.86 -9.42 -3.37
C ALA A 48 18.90 -8.33 -3.29
N ASP A 49 20.12 -8.78 -3.22
CA ASP A 49 21.28 -7.94 -3.11
C ASP A 49 21.41 -6.99 -4.28
N ASN A 50 22.07 -5.87 -4.00
CA ASN A 50 22.38 -4.85 -5.01
C ASN A 50 21.14 -4.20 -5.60
N GLN A 51 20.04 -4.18 -4.84
CA GLN A 51 18.84 -3.51 -5.29
C GLN A 51 19.09 -1.99 -5.17
N PRO A 52 19.06 -1.26 -6.29
CA PRO A 52 19.41 0.17 -6.31
C PRO A 52 18.30 1.11 -5.84
N GLY A 53 17.16 0.54 -5.53
CA GLY A 53 16.05 1.33 -5.15
C GLY A 53 14.95 0.48 -4.64
N VAL A 54 14.09 1.06 -3.86
CA VAL A 54 12.96 0.37 -3.34
C VAL A 54 11.69 1.09 -3.78
N LEU A 55 10.73 0.33 -4.25
CA LEU A 55 9.53 0.88 -4.84
C LEU A 55 8.36 0.73 -3.88
N ILE A 56 7.76 1.84 -3.55
CA ILE A 56 6.63 1.85 -2.65
C ILE A 56 5.38 2.07 -3.50
N GLN A 57 4.61 1.04 -3.64
CA GLN A 57 3.43 1.06 -4.48
C GLN A 57 2.19 1.13 -3.61
N VAL A 58 1.42 2.20 -3.74
CA VAL A 58 0.28 2.44 -2.88
C VAL A 58 -1.03 2.02 -3.55
N PHE A 59 -1.65 1.01 -2.99
CA PHE A 59 -2.90 0.49 -3.46
C PHE A 59 -3.93 0.47 -2.36
N GLU A 60 -5.15 0.62 -2.73
CA GLU A 60 -6.26 0.51 -1.83
C GLU A 60 -7.13 -0.67 -2.26
N GLY A 61 -7.49 -1.51 -1.33
CA GLY A 61 -8.31 -2.62 -1.67
C GLY A 61 -8.30 -3.72 -0.65
N GLU A 62 -9.14 -4.70 -0.86
CA GLU A 62 -9.31 -5.79 0.06
C GLU A 62 -8.87 -7.10 -0.53
N ARG A 63 -8.62 -7.11 -1.82
CA ARG A 63 -8.28 -8.33 -2.53
C ARG A 63 -6.88 -8.75 -2.19
N ALA A 64 -6.68 -10.05 -2.12
CA ALA A 64 -5.38 -10.65 -1.88
C ALA A 64 -4.47 -10.35 -3.05
N LYS A 65 -5.03 -10.32 -4.24
CA LYS A 65 -4.30 -9.94 -5.41
C LYS A 65 -4.48 -8.47 -5.62
N THR A 66 -3.39 -7.75 -5.56
CA THR A 66 -3.38 -6.32 -5.68
C THR A 66 -3.89 -5.83 -7.07
N LYS A 67 -3.96 -6.74 -8.03
CA LYS A 67 -4.39 -6.40 -9.37
C LYS A 67 -5.90 -6.07 -9.43
N ASP A 68 -6.63 -6.43 -8.39
CA ASP A 68 -8.06 -6.08 -8.29
C ASP A 68 -8.22 -4.87 -7.37
N ASN A 69 -7.11 -4.39 -6.87
CA ASN A 69 -7.10 -3.27 -5.96
C ASN A 69 -6.81 -2.00 -6.75
N ASN A 70 -7.16 -0.87 -6.22
CA ASN A 70 -7.06 0.39 -6.94
C ASN A 70 -5.74 1.08 -6.62
N LEU A 71 -5.04 1.47 -7.67
CA LEU A 71 -3.77 2.16 -7.54
C LEU A 71 -4.03 3.64 -7.34
N LEU A 72 -3.43 4.21 -6.31
CA LEU A 72 -3.56 5.63 -6.08
C LEU A 72 -2.27 6.36 -6.42
N GLY A 73 -1.16 5.66 -6.35
CA GLY A 73 0.11 6.24 -6.69
C GLY A 73 1.25 5.41 -6.19
N LYS A 74 2.45 5.86 -6.42
CA LYS A 74 3.63 5.17 -5.97
C LYS A 74 4.78 6.14 -5.88
N PHE A 75 5.82 5.72 -5.23
CA PHE A 75 7.05 6.47 -5.20
C PHE A 75 8.16 5.50 -5.03
N GLU A 76 9.32 5.93 -5.30
CA GLU A 76 10.46 5.11 -5.20
C GLU A 76 11.53 5.81 -4.39
N LEU A 77 12.16 5.07 -3.56
CA LEU A 77 13.28 5.56 -2.85
C LEU A 77 14.46 4.89 -3.49
N SER A 78 15.16 5.62 -4.27
CA SER A 78 16.25 5.08 -5.03
C SER A 78 17.53 5.66 -4.53
N GLY A 79 18.61 5.03 -4.84
CA GLY A 79 19.88 5.45 -4.30
C GLY A 79 20.21 4.60 -3.12
N ILE A 80 19.81 3.35 -3.21
CA ILE A 80 20.06 2.39 -2.19
C ILE A 80 21.43 1.80 -2.47
N PRO A 81 22.31 1.81 -1.47
CA PRO A 81 23.68 1.32 -1.66
C PRO A 81 23.70 -0.19 -1.91
N PRO A 82 24.59 -0.66 -2.80
CA PRO A 82 24.78 -2.08 -3.06
C PRO A 82 25.03 -2.81 -1.75
N ALA A 83 24.12 -3.65 -1.39
CA ALA A 83 24.19 -4.33 -0.14
C ALA A 83 23.85 -5.79 -0.33
N PRO A 84 24.54 -6.67 0.41
CA PRO A 84 24.30 -8.11 0.36
C PRO A 84 22.93 -8.50 0.93
N ARG A 85 22.24 -9.36 0.18
CA ARG A 85 20.90 -9.92 0.48
C ARG A 85 19.77 -8.86 0.55
N GLY A 86 20.00 -7.81 1.28
CA GLY A 86 19.05 -6.79 1.51
C GLY A 86 19.23 -6.25 2.90
N VAL A 87 20.34 -5.58 3.08
CA VAL A 87 20.74 -5.02 4.37
C VAL A 87 19.77 -3.93 4.91
N PRO A 88 19.49 -2.82 4.13
CA PRO A 88 18.62 -1.73 4.60
C PRO A 88 17.22 -2.18 5.02
N GLN A 89 16.79 -1.68 6.16
CA GLN A 89 15.45 -1.90 6.67
C GLN A 89 14.60 -0.77 6.11
N ILE A 90 13.49 -1.07 5.48
CA ILE A 90 12.67 0.01 4.97
C ILE A 90 11.44 0.15 5.83
N GLU A 91 11.39 1.21 6.58
CA GLU A 91 10.26 1.48 7.42
C GLU A 91 9.27 2.28 6.62
N VAL A 92 8.17 1.66 6.31
CA VAL A 92 7.13 2.30 5.56
C VAL A 92 6.06 2.74 6.52
N THR A 93 5.78 4.00 6.51
CA THR A 93 4.83 4.58 7.40
C THR A 93 3.65 5.19 6.62
N PHE A 94 2.49 4.64 6.87
CA PHE A 94 1.24 5.12 6.33
C PHE A 94 0.58 5.98 7.38
N ASP A 95 0.57 7.26 7.16
CA ASP A 95 -0.04 8.20 8.07
C ASP A 95 -1.23 8.89 7.41
N VAL A 96 -2.42 8.50 7.80
CA VAL A 96 -3.63 9.05 7.22
C VAL A 96 -4.30 9.93 8.25
N ASP A 97 -4.70 11.11 7.86
CA ASP A 97 -5.43 11.97 8.78
C ASP A 97 -6.92 11.88 8.45
N SER A 98 -7.75 12.59 9.20
CA SER A 98 -9.19 12.55 9.07
C SER A 98 -9.73 13.05 7.71
N ASN A 99 -8.94 13.81 6.98
CA ASN A 99 -9.36 14.34 5.68
C ASN A 99 -9.12 13.31 4.59
N GLY A 100 -8.50 12.20 4.95
CA GLY A 100 -8.21 11.18 3.99
C GLY A 100 -6.92 11.43 3.25
N ILE A 101 -6.04 12.18 3.87
CA ILE A 101 -4.76 12.46 3.29
C ILE A 101 -3.72 11.51 3.88
N LEU A 102 -3.13 10.71 3.02
CA LEU A 102 -2.15 9.74 3.40
C LEU A 102 -0.74 10.21 3.05
N ASN A 103 0.06 10.39 4.05
CA ASN A 103 1.44 10.71 3.84
C ASN A 103 2.23 9.45 3.99
N VAL A 104 2.82 8.99 2.92
CA VAL A 104 3.54 7.75 2.96
C VAL A 104 5.01 8.06 3.04
N SER A 105 5.62 7.65 4.11
CA SER A 105 7.03 7.87 4.30
C SER A 105 7.75 6.53 4.26
N ALA A 106 8.81 6.45 3.49
CA ALA A 106 9.63 5.28 3.47
C ALA A 106 11.02 5.67 3.86
N VAL A 107 11.54 5.05 4.86
CA VAL A 107 12.86 5.36 5.36
C VAL A 107 13.70 4.10 5.32
N GLU A 108 14.86 4.16 4.72
CA GLU A 108 15.74 3.06 4.77
C GLU A 108 16.76 3.29 5.87
N LYS A 109 16.81 2.35 6.76
CA LYS A 109 17.65 2.43 7.95
C LYS A 109 19.10 2.06 7.63
N GLY A 110 19.34 1.57 6.42
CA GLY A 110 20.65 1.11 6.02
C GLY A 110 21.66 2.25 5.93
N THR A 111 21.30 3.27 5.21
CA THR A 111 22.11 4.46 5.12
C THR A 111 21.43 5.68 5.71
N GLY A 112 20.14 5.57 5.98
CA GLY A 112 19.44 6.62 6.68
C GLY A 112 18.69 7.58 5.78
N LYS A 113 18.50 7.20 4.54
CA LYS A 113 17.77 8.05 3.62
C LYS A 113 16.29 7.74 3.61
N SER A 114 15.52 8.71 3.21
CA SER A 114 14.09 8.57 3.25
C SER A 114 13.45 9.35 2.09
N ASN A 115 12.26 8.94 1.71
CA ASN A 115 11.48 9.65 0.72
C ASN A 115 10.03 9.53 1.12
N LYS A 116 9.24 10.55 0.84
CA LYS A 116 7.84 10.52 1.21
C LYS A 116 7.04 11.31 0.19
N ILE A 117 5.78 10.96 0.03
CA ILE A 117 4.87 11.67 -0.86
C ILE A 117 3.51 11.77 -0.20
N THR A 118 2.66 12.58 -0.76
CA THR A 118 1.34 12.75 -0.24
C THR A 118 0.30 12.13 -1.20
N ILE A 119 -0.30 11.06 -0.78
CA ILE A 119 -1.34 10.43 -1.55
C ILE A 119 -2.64 10.58 -0.80
N THR A 120 -3.47 11.42 -1.27
CA THR A 120 -4.72 11.58 -0.63
C THR A 120 -5.77 10.78 -1.40
N ASN A 121 -6.78 10.33 -0.69
CA ASN A 121 -7.87 9.60 -1.29
C ASN A 121 -8.75 10.60 -2.01
N ASP A 122 -8.41 10.82 -3.26
CA ASP A 122 -9.08 11.78 -4.10
C ASP A 122 -10.47 11.30 -4.44
N LYS A 123 -11.41 12.21 -4.38
CA LYS A 123 -12.81 11.88 -4.51
C LYS A 123 -13.27 11.83 -5.97
N GLY A 124 -12.31 11.85 -6.87
CA GLY A 124 -12.59 11.67 -8.27
C GLY A 124 -12.21 10.28 -8.70
N ARG A 125 -11.29 9.67 -7.98
CA ARG A 125 -10.87 8.32 -8.29
C ARG A 125 -11.67 7.31 -7.50
N LEU A 126 -12.33 7.77 -6.47
CA LEU A 126 -13.29 6.95 -5.74
C LEU A 126 -14.69 7.53 -5.88
N SER A 127 -15.59 6.78 -6.47
CA SER A 127 -16.96 7.22 -6.49
C SER A 127 -17.66 6.62 -5.28
N LYS A 128 -18.89 7.03 -5.02
CA LYS A 128 -19.64 6.51 -3.89
C LYS A 128 -19.92 5.02 -4.11
N GLU A 129 -20.19 4.69 -5.35
CA GLU A 129 -20.51 3.35 -5.74
C GLU A 129 -19.29 2.44 -5.66
N ASP A 130 -18.09 2.97 -6.03
CA ASP A 130 -16.85 2.16 -5.97
C ASP A 130 -16.62 1.63 -4.60
N ILE A 131 -16.80 2.50 -3.63
CA ILE A 131 -16.61 2.16 -2.23
C ILE A 131 -17.56 1.03 -1.85
N GLU A 132 -18.85 1.28 -2.03
CA GLU A 132 -19.88 0.39 -1.66
C GLU A 132 -19.75 -0.97 -2.36
N LYS A 133 -19.50 -0.94 -3.65
CA LYS A 133 -19.36 -2.15 -4.43
C LYS A 133 -18.17 -2.95 -4.00
N MET A 134 -17.01 -2.32 -3.95
CA MET A 134 -15.80 -3.03 -3.59
C MET A 134 -15.86 -3.56 -2.18
N VAL A 135 -16.40 -2.78 -1.26
CA VAL A 135 -16.55 -3.24 0.12
C VAL A 135 -17.46 -4.47 0.20
N ALA A 136 -18.61 -4.40 -0.46
CA ALA A 136 -19.58 -5.48 -0.43
C ALA A 136 -19.04 -6.76 -1.04
N GLU A 137 -18.42 -6.66 -2.21
CA GLU A 137 -17.91 -7.84 -2.88
C GLU A 137 -16.68 -8.37 -2.15
N ALA A 138 -15.91 -7.47 -1.56
CA ALA A 138 -14.73 -7.85 -0.83
C ALA A 138 -15.11 -8.62 0.39
N GLU A 139 -15.99 -8.05 1.17
CA GLU A 139 -16.42 -8.64 2.43
C GLU A 139 -17.15 -9.96 2.22
N LYS A 140 -17.84 -10.07 1.09
CA LYS A 140 -18.52 -11.31 0.71
C LYS A 140 -17.50 -12.45 0.57
N PHE A 141 -16.44 -12.20 -0.17
CA PHE A 141 -15.41 -13.20 -0.44
C PHE A 141 -14.18 -13.03 0.46
N LYS A 142 -14.28 -12.26 1.55
CA LYS A 142 -13.08 -11.92 2.32
C LYS A 142 -12.38 -13.10 2.92
N GLU A 143 -13.12 -14.16 3.24
CA GLU A 143 -12.54 -15.39 3.76
C GLU A 143 -11.48 -15.95 2.82
N GLU A 144 -11.80 -15.95 1.55
CA GLU A 144 -10.91 -16.47 0.54
C GLU A 144 -9.63 -15.65 0.53
N ASP A 145 -9.80 -14.33 0.39
CA ASP A 145 -8.68 -13.38 0.32
C ASP A 145 -7.83 -13.40 1.57
N GLU A 146 -8.47 -13.32 2.76
CA GLU A 146 -7.71 -13.28 4.01
C GLU A 146 -6.90 -14.54 4.22
N LYS A 147 -7.46 -15.70 3.87
CA LYS A 147 -6.74 -16.94 4.07
C LYS A 147 -5.50 -17.00 3.18
N GLU A 148 -5.61 -16.42 1.98
CA GLU A 148 -4.48 -16.39 1.05
C GLU A 148 -3.45 -15.41 1.56
N SER A 149 -3.95 -14.27 2.03
CA SER A 149 -3.10 -13.23 2.59
C SER A 149 -2.29 -13.78 3.77
N GLN A 150 -2.91 -14.67 4.55
CA GLN A 150 -2.26 -15.30 5.68
C GLN A 150 -1.27 -16.38 5.26
N ARG A 151 -1.63 -17.16 4.24
CA ARG A 151 -0.76 -18.24 3.77
C ARG A 151 0.50 -17.69 3.12
N ILE A 152 0.36 -16.63 2.37
CA ILE A 152 1.49 -15.98 1.75
C ILE A 152 2.21 -15.15 2.79
N ALA A 153 1.41 -14.49 3.65
CA ALA A 153 1.88 -13.63 4.74
C ALA A 153 2.56 -12.39 4.21
N SER A 154 2.21 -12.02 2.96
CA SER A 154 2.82 -10.90 2.21
C SER A 154 4.31 -11.20 1.92
N LYS A 155 4.85 -10.64 0.88
CA LYS A 155 6.22 -10.97 0.57
C LYS A 155 7.18 -9.97 1.23
N ASN A 156 6.62 -8.82 1.63
CA ASN A 156 7.34 -7.74 2.37
C ASN A 156 8.55 -7.20 1.64
N GLN A 157 8.43 -7.08 0.36
CA GLN A 157 9.52 -6.64 -0.46
C GLN A 157 9.25 -5.28 -0.99
N LEU A 158 10.31 -4.59 -1.32
CA LEU A 158 10.21 -3.42 -2.11
C LEU A 158 11.17 -3.66 -3.25
N GLU A 159 10.65 -3.79 -4.41
CA GLU A 159 11.45 -4.07 -5.56
C GLU A 159 11.36 -2.95 -6.57
N SER A 160 12.51 -2.37 -6.90
CA SER A 160 12.57 -1.24 -7.82
C SER A 160 12.15 -1.70 -9.22
N ILE A 161 12.64 -2.84 -9.60
CA ILE A 161 12.32 -3.42 -10.87
C ILE A 161 11.57 -4.69 -10.63
N ALA A 162 10.69 -5.03 -11.52
CA ALA A 162 9.92 -6.22 -11.30
C ALA A 162 10.75 -7.43 -11.71
N TYR A 163 11.11 -8.23 -10.75
CA TYR A 163 11.84 -9.47 -10.97
C TYR A 163 10.85 -10.59 -11.32
N SER A 164 9.57 -10.29 -11.06
CA SER A 164 8.44 -11.21 -11.05
C SER A 164 8.07 -11.90 -12.37
N LEU A 165 9.00 -12.00 -13.24
CA LEU A 165 8.83 -12.71 -14.48
C LEU A 165 9.13 -14.16 -14.16
N LYS A 166 8.42 -15.06 -14.74
CA LYS A 166 8.56 -16.44 -14.32
C LYS A 166 9.70 -17.15 -15.02
N ASN A 167 10.83 -17.07 -14.38
CA ASN A 167 12.04 -17.70 -14.84
C ASN A 167 12.44 -18.86 -13.92
N THR A 168 13.32 -18.60 -12.98
CA THR A 168 13.81 -19.62 -12.09
C THR A 168 13.61 -19.22 -10.63
N ILE A 169 12.72 -18.26 -10.41
CA ILE A 169 12.46 -17.71 -9.07
C ILE A 169 11.95 -18.81 -8.12
N SER A 170 11.08 -19.64 -8.64
CA SER A 170 10.49 -20.70 -7.86
C SER A 170 11.35 -21.97 -7.94
N GLU A 171 12.47 -21.90 -8.60
CA GLU A 171 13.32 -23.06 -8.79
C GLU A 171 14.67 -22.92 -8.13
N ALA A 172 15.13 -21.70 -8.00
CA ALA A 172 16.39 -21.42 -7.39
C ALA A 172 16.24 -20.21 -6.50
N GLY A 173 16.87 -20.25 -5.36
CA GLY A 173 16.78 -19.17 -4.44
C GLY A 173 16.28 -19.68 -3.12
N SER A 1 -24.79 27.24 5.00
CA SER A 1 -23.55 27.57 5.67
C SER A 1 -22.45 26.70 5.09
N SER A 2 -21.26 27.24 4.96
CA SER A 2 -20.17 26.54 4.36
C SER A 2 -19.54 25.56 5.35
N LYS A 3 -20.17 24.41 5.46
CA LYS A 3 -19.72 23.34 6.29
C LYS A 3 -20.47 22.11 5.89
N THR A 4 -19.96 21.00 6.26
CA THR A 4 -20.61 19.76 6.06
C THR A 4 -20.20 18.84 7.20
N GLN A 5 -21.06 18.73 8.19
CA GLN A 5 -20.80 17.93 9.37
C GLN A 5 -21.20 16.48 9.09
N ASP A 6 -21.74 16.29 7.91
CA ASP A 6 -22.12 15.00 7.40
C ASP A 6 -20.91 14.35 6.78
N LEU A 7 -20.33 13.39 7.44
CA LEU A 7 -19.19 12.71 6.90
C LEU A 7 -19.54 11.27 6.58
N LEU A 8 -19.88 11.03 5.36
CA LEU A 8 -20.23 9.70 4.91
C LEU A 8 -19.09 9.17 4.10
N LEU A 9 -18.54 8.02 4.52
CA LEU A 9 -17.38 7.38 3.86
C LEU A 9 -16.13 8.28 4.00
N LEU A 10 -16.19 9.14 4.99
CA LEU A 10 -15.14 10.05 5.36
C LEU A 10 -14.96 9.94 6.86
N ASP A 11 -13.82 10.43 7.38
CA ASP A 11 -13.43 10.36 8.82
C ASP A 11 -12.98 8.94 9.21
N VAL A 12 -13.31 8.03 8.35
CA VAL A 12 -12.92 6.66 8.41
C VAL A 12 -12.41 6.29 7.02
N ALA A 13 -11.51 5.36 6.93
CA ALA A 13 -11.01 4.92 5.63
C ALA A 13 -12.09 4.11 4.91
N PRO A 14 -12.52 4.55 3.70
CA PRO A 14 -13.59 3.86 2.95
C PRO A 14 -13.15 2.47 2.46
N LEU A 15 -11.87 2.33 2.26
CA LEU A 15 -11.24 1.11 1.83
C LEU A 15 -9.93 1.03 2.56
N SER A 16 -9.30 -0.12 2.54
CA SER A 16 -8.03 -0.27 3.21
C SER A 16 -6.92 0.32 2.35
N LEU A 17 -5.93 0.88 3.00
CA LEU A 17 -4.82 1.49 2.33
C LEU A 17 -3.57 0.69 2.60
N GLY A 18 -2.83 0.42 1.58
CA GLY A 18 -1.64 -0.35 1.73
C GLY A 18 -0.74 -0.29 0.54
N ILE A 19 0.08 -1.28 0.40
CA ILE A 19 1.07 -1.35 -0.66
C ILE A 19 0.95 -2.65 -1.42
N GLU A 20 1.47 -2.66 -2.61
CA GLU A 20 1.51 -3.84 -3.44
C GLU A 20 2.88 -4.45 -3.28
N THR A 21 2.93 -5.57 -2.63
CA THR A 21 4.16 -6.24 -2.41
C THR A 21 4.35 -7.30 -3.48
N ALA A 22 5.61 -7.62 -3.79
CA ALA A 22 6.00 -8.49 -4.91
C ALA A 22 5.15 -9.74 -5.02
N GLY A 23 4.31 -9.76 -6.04
CA GLY A 23 3.43 -10.86 -6.28
C GLY A 23 2.00 -10.41 -6.41
N GLY A 24 1.77 -9.12 -6.21
CA GLY A 24 0.44 -8.57 -6.33
C GLY A 24 -0.29 -8.69 -5.03
N VAL A 25 0.46 -8.76 -3.96
CA VAL A 25 -0.08 -8.95 -2.64
C VAL A 25 -0.44 -7.60 -2.06
N MET A 26 -1.71 -7.39 -1.79
CA MET A 26 -2.12 -6.11 -1.29
C MET A 26 -1.94 -6.14 0.21
N THR A 27 -0.95 -5.45 0.64
CA THR A 27 -0.57 -5.41 2.01
C THR A 27 -1.25 -4.21 2.67
N LYS A 28 -2.28 -4.49 3.44
CA LYS A 28 -3.11 -3.46 4.08
C LYS A 28 -2.50 -3.00 5.39
N LEU A 29 -2.16 -1.74 5.48
CA LEU A 29 -1.65 -1.18 6.73
C LEU A 29 -2.79 -0.47 7.46
N ILE A 30 -3.59 0.24 6.70
CA ILE A 30 -4.72 0.95 7.23
C ILE A 30 -5.96 0.18 6.84
N PRO A 31 -6.72 -0.38 7.80
CA PRO A 31 -7.92 -1.18 7.50
C PRO A 31 -9.12 -0.32 7.11
N ARG A 32 -10.14 -0.97 6.59
CA ARG A 32 -11.36 -0.31 6.20
C ARG A 32 -12.14 0.10 7.44
N ASN A 33 -12.76 1.26 7.38
CA ASN A 33 -13.59 1.83 8.46
C ASN A 33 -12.78 2.23 9.67
N SER A 34 -11.49 2.37 9.48
CA SER A 34 -10.64 2.81 10.54
C SER A 34 -10.80 4.31 10.72
N THR A 35 -11.12 4.73 11.93
CA THR A 35 -11.29 6.10 12.24
C THR A 35 -9.94 6.82 12.14
N ILE A 36 -9.80 7.65 11.14
CA ILE A 36 -8.59 8.38 10.92
C ILE A 36 -8.66 9.70 11.69
N PRO A 37 -7.53 10.34 12.08
CA PRO A 37 -6.14 9.94 11.75
C PRO A 37 -5.71 8.56 12.26
N THR A 38 -4.87 7.96 11.48
CA THR A 38 -4.23 6.70 11.78
C THR A 38 -2.84 6.73 11.16
N LYS A 39 -1.84 6.38 11.92
CA LYS A 39 -0.50 6.34 11.41
C LYS A 39 0.09 5.01 11.75
N LYS A 40 0.49 4.31 10.75
CA LYS A 40 0.95 2.95 10.90
C LYS A 40 2.34 2.82 10.32
N SER A 41 3.25 2.29 11.08
CA SER A 41 4.59 2.04 10.61
C SER A 41 4.85 0.55 10.64
N GLU A 42 5.22 0.00 9.51
CA GLU A 42 5.48 -1.40 9.41
C GLU A 42 6.79 -1.61 8.65
N ILE A 43 7.46 -2.68 8.97
CA ILE A 43 8.76 -2.98 8.42
C ILE A 43 8.67 -3.99 7.28
N PHE A 44 9.24 -3.62 6.16
CA PHE A 44 9.30 -4.45 4.99
C PHE A 44 10.73 -4.37 4.47
N SER A 45 11.09 -5.17 3.53
CA SER A 45 12.43 -5.15 3.00
C SER A 45 12.37 -5.41 1.52
N THR A 46 13.44 -5.19 0.82
CA THR A 46 13.43 -5.51 -0.56
C THR A 46 14.05 -6.89 -0.75
N TYR A 47 13.30 -7.82 -1.33
CA TYR A 47 13.87 -9.07 -1.65
C TYR A 47 14.39 -9.06 -3.01
N ALA A 48 15.47 -8.41 -3.09
CA ALA A 48 16.19 -8.18 -4.24
C ALA A 48 17.61 -8.15 -3.80
N ASP A 49 18.40 -8.99 -4.34
CA ASP A 49 19.73 -9.14 -3.85
C ASP A 49 20.67 -8.24 -4.59
N ASN A 50 21.25 -7.31 -3.86
CA ASN A 50 22.22 -6.38 -4.40
C ASN A 50 21.61 -5.46 -5.43
N GLN A 51 20.47 -4.90 -5.09
CA GLN A 51 19.80 -3.94 -5.93
C GLN A 51 19.93 -2.53 -5.32
N PRO A 52 19.95 -1.48 -6.17
CA PRO A 52 20.25 -0.10 -5.74
C PRO A 52 19.04 0.79 -5.42
N GLY A 53 17.96 0.24 -4.97
CA GLY A 53 16.85 1.09 -4.66
C GLY A 53 15.63 0.34 -4.19
N VAL A 54 14.56 1.06 -3.98
CA VAL A 54 13.27 0.51 -3.60
C VAL A 54 12.14 1.14 -4.43
N LEU A 55 11.15 0.34 -4.72
CA LEU A 55 9.98 0.74 -5.46
C LEU A 55 8.73 0.49 -4.62
N ILE A 56 8.04 1.55 -4.26
CA ILE A 56 6.88 1.47 -3.39
C ILE A 56 5.62 2.04 -4.07
N GLN A 57 4.61 1.24 -4.20
CA GLN A 57 3.36 1.65 -4.80
C GLN A 57 2.21 1.51 -3.79
N VAL A 58 1.40 2.55 -3.70
CA VAL A 58 0.35 2.64 -2.70
C VAL A 58 -1.01 2.32 -3.32
N PHE A 59 -1.68 1.35 -2.76
CA PHE A 59 -2.96 0.91 -3.23
C PHE A 59 -4.04 1.03 -2.17
N GLU A 60 -5.24 1.17 -2.66
CA GLU A 60 -6.44 1.30 -1.90
C GLU A 60 -7.37 0.19 -2.32
N GLY A 61 -8.00 -0.44 -1.38
CA GLY A 61 -8.92 -1.45 -1.73
C GLY A 61 -9.19 -2.39 -0.63
N GLU A 62 -9.98 -3.37 -0.92
CA GLU A 62 -10.36 -4.36 0.04
C GLU A 62 -9.97 -5.75 -0.37
N ARG A 63 -9.54 -5.92 -1.58
CA ARG A 63 -9.26 -7.25 -2.06
C ARG A 63 -7.83 -7.62 -1.71
N ALA A 64 -7.57 -8.91 -1.46
CA ALA A 64 -6.23 -9.38 -1.14
C ALA A 64 -5.31 -9.31 -2.35
N LYS A 65 -5.90 -9.42 -3.53
CA LYS A 65 -5.14 -9.34 -4.74
C LYS A 65 -5.25 -7.93 -5.26
N THR A 66 -4.13 -7.35 -5.53
CA THR A 66 -4.03 -5.95 -5.89
C THR A 66 -4.64 -5.62 -7.27
N LYS A 67 -4.88 -6.64 -8.06
CA LYS A 67 -5.48 -6.48 -9.39
C LYS A 67 -6.95 -5.99 -9.35
N ASP A 68 -7.56 -6.04 -8.17
CA ASP A 68 -8.94 -5.51 -8.00
C ASP A 68 -8.89 -4.16 -7.30
N ASN A 69 -7.71 -3.77 -6.88
CA ASN A 69 -7.54 -2.59 -6.05
C ASN A 69 -7.10 -1.38 -6.83
N ASN A 70 -7.27 -0.22 -6.22
CA ASN A 70 -7.03 1.06 -6.86
C ASN A 70 -5.64 1.59 -6.52
N LEU A 71 -4.94 2.11 -7.49
CA LEU A 71 -3.64 2.73 -7.30
C LEU A 71 -3.85 4.22 -7.04
N LEU A 72 -3.31 4.72 -5.95
CA LEU A 72 -3.44 6.16 -5.69
C LEU A 72 -2.21 6.86 -6.23
N GLY A 73 -1.07 6.42 -5.76
CA GLY A 73 0.18 7.00 -6.11
C GLY A 73 1.29 6.04 -5.90
N LYS A 74 2.48 6.44 -6.19
CA LYS A 74 3.62 5.56 -6.15
C LYS A 74 4.88 6.40 -6.02
N PHE A 75 5.86 5.88 -5.33
CA PHE A 75 7.13 6.55 -5.18
C PHE A 75 8.25 5.56 -5.19
N GLU A 76 9.39 6.00 -5.53
CA GLU A 76 10.54 5.16 -5.63
C GLU A 76 11.74 5.91 -5.15
N LEU A 77 12.70 5.18 -4.69
CA LEU A 77 13.91 5.74 -4.19
C LEU A 77 15.07 4.89 -4.68
N SER A 78 15.86 5.45 -5.55
CA SER A 78 16.98 4.77 -6.11
C SER A 78 18.24 5.44 -5.57
N GLY A 79 19.37 4.86 -5.85
CA GLY A 79 20.63 5.40 -5.40
C GLY A 79 20.98 4.89 -4.03
N ILE A 80 20.37 3.81 -3.69
CA ILE A 80 20.62 3.15 -2.44
C ILE A 80 21.75 2.17 -2.69
N PRO A 81 22.84 2.21 -1.91
CA PRO A 81 23.93 1.24 -2.06
C PRO A 81 23.41 -0.21 -1.98
N PRO A 82 23.68 -1.02 -3.03
CA PRO A 82 23.20 -2.41 -3.13
C PRO A 82 23.73 -3.30 -2.02
N ALA A 83 22.82 -4.06 -1.43
CA ALA A 83 23.15 -4.98 -0.37
C ALA A 83 22.36 -6.26 -0.58
N PRO A 84 22.82 -7.41 -0.05
CA PRO A 84 22.12 -8.69 -0.15
C PRO A 84 20.66 -8.59 0.32
N ARG A 85 19.81 -9.38 -0.28
CA ARG A 85 18.38 -9.32 -0.01
C ARG A 85 18.05 -9.67 1.42
N GLY A 86 17.19 -8.87 2.01
CA GLY A 86 16.81 -9.06 3.39
C GLY A 86 17.50 -8.06 4.30
N VAL A 87 18.66 -7.59 3.86
CA VAL A 87 19.42 -6.63 4.62
C VAL A 87 18.78 -5.21 4.60
N PRO A 88 18.45 -4.60 3.41
CA PRO A 88 17.79 -3.29 3.39
C PRO A 88 16.41 -3.37 4.04
N GLN A 89 16.22 -2.62 5.10
CA GLN A 89 15.02 -2.69 5.87
C GLN A 89 14.30 -1.35 5.79
N ILE A 90 13.13 -1.37 5.23
CA ILE A 90 12.40 -0.17 4.99
C ILE A 90 11.20 -0.10 5.92
N GLU A 91 11.17 0.95 6.69
CA GLU A 91 10.05 1.22 7.55
C GLU A 91 9.09 2.07 6.76
N VAL A 92 7.96 1.50 6.45
CA VAL A 92 6.95 2.21 5.69
C VAL A 92 5.89 2.71 6.65
N THR A 93 5.67 3.99 6.62
CA THR A 93 4.74 4.64 7.48
C THR A 93 3.61 5.27 6.69
N PHE A 94 2.41 4.86 7.00
CA PHE A 94 1.21 5.41 6.45
C PHE A 94 0.61 6.37 7.45
N ASP A 95 0.73 7.63 7.17
CA ASP A 95 0.15 8.66 8.03
C ASP A 95 -1.06 9.25 7.37
N VAL A 96 -2.22 8.90 7.84
CA VAL A 96 -3.47 9.42 7.30
C VAL A 96 -4.08 10.34 8.33
N ASP A 97 -4.45 11.55 7.95
CA ASP A 97 -5.13 12.45 8.88
C ASP A 97 -6.63 12.39 8.61
N SER A 98 -7.42 13.16 9.35
CA SER A 98 -8.88 13.12 9.27
C SER A 98 -9.43 13.57 7.91
N ASN A 99 -8.63 14.31 7.16
CA ASN A 99 -9.04 14.81 5.85
C ASN A 99 -8.76 13.79 4.78
N GLY A 100 -8.17 12.67 5.18
CA GLY A 100 -7.88 11.62 4.25
C GLY A 100 -6.61 11.87 3.47
N ILE A 101 -5.73 12.67 4.03
CA ILE A 101 -4.47 12.92 3.38
C ILE A 101 -3.44 11.95 3.93
N LEU A 102 -2.85 11.17 3.06
CA LEU A 102 -1.91 10.16 3.42
C LEU A 102 -0.48 10.58 3.05
N ASN A 103 0.34 10.65 4.04
CA ASN A 103 1.75 10.90 3.80
C ASN A 103 2.46 9.59 3.99
N VAL A 104 3.03 9.06 2.95
CA VAL A 104 3.69 7.78 3.04
C VAL A 104 5.17 8.02 3.14
N SER A 105 5.73 7.62 4.23
CA SER A 105 7.13 7.81 4.51
C SER A 105 7.82 6.47 4.49
N ALA A 106 8.93 6.38 3.82
CA ALA A 106 9.72 5.17 3.81
C ALA A 106 11.13 5.50 4.18
N VAL A 107 11.72 4.70 5.04
CA VAL A 107 13.07 4.89 5.50
C VAL A 107 13.81 3.56 5.48
N GLU A 108 14.94 3.49 4.81
CA GLU A 108 15.76 2.30 4.83
C GLU A 108 16.79 2.51 5.94
N LYS A 109 16.77 1.64 6.91
CA LYS A 109 17.59 1.78 8.12
C LYS A 109 19.08 1.60 7.93
N GLY A 110 19.49 0.86 6.93
CA GLY A 110 20.90 0.62 6.74
C GLY A 110 21.61 1.79 6.12
N THR A 111 21.13 2.18 4.98
CA THR A 111 21.73 3.24 4.22
C THR A 111 21.27 4.60 4.72
N GLY A 112 20.11 4.64 5.36
CA GLY A 112 19.61 5.85 5.94
C GLY A 112 18.77 6.66 5.00
N LYS A 113 18.66 6.19 3.77
CA LYS A 113 17.92 6.92 2.78
C LYS A 113 16.44 6.81 3.00
N SER A 114 15.82 7.96 2.96
CA SER A 114 14.43 8.08 3.27
C SER A 114 13.72 8.86 2.16
N ASN A 115 12.45 8.60 2.00
CA ASN A 115 11.62 9.33 1.02
C ASN A 115 10.18 9.29 1.44
N LYS A 116 9.46 10.39 1.26
CA LYS A 116 8.05 10.43 1.58
C LYS A 116 7.33 11.27 0.54
N ILE A 117 6.09 10.94 0.27
CA ILE A 117 5.26 11.72 -0.63
C ILE A 117 3.91 11.91 0.00
N THR A 118 3.13 12.80 -0.55
CA THR A 118 1.83 13.04 -0.03
C THR A 118 0.80 12.60 -1.04
N ILE A 119 0.11 11.55 -0.72
CA ILE A 119 -0.92 11.04 -1.54
C ILE A 119 -2.22 11.21 -0.80
N THR A 120 -2.99 12.13 -1.21
CA THR A 120 -4.23 12.36 -0.56
C THR A 120 -5.28 11.49 -1.22
N ASN A 121 -6.22 11.06 -0.46
CA ASN A 121 -7.26 10.19 -0.94
C ASN A 121 -8.39 11.05 -1.44
N ASP A 122 -8.14 11.59 -2.61
CA ASP A 122 -8.99 12.55 -3.29
C ASP A 122 -8.83 12.31 -4.80
N LYS A 123 -9.18 13.28 -5.67
CA LYS A 123 -9.23 13.14 -7.15
C LYS A 123 -10.44 12.35 -7.56
N GLY A 124 -11.34 12.19 -6.62
CA GLY A 124 -12.51 11.37 -6.84
C GLY A 124 -12.16 9.94 -6.50
N ARG A 125 -11.15 9.45 -7.21
CA ARG A 125 -10.56 8.12 -7.14
C ARG A 125 -11.53 6.94 -7.31
N LEU A 126 -12.48 6.82 -6.43
CA LEU A 126 -13.51 5.79 -6.51
C LEU A 126 -14.84 6.48 -6.72
N SER A 127 -15.78 5.77 -7.25
CA SER A 127 -17.12 6.24 -7.18
C SER A 127 -17.66 5.61 -5.88
N LYS A 128 -18.67 6.20 -5.26
CA LYS A 128 -19.26 5.62 -4.03
C LYS A 128 -19.66 4.18 -4.29
N GLU A 129 -20.22 3.97 -5.46
CA GLU A 129 -20.69 2.69 -5.90
C GLU A 129 -19.54 1.67 -5.97
N ASP A 130 -18.41 2.08 -6.58
CA ASP A 130 -17.23 1.18 -6.68
C ASP A 130 -16.68 0.81 -5.33
N ILE A 131 -16.73 1.76 -4.39
CA ILE A 131 -16.28 1.50 -3.02
C ILE A 131 -17.06 0.34 -2.44
N GLU A 132 -18.36 0.47 -2.51
CA GLU A 132 -19.28 -0.50 -1.96
C GLU A 132 -19.16 -1.86 -2.65
N LYS A 133 -18.87 -1.87 -3.95
CA LYS A 133 -18.64 -3.13 -4.69
C LYS A 133 -17.48 -3.87 -4.07
N MET A 134 -16.36 -3.15 -3.95
CA MET A 134 -15.12 -3.67 -3.45
C MET A 134 -15.25 -4.09 -2.00
N VAL A 135 -15.98 -3.31 -1.22
CA VAL A 135 -16.26 -3.65 0.17
C VAL A 135 -17.06 -4.95 0.25
N ALA A 136 -18.16 -4.99 -0.48
CA ALA A 136 -19.06 -6.12 -0.46
C ALA A 136 -18.40 -7.40 -0.92
N GLU A 137 -17.69 -7.37 -2.05
CA GLU A 137 -17.08 -8.58 -2.57
C GLU A 137 -15.98 -9.10 -1.65
N ALA A 138 -15.19 -8.20 -1.10
CA ALA A 138 -14.10 -8.60 -0.25
C ALA A 138 -14.60 -9.10 1.08
N GLU A 139 -15.69 -8.53 1.58
CA GLU A 139 -16.28 -9.01 2.80
C GLU A 139 -17.05 -10.32 2.55
N LYS A 140 -17.61 -10.45 1.36
CA LYS A 140 -18.32 -11.67 0.98
C LYS A 140 -17.34 -12.82 0.86
N PHE A 141 -16.27 -12.58 0.14
CA PHE A 141 -15.26 -13.58 -0.08
C PHE A 141 -14.11 -13.43 0.90
N LYS A 142 -14.43 -12.87 2.08
CA LYS A 142 -13.43 -12.62 3.13
C LYS A 142 -12.73 -13.93 3.48
N GLU A 143 -13.49 -15.00 3.47
CA GLU A 143 -12.98 -16.33 3.73
C GLU A 143 -11.81 -16.64 2.79
N GLU A 144 -12.00 -16.47 1.50
CA GLU A 144 -10.97 -16.74 0.53
C GLU A 144 -9.82 -15.77 0.68
N ASP A 145 -10.14 -14.48 0.65
CA ASP A 145 -9.15 -13.42 0.71
C ASP A 145 -8.22 -13.50 1.91
N GLU A 146 -8.73 -13.88 3.08
CA GLU A 146 -7.85 -14.03 4.21
C GLU A 146 -6.96 -15.26 4.06
N LYS A 147 -7.52 -16.36 3.52
CA LYS A 147 -6.75 -17.58 3.36
C LYS A 147 -5.65 -17.37 2.32
N GLU A 148 -5.95 -16.57 1.30
CA GLU A 148 -4.98 -16.18 0.28
C GLU A 148 -3.81 -15.51 0.97
N SER A 149 -4.15 -14.57 1.85
CA SER A 149 -3.17 -13.78 2.59
C SER A 149 -2.34 -14.67 3.54
N GLN A 150 -2.90 -15.80 3.94
CA GLN A 150 -2.21 -16.72 4.82
C GLN A 150 -1.28 -17.62 4.04
N ARG A 151 -1.74 -18.08 2.90
CA ARG A 151 -0.96 -18.94 2.01
C ARG A 151 0.20 -18.20 1.36
N ILE A 152 0.04 -16.90 1.22
CA ILE A 152 1.12 -16.05 0.75
C ILE A 152 2.20 -15.96 1.84
N ALA A 153 3.28 -16.69 1.64
CA ALA A 153 4.37 -16.75 2.59
C ALA A 153 5.48 -15.79 2.22
N SER A 154 5.32 -15.11 1.10
CA SER A 154 6.29 -14.13 0.69
C SER A 154 6.11 -12.84 1.48
N LYS A 155 6.62 -12.86 2.68
CA LYS A 155 6.57 -11.75 3.60
C LYS A 155 7.71 -10.80 3.29
N ASN A 156 7.59 -9.56 3.81
CA ASN A 156 8.67 -8.55 3.70
C ASN A 156 9.09 -8.27 2.26
N GLN A 157 8.12 -8.24 1.36
CA GLN A 157 8.42 -8.05 -0.05
C GLN A 157 8.28 -6.63 -0.55
N LEU A 158 9.36 -6.11 -1.07
CA LEU A 158 9.40 -4.85 -1.76
C LEU A 158 10.29 -5.00 -2.96
N GLU A 159 10.01 -4.27 -3.98
CA GLU A 159 10.78 -4.34 -5.20
C GLU A 159 11.81 -3.25 -5.18
N SER A 160 12.82 -3.44 -5.96
CA SER A 160 13.84 -2.46 -6.08
C SER A 160 13.59 -1.61 -7.31
N ILE A 161 13.35 -2.29 -8.40
CA ILE A 161 13.14 -1.68 -9.69
C ILE A 161 12.00 -2.39 -10.37
N ALA A 162 11.37 -1.75 -11.31
CA ALA A 162 10.36 -2.41 -12.09
C ALA A 162 11.02 -3.52 -12.89
N TYR A 163 10.65 -4.75 -12.59
CA TYR A 163 11.21 -5.93 -13.24
C TYR A 163 10.80 -5.98 -14.70
N SER A 164 9.73 -5.31 -15.00
CA SER A 164 9.21 -5.25 -16.30
C SER A 164 9.84 -4.11 -17.09
N LEU A 165 10.93 -4.43 -17.77
CA LEU A 165 11.62 -3.46 -18.58
C LEU A 165 10.80 -3.08 -19.77
N LYS A 166 10.41 -4.08 -20.56
CA LYS A 166 9.59 -3.90 -21.77
C LYS A 166 10.26 -2.94 -22.76
N ASN A 167 11.58 -2.87 -22.69
CA ASN A 167 12.35 -1.98 -23.53
C ASN A 167 12.49 -2.51 -24.94
N THR A 168 11.56 -2.12 -25.76
CA THR A 168 11.60 -2.46 -27.12
C THR A 168 12.52 -1.49 -27.82
N ILE A 169 13.74 -1.94 -28.03
CA ILE A 169 14.76 -1.15 -28.65
C ILE A 169 14.38 -0.86 -30.10
N SER A 170 14.27 0.40 -30.41
CA SER A 170 13.93 0.84 -31.73
C SER A 170 15.07 0.56 -32.69
N GLU A 171 14.80 -0.35 -33.63
CA GLU A 171 15.75 -0.78 -34.64
C GLU A 171 16.96 -1.43 -34.01
N ALA A 172 16.80 -2.65 -33.59
CA ALA A 172 17.89 -3.39 -33.01
C ALA A 172 18.52 -4.25 -34.08
N GLY A 173 19.71 -3.90 -34.46
CA GLY A 173 20.41 -4.63 -35.46
C GLY A 173 21.66 -5.20 -34.89
N SER A 1 -21.03 7.15 23.07
CA SER A 1 -21.26 7.86 21.83
C SER A 1 -20.06 7.68 20.92
N SER A 2 -20.30 7.55 19.64
CA SER A 2 -19.23 7.49 18.69
C SER A 2 -18.76 8.92 18.43
N LYS A 3 -19.72 9.81 18.39
CA LYS A 3 -19.52 11.24 18.23
C LYS A 3 -20.90 11.89 18.34
N THR A 4 -21.54 12.08 17.22
CA THR A 4 -22.93 12.48 17.16
C THR A 4 -23.56 11.49 16.20
N GLN A 5 -22.77 10.43 15.96
CA GLN A 5 -23.04 9.38 14.98
C GLN A 5 -23.12 10.02 13.57
N ASP A 6 -22.38 11.07 13.41
CA ASP A 6 -22.31 11.79 12.18
C ASP A 6 -21.14 11.29 11.36
N LEU A 7 -21.43 10.78 10.20
CA LEU A 7 -20.41 10.30 9.28
C LEU A 7 -20.34 11.23 8.10
N LEU A 8 -20.43 12.51 8.39
CA LEU A 8 -20.39 13.58 7.40
C LEU A 8 -18.98 13.64 6.81
N LEU A 9 -18.01 13.52 7.66
CA LEU A 9 -16.62 13.49 7.26
C LEU A 9 -16.20 12.05 7.16
N LEU A 10 -15.20 11.77 6.36
CA LEU A 10 -14.68 10.43 6.25
C LEU A 10 -13.66 10.20 7.34
N ASP A 11 -14.17 10.08 8.55
CA ASP A 11 -13.38 9.89 9.76
C ASP A 11 -12.89 8.45 9.81
N VAL A 12 -13.60 7.62 9.10
CA VAL A 12 -13.26 6.24 8.99
C VAL A 12 -12.77 5.96 7.57
N ALA A 13 -11.68 5.20 7.48
CA ALA A 13 -11.12 4.80 6.19
C ALA A 13 -12.16 4.00 5.41
N PRO A 14 -12.52 4.46 4.19
CA PRO A 14 -13.55 3.82 3.37
C PRO A 14 -13.14 2.44 2.87
N LEU A 15 -11.87 2.29 2.61
CA LEU A 15 -11.29 1.05 2.16
C LEU A 15 -9.96 0.89 2.83
N SER A 16 -9.42 -0.28 2.75
CA SER A 16 -8.14 -0.57 3.30
C SER A 16 -7.01 -0.04 2.41
N LEU A 17 -5.92 0.32 3.03
CA LEU A 17 -4.76 0.83 2.35
C LEU A 17 -3.61 -0.14 2.50
N GLY A 18 -2.90 -0.37 1.42
CA GLY A 18 -1.80 -1.27 1.45
C GLY A 18 -0.87 -1.06 0.29
N ILE A 19 0.03 -1.99 0.11
CA ILE A 19 1.02 -1.91 -0.94
C ILE A 19 1.16 -3.22 -1.66
N GLU A 20 1.48 -3.14 -2.93
CA GLU A 20 1.74 -4.31 -3.73
C GLU A 20 3.15 -4.74 -3.50
N THR A 21 3.28 -5.88 -2.94
CA THR A 21 4.56 -6.45 -2.70
C THR A 21 4.71 -7.61 -3.67
N ALA A 22 5.92 -7.79 -4.24
CA ALA A 22 6.20 -8.77 -5.29
C ALA A 22 5.58 -10.12 -5.05
N GLY A 23 4.55 -10.40 -5.82
CA GLY A 23 3.87 -11.65 -5.72
C GLY A 23 2.39 -11.53 -6.03
N GLY A 24 1.90 -10.31 -6.11
CA GLY A 24 0.48 -10.12 -6.29
C GLY A 24 -0.17 -10.21 -4.95
N VAL A 25 0.57 -9.75 -3.98
CA VAL A 25 0.19 -9.77 -2.62
C VAL A 25 -0.05 -8.37 -2.18
N MET A 26 -1.26 -8.06 -1.88
CA MET A 26 -1.58 -6.77 -1.40
C MET A 26 -1.32 -6.81 0.08
N THR A 27 -0.25 -6.18 0.47
CA THR A 27 0.14 -6.10 1.83
C THR A 27 -0.67 -5.02 2.50
N LYS A 28 -1.62 -5.47 3.26
CA LYS A 28 -2.63 -4.66 3.87
C LYS A 28 -2.16 -4.17 5.23
N LEU A 29 -2.00 -2.87 5.39
CA LEU A 29 -1.55 -2.31 6.66
C LEU A 29 -2.68 -1.61 7.39
N ILE A 30 -3.49 -0.92 6.66
CA ILE A 30 -4.54 -0.14 7.24
C ILE A 30 -5.88 -0.65 6.78
N PRO A 31 -6.68 -1.21 7.68
CA PRO A 31 -7.98 -1.75 7.32
C PRO A 31 -9.09 -0.70 7.19
N ARG A 32 -10.18 -1.11 6.60
CA ARG A 32 -11.38 -0.31 6.50
C ARG A 32 -11.86 -0.02 7.90
N ASN A 33 -12.40 1.17 8.13
CA ASN A 33 -12.90 1.57 9.47
C ASN A 33 -11.80 1.66 10.52
N SER A 34 -10.54 1.76 10.07
CA SER A 34 -9.38 1.90 10.97
C SER A 34 -9.51 3.17 11.81
N THR A 35 -10.27 4.14 11.28
CA THR A 35 -10.55 5.40 11.92
C THR A 35 -9.30 6.31 11.94
N ILE A 36 -9.34 7.34 11.11
CA ILE A 36 -8.22 8.23 10.95
C ILE A 36 -8.34 9.43 11.88
N PRO A 37 -7.22 10.10 12.25
CA PRO A 37 -5.85 9.79 11.78
C PRO A 37 -5.35 8.38 12.15
N THR A 38 -4.85 7.70 11.16
CA THR A 38 -4.29 6.40 11.31
C THR A 38 -2.84 6.45 10.85
N LYS A 39 -1.94 6.17 11.74
CA LYS A 39 -0.57 6.08 11.39
C LYS A 39 -0.11 4.66 11.59
N LYS A 40 0.35 4.05 10.55
CA LYS A 40 0.78 2.68 10.61
C LYS A 40 2.12 2.56 9.94
N SER A 41 3.06 2.08 10.67
CA SER A 41 4.37 1.86 10.16
C SER A 41 4.72 0.40 10.24
N GLU A 42 5.61 -0.03 9.39
CA GLU A 42 6.08 -1.38 9.38
C GLU A 42 7.38 -1.40 8.61
N ILE A 43 8.26 -2.30 8.95
CA ILE A 43 9.51 -2.40 8.26
C ILE A 43 9.39 -3.42 7.15
N PHE A 44 9.84 -3.04 6.00
CA PHE A 44 9.84 -3.85 4.82
C PHE A 44 11.24 -3.84 4.28
N SER A 45 11.50 -4.65 3.31
CA SER A 45 12.77 -4.70 2.70
C SER A 45 12.57 -5.05 1.26
N THR A 46 13.60 -5.15 0.54
CA THR A 46 13.51 -5.48 -0.82
C THR A 46 14.12 -6.85 -1.00
N TYR A 47 13.57 -7.61 -1.88
CA TYR A 47 14.08 -8.92 -2.13
C TYR A 47 14.77 -9.02 -3.44
N ALA A 48 16.01 -8.60 -3.43
CA ALA A 48 16.85 -8.59 -4.60
C ALA A 48 18.24 -8.10 -4.22
N ASP A 49 19.22 -8.92 -4.48
CA ASP A 49 20.63 -8.59 -4.23
C ASP A 49 21.04 -7.38 -5.02
N ASN A 50 21.68 -6.45 -4.32
CA ASN A 50 22.24 -5.23 -4.94
C ASN A 50 21.17 -4.30 -5.47
N GLN A 51 20.21 -4.07 -4.64
CA GLN A 51 19.12 -3.15 -4.89
C GLN A 51 19.63 -1.70 -5.01
N PRO A 52 19.20 -0.95 -6.05
CA PRO A 52 19.56 0.45 -6.18
C PRO A 52 18.50 1.39 -5.55
N GLY A 53 17.40 0.83 -5.17
CA GLY A 53 16.33 1.59 -4.61
C GLY A 53 15.13 0.72 -4.45
N VAL A 54 14.05 1.27 -3.94
CA VAL A 54 12.82 0.52 -3.79
C VAL A 54 11.65 1.30 -4.35
N LEU A 55 10.85 0.61 -5.10
CA LEU A 55 9.66 1.13 -5.70
C LEU A 55 8.49 0.83 -4.78
N ILE A 56 7.82 1.85 -4.32
CA ILE A 56 6.71 1.68 -3.42
C ILE A 56 5.43 2.04 -4.14
N GLN A 57 4.64 1.05 -4.51
CA GLN A 57 3.34 1.30 -5.13
C GLN A 57 2.22 1.06 -4.13
N VAL A 58 1.41 2.07 -3.91
CA VAL A 58 0.38 2.03 -2.89
C VAL A 58 -0.99 1.76 -3.51
N PHE A 59 -1.70 0.82 -2.94
CA PHE A 59 -2.99 0.41 -3.41
C PHE A 59 -4.05 0.55 -2.35
N GLU A 60 -5.24 0.72 -2.80
CA GLU A 60 -6.40 0.89 -1.99
C GLU A 60 -7.38 -0.21 -2.33
N GLY A 61 -7.96 -0.81 -1.34
CA GLY A 61 -8.90 -1.85 -1.58
C GLY A 61 -8.94 -2.83 -0.45
N GLU A 62 -9.95 -3.65 -0.43
CA GLU A 62 -10.14 -4.62 0.64
C GLU A 62 -9.51 -5.94 0.26
N ARG A 63 -9.36 -6.12 -1.03
CA ARG A 63 -8.98 -7.35 -1.64
C ARG A 63 -7.48 -7.61 -1.38
N ALA A 64 -7.13 -8.86 -1.15
CA ALA A 64 -5.75 -9.25 -0.91
C ALA A 64 -5.06 -9.43 -2.25
N LYS A 65 -5.85 -9.46 -3.28
CA LYS A 65 -5.37 -9.56 -4.61
C LYS A 65 -5.33 -8.18 -5.21
N THR A 66 -4.14 -7.69 -5.44
CA THR A 66 -3.89 -6.35 -5.93
C THR A 66 -4.55 -6.10 -7.30
N LYS A 67 -4.80 -7.16 -8.03
CA LYS A 67 -5.41 -7.12 -9.36
C LYS A 67 -6.79 -6.42 -9.36
N ASP A 68 -7.44 -6.38 -8.21
CA ASP A 68 -8.77 -5.76 -8.10
C ASP A 68 -8.74 -4.55 -7.19
N ASN A 69 -7.55 -4.06 -6.92
CA ASN A 69 -7.39 -2.92 -6.03
C ASN A 69 -7.04 -1.68 -6.80
N ASN A 70 -7.36 -0.55 -6.23
CA ASN A 70 -7.16 0.76 -6.87
C ASN A 70 -5.75 1.24 -6.61
N LEU A 71 -5.09 1.75 -7.63
CA LEU A 71 -3.77 2.29 -7.48
C LEU A 71 -3.92 3.76 -7.10
N LEU A 72 -3.39 4.14 -5.96
CA LEU A 72 -3.48 5.51 -5.51
C LEU A 72 -2.30 6.34 -6.01
N GLY A 73 -1.12 5.85 -5.76
CA GLY A 73 0.07 6.54 -6.14
C GLY A 73 1.29 5.72 -5.81
N LYS A 74 2.46 6.32 -5.91
CA LYS A 74 3.69 5.61 -5.67
C LYS A 74 4.84 6.60 -5.52
N PHE A 75 6.00 6.06 -5.18
CA PHE A 75 7.25 6.78 -5.15
C PHE A 75 8.37 5.77 -5.12
N GLU A 76 9.56 6.21 -5.41
CA GLU A 76 10.69 5.35 -5.36
C GLU A 76 11.70 5.95 -4.42
N LEU A 77 12.26 5.16 -3.56
CA LEU A 77 13.31 5.62 -2.70
C LEU A 77 14.58 5.14 -3.39
N SER A 78 15.29 6.05 -3.96
CA SER A 78 16.45 5.71 -4.74
C SER A 78 17.72 6.08 -3.98
N GLY A 79 18.81 5.45 -4.35
CA GLY A 79 20.06 5.70 -3.70
C GLY A 79 20.27 4.78 -2.54
N ILE A 80 19.58 3.68 -2.54
CA ILE A 80 19.70 2.68 -1.52
C ILE A 80 20.97 1.88 -1.77
N PRO A 81 21.75 1.58 -0.72
CA PRO A 81 23.01 0.86 -0.86
C PRO A 81 22.80 -0.58 -1.36
N PRO A 82 23.47 -0.96 -2.46
CA PRO A 82 23.40 -2.32 -2.97
C PRO A 82 24.13 -3.28 -2.04
N ALA A 83 23.38 -4.16 -1.44
CA ALA A 83 23.86 -5.10 -0.49
C ALA A 83 23.21 -6.46 -0.78
N PRO A 84 23.80 -7.57 -0.29
CA PRO A 84 23.23 -8.91 -0.47
C PRO A 84 21.79 -9.02 0.03
N ARG A 85 20.96 -9.57 -0.85
CA ARG A 85 19.53 -9.86 -0.67
C ARG A 85 18.64 -8.64 -0.32
N GLY A 86 18.88 -8.07 0.83
CA GLY A 86 18.04 -7.01 1.34
C GLY A 86 18.43 -6.63 2.74
N VAL A 87 19.64 -6.13 2.86
CA VAL A 87 20.15 -5.66 4.15
C VAL A 87 19.48 -4.33 4.60
N PRO A 88 19.40 -3.26 3.70
CA PRO A 88 18.71 -1.98 4.01
C PRO A 88 17.34 -2.18 4.67
N GLN A 89 17.03 -1.34 5.62
CA GLN A 89 15.83 -1.49 6.41
C GLN A 89 14.87 -0.36 6.11
N ILE A 90 13.79 -0.68 5.45
CA ILE A 90 12.86 0.33 4.99
C ILE A 90 11.68 0.41 5.95
N GLU A 91 11.60 1.45 6.71
CA GLU A 91 10.48 1.66 7.57
C GLU A 91 9.47 2.47 6.82
N VAL A 92 8.38 1.87 6.46
CA VAL A 92 7.37 2.56 5.72
C VAL A 92 6.25 2.96 6.67
N THR A 93 6.03 4.24 6.75
CA THR A 93 5.04 4.80 7.61
C THR A 93 3.92 5.39 6.76
N PHE A 94 2.76 4.90 6.97
CA PHE A 94 1.57 5.39 6.35
C PHE A 94 0.88 6.32 7.33
N ASP A 95 0.94 7.59 7.10
CA ASP A 95 0.26 8.51 7.98
C ASP A 95 -0.94 9.11 7.29
N VAL A 96 -2.09 8.61 7.64
CA VAL A 96 -3.33 9.07 7.09
C VAL A 96 -3.94 10.03 8.07
N ASP A 97 -3.87 11.30 7.75
CA ASP A 97 -4.37 12.33 8.64
C ASP A 97 -5.87 12.48 8.51
N SER A 98 -6.40 13.32 9.35
CA SER A 98 -7.81 13.62 9.47
C SER A 98 -8.47 14.23 8.19
N ASN A 99 -7.68 14.53 7.17
CA ASN A 99 -8.26 15.04 5.93
C ASN A 99 -8.40 13.91 4.94
N GLY A 100 -8.00 12.72 5.36
CA GLY A 100 -8.04 11.57 4.49
C GLY A 100 -6.84 11.54 3.59
N ILE A 101 -5.80 12.21 4.01
CA ILE A 101 -4.59 12.28 3.25
C ILE A 101 -3.57 11.28 3.77
N LEU A 102 -3.15 10.40 2.91
CA LEU A 102 -2.20 9.37 3.21
C LEU A 102 -0.81 9.80 2.80
N ASN A 103 0.00 10.08 3.74
CA ASN A 103 1.37 10.42 3.46
C ASN A 103 2.19 9.20 3.68
N VAL A 104 2.86 8.77 2.65
CA VAL A 104 3.61 7.54 2.70
C VAL A 104 5.06 7.87 2.82
N SER A 105 5.65 7.48 3.91
CA SER A 105 7.03 7.77 4.19
C SER A 105 7.86 6.51 4.25
N ALA A 106 9.00 6.50 3.59
CA ALA A 106 9.89 5.37 3.65
C ALA A 106 11.25 5.85 4.10
N VAL A 107 11.73 5.29 5.18
CA VAL A 107 13.01 5.66 5.73
C VAL A 107 13.91 4.43 5.81
N GLU A 108 15.08 4.56 5.25
CA GLU A 108 16.07 3.49 5.18
C GLU A 108 17.05 3.69 6.37
N LYS A 109 17.06 2.72 7.27
CA LYS A 109 17.89 2.81 8.50
C LYS A 109 19.37 2.43 8.35
N GLY A 110 19.73 1.90 7.22
CA GLY A 110 21.12 1.55 7.01
C GLY A 110 21.96 2.78 6.78
N THR A 111 21.65 3.49 5.74
CA THR A 111 22.38 4.68 5.37
C THR A 111 21.78 5.94 5.98
N GLY A 112 20.48 5.94 6.18
CA GLY A 112 19.84 7.10 6.76
C GLY A 112 19.16 7.95 5.72
N LYS A 113 18.60 7.32 4.72
CA LYS A 113 17.91 8.03 3.68
C LYS A 113 16.43 7.95 3.86
N SER A 114 15.75 8.93 3.36
CA SER A 114 14.32 8.98 3.53
C SER A 114 13.66 9.64 2.33
N ASN A 115 12.44 9.25 2.06
CA ASN A 115 11.64 9.85 1.01
C ASN A 115 10.19 9.61 1.33
N LYS A 116 9.34 10.60 1.12
CA LYS A 116 7.94 10.45 1.42
C LYS A 116 7.12 11.28 0.46
N ILE A 117 5.92 10.81 0.14
CA ILE A 117 5.03 11.53 -0.74
C ILE A 117 3.65 11.65 -0.14
N THR A 118 2.84 12.48 -0.72
CA THR A 118 1.53 12.74 -0.25
C THR A 118 0.47 12.18 -1.20
N ILE A 119 -0.27 11.21 -0.75
CA ILE A 119 -1.36 10.66 -1.50
C ILE A 119 -2.64 11.11 -0.84
N THR A 120 -3.30 12.00 -1.42
CA THR A 120 -4.55 12.42 -0.89
C THR A 120 -5.63 11.61 -1.57
N ASN A 121 -6.67 11.35 -0.87
CA ASN A 121 -7.70 10.49 -1.38
C ASN A 121 -8.75 11.35 -2.06
N ASP A 122 -8.47 11.77 -3.28
CA ASP A 122 -9.36 12.66 -4.03
C ASP A 122 -9.10 12.59 -5.54
N LYS A 123 -9.91 13.35 -6.29
CA LYS A 123 -9.78 13.57 -7.73
C LYS A 123 -10.17 12.43 -8.64
N GLY A 124 -9.42 11.37 -8.65
CA GLY A 124 -9.72 10.29 -9.54
C GLY A 124 -9.47 8.95 -8.93
N ARG A 125 -10.08 8.69 -7.82
CA ARG A 125 -9.92 7.40 -7.19
C ARG A 125 -11.17 6.51 -7.23
N LEU A 126 -11.99 6.64 -6.25
CA LEU A 126 -13.18 5.87 -6.09
C LEU A 126 -14.36 6.78 -6.22
N SER A 127 -15.41 6.28 -6.76
CA SER A 127 -16.67 6.94 -6.69
C SER A 127 -17.36 6.34 -5.45
N LYS A 128 -18.53 6.83 -5.07
CA LYS A 128 -19.27 6.27 -3.94
C LYS A 128 -19.57 4.79 -4.22
N GLU A 129 -19.82 4.52 -5.49
CA GLU A 129 -20.12 3.20 -5.96
C GLU A 129 -18.91 2.28 -5.87
N ASP A 130 -17.71 2.79 -6.22
CA ASP A 130 -16.46 1.98 -6.16
C ASP A 130 -16.19 1.48 -4.77
N ILE A 131 -16.38 2.38 -3.80
CA ILE A 131 -16.19 2.07 -2.40
C ILE A 131 -17.06 0.88 -2.03
N GLU A 132 -18.33 1.03 -2.30
CA GLU A 132 -19.31 0.02 -1.97
C GLU A 132 -19.09 -1.28 -2.75
N LYS A 133 -18.61 -1.19 -3.97
CA LYS A 133 -18.33 -2.39 -4.77
C LYS A 133 -17.24 -3.22 -4.12
N MET A 134 -16.14 -2.58 -3.74
CA MET A 134 -15.04 -3.29 -3.11
C MET A 134 -15.45 -3.80 -1.74
N VAL A 135 -16.17 -2.97 -0.99
CA VAL A 135 -16.63 -3.36 0.33
C VAL A 135 -17.54 -4.58 0.23
N ALA A 136 -18.56 -4.50 -0.62
CA ALA A 136 -19.52 -5.60 -0.79
C ALA A 136 -18.84 -6.87 -1.22
N GLU A 137 -18.05 -6.78 -2.27
CA GLU A 137 -17.39 -7.92 -2.84
C GLU A 137 -16.39 -8.56 -1.88
N ALA A 138 -15.52 -7.78 -1.31
CA ALA A 138 -14.50 -8.32 -0.46
C ALA A 138 -15.03 -8.74 0.90
N GLU A 139 -16.12 -8.14 1.35
CA GLU A 139 -16.71 -8.55 2.62
C GLU A 139 -17.55 -9.82 2.41
N LYS A 140 -17.95 -10.04 1.16
CA LYS A 140 -18.64 -11.25 0.75
C LYS A 140 -17.61 -12.38 0.62
N PHE A 141 -16.51 -12.09 -0.06
CA PHE A 141 -15.41 -13.03 -0.24
C PHE A 141 -14.36 -12.81 0.85
N LYS A 142 -14.87 -12.44 2.01
CA LYS A 142 -14.09 -12.11 3.20
C LYS A 142 -13.12 -13.22 3.56
N GLU A 143 -13.58 -14.44 3.48
CA GLU A 143 -12.76 -15.57 3.83
C GLU A 143 -11.72 -15.83 2.79
N GLU A 144 -12.05 -15.60 1.56
CA GLU A 144 -11.18 -15.93 0.44
C GLU A 144 -9.87 -15.14 0.51
N ASP A 145 -9.98 -13.85 0.75
CA ASP A 145 -8.80 -12.99 0.81
C ASP A 145 -7.91 -13.36 1.98
N GLU A 146 -8.49 -13.47 3.17
CA GLU A 146 -7.69 -13.77 4.35
C GLU A 146 -7.15 -15.20 4.32
N LYS A 147 -7.93 -16.14 3.80
CA LYS A 147 -7.46 -17.53 3.70
C LYS A 147 -6.27 -17.63 2.79
N GLU A 148 -6.23 -16.84 1.73
CA GLU A 148 -5.11 -16.86 0.87
C GLU A 148 -3.95 -16.13 1.50
N SER A 149 -4.25 -15.06 2.22
CA SER A 149 -3.24 -14.29 2.95
C SER A 149 -2.56 -15.15 4.04
N GLN A 150 -3.21 -16.23 4.43
CA GLN A 150 -2.64 -17.18 5.36
C GLN A 150 -1.73 -18.16 4.62
N ARG A 151 -2.11 -18.49 3.40
CA ARG A 151 -1.37 -19.44 2.59
C ARG A 151 -0.10 -18.80 2.08
N ILE A 152 -0.20 -17.55 1.71
CA ILE A 152 0.93 -16.83 1.22
C ILE A 152 1.72 -16.23 2.38
N ALA A 153 2.99 -16.38 2.34
CA ALA A 153 3.85 -15.87 3.39
C ALA A 153 4.72 -14.77 2.84
N SER A 154 4.36 -14.31 1.67
CA SER A 154 5.11 -13.33 1.00
C SER A 154 4.80 -11.91 1.48
N LYS A 155 5.56 -11.48 2.47
CA LYS A 155 5.53 -10.13 3.01
C LYS A 155 6.96 -9.67 3.17
N ASN A 156 7.16 -8.36 3.32
CA ASN A 156 8.51 -7.72 3.34
C ASN A 156 9.15 -7.63 1.96
N GLN A 157 8.37 -7.70 0.88
CA GLN A 157 8.96 -7.47 -0.44
C GLN A 157 8.74 -6.05 -0.85
N LEU A 158 9.72 -5.49 -1.43
CA LEU A 158 9.65 -4.23 -2.12
C LEU A 158 10.49 -4.44 -3.34
N GLU A 159 10.06 -3.95 -4.44
CA GLU A 159 10.80 -4.19 -5.64
C GLU A 159 11.84 -3.13 -5.85
N SER A 160 13.01 -3.57 -6.17
CA SER A 160 14.08 -2.69 -6.51
C SER A 160 13.85 -2.19 -7.93
N ILE A 161 13.59 -3.13 -8.80
CA ILE A 161 13.21 -2.88 -10.15
C ILE A 161 11.81 -3.42 -10.36
N ALA A 162 11.04 -2.78 -11.19
CA ALA A 162 9.69 -3.23 -11.43
C ALA A 162 9.73 -4.37 -12.40
N TYR A 163 9.33 -5.52 -11.95
CA TYR A 163 9.33 -6.66 -12.82
C TYR A 163 8.19 -6.58 -13.80
N SER A 164 7.05 -6.04 -13.35
CA SER A 164 5.82 -5.85 -14.14
C SER A 164 5.44 -7.09 -15.02
N LEU A 165 5.99 -7.15 -16.23
CA LEU A 165 5.76 -8.23 -17.18
C LEU A 165 6.74 -9.38 -16.93
N LYS A 166 7.17 -9.51 -15.67
CA LYS A 166 8.10 -10.55 -15.19
C LYS A 166 9.51 -10.29 -15.69
N ASN A 167 9.84 -9.04 -15.88
CA ASN A 167 11.17 -8.66 -16.33
C ASN A 167 12.14 -8.66 -15.18
N THR A 168 12.76 -9.77 -14.98
CA THR A 168 13.76 -9.95 -13.96
C THR A 168 15.00 -10.55 -14.61
N ILE A 169 15.14 -10.28 -15.87
CA ILE A 169 16.15 -10.88 -16.70
C ILE A 169 17.54 -10.31 -16.41
N SER A 170 18.36 -11.11 -15.79
CA SER A 170 19.75 -10.78 -15.59
C SER A 170 20.51 -11.41 -16.75
N GLU A 171 20.99 -10.59 -17.69
CA GLU A 171 21.70 -11.07 -18.87
C GLU A 171 22.88 -11.97 -18.45
N ALA A 172 23.77 -11.37 -17.72
CA ALA A 172 24.94 -12.03 -17.15
C ALA A 172 25.33 -11.22 -15.95
N GLY A 173 25.29 -9.93 -16.15
CA GLY A 173 25.50 -9.01 -15.10
C GLY A 173 24.57 -7.88 -15.31
N SER A 1 -23.59 -6.50 10.52
CA SER A 1 -23.04 -5.25 10.98
C SER A 1 -23.80 -4.12 10.33
N SER A 2 -23.91 -3.02 11.03
CA SER A 2 -24.62 -1.87 10.53
C SER A 2 -23.64 -0.89 9.88
N LYS A 3 -24.17 0.15 9.27
CA LYS A 3 -23.36 1.15 8.57
C LYS A 3 -22.94 2.22 9.59
N THR A 4 -22.78 1.80 10.85
CA THR A 4 -22.63 2.67 12.01
C THR A 4 -23.81 3.65 12.01
N GLN A 5 -23.58 4.83 11.47
CA GLN A 5 -24.58 5.82 11.22
C GLN A 5 -23.83 7.00 10.65
N ASP A 6 -23.71 7.06 9.35
CA ASP A 6 -22.93 8.11 8.74
C ASP A 6 -23.78 9.32 8.45
N LEU A 7 -23.29 10.46 8.84
CA LEU A 7 -23.91 11.72 8.52
C LEU A 7 -22.99 12.47 7.58
N LEU A 8 -22.01 13.14 8.16
CA LEU A 8 -21.00 13.87 7.39
C LEU A 8 -19.62 13.52 7.92
N LEU A 9 -19.57 12.60 8.84
CA LEU A 9 -18.33 12.27 9.52
C LEU A 9 -17.71 11.02 8.97
N LEU A 10 -16.81 11.18 8.04
CA LEU A 10 -16.02 10.07 7.57
C LEU A 10 -14.77 10.04 8.43
N ASP A 11 -14.91 9.43 9.58
CA ASP A 11 -13.89 9.46 10.62
C ASP A 11 -13.08 8.17 10.61
N VAL A 12 -13.51 7.26 9.78
CA VAL A 12 -12.82 6.01 9.62
C VAL A 12 -12.41 5.85 8.17
N ALA A 13 -11.49 4.95 7.92
CA ALA A 13 -11.07 4.66 6.57
C ALA A 13 -12.09 3.74 5.92
N PRO A 14 -12.77 4.18 4.84
CA PRO A 14 -13.79 3.35 4.16
C PRO A 14 -13.21 2.08 3.56
N LEU A 15 -11.97 2.16 3.15
CA LEU A 15 -11.31 1.04 2.56
C LEU A 15 -9.86 1.04 3.02
N SER A 16 -9.33 -0.13 3.25
CA SER A 16 -7.98 -0.33 3.76
C SER A 16 -6.91 0.28 2.85
N LEU A 17 -5.91 0.86 3.47
CA LEU A 17 -4.81 1.50 2.78
C LEU A 17 -3.55 0.70 3.00
N GLY A 18 -2.87 0.40 1.94
CA GLY A 18 -1.67 -0.38 2.06
C GLY A 18 -0.81 -0.37 0.83
N ILE A 19 0.13 -1.25 0.81
CA ILE A 19 1.08 -1.41 -0.29
C ILE A 19 1.08 -2.83 -0.73
N GLU A 20 1.66 -3.10 -1.85
CA GLU A 20 1.81 -4.49 -2.24
C GLU A 20 3.18 -4.99 -1.82
N THR A 21 3.21 -6.15 -1.20
CA THR A 21 4.46 -6.79 -0.99
C THR A 21 4.66 -7.76 -2.14
N ALA A 22 5.90 -7.85 -2.59
CA ALA A 22 6.28 -8.61 -3.77
C ALA A 22 5.76 -10.05 -3.73
N GLY A 23 4.73 -10.30 -4.51
CA GLY A 23 4.14 -11.59 -4.54
C GLY A 23 2.67 -11.49 -4.80
N GLY A 24 2.15 -10.30 -4.60
CA GLY A 24 0.75 -10.08 -4.87
C GLY A 24 -0.06 -10.12 -3.63
N VAL A 25 0.53 -9.66 -2.54
CA VAL A 25 -0.15 -9.60 -1.27
C VAL A 25 -0.39 -8.15 -0.92
N MET A 26 -1.63 -7.77 -0.91
CA MET A 26 -1.98 -6.44 -0.53
C MET A 26 -1.78 -6.33 0.97
N THR A 27 -0.81 -5.57 1.32
CA THR A 27 -0.39 -5.41 2.66
C THR A 27 -1.05 -4.16 3.24
N LYS A 28 -2.05 -4.38 4.07
CA LYS A 28 -2.85 -3.31 4.62
C LYS A 28 -2.22 -2.80 5.89
N LEU A 29 -1.85 -1.55 5.90
CA LEU A 29 -1.34 -0.97 7.12
C LEU A 29 -2.48 -0.33 7.87
N ILE A 30 -3.34 0.32 7.13
CA ILE A 30 -4.50 0.97 7.68
C ILE A 30 -5.71 0.13 7.27
N PRO A 31 -6.37 -0.55 8.21
CA PRO A 31 -7.51 -1.41 7.89
C PRO A 31 -8.84 -0.64 7.68
N ARG A 32 -9.81 -1.35 7.16
CA ARG A 32 -11.13 -0.82 6.88
C ARG A 32 -11.90 -0.56 8.17
N ASN A 33 -12.58 0.59 8.20
CA ASN A 33 -13.42 1.02 9.33
C ASN A 33 -12.61 1.32 10.57
N SER A 34 -11.32 1.53 10.37
CA SER A 34 -10.45 1.90 11.44
C SER A 34 -10.38 3.42 11.51
N THR A 35 -10.38 3.94 12.72
CA THR A 35 -10.45 5.34 13.01
C THR A 35 -9.16 6.10 12.62
N ILE A 36 -9.34 7.24 11.98
CA ILE A 36 -8.28 8.15 11.61
C ILE A 36 -8.46 9.45 12.44
N PRO A 37 -7.41 10.27 12.71
CA PRO A 37 -6.04 10.08 12.22
C PRO A 37 -5.33 8.90 12.88
N THR A 38 -4.54 8.22 12.12
CA THR A 38 -3.79 7.10 12.59
C THR A 38 -2.48 7.06 11.83
N LYS A 39 -1.49 6.41 12.36
CA LYS A 39 -0.23 6.29 11.69
C LYS A 39 0.26 4.86 11.82
N LYS A 40 0.81 4.35 10.77
CA LYS A 40 1.39 3.03 10.77
C LYS A 40 2.73 3.05 10.12
N SER A 41 3.72 2.65 10.84
CA SER A 41 5.03 2.46 10.29
C SER A 41 5.32 1.00 10.38
N GLU A 42 5.60 0.40 9.28
CA GLU A 42 5.88 -0.98 9.29
C GLU A 42 7.11 -1.22 8.47
N ILE A 43 7.94 -2.08 8.95
CA ILE A 43 9.19 -2.37 8.32
C ILE A 43 9.06 -3.52 7.35
N PHE A 44 9.53 -3.30 6.17
CA PHE A 44 9.52 -4.28 5.13
C PHE A 44 10.94 -4.42 4.62
N SER A 45 11.20 -5.46 3.91
CA SER A 45 12.54 -5.72 3.46
C SER A 45 12.51 -6.07 1.99
N THR A 46 13.51 -5.67 1.28
CA THR A 46 13.59 -5.98 -0.11
C THR A 46 14.47 -7.24 -0.23
N TYR A 47 14.22 -8.06 -1.22
CA TYR A 47 14.91 -9.32 -1.29
C TYR A 47 15.75 -9.54 -2.48
N ALA A 48 16.97 -9.10 -2.32
CA ALA A 48 18.01 -9.24 -3.27
C ALA A 48 19.21 -8.56 -2.69
N ASP A 49 20.35 -8.81 -3.23
CA ASP A 49 21.53 -8.12 -2.79
C ASP A 49 21.83 -7.03 -3.76
N ASN A 50 22.27 -5.90 -3.25
CA ASN A 50 22.63 -4.71 -4.05
C ASN A 50 21.40 -4.18 -4.78
N GLN A 51 20.30 -4.05 -4.07
CA GLN A 51 19.05 -3.60 -4.67
C GLN A 51 19.19 -2.12 -5.10
N PRO A 52 18.85 -1.78 -6.36
CA PRO A 52 18.89 -0.39 -6.82
C PRO A 52 18.03 0.54 -5.93
N GLY A 53 16.86 0.07 -5.59
CA GLY A 53 15.92 0.85 -4.83
C GLY A 53 14.63 0.08 -4.71
N VAL A 54 13.67 0.58 -3.96
CA VAL A 54 12.38 -0.12 -3.80
C VAL A 54 11.23 0.68 -4.38
N LEU A 55 10.28 -0.04 -4.90
CA LEU A 55 9.11 0.54 -5.51
C LEU A 55 7.95 0.49 -4.53
N ILE A 56 7.54 1.63 -4.05
CA ILE A 56 6.47 1.71 -3.09
C ILE A 56 5.16 2.01 -3.81
N GLN A 57 4.31 1.03 -3.86
CA GLN A 57 3.04 1.12 -4.58
C GLN A 57 1.91 1.05 -3.56
N VAL A 58 1.16 2.13 -3.47
CA VAL A 58 0.11 2.28 -2.46
C VAL A 58 -1.28 2.08 -3.08
N PHE A 59 -2.06 1.23 -2.48
CA PHE A 59 -3.37 0.87 -2.96
C PHE A 59 -4.42 0.95 -1.85
N GLU A 60 -5.66 1.12 -2.24
CA GLU A 60 -6.81 1.01 -1.35
C GLU A 60 -7.46 -0.32 -1.66
N GLY A 61 -7.76 -1.11 -0.67
CA GLY A 61 -8.41 -2.36 -0.95
C GLY A 61 -8.45 -3.34 0.18
N GLU A 62 -9.46 -4.18 0.14
CA GLU A 62 -9.66 -5.27 1.09
C GLU A 62 -9.32 -6.60 0.44
N ARG A 63 -9.12 -6.56 -0.86
CA ARG A 63 -8.91 -7.73 -1.70
C ARG A 63 -7.46 -8.20 -1.49
N ALA A 64 -7.21 -9.49 -1.56
CA ALA A 64 -5.84 -10.01 -1.35
C ALA A 64 -4.98 -9.72 -2.55
N LYS A 65 -5.59 -9.80 -3.72
CA LYS A 65 -4.89 -9.60 -4.94
C LYS A 65 -4.90 -8.12 -5.24
N THR A 66 -3.74 -7.53 -5.21
CA THR A 66 -3.58 -6.13 -5.35
C THR A 66 -4.02 -5.60 -6.73
N LYS A 67 -4.12 -6.50 -7.70
CA LYS A 67 -4.54 -6.13 -9.04
C LYS A 67 -6.01 -5.65 -9.03
N ASP A 68 -6.75 -6.05 -8.00
CA ASP A 68 -8.17 -5.68 -7.87
C ASP A 68 -8.31 -4.49 -6.96
N ASN A 69 -7.21 -4.03 -6.43
CA ASN A 69 -7.18 -2.93 -5.49
C ASN A 69 -6.85 -1.64 -6.21
N ASN A 70 -7.27 -0.55 -5.65
CA ASN A 70 -7.17 0.76 -6.31
C ASN A 70 -5.82 1.42 -6.04
N LEU A 71 -5.06 1.69 -7.08
CA LEU A 71 -3.76 2.34 -6.93
C LEU A 71 -3.94 3.83 -6.66
N LEU A 72 -3.40 4.29 -5.56
CA LEU A 72 -3.50 5.68 -5.19
C LEU A 72 -2.33 6.47 -5.70
N GLY A 73 -1.18 6.05 -5.30
CA GLY A 73 0.00 6.75 -5.63
C GLY A 73 1.14 5.82 -5.54
N LYS A 74 2.28 6.26 -5.96
CA LYS A 74 3.42 5.42 -6.02
C LYS A 74 4.66 6.27 -6.10
N PHE A 75 5.73 5.78 -5.52
CA PHE A 75 7.01 6.47 -5.55
C PHE A 75 8.13 5.45 -5.42
N GLU A 76 9.30 5.81 -5.86
CA GLU A 76 10.43 4.89 -5.84
C GLU A 76 11.46 5.43 -4.88
N LEU A 77 11.91 4.62 -3.96
CA LEU A 77 12.97 5.02 -3.10
C LEU A 77 14.23 4.52 -3.76
N SER A 78 14.96 5.42 -4.33
CA SER A 78 16.14 5.08 -5.08
C SER A 78 17.37 5.34 -4.24
N GLY A 79 18.45 4.65 -4.52
CA GLY A 79 19.67 4.89 -3.80
C GLY A 79 19.82 4.00 -2.60
N ILE A 80 19.38 2.77 -2.74
CA ILE A 80 19.55 1.81 -1.69
C ILE A 80 20.97 1.26 -1.72
N PRO A 81 21.64 1.22 -0.55
CA PRO A 81 23.06 0.83 -0.46
C PRO A 81 23.33 -0.59 -0.96
N PRO A 82 24.51 -0.81 -1.57
CA PRO A 82 24.92 -2.14 -1.97
C PRO A 82 25.11 -2.97 -0.72
N ALA A 83 24.28 -3.96 -0.54
CA ALA A 83 24.26 -4.75 0.64
C ALA A 83 23.55 -6.06 0.38
N PRO A 84 23.92 -7.11 1.13
CA PRO A 84 23.28 -8.44 1.07
C PRO A 84 21.76 -8.43 1.29
N ARG A 85 21.14 -9.53 0.92
CA ARG A 85 19.70 -9.73 1.03
C ARG A 85 19.20 -9.49 2.46
N GLY A 86 18.31 -8.53 2.61
CA GLY A 86 17.70 -8.29 3.88
C GLY A 86 18.44 -7.30 4.75
N VAL A 87 19.53 -6.76 4.26
CA VAL A 87 20.28 -5.76 5.01
C VAL A 87 19.57 -4.38 5.06
N PRO A 88 19.23 -3.74 3.91
CA PRO A 88 18.53 -2.46 3.91
C PRO A 88 17.15 -2.60 4.57
N GLN A 89 16.79 -1.63 5.35
CA GLN A 89 15.59 -1.73 6.16
C GLN A 89 14.64 -0.60 5.80
N ILE A 90 13.59 -0.91 5.10
CA ILE A 90 12.71 0.13 4.63
C ILE A 90 11.47 0.19 5.50
N GLU A 91 11.33 1.26 6.21
CA GLU A 91 10.20 1.48 7.04
C GLU A 91 9.21 2.33 6.28
N VAL A 92 8.06 1.79 6.03
CA VAL A 92 7.05 2.51 5.30
C VAL A 92 6.01 3.02 6.29
N THR A 93 5.86 4.31 6.31
CA THR A 93 5.00 4.99 7.21
C THR A 93 3.78 5.58 6.49
N PHE A 94 2.62 5.14 6.90
CA PHE A 94 1.36 5.66 6.46
C PHE A 94 0.83 6.58 7.55
N ASP A 95 0.87 7.84 7.29
CA ASP A 95 0.38 8.84 8.24
C ASP A 95 -0.92 9.39 7.66
N VAL A 96 -2.04 9.08 8.31
CA VAL A 96 -3.37 9.45 7.79
C VAL A 96 -4.03 10.47 8.70
N ASP A 97 -4.56 11.55 8.14
CA ASP A 97 -5.32 12.51 8.94
C ASP A 97 -6.81 12.28 8.75
N SER A 98 -7.63 13.10 9.41
CA SER A 98 -9.07 12.95 9.43
C SER A 98 -9.77 13.26 8.09
N ASN A 99 -9.02 13.78 7.12
CA ASN A 99 -9.58 14.04 5.80
C ASN A 99 -9.38 12.84 4.92
N GLY A 100 -8.54 11.93 5.38
CA GLY A 100 -8.25 10.73 4.63
C GLY A 100 -7.03 10.90 3.74
N ILE A 101 -6.32 12.00 3.93
CA ILE A 101 -5.13 12.27 3.16
C ILE A 101 -3.99 11.44 3.73
N LEU A 102 -3.20 10.85 2.87
CA LEU A 102 -2.19 9.91 3.26
C LEU A 102 -0.78 10.35 2.87
N ASN A 103 0.04 10.59 3.86
CA ASN A 103 1.45 10.83 3.62
C ASN A 103 2.23 9.57 3.82
N VAL A 104 2.78 9.05 2.76
CA VAL A 104 3.52 7.81 2.83
C VAL A 104 4.99 8.12 2.77
N SER A 105 5.70 7.76 3.80
CA SER A 105 7.11 7.98 3.87
C SER A 105 7.83 6.64 3.89
N ALA A 106 8.78 6.48 3.04
CA ALA A 106 9.59 5.29 3.05
C ALA A 106 10.98 5.69 3.44
N VAL A 107 11.48 5.11 4.48
CA VAL A 107 12.80 5.45 4.98
C VAL A 107 13.64 4.20 5.03
N GLU A 108 14.78 4.26 4.41
CA GLU A 108 15.72 3.18 4.42
C GLU A 108 16.64 3.44 5.62
N LYS A 109 16.44 2.71 6.69
CA LYS A 109 17.15 2.91 7.95
C LYS A 109 18.63 2.54 7.94
N GLY A 110 19.10 1.84 6.94
CA GLY A 110 20.49 1.50 6.86
C GLY A 110 21.32 2.73 6.62
N THR A 111 20.95 3.47 5.61
CA THR A 111 21.62 4.70 5.27
C THR A 111 20.95 5.93 5.90
N GLY A 112 19.64 5.90 6.04
CA GLY A 112 18.94 7.01 6.64
C GLY A 112 18.16 7.82 5.63
N LYS A 113 18.27 7.49 4.37
CA LYS A 113 17.58 8.25 3.36
C LYS A 113 16.11 7.92 3.30
N SER A 114 15.33 8.93 3.06
CA SER A 114 13.91 8.83 3.02
C SER A 114 13.40 9.40 1.72
N ASN A 115 12.21 9.03 1.38
CA ASN A 115 11.48 9.58 0.28
C ASN A 115 10.03 9.46 0.64
N LYS A 116 9.26 10.48 0.43
CA LYS A 116 7.87 10.43 0.80
C LYS A 116 7.04 11.17 -0.21
N ILE A 117 5.77 10.91 -0.22
CA ILE A 117 4.88 11.56 -1.13
C ILE A 117 3.55 11.78 -0.40
N THR A 118 2.85 12.80 -0.78
CA THR A 118 1.57 13.06 -0.24
C THR A 118 0.53 12.55 -1.20
N ILE A 119 -0.12 11.50 -0.82
CA ILE A 119 -1.15 10.89 -1.62
C ILE A 119 -2.48 11.32 -1.03
N THR A 120 -3.20 12.13 -1.72
CA THR A 120 -4.43 12.60 -1.20
C THR A 120 -5.60 11.86 -1.85
N ASN A 121 -6.66 11.75 -1.11
CA ASN A 121 -7.87 11.02 -1.49
C ASN A 121 -8.82 11.98 -2.20
N ASP A 122 -8.23 12.87 -2.92
CA ASP A 122 -8.90 13.97 -3.57
C ASP A 122 -9.30 13.65 -5.01
N LYS A 123 -10.37 14.29 -5.45
CA LYS A 123 -10.92 14.21 -6.80
C LYS A 123 -11.52 12.85 -7.12
N GLY A 124 -10.69 11.93 -7.58
CA GLY A 124 -11.20 10.67 -8.02
C GLY A 124 -10.24 9.53 -7.81
N ARG A 125 -10.47 8.80 -6.75
CA ARG A 125 -9.76 7.56 -6.49
C ARG A 125 -10.78 6.46 -6.27
N LEU A 126 -11.43 6.46 -5.16
CA LEU A 126 -12.56 5.61 -4.98
C LEU A 126 -13.77 6.45 -5.16
N SER A 127 -14.54 6.18 -6.16
CA SER A 127 -15.79 6.86 -6.27
C SER A 127 -16.73 6.18 -5.29
N LYS A 128 -17.88 6.74 -5.06
CA LYS A 128 -18.87 6.16 -4.15
C LYS A 128 -19.20 4.73 -4.63
N GLU A 129 -19.17 4.58 -5.93
CA GLU A 129 -19.41 3.34 -6.63
C GLU A 129 -18.27 2.35 -6.36
N ASP A 130 -17.01 2.83 -6.48
CA ASP A 130 -15.81 1.98 -6.24
C ASP A 130 -15.84 1.41 -4.86
N ILE A 131 -16.10 2.29 -3.87
CA ILE A 131 -16.14 1.92 -2.46
C ILE A 131 -17.07 0.73 -2.24
N GLU A 132 -18.32 0.89 -2.65
CA GLU A 132 -19.33 -0.14 -2.46
C GLU A 132 -18.93 -1.46 -3.10
N LYS A 133 -18.49 -1.41 -4.35
CA LYS A 133 -18.09 -2.61 -5.09
C LYS A 133 -16.98 -3.38 -4.38
N MET A 134 -15.91 -2.68 -4.11
CA MET A 134 -14.71 -3.27 -3.55
C MET A 134 -14.92 -3.75 -2.13
N VAL A 135 -15.62 -2.95 -1.33
CA VAL A 135 -15.91 -3.33 0.04
C VAL A 135 -16.84 -4.54 0.07
N ALA A 136 -17.84 -4.54 -0.78
CA ALA A 136 -18.81 -5.61 -0.83
C ALA A 136 -18.20 -6.93 -1.25
N GLU A 137 -17.49 -6.97 -2.38
CA GLU A 137 -16.98 -8.25 -2.89
C GLU A 137 -15.92 -8.83 -1.95
N ALA A 138 -15.08 -7.97 -1.40
CA ALA A 138 -13.99 -8.40 -0.55
C ALA A 138 -14.45 -8.84 0.82
N GLU A 139 -15.52 -8.23 1.32
CA GLU A 139 -16.06 -8.64 2.62
C GLU A 139 -16.81 -9.92 2.45
N LYS A 140 -17.62 -9.95 1.42
CA LYS A 140 -18.45 -11.07 1.11
C LYS A 140 -17.63 -12.33 0.87
N PHE A 141 -16.66 -12.25 0.00
CA PHE A 141 -15.80 -13.38 -0.31
C PHE A 141 -14.48 -13.31 0.43
N LYS A 142 -14.48 -12.75 1.65
CA LYS A 142 -13.25 -12.59 2.42
C LYS A 142 -12.58 -13.93 2.72
N GLU A 143 -13.41 -15.00 2.78
CA GLU A 143 -12.92 -16.39 2.96
C GLU A 143 -11.86 -16.73 1.94
N GLU A 144 -12.08 -16.31 0.72
CA GLU A 144 -11.19 -16.59 -0.36
C GLU A 144 -9.91 -15.79 -0.18
N ASP A 145 -10.06 -14.48 -0.04
CA ASP A 145 -8.92 -13.57 0.08
C ASP A 145 -8.02 -13.87 1.28
N GLU A 146 -8.61 -14.17 2.44
CA GLU A 146 -7.81 -14.50 3.62
C GLU A 146 -7.04 -15.80 3.42
N LYS A 147 -7.72 -16.81 2.94
CA LYS A 147 -7.11 -18.08 2.76
C LYS A 147 -6.10 -18.15 1.64
N GLU A 148 -6.24 -17.27 0.65
CA GLU A 148 -5.22 -17.17 -0.39
C GLU A 148 -4.00 -16.47 0.14
N SER A 149 -4.21 -15.43 0.93
CA SER A 149 -3.10 -14.69 1.47
C SER A 149 -2.30 -15.53 2.47
N GLN A 150 -2.97 -16.45 3.16
CA GLN A 150 -2.29 -17.37 4.07
C GLN A 150 -1.39 -18.34 3.31
N ARG A 151 -1.76 -18.65 2.07
CA ARG A 151 -0.96 -19.56 1.21
C ARG A 151 0.35 -18.87 0.85
N ILE A 152 0.26 -17.58 0.65
CA ILE A 152 1.40 -16.78 0.26
C ILE A 152 2.21 -16.44 1.50
N ALA A 153 1.49 -15.99 2.54
CA ALA A 153 2.01 -15.62 3.88
C ALA A 153 2.77 -14.30 3.89
N SER A 154 3.58 -14.09 2.86
CA SER A 154 4.41 -12.90 2.68
C SER A 154 5.60 -12.93 3.65
N LYS A 155 6.66 -12.34 3.22
CA LYS A 155 7.85 -12.22 4.00
C LYS A 155 8.14 -10.73 4.16
N ASN A 156 7.11 -9.91 3.85
CA ASN A 156 7.21 -8.43 3.87
C ASN A 156 8.22 -7.98 2.84
N GLN A 157 8.12 -8.60 1.67
CA GLN A 157 9.06 -8.36 0.60
C GLN A 157 8.70 -7.12 -0.18
N LEU A 158 9.62 -6.24 -0.32
CA LEU A 158 9.48 -5.11 -1.20
C LEU A 158 10.20 -5.47 -2.46
N GLU A 159 9.81 -4.90 -3.56
CA GLU A 159 10.50 -5.16 -4.78
C GLU A 159 11.05 -3.88 -5.32
N SER A 160 12.06 -4.02 -6.11
CA SER A 160 12.70 -2.92 -6.73
C SER A 160 11.86 -2.41 -7.90
N ILE A 161 11.44 -3.33 -8.74
CA ILE A 161 10.59 -3.03 -9.86
C ILE A 161 9.36 -3.89 -9.79
N ALA A 162 8.30 -3.47 -10.42
CA ALA A 162 7.11 -4.26 -10.44
C ALA A 162 7.23 -5.29 -11.53
N TYR A 163 7.03 -6.54 -11.16
CA TYR A 163 7.09 -7.70 -12.05
C TYR A 163 6.04 -7.67 -13.18
N SER A 164 5.07 -6.81 -13.06
CA SER A 164 4.04 -6.62 -14.04
C SER A 164 3.36 -5.30 -13.79
N LEU A 165 2.50 -4.88 -14.71
CA LEU A 165 1.72 -3.62 -14.61
C LEU A 165 2.58 -2.37 -14.76
N LYS A 166 3.77 -2.55 -15.32
CA LYS A 166 4.64 -1.42 -15.60
C LYS A 166 4.30 -0.84 -16.95
N ASN A 167 4.00 -1.70 -17.89
CA ASN A 167 3.55 -1.24 -19.18
C ASN A 167 2.09 -0.88 -19.09
N THR A 168 1.85 0.38 -18.83
CA THR A 168 0.53 0.91 -18.63
C THR A 168 -0.15 1.30 -19.96
N ILE A 169 0.19 0.55 -21.00
CA ILE A 169 -0.35 0.77 -22.35
C ILE A 169 -1.86 0.52 -22.31
N SER A 170 -2.21 -0.68 -21.86
CA SER A 170 -3.57 -1.16 -21.68
C SER A 170 -4.30 -1.38 -23.02
N GLU A 171 -4.64 -0.30 -23.66
CA GLU A 171 -5.49 -0.36 -24.82
C GLU A 171 -4.78 0.28 -26.01
N ALA A 172 -4.32 -0.53 -26.92
CA ALA A 172 -3.65 -0.02 -28.11
C ALA A 172 -4.22 -0.66 -29.36
N GLY A 173 -4.33 -1.95 -29.33
CA GLY A 173 -4.81 -2.69 -30.47
C GLY A 173 -3.68 -2.98 -31.40
N SER A 1 -16.19 12.70 -9.66
CA SER A 1 -15.93 13.62 -8.54
C SER A 1 -17.26 14.10 -7.92
N SER A 2 -18.25 14.43 -8.78
CA SER A 2 -19.54 14.90 -8.32
C SER A 2 -20.20 13.89 -7.36
N LYS A 3 -20.88 14.42 -6.35
CA LYS A 3 -21.59 13.66 -5.30
C LYS A 3 -20.62 13.03 -4.26
N THR A 4 -19.38 12.85 -4.67
CA THR A 4 -18.34 12.39 -3.79
C THR A 4 -17.76 13.62 -3.06
N GLN A 5 -18.14 14.79 -3.56
CA GLN A 5 -17.77 16.05 -2.98
C GLN A 5 -18.66 16.33 -1.78
N ASP A 6 -18.32 15.72 -0.68
CA ASP A 6 -18.96 15.94 0.58
C ASP A 6 -17.85 16.00 1.60
N LEU A 7 -17.31 17.17 1.75
CA LEU A 7 -16.17 17.36 2.57
C LEU A 7 -16.53 18.02 3.87
N LEU A 8 -17.02 17.24 4.78
CA LEU A 8 -17.36 17.71 6.10
C LEU A 8 -16.60 16.90 7.12
N LEU A 9 -16.97 15.66 7.22
CA LEU A 9 -16.37 14.76 8.16
C LEU A 9 -15.69 13.61 7.43
N LEU A 10 -14.41 13.75 7.22
CA LEU A 10 -13.61 12.67 6.70
C LEU A 10 -12.88 12.14 7.90
N ASP A 11 -13.54 11.29 8.61
CA ASP A 11 -13.07 10.89 9.92
C ASP A 11 -12.56 9.46 9.92
N VAL A 12 -13.02 8.66 8.97
CA VAL A 12 -12.56 7.28 8.89
C VAL A 12 -12.04 6.95 7.51
N ALA A 13 -11.30 5.87 7.43
CA ALA A 13 -10.81 5.35 6.18
C ALA A 13 -11.90 4.47 5.55
N PRO A 14 -12.34 4.79 4.32
CA PRO A 14 -13.44 4.08 3.64
C PRO A 14 -13.04 2.66 3.18
N LEU A 15 -11.76 2.50 2.93
CA LEU A 15 -11.19 1.25 2.47
C LEU A 15 -9.86 1.09 3.17
N SER A 16 -9.33 -0.09 3.13
CA SER A 16 -8.03 -0.35 3.72
C SER A 16 -6.91 0.27 2.83
N LEU A 17 -5.95 0.91 3.47
CA LEU A 17 -4.85 1.53 2.74
C LEU A 17 -3.61 0.68 2.92
N GLY A 18 -2.90 0.45 1.84
CA GLY A 18 -1.72 -0.35 1.92
C GLY A 18 -0.85 -0.23 0.69
N ILE A 19 0.03 -1.17 0.55
CA ILE A 19 0.93 -1.21 -0.58
C ILE A 19 0.84 -2.55 -1.25
N GLU A 20 1.32 -2.60 -2.44
CA GLU A 20 1.41 -3.84 -3.13
C GLU A 20 2.81 -4.35 -2.97
N THR A 21 2.95 -5.53 -2.48
CA THR A 21 4.22 -6.14 -2.40
C THR A 21 4.38 -7.10 -3.56
N ALA A 22 5.61 -7.52 -3.80
CA ALA A 22 5.96 -8.37 -4.92
C ALA A 22 5.03 -9.58 -5.07
N GLY A 23 4.18 -9.54 -6.08
CA GLY A 23 3.29 -10.64 -6.35
C GLY A 23 1.85 -10.24 -6.35
N GLY A 24 1.60 -8.94 -6.27
CA GLY A 24 0.23 -8.44 -6.28
C GLY A 24 -0.45 -8.68 -4.96
N VAL A 25 0.32 -8.62 -3.90
CA VAL A 25 -0.19 -8.87 -2.57
C VAL A 25 -0.52 -7.56 -1.89
N MET A 26 -1.76 -7.44 -1.44
CA MET A 26 -2.22 -6.26 -0.78
C MET A 26 -1.76 -6.27 0.64
N THR A 27 -0.81 -5.46 0.92
CA THR A 27 -0.24 -5.36 2.20
C THR A 27 -0.78 -4.12 2.87
N LYS A 28 -1.70 -4.30 3.78
CA LYS A 28 -2.37 -3.20 4.44
C LYS A 28 -1.54 -2.63 5.55
N LEU A 29 -1.68 -1.35 5.75
CA LEU A 29 -1.08 -0.70 6.89
C LEU A 29 -2.17 -0.02 7.69
N ILE A 30 -3.15 0.53 6.97
CA ILE A 30 -4.27 1.19 7.60
C ILE A 30 -5.51 0.35 7.31
N PRO A 31 -6.18 -0.17 8.34
CA PRO A 31 -7.39 -0.98 8.15
C PRO A 31 -8.62 -0.12 7.77
N ARG A 32 -9.62 -0.76 7.20
CA ARG A 32 -10.85 -0.07 6.85
C ARG A 32 -11.57 0.34 8.13
N ASN A 33 -12.25 1.49 8.11
CA ASN A 33 -13.01 2.03 9.26
C ASN A 33 -12.09 2.56 10.33
N SER A 34 -10.80 2.64 10.02
CA SER A 34 -9.85 3.19 10.94
C SER A 34 -10.08 4.68 11.05
N THR A 35 -10.05 5.15 12.23
CA THR A 35 -10.27 6.52 12.54
C THR A 35 -9.01 7.35 12.34
N ILE A 36 -9.12 8.34 11.51
CA ILE A 36 -8.02 9.21 11.22
C ILE A 36 -8.20 10.48 12.06
N PRO A 37 -7.12 11.24 12.34
CA PRO A 37 -5.74 10.93 11.89
C PRO A 37 -5.13 9.74 12.64
N THR A 38 -4.39 8.94 11.91
CA THR A 38 -3.71 7.80 12.45
C THR A 38 -2.39 7.64 11.69
N LYS A 39 -1.45 6.96 12.28
CA LYS A 39 -0.16 6.73 11.68
C LYS A 39 0.27 5.31 11.98
N LYS A 40 0.83 4.63 11.01
CA LYS A 40 1.31 3.29 11.22
C LYS A 40 2.60 3.11 10.41
N SER A 41 3.63 2.65 11.07
CA SER A 41 4.90 2.40 10.44
C SER A 41 5.12 0.90 10.36
N GLU A 42 5.61 0.44 9.25
CA GLU A 42 5.88 -0.94 9.08
C GLU A 42 7.15 -1.10 8.27
N ILE A 43 8.05 -1.91 8.76
CA ILE A 43 9.31 -2.17 8.07
C ILE A 43 9.12 -3.30 7.07
N PHE A 44 9.59 -3.09 5.88
CA PHE A 44 9.52 -4.06 4.83
C PHE A 44 10.93 -4.36 4.34
N SER A 45 11.10 -5.37 3.52
CA SER A 45 12.41 -5.80 3.14
C SER A 45 12.55 -5.96 1.66
N THR A 46 13.76 -6.02 1.26
CA THR A 46 14.11 -6.15 -0.09
C THR A 46 14.32 -7.64 -0.38
N TYR A 47 13.79 -8.09 -1.50
CA TYR A 47 13.86 -9.49 -1.88
C TYR A 47 14.46 -9.66 -3.23
N ALA A 48 15.53 -8.98 -3.44
CA ALA A 48 16.17 -8.98 -4.70
C ALA A 48 17.56 -8.41 -4.51
N ASP A 49 18.54 -9.18 -4.92
CA ASP A 49 19.94 -8.84 -4.72
C ASP A 49 20.34 -7.55 -5.41
N ASN A 50 21.01 -6.67 -4.65
CA ASN A 50 21.54 -5.40 -5.16
C ASN A 50 20.53 -4.47 -5.81
N GLN A 51 19.42 -4.27 -5.17
CA GLN A 51 18.45 -3.33 -5.66
C GLN A 51 18.94 -1.89 -5.45
N PRO A 52 18.84 -1.03 -6.47
CA PRO A 52 19.23 0.40 -6.37
C PRO A 52 18.30 1.16 -5.41
N GLY A 53 17.15 0.60 -5.19
CA GLY A 53 16.18 1.16 -4.35
C GLY A 53 15.01 0.25 -4.25
N VAL A 54 13.91 0.73 -3.77
CA VAL A 54 12.68 -0.04 -3.75
C VAL A 54 11.59 0.78 -4.39
N LEU A 55 10.73 0.11 -5.09
CA LEU A 55 9.63 0.74 -5.74
C LEU A 55 8.41 0.48 -4.86
N ILE A 56 7.76 1.51 -4.43
CA ILE A 56 6.64 1.38 -3.55
C ILE A 56 5.36 1.81 -4.23
N GLN A 57 4.45 0.88 -4.35
CA GLN A 57 3.18 1.12 -4.99
C GLN A 57 2.08 1.09 -3.93
N VAL A 58 1.40 2.20 -3.75
CA VAL A 58 0.40 2.35 -2.71
C VAL A 58 -1.01 2.17 -3.27
N PHE A 59 -1.76 1.30 -2.65
CA PHE A 59 -3.09 0.95 -3.09
C PHE A 59 -4.11 1.08 -1.96
N GLU A 60 -5.35 1.07 -2.35
CA GLU A 60 -6.49 1.18 -1.48
C GLU A 60 -7.47 0.08 -1.86
N GLY A 61 -7.98 -0.64 -0.90
CA GLY A 61 -8.93 -1.68 -1.23
C GLY A 61 -9.08 -2.72 -0.16
N GLU A 62 -10.08 -3.58 -0.33
CA GLU A 62 -10.41 -4.59 0.67
C GLU A 62 -9.92 -5.99 0.29
N ARG A 63 -9.48 -6.18 -0.94
CA ARG A 63 -9.10 -7.51 -1.34
C ARG A 63 -7.68 -7.81 -0.92
N ALA A 64 -7.42 -9.06 -0.62
CA ALA A 64 -6.11 -9.52 -0.17
C ALA A 64 -5.12 -9.49 -1.31
N LYS A 65 -5.63 -9.53 -2.52
CA LYS A 65 -4.82 -9.41 -3.68
C LYS A 65 -5.18 -8.16 -4.43
N THR A 66 -4.16 -7.40 -4.69
CA THR A 66 -4.21 -6.05 -5.21
C THR A 66 -4.90 -5.91 -6.60
N LYS A 67 -5.10 -7.03 -7.28
CA LYS A 67 -5.70 -7.02 -8.63
C LYS A 67 -7.16 -6.50 -8.69
N ASP A 68 -7.77 -6.25 -7.53
CA ASP A 68 -9.12 -5.64 -7.46
C ASP A 68 -9.06 -4.28 -6.80
N ASN A 69 -7.90 -3.87 -6.40
CA ASN A 69 -7.76 -2.66 -5.58
C ASN A 69 -7.48 -1.41 -6.41
N ASN A 70 -7.55 -0.26 -5.77
CA ASN A 70 -7.39 1.07 -6.40
C ASN A 70 -5.98 1.59 -6.19
N LEU A 71 -5.36 2.15 -7.22
CA LEU A 71 -4.03 2.72 -7.11
C LEU A 71 -4.11 4.15 -6.62
N LEU A 72 -3.49 4.43 -5.50
CA LEU A 72 -3.52 5.76 -4.94
C LEU A 72 -2.32 6.58 -5.34
N GLY A 73 -1.17 5.97 -5.28
CA GLY A 73 0.03 6.68 -5.61
C GLY A 73 1.20 5.75 -5.64
N LYS A 74 2.33 6.26 -6.04
CA LYS A 74 3.51 5.45 -6.18
C LYS A 74 4.75 6.32 -6.13
N PHE A 75 5.80 5.79 -5.54
CA PHE A 75 7.07 6.47 -5.46
C PHE A 75 8.16 5.43 -5.29
N GLU A 76 9.38 5.87 -5.39
CA GLU A 76 10.51 5.00 -5.25
C GLU A 76 11.45 5.57 -4.23
N LEU A 77 12.21 4.73 -3.61
CA LEU A 77 13.24 5.18 -2.69
C LEU A 77 14.53 4.80 -3.37
N SER A 78 15.24 5.77 -3.87
CA SER A 78 16.44 5.52 -4.61
C SER A 78 17.66 5.83 -3.78
N GLY A 79 18.57 4.90 -3.70
CA GLY A 79 19.76 5.12 -2.95
C GLY A 79 19.90 4.13 -1.83
N ILE A 80 19.56 2.91 -2.14
CA ILE A 80 19.68 1.83 -1.22
C ILE A 80 21.08 1.24 -1.36
N PRO A 81 21.73 0.91 -0.23
CA PRO A 81 23.09 0.42 -0.24
C PRO A 81 23.19 -0.97 -0.86
N PRO A 82 24.13 -1.17 -1.81
CA PRO A 82 24.35 -2.48 -2.41
C PRO A 82 24.67 -3.50 -1.32
N ALA A 83 23.78 -4.45 -1.17
CA ALA A 83 23.89 -5.43 -0.14
C ALA A 83 23.34 -6.76 -0.66
N PRO A 84 23.82 -7.88 -0.13
CA PRO A 84 23.37 -9.22 -0.54
C PRO A 84 21.90 -9.49 -0.23
N ARG A 85 21.21 -9.95 -1.26
CA ARG A 85 19.80 -10.42 -1.23
C ARG A 85 18.74 -9.37 -0.79
N GLY A 86 18.90 -8.79 0.38
CA GLY A 86 17.96 -7.82 0.83
C GLY A 86 18.17 -7.39 2.25
N VAL A 87 19.43 -7.15 2.62
CA VAL A 87 19.79 -6.64 3.96
C VAL A 87 19.03 -5.30 4.31
N PRO A 88 18.98 -4.29 3.35
CA PRO A 88 18.20 -3.02 3.51
C PRO A 88 16.84 -3.18 4.24
N GLN A 89 16.55 -2.21 5.08
CA GLN A 89 15.35 -2.18 5.90
C GLN A 89 14.61 -0.90 5.66
N ILE A 90 13.48 -1.01 5.03
CA ILE A 90 12.73 0.15 4.64
C ILE A 90 11.54 0.30 5.56
N GLU A 91 11.54 1.35 6.32
CA GLU A 91 10.45 1.64 7.21
C GLU A 91 9.47 2.54 6.49
N VAL A 92 8.32 2.00 6.19
CA VAL A 92 7.31 2.73 5.50
C VAL A 92 6.26 3.18 6.50
N THR A 93 6.00 4.45 6.51
CA THR A 93 5.06 5.02 7.42
C THR A 93 3.89 5.61 6.66
N PHE A 94 2.73 5.20 7.07
CA PHE A 94 1.49 5.70 6.56
C PHE A 94 0.85 6.58 7.60
N ASP A 95 0.77 7.86 7.34
CA ASP A 95 0.03 8.72 8.22
C ASP A 95 -1.08 9.37 7.45
N VAL A 96 -2.25 9.33 7.99
CA VAL A 96 -3.38 9.91 7.33
C VAL A 96 -3.90 11.04 8.19
N ASP A 97 -3.86 12.23 7.67
CA ASP A 97 -4.36 13.38 8.40
C ASP A 97 -5.84 13.60 8.11
N SER A 98 -6.43 14.56 8.77
CA SER A 98 -7.85 14.83 8.69
C SER A 98 -8.33 15.42 7.34
N ASN A 99 -7.41 15.68 6.42
CA ASN A 99 -7.80 16.18 5.10
C ASN A 99 -8.03 15.01 4.17
N GLY A 100 -7.71 13.82 4.67
CA GLY A 100 -7.80 12.64 3.85
C GLY A 100 -6.53 12.46 3.06
N ILE A 101 -5.48 13.07 3.55
CA ILE A 101 -4.20 12.98 2.93
C ILE A 101 -3.34 11.93 3.63
N LEU A 102 -2.85 11.01 2.85
CA LEU A 102 -1.99 9.96 3.31
C LEU A 102 -0.56 10.30 2.94
N ASN A 103 0.24 10.51 3.91
CA ASN A 103 1.63 10.79 3.69
C ASN A 103 2.38 9.50 3.84
N VAL A 104 2.95 9.05 2.78
CA VAL A 104 3.66 7.79 2.78
C VAL A 104 5.13 8.07 2.73
N SER A 105 5.82 7.69 3.77
CA SER A 105 7.24 7.90 3.86
C SER A 105 7.95 6.57 3.93
N ALA A 106 9.07 6.49 3.31
CA ALA A 106 9.88 5.31 3.36
C ALA A 106 11.29 5.70 3.73
N VAL A 107 11.81 5.10 4.77
CA VAL A 107 13.14 5.42 5.24
C VAL A 107 14.00 4.15 5.23
N GLU A 108 15.15 4.24 4.59
CA GLU A 108 16.10 3.14 4.54
C GLU A 108 17.17 3.36 5.59
N LYS A 109 17.32 2.40 6.46
CA LYS A 109 18.26 2.51 7.57
C LYS A 109 19.70 2.19 7.16
N GLY A 110 19.86 1.68 5.96
CA GLY A 110 21.18 1.38 5.44
C GLY A 110 21.95 2.61 4.99
N THR A 111 21.27 3.59 4.45
CA THR A 111 21.93 4.82 4.01
C THR A 111 21.43 6.04 4.76
N GLY A 112 20.22 5.97 5.27
CA GLY A 112 19.64 7.08 5.97
C GLY A 112 18.76 7.88 5.05
N LYS A 113 18.58 7.39 3.84
CA LYS A 113 17.72 8.04 2.89
C LYS A 113 16.27 7.79 3.19
N SER A 114 15.48 8.72 2.82
CA SER A 114 14.09 8.65 3.02
C SER A 114 13.41 9.38 1.88
N ASN A 115 12.25 8.95 1.55
CA ASN A 115 11.46 9.62 0.54
C ASN A 115 10.01 9.50 0.92
N LYS A 116 9.24 10.53 0.65
CA LYS A 116 7.85 10.56 0.99
C LYS A 116 7.09 11.38 -0.01
N ILE A 117 5.86 11.00 -0.27
CA ILE A 117 5.01 11.74 -1.18
C ILE A 117 3.64 11.94 -0.58
N THR A 118 2.89 12.82 -1.16
CA THR A 118 1.57 13.15 -0.73
C THR A 118 0.55 12.36 -1.54
N ILE A 119 -0.10 11.40 -0.92
CA ILE A 119 -1.09 10.60 -1.59
C ILE A 119 -2.45 10.85 -0.95
N THR A 120 -3.33 11.42 -1.67
CA THR A 120 -4.63 11.64 -1.12
C THR A 120 -5.67 10.96 -1.99
N ASN A 121 -6.69 10.47 -1.37
CA ASN A 121 -7.77 9.83 -2.07
C ASN A 121 -8.85 10.84 -2.31
N ASP A 122 -8.51 11.72 -3.23
CA ASP A 122 -9.26 12.91 -3.62
C ASP A 122 -10.71 12.59 -4.04
N LYS A 123 -11.50 13.63 -4.15
CA LYS A 123 -12.93 13.57 -4.50
C LYS A 123 -13.10 12.95 -5.90
N GLY A 124 -12.07 13.06 -6.73
CA GLY A 124 -12.11 12.48 -8.04
C GLY A 124 -11.31 11.19 -8.12
N ARG A 125 -10.88 10.68 -6.98
CA ARG A 125 -10.11 9.46 -6.94
C ARG A 125 -11.07 8.29 -6.82
N LEU A 126 -12.03 8.43 -5.95
CA LEU A 126 -13.00 7.41 -5.68
C LEU A 126 -14.38 7.81 -6.11
N SER A 127 -15.10 6.86 -6.60
CA SER A 127 -16.51 6.98 -6.78
C SER A 127 -17.12 6.28 -5.55
N LYS A 128 -18.42 6.42 -5.32
CA LYS A 128 -19.03 5.74 -4.18
C LYS A 128 -18.98 4.24 -4.43
N GLU A 129 -19.09 3.87 -5.70
CA GLU A 129 -19.06 2.49 -6.12
C GLU A 129 -17.77 1.81 -5.74
N ASP A 130 -16.63 2.50 -5.87
CA ASP A 130 -15.31 1.88 -5.58
C ASP A 130 -15.28 1.33 -4.17
N ILE A 131 -15.82 2.11 -3.27
CA ILE A 131 -15.88 1.76 -1.88
C ILE A 131 -16.84 0.57 -1.70
N GLU A 132 -18.07 0.75 -2.16
CA GLU A 132 -19.14 -0.24 -2.02
C GLU A 132 -18.76 -1.58 -2.63
N LYS A 133 -18.17 -1.55 -3.82
CA LYS A 133 -17.75 -2.74 -4.53
C LYS A 133 -16.75 -3.52 -3.73
N MET A 134 -15.66 -2.88 -3.33
CA MET A 134 -14.58 -3.58 -2.65
C MET A 134 -15.02 -4.11 -1.30
N VAL A 135 -15.80 -3.31 -0.58
CA VAL A 135 -16.33 -3.71 0.71
C VAL A 135 -17.22 -4.94 0.56
N ALA A 136 -18.08 -4.92 -0.45
CA ALA A 136 -19.00 -6.02 -0.72
C ALA A 136 -18.25 -7.22 -1.24
N GLU A 137 -17.32 -6.98 -2.12
CA GLU A 137 -16.55 -8.00 -2.79
C GLU A 137 -15.78 -8.85 -1.78
N ALA A 138 -15.06 -8.18 -0.88
CA ALA A 138 -14.25 -8.87 0.13
C ALA A 138 -15.13 -9.60 1.10
N GLU A 139 -16.27 -9.02 1.38
CA GLU A 139 -17.26 -9.66 2.23
C GLU A 139 -17.81 -10.92 1.54
N LYS A 140 -18.11 -10.78 0.28
CA LYS A 140 -18.69 -11.83 -0.55
C LYS A 140 -17.71 -12.99 -0.71
N PHE A 141 -16.54 -12.68 -1.16
CA PHE A 141 -15.52 -13.68 -1.43
C PHE A 141 -14.54 -13.78 -0.28
N LYS A 142 -15.03 -13.63 0.95
CA LYS A 142 -14.15 -13.69 2.13
C LYS A 142 -13.37 -14.99 2.19
N GLU A 143 -14.00 -16.07 1.73
CA GLU A 143 -13.38 -17.39 1.66
C GLU A 143 -12.13 -17.38 0.82
N GLU A 144 -12.20 -16.67 -0.29
CA GLU A 144 -11.10 -16.55 -1.20
C GLU A 144 -9.98 -15.82 -0.49
N ASP A 145 -10.29 -14.63 -0.02
CA ASP A 145 -9.32 -13.74 0.60
C ASP A 145 -8.70 -14.29 1.86
N GLU A 146 -9.49 -14.83 2.78
CA GLU A 146 -8.92 -15.34 4.02
C GLU A 146 -8.02 -16.54 3.79
N LYS A 147 -8.40 -17.43 2.88
CA LYS A 147 -7.56 -18.58 2.57
C LYS A 147 -6.26 -18.15 1.90
N GLU A 148 -6.32 -17.05 1.16
CA GLU A 148 -5.15 -16.48 0.53
C GLU A 148 -4.28 -15.79 1.58
N SER A 149 -4.92 -15.13 2.52
CA SER A 149 -4.23 -14.42 3.60
C SER A 149 -3.50 -15.42 4.53
N GLN A 150 -3.94 -16.66 4.52
CA GLN A 150 -3.30 -17.72 5.29
C GLN A 150 -2.12 -18.30 4.53
N ARG A 151 -2.14 -18.16 3.21
CA ARG A 151 -1.05 -18.65 2.36
C ARG A 151 0.00 -17.58 2.23
N ILE A 152 -0.43 -16.36 2.39
CA ILE A 152 0.44 -15.24 2.34
C ILE A 152 0.75 -14.79 3.76
N ALA A 153 1.72 -15.40 4.36
CA ALA A 153 2.10 -15.01 5.70
C ALA A 153 3.11 -13.88 5.64
N SER A 154 2.61 -12.69 5.32
CA SER A 154 3.36 -11.45 5.24
C SER A 154 4.57 -11.54 4.29
N LYS A 155 4.38 -11.12 3.04
CA LYS A 155 5.46 -11.16 2.06
C LYS A 155 6.50 -10.15 2.45
N ASN A 156 6.06 -8.88 2.50
CA ASN A 156 6.93 -7.74 2.85
C ASN A 156 8.09 -7.62 1.86
N GLN A 157 7.84 -8.14 0.66
CA GLN A 157 8.82 -8.21 -0.39
C GLN A 157 8.76 -6.96 -1.24
N LEU A 158 9.87 -6.27 -1.33
CA LEU A 158 9.99 -5.09 -2.14
C LEU A 158 11.05 -5.31 -3.20
N GLU A 159 10.78 -4.82 -4.39
CA GLU A 159 11.75 -4.79 -5.44
C GLU A 159 11.85 -3.37 -6.04
N SER A 160 12.94 -3.10 -6.70
CA SER A 160 13.23 -1.77 -7.21
C SER A 160 12.55 -1.56 -8.51
N ILE A 161 12.44 -2.59 -9.25
CA ILE A 161 11.84 -2.56 -10.52
C ILE A 161 10.80 -3.61 -10.48
N ALA A 162 9.61 -3.26 -10.80
CA ALA A 162 8.52 -4.19 -10.73
C ALA A 162 8.61 -5.15 -11.87
N TYR A 163 8.80 -6.42 -11.55
CA TYR A 163 8.91 -7.46 -12.55
C TYR A 163 7.58 -7.66 -13.28
N SER A 164 6.50 -7.18 -12.62
CA SER A 164 5.13 -7.13 -13.15
C SER A 164 4.61 -8.45 -13.74
N LEU A 165 5.07 -9.57 -13.22
CA LEU A 165 4.58 -10.86 -13.69
C LEU A 165 3.24 -11.15 -13.02
N LYS A 166 2.24 -10.44 -13.47
CA LYS A 166 0.90 -10.53 -12.96
C LYS A 166 -0.08 -10.76 -14.09
N ASN A 167 0.43 -10.75 -15.31
CA ASN A 167 -0.42 -10.92 -16.48
C ASN A 167 -0.59 -12.40 -16.75
N THR A 168 -1.82 -12.85 -16.66
CA THR A 168 -2.17 -14.22 -16.96
C THR A 168 -3.31 -14.24 -17.96
N ILE A 169 -3.51 -13.10 -18.60
CA ILE A 169 -4.63 -12.90 -19.49
C ILE A 169 -4.41 -13.64 -20.79
N SER A 170 -5.43 -14.43 -21.17
CA SER A 170 -5.41 -15.25 -22.37
C SER A 170 -4.41 -16.39 -22.20
N GLU A 171 -4.24 -16.80 -20.93
CA GLU A 171 -3.38 -17.88 -20.50
C GLU A 171 -1.90 -17.49 -20.50
N ALA A 172 -1.23 -17.90 -19.47
CA ALA A 172 0.18 -17.63 -19.28
C ALA A 172 0.85 -18.89 -18.77
N GLY A 173 1.69 -19.45 -19.56
CA GLY A 173 2.36 -20.64 -19.18
C GLY A 173 3.68 -20.71 -19.86
N SER A 1 -36.07 3.10 7.17
CA SER A 1 -35.94 4.48 6.74
C SER A 1 -35.58 4.50 5.26
N SER A 2 -35.18 5.64 4.75
CA SER A 2 -34.76 5.78 3.38
C SER A 2 -33.22 5.87 3.35
N LYS A 3 -32.60 5.19 4.33
CA LYS A 3 -31.15 5.08 4.52
C LYS A 3 -30.51 6.38 4.95
N THR A 4 -30.56 7.36 4.05
CA THR A 4 -29.82 8.57 4.16
C THR A 4 -28.33 8.22 4.01
N GLN A 5 -27.86 8.23 2.79
CA GLN A 5 -26.49 7.85 2.54
C GLN A 5 -25.55 8.88 3.15
N ASP A 6 -24.59 8.40 3.90
CA ASP A 6 -23.70 9.29 4.64
C ASP A 6 -22.66 9.95 3.75
N LEU A 7 -23.07 10.96 3.04
CA LEU A 7 -22.16 11.71 2.19
C LEU A 7 -21.63 12.90 2.98
N LEU A 8 -21.91 12.89 4.26
CA LEU A 8 -21.51 13.97 5.14
C LEU A 8 -20.68 13.42 6.29
N LEU A 9 -20.41 12.13 6.27
CA LEU A 9 -19.73 11.48 7.38
C LEU A 9 -18.74 10.43 6.92
N LEU A 10 -17.50 10.84 6.77
CA LEU A 10 -16.42 9.94 6.42
C LEU A 10 -15.23 10.16 7.35
N ASP A 11 -15.29 9.57 8.54
CA ASP A 11 -14.18 9.62 9.51
C ASP A 11 -13.40 8.36 9.44
N VAL A 12 -13.67 7.59 8.43
CA VAL A 12 -13.02 6.34 8.24
C VAL A 12 -12.46 6.24 6.86
N ALA A 13 -11.49 5.37 6.69
CA ALA A 13 -10.97 5.06 5.39
C ALA A 13 -12.02 4.22 4.68
N PRO A 14 -12.36 4.57 3.42
CA PRO A 14 -13.41 3.87 2.65
C PRO A 14 -13.01 2.44 2.30
N LEU A 15 -11.73 2.25 2.19
CA LEU A 15 -11.13 1.03 1.73
C LEU A 15 -9.84 0.86 2.51
N SER A 16 -9.26 -0.28 2.42
CA SER A 16 -8.04 -0.60 3.08
C SER A 16 -6.85 -0.01 2.30
N LEU A 17 -5.93 0.53 3.01
CA LEU A 17 -4.77 1.14 2.44
C LEU A 17 -3.57 0.24 2.64
N GLY A 18 -2.91 -0.06 1.55
CA GLY A 18 -1.77 -0.91 1.59
C GLY A 18 -0.86 -0.70 0.42
N ILE A 19 0.05 -1.62 0.24
CA ILE A 19 1.03 -1.53 -0.82
C ILE A 19 1.14 -2.80 -1.61
N GLU A 20 1.54 -2.62 -2.85
CA GLU A 20 1.84 -3.72 -3.76
C GLU A 20 3.18 -4.30 -3.35
N THR A 21 3.17 -5.51 -2.94
CA THR A 21 4.37 -6.16 -2.57
C THR A 21 4.69 -7.30 -3.53
N ALA A 22 5.98 -7.64 -3.62
CA ALA A 22 6.56 -8.56 -4.61
C ALA A 22 5.77 -9.86 -4.83
N GLY A 23 4.99 -9.87 -5.91
CA GLY A 23 4.30 -11.07 -6.30
C GLY A 23 2.84 -10.82 -6.55
N GLY A 24 2.39 -9.66 -6.20
CA GLY A 24 1.00 -9.33 -6.34
C GLY A 24 0.31 -9.48 -5.03
N VAL A 25 1.08 -9.26 -4.00
CA VAL A 25 0.62 -9.35 -2.66
C VAL A 25 0.22 -7.99 -2.20
N MET A 26 -0.99 -7.83 -1.79
CA MET A 26 -1.41 -6.58 -1.27
C MET A 26 -1.21 -6.60 0.22
N THR A 27 -0.23 -5.89 0.64
CA THR A 27 0.11 -5.80 2.02
C THR A 27 -0.70 -4.69 2.68
N LYS A 28 -1.69 -5.10 3.46
CA LYS A 28 -2.58 -4.18 4.17
C LYS A 28 -1.89 -3.63 5.41
N LEU A 29 -1.86 -2.32 5.56
CA LEU A 29 -1.36 -1.72 6.78
C LEU A 29 -2.51 -1.20 7.60
N ILE A 30 -3.44 -0.54 6.92
CA ILE A 30 -4.57 0.08 7.56
C ILE A 30 -5.84 -0.33 6.82
N PRO A 31 -6.80 -0.95 7.50
CA PRO A 31 -8.03 -1.38 6.88
C PRO A 31 -9.08 -0.27 6.78
N ARG A 32 -10.11 -0.52 6.01
CA ARG A 32 -11.26 0.36 5.94
C ARG A 32 -11.93 0.39 7.32
N ASN A 33 -12.58 1.50 7.65
CA ASN A 33 -13.29 1.65 8.95
C ASN A 33 -12.37 1.65 10.16
N SER A 34 -11.09 1.88 9.94
CA SER A 34 -10.12 1.90 11.04
C SER A 34 -10.19 3.23 11.84
N THR A 35 -11.10 4.11 11.45
CA THR A 35 -11.33 5.41 12.05
C THR A 35 -10.08 6.31 12.04
N ILE A 36 -10.03 7.19 11.08
CA ILE A 36 -8.91 8.08 10.89
C ILE A 36 -9.16 9.38 11.68
N PRO A 37 -8.12 10.17 12.06
CA PRO A 37 -6.69 9.92 11.75
C PRO A 37 -6.17 8.56 12.26
N THR A 38 -5.28 8.01 11.50
CA THR A 38 -4.70 6.72 11.75
C THR A 38 -3.24 6.74 11.27
N LYS A 39 -2.36 6.01 11.91
CA LYS A 39 -0.99 5.91 11.43
C LYS A 39 -0.56 4.47 11.58
N LYS A 40 0.34 4.02 10.76
CA LYS A 40 0.87 2.69 10.88
C LYS A 40 2.28 2.65 10.33
N SER A 41 3.22 2.24 11.13
CA SER A 41 4.59 2.06 10.70
C SER A 41 4.89 0.57 10.69
N GLU A 42 5.48 0.10 9.63
CA GLU A 42 5.82 -1.29 9.54
C GLU A 42 7.22 -1.44 8.93
N ILE A 43 7.87 -2.56 9.23
CA ILE A 43 9.20 -2.85 8.73
C ILE A 43 9.09 -3.74 7.49
N PHE A 44 9.70 -3.32 6.41
CA PHE A 44 9.66 -4.04 5.16
C PHE A 44 11.09 -4.32 4.68
N SER A 45 11.22 -5.24 3.76
CA SER A 45 12.51 -5.53 3.18
C SER A 45 12.29 -5.90 1.71
N THR A 46 13.33 -6.20 1.00
CA THR A 46 13.22 -6.53 -0.38
C THR A 46 13.84 -7.93 -0.65
N TYR A 47 13.32 -8.61 -1.67
CA TYR A 47 13.86 -9.94 -2.10
C TYR A 47 14.99 -9.77 -3.07
N ALA A 48 15.68 -8.71 -2.96
CA ALA A 48 16.61 -8.40 -3.95
C ALA A 48 17.90 -7.93 -3.36
N ASP A 49 18.94 -8.61 -3.70
CA ASP A 49 20.25 -8.26 -3.22
C ASP A 49 20.83 -7.19 -4.10
N ASN A 50 21.37 -6.16 -3.47
CA ASN A 50 22.06 -5.05 -4.15
C ASN A 50 21.14 -4.21 -5.02
N GLN A 51 19.84 -4.32 -4.82
CA GLN A 51 18.89 -3.55 -5.60
C GLN A 51 18.97 -2.09 -5.15
N PRO A 52 19.24 -1.16 -6.10
CA PRO A 52 19.50 0.27 -5.77
C PRO A 52 18.25 1.09 -5.44
N GLY A 53 17.24 0.46 -4.88
CA GLY A 53 16.05 1.18 -4.55
C GLY A 53 14.89 0.28 -4.27
N VAL A 54 13.75 0.90 -4.02
CA VAL A 54 12.48 0.23 -3.80
C VAL A 54 11.35 1.02 -4.46
N LEU A 55 10.36 0.31 -4.93
CA LEU A 55 9.23 0.87 -5.60
C LEU A 55 8.03 0.79 -4.69
N ILE A 56 7.60 1.92 -4.17
CA ILE A 56 6.48 1.93 -3.28
C ILE A 56 5.27 2.49 -4.02
N GLN A 57 4.37 1.61 -4.37
CA GLN A 57 3.13 2.01 -4.97
C GLN A 57 1.99 1.70 -4.03
N VAL A 58 1.13 2.67 -3.85
CA VAL A 58 0.06 2.60 -2.87
C VAL A 58 -1.23 2.13 -3.51
N PHE A 59 -1.84 1.16 -2.89
CA PHE A 59 -3.09 0.61 -3.34
C PHE A 59 -4.13 0.71 -2.26
N GLU A 60 -5.31 1.02 -2.69
CA GLU A 60 -6.45 1.17 -1.85
C GLU A 60 -7.48 0.10 -2.27
N GLY A 61 -7.91 -0.67 -1.35
CA GLY A 61 -8.84 -1.73 -1.61
C GLY A 61 -8.65 -2.83 -0.62
N GLU A 62 -9.54 -3.79 -0.58
CA GLU A 62 -9.41 -4.83 0.41
C GLU A 62 -8.63 -6.04 -0.08
N ARG A 63 -8.89 -6.47 -1.30
CA ARG A 63 -8.41 -7.77 -1.75
C ARG A 63 -6.89 -7.94 -1.78
N ALA A 64 -6.44 -9.03 -1.18
CA ALA A 64 -5.03 -9.47 -1.14
C ALA A 64 -4.40 -9.61 -2.53
N LYS A 65 -5.24 -9.70 -3.56
CA LYS A 65 -4.78 -9.71 -4.92
C LYS A 65 -4.81 -8.27 -5.36
N THR A 66 -3.65 -7.69 -5.52
CA THR A 66 -3.53 -6.27 -5.82
C THR A 66 -4.21 -5.89 -7.15
N LYS A 67 -4.49 -6.88 -7.99
CA LYS A 67 -5.15 -6.64 -9.26
C LYS A 67 -6.57 -6.04 -9.11
N ASP A 68 -7.20 -6.25 -7.94
CA ASP A 68 -8.55 -5.70 -7.70
C ASP A 68 -8.48 -4.34 -7.05
N ASN A 69 -7.30 -3.92 -6.71
CA ASN A 69 -7.14 -2.73 -5.90
C ASN A 69 -6.92 -1.48 -6.71
N ASN A 70 -7.20 -0.38 -6.09
CA ASN A 70 -7.14 0.94 -6.68
C ASN A 70 -5.76 1.54 -6.49
N LEU A 71 -5.16 2.00 -7.56
CA LEU A 71 -3.86 2.65 -7.50
C LEU A 71 -4.06 4.15 -7.31
N LEU A 72 -3.33 4.74 -6.38
CA LEU A 72 -3.42 6.18 -6.13
C LEU A 72 -2.16 6.91 -6.57
N GLY A 73 -1.07 6.20 -6.57
CA GLY A 73 0.19 6.78 -6.97
C GLY A 73 1.33 5.95 -6.46
N LYS A 74 2.55 6.39 -6.73
CA LYS A 74 3.72 5.68 -6.30
C LYS A 74 4.86 6.64 -6.13
N PHE A 75 5.85 6.22 -5.39
CA PHE A 75 7.07 6.96 -5.26
C PHE A 75 8.20 5.97 -5.26
N GLU A 76 9.21 6.28 -6.01
CA GLU A 76 10.30 5.40 -6.18
C GLU A 76 11.49 5.94 -5.42
N LEU A 77 12.01 5.17 -4.51
CA LEU A 77 13.13 5.60 -3.70
C LEU A 77 14.33 4.88 -4.24
N SER A 78 15.32 5.61 -4.64
CA SER A 78 16.48 5.04 -5.26
C SER A 78 17.73 5.46 -4.48
N GLY A 79 18.85 4.84 -4.78
CA GLY A 79 20.09 5.16 -4.10
C GLY A 79 20.26 4.35 -2.86
N ILE A 80 19.45 3.32 -2.74
CA ILE A 80 19.49 2.42 -1.60
C ILE A 80 20.78 1.61 -1.63
N PRO A 81 21.43 1.44 -0.45
CA PRO A 81 22.71 0.74 -0.32
C PRO A 81 22.69 -0.64 -0.98
N PRO A 82 23.65 -0.89 -1.90
CA PRO A 82 23.80 -2.19 -2.50
C PRO A 82 24.38 -3.14 -1.46
N ALA A 83 23.60 -4.09 -1.06
CA ALA A 83 23.96 -5.03 -0.05
C ALA A 83 23.01 -6.20 -0.16
N PRO A 84 23.38 -7.39 0.36
CA PRO A 84 22.50 -8.56 0.39
C PRO A 84 21.16 -8.26 1.06
N ARG A 85 20.13 -8.95 0.62
CA ARG A 85 18.78 -8.78 1.12
C ARG A 85 18.76 -9.03 2.62
N GLY A 86 18.07 -8.22 3.34
CA GLY A 86 18.07 -8.35 4.76
C GLY A 86 18.84 -7.23 5.39
N VAL A 87 19.85 -6.75 4.67
CA VAL A 87 20.59 -5.59 5.10
C VAL A 87 19.74 -4.32 4.92
N PRO A 88 19.36 -3.92 3.65
CA PRO A 88 18.48 -2.77 3.43
C PRO A 88 17.12 -3.02 4.06
N GLN A 89 16.77 -2.19 5.01
CA GLN A 89 15.56 -2.35 5.76
C GLN A 89 14.74 -1.10 5.65
N ILE A 90 13.61 -1.18 5.00
CA ILE A 90 12.82 -0.02 4.75
C ILE A 90 11.57 -0.03 5.59
N GLU A 91 11.43 0.95 6.41
CA GLU A 91 10.26 1.14 7.20
C GLU A 91 9.33 2.02 6.41
N VAL A 92 8.08 1.65 6.33
CA VAL A 92 7.13 2.46 5.65
C VAL A 92 6.02 2.85 6.62
N THR A 93 5.81 4.13 6.73
CA THR A 93 4.78 4.65 7.58
C THR A 93 3.64 5.21 6.75
N PHE A 94 2.47 4.73 7.05
CA PHE A 94 1.25 5.20 6.50
C PHE A 94 0.61 6.14 7.50
N ASP A 95 0.63 7.40 7.22
CA ASP A 95 0.03 8.38 8.10
C ASP A 95 -1.20 8.97 7.44
N VAL A 96 -2.34 8.64 7.97
CA VAL A 96 -3.60 9.02 7.36
C VAL A 96 -4.32 10.07 8.22
N ASP A 97 -4.59 11.23 7.66
CA ASP A 97 -5.38 12.22 8.38
C ASP A 97 -6.86 12.06 8.02
N SER A 98 -7.70 12.88 8.60
CA SER A 98 -9.15 12.77 8.46
C SER A 98 -9.70 13.19 7.09
N ASN A 99 -8.86 13.69 6.21
CA ASN A 99 -9.33 14.15 4.92
C ASN A 99 -9.07 13.10 3.87
N GLY A 100 -8.49 12.00 4.31
CA GLY A 100 -8.15 10.94 3.39
C GLY A 100 -6.80 11.20 2.76
N ILE A 101 -6.00 11.96 3.46
CA ILE A 101 -4.68 12.26 3.02
C ILE A 101 -3.71 11.35 3.73
N LEU A 102 -3.02 10.57 2.95
CA LEU A 102 -2.07 9.61 3.41
C LEU A 102 -0.66 10.07 3.09
N ASN A 103 0.12 10.26 4.09
CA ASN A 103 1.51 10.56 3.91
C ASN A 103 2.26 9.27 4.03
N VAL A 104 2.86 8.83 2.95
CA VAL A 104 3.58 7.58 2.94
C VAL A 104 5.05 7.90 3.01
N SER A 105 5.71 7.36 3.99
CA SER A 105 7.11 7.61 4.17
C SER A 105 7.87 6.31 4.16
N ALA A 106 8.91 6.25 3.37
CA ALA A 106 9.77 5.08 3.32
C ALA A 106 11.14 5.47 3.82
N VAL A 107 11.63 4.77 4.81
CA VAL A 107 12.90 5.06 5.42
C VAL A 107 13.78 3.81 5.49
N GLU A 108 14.93 3.87 4.86
CA GLU A 108 15.90 2.81 4.91
C GLU A 108 16.73 3.06 6.18
N LYS A 109 16.61 2.14 7.11
CA LYS A 109 17.16 2.26 8.46
C LYS A 109 18.69 2.33 8.54
N GLY A 110 19.40 1.81 7.56
CA GLY A 110 20.85 1.78 7.65
C GLY A 110 21.50 3.07 7.22
N THR A 111 21.14 3.54 6.07
CA THR A 111 21.69 4.76 5.55
C THR A 111 20.95 5.99 6.05
N GLY A 112 19.73 5.80 6.50
CA GLY A 112 18.95 6.91 6.98
C GLY A 112 18.27 7.60 5.85
N LYS A 113 18.08 6.87 4.78
CA LYS A 113 17.42 7.40 3.61
C LYS A 113 15.96 7.44 3.81
N SER A 114 15.43 8.59 3.70
CA SER A 114 14.04 8.80 3.95
C SER A 114 13.45 9.56 2.77
N ASN A 115 12.31 9.11 2.33
CA ASN A 115 11.60 9.76 1.25
C ASN A 115 10.13 9.60 1.50
N LYS A 116 9.36 10.63 1.26
CA LYS A 116 7.94 10.55 1.46
C LYS A 116 7.17 11.32 0.42
N ILE A 117 5.89 11.11 0.40
CA ILE A 117 5.02 11.67 -0.60
C ILE A 117 3.62 11.88 0.02
N THR A 118 2.81 12.68 -0.61
CA THR A 118 1.47 12.91 -0.16
C THR A 118 0.49 12.21 -1.11
N ILE A 119 -0.12 11.16 -0.64
CA ILE A 119 -1.05 10.39 -1.41
C ILE A 119 -2.43 10.56 -0.81
N THR A 120 -3.24 11.29 -1.46
CA THR A 120 -4.58 11.46 -1.01
C THR A 120 -5.48 10.92 -2.08
N ASN A 121 -6.63 10.44 -1.68
CA ASN A 121 -7.55 9.97 -2.65
C ASN A 121 -8.32 11.12 -3.25
N ASP A 122 -7.81 11.56 -4.39
CA ASP A 122 -8.31 12.70 -5.15
C ASP A 122 -9.73 12.51 -5.64
N LYS A 123 -10.29 13.56 -6.17
CA LYS A 123 -11.63 13.52 -6.65
C LYS A 123 -11.65 12.81 -7.98
N GLY A 124 -12.38 11.73 -8.03
CA GLY A 124 -12.36 10.91 -9.19
C GLY A 124 -11.49 9.69 -8.98
N ARG A 125 -10.90 9.59 -7.79
CA ARG A 125 -10.12 8.42 -7.43
C ARG A 125 -11.08 7.34 -7.00
N LEU A 126 -12.04 7.72 -6.19
CA LEU A 126 -13.11 6.84 -5.79
C LEU A 126 -14.39 7.34 -6.34
N SER A 127 -15.14 6.46 -6.95
CA SER A 127 -16.49 6.74 -7.20
C SER A 127 -17.20 6.14 -6.00
N LYS A 128 -18.44 6.48 -5.76
CA LYS A 128 -19.13 5.88 -4.64
C LYS A 128 -19.27 4.39 -4.89
N GLU A 129 -19.38 4.05 -6.18
CA GLU A 129 -19.46 2.67 -6.64
C GLU A 129 -18.24 1.87 -6.23
N ASP A 130 -17.03 2.43 -6.44
CA ASP A 130 -15.77 1.74 -6.07
C ASP A 130 -15.81 1.29 -4.64
N ILE A 131 -16.27 2.21 -3.80
CA ILE A 131 -16.38 1.99 -2.38
C ILE A 131 -17.37 0.85 -2.09
N GLU A 132 -18.60 1.02 -2.56
CA GLU A 132 -19.69 0.06 -2.31
C GLU A 132 -19.28 -1.33 -2.79
N LYS A 133 -18.83 -1.39 -4.03
CA LYS A 133 -18.51 -2.64 -4.68
C LYS A 133 -17.37 -3.36 -4.00
N MET A 134 -16.24 -2.67 -3.78
CA MET A 134 -15.10 -3.33 -3.15
C MET A 134 -15.44 -3.78 -1.77
N VAL A 135 -16.11 -2.92 -1.02
CA VAL A 135 -16.49 -3.24 0.33
C VAL A 135 -17.41 -4.45 0.40
N ALA A 136 -18.48 -4.43 -0.38
CA ALA A 136 -19.46 -5.52 -0.38
C ALA A 136 -18.84 -6.82 -0.85
N GLU A 137 -18.04 -6.72 -1.88
CA GLU A 137 -17.39 -7.87 -2.46
C GLU A 137 -16.35 -8.48 -1.54
N ALA A 138 -15.53 -7.65 -0.95
CA ALA A 138 -14.49 -8.11 -0.02
C ALA A 138 -15.10 -8.59 1.27
N GLU A 139 -16.28 -8.08 1.58
CA GLU A 139 -17.04 -8.50 2.73
C GLU A 139 -17.52 -9.94 2.51
N LYS A 140 -18.01 -10.18 1.30
CA LYS A 140 -18.47 -11.49 0.89
C LYS A 140 -17.29 -12.44 0.85
N PHE A 141 -16.28 -12.05 0.11
CA PHE A 141 -15.08 -12.83 -0.05
C PHE A 141 -14.08 -12.50 1.05
N LYS A 142 -14.58 -12.29 2.27
CA LYS A 142 -13.75 -11.95 3.43
C LYS A 142 -12.69 -13.00 3.64
N GLU A 143 -13.13 -14.25 3.61
CA GLU A 143 -12.25 -15.34 3.86
C GLU A 143 -11.18 -15.49 2.80
N GLU A 144 -11.46 -14.99 1.62
CA GLU A 144 -10.57 -15.04 0.49
C GLU A 144 -9.27 -14.29 0.79
N ASP A 145 -9.39 -13.12 1.42
CA ASP A 145 -8.22 -12.33 1.81
C ASP A 145 -7.31 -13.09 2.73
N GLU A 146 -7.89 -13.58 3.79
CA GLU A 146 -7.15 -14.34 4.78
C GLU A 146 -6.67 -15.67 4.24
N LYS A 147 -7.42 -16.25 3.32
CA LYS A 147 -7.07 -17.51 2.71
C LYS A 147 -5.84 -17.34 1.83
N GLU A 148 -5.81 -16.25 1.07
CA GLU A 148 -4.62 -15.93 0.29
C GLU A 148 -3.46 -15.64 1.21
N SER A 149 -3.75 -14.99 2.33
CA SER A 149 -2.73 -14.67 3.32
C SER A 149 -2.08 -15.95 3.91
N GLN A 150 -2.83 -17.04 3.89
CA GLN A 150 -2.33 -18.34 4.35
C GLN A 150 -1.32 -18.88 3.35
N ARG A 151 -1.61 -18.63 2.10
CA ARG A 151 -0.88 -19.19 0.98
C ARG A 151 0.39 -18.39 0.66
N ILE A 152 0.45 -17.16 1.10
CA ILE A 152 1.57 -16.29 0.78
C ILE A 152 2.45 -16.00 2.01
N ALA A 153 3.74 -15.92 1.78
CA ALA A 153 4.69 -15.54 2.80
C ALA A 153 5.43 -14.27 2.36
N SER A 154 5.18 -13.85 1.13
CA SER A 154 5.83 -12.67 0.55
C SER A 154 5.12 -11.36 0.97
N LYS A 155 4.62 -11.36 2.18
CA LYS A 155 3.96 -10.20 2.73
C LYS A 155 5.03 -9.21 3.12
N ASN A 156 4.75 -7.92 2.95
CA ASN A 156 5.66 -6.84 3.39
C ASN A 156 6.99 -6.83 2.60
N GLN A 157 6.98 -7.43 1.42
CA GLN A 157 8.18 -7.51 0.60
C GLN A 157 8.18 -6.49 -0.51
N LEU A 158 9.16 -5.65 -0.52
CA LEU A 158 9.28 -4.58 -1.49
C LEU A 158 10.16 -5.02 -2.63
N GLU A 159 9.93 -4.45 -3.78
CA GLU A 159 10.77 -4.66 -4.93
C GLU A 159 10.86 -3.30 -5.63
N SER A 160 11.91 -3.05 -6.39
CA SER A 160 12.08 -1.77 -7.09
C SER A 160 11.70 -1.95 -8.53
N ILE A 161 12.16 -3.01 -9.11
CA ILE A 161 11.78 -3.35 -10.43
C ILE A 161 11.02 -4.61 -10.41
N ALA A 162 9.78 -4.55 -10.83
CA ALA A 162 8.93 -5.72 -10.84
C ALA A 162 9.55 -6.76 -11.74
N TYR A 163 9.93 -7.89 -11.15
CA TYR A 163 10.58 -8.99 -11.86
C TYR A 163 9.89 -9.36 -13.16
N SER A 164 8.58 -9.46 -13.13
CA SER A 164 7.83 -9.72 -14.31
C SER A 164 6.37 -9.33 -14.20
N LEU A 165 6.02 -8.27 -14.89
CA LEU A 165 4.63 -7.92 -15.09
C LEU A 165 4.19 -8.81 -16.23
N LYS A 166 5.06 -8.86 -17.22
CA LYS A 166 4.94 -9.75 -18.31
C LYS A 166 5.95 -10.84 -18.04
N ASN A 167 5.53 -12.04 -18.05
CA ASN A 167 6.43 -13.13 -17.71
C ASN A 167 6.65 -13.97 -18.94
N THR A 168 7.62 -14.83 -18.90
CA THR A 168 7.89 -15.71 -19.98
C THR A 168 6.86 -16.86 -20.01
N ILE A 169 5.71 -16.57 -20.58
CA ILE A 169 4.60 -17.51 -20.62
C ILE A 169 4.68 -18.39 -21.85
N SER A 170 4.52 -17.77 -23.00
CA SER A 170 4.55 -18.48 -24.26
C SER A 170 5.98 -18.84 -24.65
N GLU A 171 6.93 -18.27 -23.92
CA GLU A 171 8.35 -18.50 -24.14
C GLU A 171 8.78 -19.85 -23.58
N ALA A 172 7.83 -20.58 -23.03
CA ALA A 172 8.06 -21.90 -22.48
C ALA A 172 7.72 -22.96 -23.52
N GLY A 173 7.67 -22.55 -24.77
CA GLY A 173 7.35 -23.42 -25.85
C GLY A 173 7.91 -22.82 -27.11
N SER A 1 -24.03 18.83 2.32
CA SER A 1 -24.21 18.71 3.74
C SER A 1 -23.67 19.96 4.42
N SER A 2 -24.25 20.33 5.53
CA SER A 2 -23.80 21.48 6.26
C SER A 2 -23.50 21.09 7.71
N LYS A 3 -22.29 20.61 7.93
CA LYS A 3 -21.77 20.25 9.24
C LYS A 3 -22.44 19.03 9.85
N THR A 4 -23.55 19.27 10.53
CA THR A 4 -24.13 18.32 11.46
C THR A 4 -23.12 18.20 12.61
N GLN A 5 -22.16 17.30 12.45
CA GLN A 5 -20.99 17.18 13.32
C GLN A 5 -19.89 16.55 12.46
N ASP A 6 -20.08 16.64 11.17
CA ASP A 6 -19.22 16.01 10.19
C ASP A 6 -18.54 17.07 9.37
N LEU A 7 -17.41 16.74 8.82
CA LEU A 7 -16.72 17.62 7.91
C LEU A 7 -16.95 17.14 6.48
N LEU A 8 -16.52 15.92 6.22
CA LEU A 8 -16.67 15.31 4.90
C LEU A 8 -17.61 14.12 4.98
N LEU A 9 -18.21 13.94 6.16
CA LEU A 9 -19.16 12.84 6.46
C LEU A 9 -18.46 11.49 6.63
N LEU A 10 -17.16 11.52 6.52
CA LEU A 10 -16.33 10.37 6.72
C LEU A 10 -15.20 10.75 7.63
N ASP A 11 -15.15 10.12 8.77
CA ASP A 11 -14.10 10.37 9.75
C ASP A 11 -13.28 9.09 9.86
N VAL A 12 -13.43 8.26 8.86
CA VAL A 12 -12.78 6.98 8.79
C VAL A 12 -12.18 6.80 7.43
N ALA A 13 -11.26 5.86 7.32
CA ALA A 13 -10.70 5.49 6.04
C ALA A 13 -11.78 4.73 5.27
N PRO A 14 -12.19 5.23 4.10
CA PRO A 14 -13.28 4.62 3.31
C PRO A 14 -12.92 3.24 2.77
N LEU A 15 -11.66 2.98 2.62
CA LEU A 15 -11.20 1.74 2.09
C LEU A 15 -9.86 1.49 2.71
N SER A 16 -9.42 0.26 2.71
CA SER A 16 -8.11 -0.07 3.22
C SER A 16 -7.04 0.33 2.22
N LEU A 17 -5.94 0.83 2.72
CA LEU A 17 -4.85 1.24 1.88
C LEU A 17 -3.62 0.47 2.24
N GLY A 18 -2.71 0.41 1.32
CA GLY A 18 -1.51 -0.32 1.55
C GLY A 18 -0.59 -0.36 0.36
N ILE A 19 0.24 -1.34 0.32
CA ILE A 19 1.24 -1.49 -0.70
C ILE A 19 1.17 -2.88 -1.32
N GLU A 20 1.74 -3.01 -2.49
CA GLU A 20 1.79 -4.28 -3.18
C GLU A 20 3.15 -4.88 -2.90
N THR A 21 3.16 -5.95 -2.17
CA THR A 21 4.40 -6.63 -1.87
C THR A 21 4.62 -7.72 -2.88
N ALA A 22 5.89 -7.90 -3.27
CA ALA A 22 6.30 -8.70 -4.43
C ALA A 22 5.57 -10.02 -4.56
N GLY A 23 4.57 -10.03 -5.40
CA GLY A 23 3.78 -11.20 -5.63
C GLY A 23 2.34 -10.87 -5.97
N GLY A 24 1.98 -9.60 -5.89
CA GLY A 24 0.63 -9.21 -6.20
C GLY A 24 -0.24 -9.30 -4.98
N VAL A 25 0.39 -9.14 -3.84
CA VAL A 25 -0.27 -9.26 -2.55
C VAL A 25 -0.54 -7.87 -2.01
N MET A 26 -1.76 -7.65 -1.61
CA MET A 26 -2.15 -6.40 -1.03
C MET A 26 -1.81 -6.40 0.44
N THR A 27 -0.81 -5.67 0.78
CA THR A 27 -0.41 -5.52 2.14
C THR A 27 -1.08 -4.27 2.69
N LYS A 28 -2.11 -4.47 3.50
CA LYS A 28 -2.88 -3.39 4.08
C LYS A 28 -2.19 -2.85 5.32
N LEU A 29 -1.96 -1.57 5.34
CA LEU A 29 -1.41 -0.92 6.52
C LEU A 29 -2.51 -0.15 7.21
N ILE A 30 -3.40 0.41 6.41
CA ILE A 30 -4.51 1.17 6.91
C ILE A 30 -5.77 0.42 6.53
N PRO A 31 -6.50 -0.11 7.49
CA PRO A 31 -7.76 -0.78 7.20
C PRO A 31 -8.91 0.22 7.06
N ARG A 32 -9.96 -0.18 6.36
CA ARG A 32 -11.13 0.68 6.23
C ARG A 32 -11.80 0.80 7.61
N ASN A 33 -12.47 1.93 7.85
CA ASN A 33 -13.17 2.20 9.12
C ASN A 33 -12.19 2.39 10.28
N SER A 34 -10.93 2.65 9.94
CA SER A 34 -9.84 2.80 10.91
C SER A 34 -9.98 4.09 11.78
N THR A 35 -10.92 4.96 11.43
CA THR A 35 -11.09 6.24 12.07
C THR A 35 -9.83 7.11 11.92
N ILE A 36 -9.86 7.98 10.95
CA ILE A 36 -8.74 8.82 10.62
C ILE A 36 -8.81 10.11 11.44
N PRO A 37 -7.68 10.80 11.70
CA PRO A 37 -6.33 10.45 11.24
C PRO A 37 -5.84 9.08 11.72
N THR A 38 -5.20 8.39 10.84
CA THR A 38 -4.63 7.11 11.11
C THR A 38 -3.21 7.09 10.60
N LYS A 39 -2.28 6.97 11.50
CA LYS A 39 -0.91 6.89 11.15
C LYS A 39 -0.41 5.51 11.55
N LYS A 40 0.06 4.78 10.61
CA LYS A 40 0.51 3.43 10.83
C LYS A 40 1.91 3.25 10.32
N SER A 41 2.75 2.72 11.15
CA SER A 41 4.09 2.42 10.81
C SER A 41 4.21 0.90 10.75
N GLU A 42 4.65 0.38 9.66
CA GLU A 42 4.80 -1.04 9.49
C GLU A 42 6.18 -1.27 8.90
N ILE A 43 6.89 -2.29 9.35
CA ILE A 43 8.24 -2.50 8.88
C ILE A 43 8.32 -3.61 7.83
N PHE A 44 8.98 -3.31 6.74
CA PHE A 44 9.16 -4.22 5.64
C PHE A 44 10.64 -4.24 5.28
N SER A 45 11.01 -5.13 4.43
CA SER A 45 12.38 -5.24 4.01
C SER A 45 12.40 -5.54 2.53
N THR A 46 13.46 -5.19 1.87
CA THR A 46 13.56 -5.49 0.49
C THR A 46 14.31 -6.79 0.33
N TYR A 47 13.66 -7.73 -0.29
CA TYR A 47 14.21 -9.00 -0.45
C TYR A 47 14.85 -9.20 -1.75
N ALA A 48 16.05 -8.71 -1.78
CA ALA A 48 16.89 -8.73 -2.90
C ALA A 48 18.23 -8.27 -2.40
N ASP A 49 19.27 -8.88 -2.83
CA ASP A 49 20.58 -8.49 -2.36
C ASP A 49 21.30 -7.72 -3.43
N ASN A 50 22.00 -6.68 -2.99
CA ASN A 50 22.74 -5.75 -3.86
C ASN A 50 21.83 -4.85 -4.65
N GLN A 51 20.61 -4.69 -4.15
CA GLN A 51 19.66 -3.77 -4.74
C GLN A 51 20.14 -2.31 -4.61
N PRO A 52 19.95 -1.48 -5.64
CA PRO A 52 20.36 -0.08 -5.61
C PRO A 52 19.17 0.88 -5.42
N GLY A 53 18.04 0.35 -5.04
CA GLY A 53 16.87 1.13 -4.94
C GLY A 53 15.72 0.31 -4.45
N VAL A 54 14.70 0.97 -3.98
CA VAL A 54 13.49 0.33 -3.51
C VAL A 54 12.31 0.96 -4.21
N LEU A 55 11.31 0.18 -4.48
CA LEU A 55 10.16 0.68 -5.21
C LEU A 55 8.96 0.49 -4.31
N ILE A 56 8.29 1.57 -3.99
CA ILE A 56 7.14 1.47 -3.13
C ILE A 56 5.89 1.87 -3.91
N GLN A 57 5.08 0.88 -4.22
CA GLN A 57 3.83 1.08 -4.94
C GLN A 57 2.65 1.03 -3.97
N VAL A 58 1.82 2.08 -4.01
CA VAL A 58 0.72 2.29 -3.07
C VAL A 58 -0.64 2.04 -3.74
N PHE A 59 -1.50 1.30 -3.06
CA PHE A 59 -2.81 0.92 -3.59
C PHE A 59 -3.91 1.07 -2.51
N GLU A 60 -5.15 1.14 -2.97
CA GLU A 60 -6.33 1.13 -2.10
C GLU A 60 -7.09 -0.12 -2.45
N GLY A 61 -7.63 -0.80 -1.49
CA GLY A 61 -8.40 -1.95 -1.82
C GLY A 61 -8.60 -2.89 -0.69
N GLU A 62 -9.69 -3.63 -0.78
CA GLU A 62 -10.03 -4.62 0.21
C GLU A 62 -9.61 -5.99 -0.21
N ARG A 63 -9.29 -6.16 -1.48
CA ARG A 63 -8.98 -7.46 -2.00
C ARG A 63 -7.55 -7.79 -1.64
N ALA A 64 -7.26 -9.06 -1.54
CA ALA A 64 -5.93 -9.53 -1.21
C ALA A 64 -5.08 -9.50 -2.44
N LYS A 65 -5.73 -9.68 -3.55
CA LYS A 65 -5.06 -9.73 -4.79
C LYS A 65 -5.18 -8.37 -5.43
N THR A 66 -4.08 -7.68 -5.43
CA THR A 66 -3.93 -6.29 -5.86
C THR A 66 -4.49 -5.99 -7.29
N LYS A 67 -4.74 -7.04 -8.08
CA LYS A 67 -5.31 -6.87 -9.43
C LYS A 67 -6.71 -6.23 -9.38
N ASP A 68 -7.40 -6.39 -8.26
CA ASP A 68 -8.74 -5.85 -8.09
C ASP A 68 -8.72 -4.60 -7.25
N ASN A 69 -7.53 -4.12 -6.95
CA ASN A 69 -7.35 -2.96 -6.10
C ASN A 69 -6.95 -1.76 -6.93
N ASN A 70 -7.10 -0.58 -6.37
CA ASN A 70 -6.89 0.68 -7.07
C ASN A 70 -5.45 1.15 -6.91
N LEU A 71 -4.83 1.52 -8.01
CA LEU A 71 -3.46 2.02 -8.01
C LEU A 71 -3.49 3.52 -7.76
N LEU A 72 -2.89 3.95 -6.67
CA LEU A 72 -2.83 5.37 -6.34
C LEU A 72 -1.59 6.00 -6.91
N GLY A 73 -0.49 5.31 -6.79
CA GLY A 73 0.74 5.81 -7.27
C GLY A 73 1.87 5.04 -6.68
N LYS A 74 3.05 5.56 -6.77
CA LYS A 74 4.23 4.90 -6.28
C LYS A 74 5.30 5.94 -6.15
N PHE A 75 6.31 5.63 -5.39
CA PHE A 75 7.46 6.46 -5.34
C PHE A 75 8.67 5.56 -5.44
N GLU A 76 9.58 5.97 -6.24
CA GLU A 76 10.73 5.20 -6.55
C GLU A 76 11.92 5.84 -5.85
N LEU A 77 12.60 5.09 -5.02
CA LEU A 77 13.72 5.63 -4.28
C LEU A 77 14.98 4.90 -4.75
N SER A 78 15.80 5.58 -5.49
CA SER A 78 17.03 5.00 -5.97
C SER A 78 18.21 5.59 -5.20
N GLY A 79 19.33 4.92 -5.20
CA GLY A 79 20.48 5.39 -4.48
C GLY A 79 20.66 4.65 -3.19
N ILE A 80 20.06 3.49 -3.12
CA ILE A 80 20.17 2.66 -1.96
C ILE A 80 21.49 1.90 -2.09
N PRO A 81 22.35 1.98 -1.06
CA PRO A 81 23.59 1.22 -1.03
C PRO A 81 23.30 -0.27 -1.18
N PRO A 82 23.92 -0.94 -2.17
CA PRO A 82 23.72 -2.37 -2.38
C PRO A 82 24.09 -3.17 -1.15
N ALA A 83 23.11 -3.75 -0.54
CA ALA A 83 23.30 -4.49 0.68
C ALA A 83 22.63 -5.84 0.58
N PRO A 84 23.04 -6.83 1.40
CA PRO A 84 22.41 -8.15 1.44
C PRO A 84 20.91 -8.08 1.74
N ARG A 85 20.22 -9.13 1.36
CA ARG A 85 18.78 -9.18 1.46
C ARG A 85 18.32 -9.35 2.91
N GLY A 86 17.70 -8.31 3.42
CA GLY A 86 17.24 -8.34 4.79
C GLY A 86 17.94 -7.32 5.63
N VAL A 87 19.07 -6.85 5.15
CA VAL A 87 19.83 -5.83 5.84
C VAL A 87 19.07 -4.49 5.91
N PRO A 88 18.69 -3.85 4.76
CA PRO A 88 17.94 -2.61 4.81
C PRO A 88 16.52 -2.86 5.33
N GLN A 89 16.24 -2.25 6.43
CA GLN A 89 15.01 -2.39 7.13
C GLN A 89 14.25 -1.11 6.94
N ILE A 90 13.11 -1.22 6.35
CA ILE A 90 12.38 -0.07 5.93
C ILE A 90 11.10 0.05 6.70
N GLU A 91 10.96 1.17 7.30
CA GLU A 91 9.81 1.47 8.07
C GLU A 91 8.91 2.32 7.19
N VAL A 92 7.80 1.77 6.82
CA VAL A 92 6.88 2.46 5.97
C VAL A 92 5.75 2.98 6.83
N THR A 93 5.63 4.26 6.86
CA THR A 93 4.66 4.93 7.64
C THR A 93 3.60 5.57 6.75
N PHE A 94 2.38 5.20 6.98
CA PHE A 94 1.22 5.72 6.31
C PHE A 94 0.49 6.65 7.24
N ASP A 95 0.51 7.93 6.97
CA ASP A 95 -0.29 8.86 7.74
C ASP A 95 -1.43 9.40 6.93
N VAL A 96 -2.59 8.91 7.23
CA VAL A 96 -3.83 9.30 6.59
C VAL A 96 -4.50 10.34 7.46
N ASP A 97 -4.73 11.52 6.94
CA ASP A 97 -5.45 12.52 7.70
C ASP A 97 -6.94 12.47 7.38
N SER A 98 -7.71 13.31 8.04
CA SER A 98 -9.17 13.31 7.93
C SER A 98 -9.71 13.67 6.54
N ASN A 99 -8.87 14.19 5.68
CA ASN A 99 -9.29 14.57 4.34
C ASN A 99 -9.03 13.45 3.36
N GLY A 100 -8.46 12.37 3.86
CA GLY A 100 -8.13 11.25 3.00
C GLY A 100 -6.81 11.48 2.29
N ILE A 101 -5.98 12.30 2.87
CA ILE A 101 -4.68 12.58 2.33
C ILE A 101 -3.68 11.68 3.06
N LEU A 102 -2.86 11.02 2.31
CA LEU A 102 -1.92 10.06 2.84
C LEU A 102 -0.48 10.43 2.51
N ASN A 103 0.35 10.54 3.52
CA ASN A 103 1.76 10.67 3.29
C ASN A 103 2.37 9.33 3.51
N VAL A 104 2.97 8.80 2.49
CA VAL A 104 3.62 7.53 2.60
C VAL A 104 5.08 7.80 2.78
N SER A 105 5.58 7.43 3.91
CA SER A 105 6.95 7.68 4.23
C SER A 105 7.70 6.37 4.35
N ALA A 106 8.79 6.25 3.68
CA ALA A 106 9.64 5.09 3.82
C ALA A 106 10.93 5.56 4.43
N VAL A 107 11.39 4.86 5.42
CA VAL A 107 12.63 5.18 6.06
C VAL A 107 13.47 3.93 6.14
N GLU A 108 14.61 3.92 5.54
CA GLU A 108 15.46 2.75 5.62
C GLU A 108 16.52 3.00 6.68
N LYS A 109 16.44 2.25 7.76
CA LYS A 109 17.37 2.43 8.88
C LYS A 109 18.78 1.94 8.54
N GLY A 110 18.88 1.23 7.43
CA GLY A 110 20.16 0.72 6.99
C GLY A 110 20.87 1.67 6.06
N THR A 111 20.13 2.60 5.49
CA THR A 111 20.74 3.53 4.57
C THR A 111 20.93 4.88 5.24
N GLY A 112 19.96 5.23 6.07
CA GLY A 112 19.97 6.51 6.71
C GLY A 112 19.06 7.46 5.97
N LYS A 113 18.47 7.00 4.89
CA LYS A 113 17.60 7.79 4.05
C LYS A 113 16.15 7.64 4.48
N SER A 114 15.35 8.51 3.94
CA SER A 114 13.94 8.48 4.09
C SER A 114 13.34 9.23 2.91
N ASN A 115 12.24 8.78 2.41
CA ASN A 115 11.57 9.46 1.33
C ASN A 115 10.08 9.31 1.50
N LYS A 116 9.33 10.37 1.27
CA LYS A 116 7.91 10.31 1.43
C LYS A 116 7.22 11.01 0.28
N ILE A 117 6.03 10.58 -0.02
CA ILE A 117 5.23 11.16 -1.08
C ILE A 117 3.83 11.40 -0.54
N THR A 118 3.14 12.37 -1.06
CA THR A 118 1.81 12.64 -0.62
C THR A 118 0.83 12.17 -1.66
N ILE A 119 0.11 11.17 -1.31
CA ILE A 119 -0.87 10.58 -2.15
C ILE A 119 -2.22 10.86 -1.53
N THR A 120 -3.08 11.50 -2.22
CA THR A 120 -4.36 11.80 -1.70
C THR A 120 -5.39 11.18 -2.61
N ASN A 121 -6.46 10.72 -2.05
CA ASN A 121 -7.48 10.12 -2.85
C ASN A 121 -8.45 11.16 -3.36
N ASP A 122 -7.95 11.87 -4.32
CA ASP A 122 -8.59 13.00 -4.93
C ASP A 122 -9.02 12.62 -6.36
N LYS A 123 -9.68 13.54 -7.06
CA LYS A 123 -10.16 13.38 -8.45
C LYS A 123 -11.37 12.46 -8.48
N GLY A 124 -11.14 11.20 -8.29
CA GLY A 124 -12.19 10.23 -8.30
C GLY A 124 -11.67 8.89 -7.91
N ARG A 125 -11.54 8.67 -6.62
CA ARG A 125 -11.05 7.40 -6.15
C ARG A 125 -12.16 6.67 -5.44
N LEU A 126 -12.70 7.28 -4.41
CA LEU A 126 -13.79 6.66 -3.69
C LEU A 126 -15.06 7.44 -3.86
N SER A 127 -16.01 6.82 -4.48
CA SER A 127 -17.33 7.34 -4.46
C SER A 127 -18.05 6.58 -3.35
N LYS A 128 -19.25 6.96 -2.99
CA LYS A 128 -19.98 6.27 -1.94
C LYS A 128 -20.19 4.79 -2.36
N GLU A 129 -20.37 4.59 -3.67
CA GLU A 129 -20.53 3.28 -4.24
C GLU A 129 -19.25 2.45 -4.09
N ASP A 130 -18.10 3.03 -4.43
CA ASP A 130 -16.80 2.30 -4.37
C ASP A 130 -16.54 1.76 -3.00
N ILE A 131 -16.87 2.57 -2.00
CA ILE A 131 -16.67 2.21 -0.61
C ILE A 131 -17.47 0.94 -0.28
N GLU A 132 -18.78 1.01 -0.47
CA GLU A 132 -19.65 -0.11 -0.12
C GLU A 132 -19.38 -1.35 -0.98
N LYS A 133 -19.11 -1.14 -2.26
CA LYS A 133 -18.92 -2.23 -3.21
C LYS A 133 -17.66 -3.02 -2.96
N MET A 134 -16.55 -2.35 -2.81
CA MET A 134 -15.29 -3.04 -2.61
C MET A 134 -15.21 -3.70 -1.25
N VAL A 135 -15.81 -3.07 -0.26
CA VAL A 135 -15.89 -3.62 1.08
C VAL A 135 -16.81 -4.85 1.09
N ALA A 136 -17.86 -4.80 0.29
CA ALA A 136 -18.81 -5.90 0.21
C ALA A 136 -18.22 -7.11 -0.50
N GLU A 137 -17.62 -6.89 -1.67
CA GLU A 137 -17.10 -8.00 -2.47
C GLU A 137 -15.99 -8.75 -1.73
N ALA A 138 -15.13 -8.02 -1.06
CA ALA A 138 -14.01 -8.62 -0.35
C ALA A 138 -14.46 -9.39 0.86
N GLU A 139 -15.43 -8.83 1.57
CA GLU A 139 -15.95 -9.46 2.77
C GLU A 139 -16.77 -10.70 2.38
N LYS A 140 -17.38 -10.64 1.21
CA LYS A 140 -18.15 -11.74 0.69
C LYS A 140 -17.24 -12.91 0.34
N PHE A 141 -16.15 -12.60 -0.34
CA PHE A 141 -15.16 -13.57 -0.75
C PHE A 141 -14.05 -13.67 0.28
N LYS A 142 -14.43 -13.49 1.53
CA LYS A 142 -13.54 -13.44 2.68
C LYS A 142 -12.64 -14.66 2.75
N GLU A 143 -13.22 -15.83 2.58
CA GLU A 143 -12.47 -17.07 2.64
C GLU A 143 -11.44 -17.15 1.53
N GLU A 144 -11.78 -16.64 0.39
CA GLU A 144 -10.89 -16.67 -0.72
C GLU A 144 -9.79 -15.70 -0.55
N ASP A 145 -10.13 -14.46 -0.37
CA ASP A 145 -9.12 -13.44 -0.32
C ASP A 145 -8.20 -13.56 0.89
N GLU A 146 -8.75 -13.81 2.06
CA GLU A 146 -7.93 -13.89 3.25
C GLU A 146 -7.05 -15.14 3.20
N LYS A 147 -7.57 -16.23 2.67
CA LYS A 147 -6.77 -17.42 2.56
C LYS A 147 -5.78 -17.33 1.40
N GLU A 148 -6.12 -16.54 0.39
CA GLU A 148 -5.17 -16.21 -0.69
C GLU A 148 -4.03 -15.40 -0.12
N SER A 149 -4.34 -14.54 0.85
CA SER A 149 -3.32 -13.75 1.55
C SER A 149 -2.33 -14.71 2.23
N GLN A 150 -2.85 -15.82 2.71
CA GLN A 150 -2.02 -16.85 3.31
C GLN A 150 -1.27 -17.66 2.23
N ARG A 151 -1.95 -17.95 1.13
CA ARG A 151 -1.42 -18.80 0.04
C ARG A 151 -0.35 -18.12 -0.79
N ILE A 152 -0.51 -16.85 -1.08
CA ILE A 152 0.46 -16.15 -1.88
C ILE A 152 1.59 -15.69 -0.98
N ALA A 153 2.64 -16.46 -0.96
CA ALA A 153 3.77 -16.23 -0.10
C ALA A 153 4.58 -15.01 -0.50
N SER A 154 4.37 -13.95 0.21
CA SER A 154 5.10 -12.73 0.07
C SER A 154 5.13 -12.07 1.43
N LYS A 155 6.07 -12.49 2.24
CA LYS A 155 6.11 -12.03 3.59
C LYS A 155 6.94 -10.76 3.74
N ASN A 156 6.24 -9.62 3.67
CA ASN A 156 6.82 -8.28 3.88
C ASN A 156 7.91 -7.97 2.86
N GLN A 157 7.79 -8.53 1.67
CA GLN A 157 8.82 -8.41 0.67
C GLN A 157 8.65 -7.17 -0.20
N LEU A 158 9.64 -6.33 -0.19
CA LEU A 158 9.74 -5.20 -1.07
C LEU A 158 10.81 -5.52 -2.08
N GLU A 159 10.76 -4.94 -3.23
CA GLU A 159 11.75 -5.23 -4.22
C GLU A 159 12.28 -3.93 -4.83
N SER A 160 13.43 -4.03 -5.44
CA SER A 160 14.20 -2.92 -5.99
C SER A 160 13.35 -2.13 -6.98
N ILE A 161 12.75 -2.85 -7.86
CA ILE A 161 11.82 -2.34 -8.82
C ILE A 161 10.61 -3.21 -8.74
N ALA A 162 9.50 -2.70 -9.15
CA ALA A 162 8.33 -3.51 -9.23
C ALA A 162 8.48 -4.36 -10.46
N TYR A 163 8.21 -5.63 -10.34
CA TYR A 163 8.31 -6.60 -11.45
C TYR A 163 7.53 -6.17 -12.72
N SER A 164 6.58 -5.30 -12.54
CA SER A 164 5.77 -4.81 -13.63
C SER A 164 6.47 -3.65 -14.37
N LEU A 165 7.67 -3.30 -13.95
CA LEU A 165 8.39 -2.21 -14.56
C LEU A 165 9.29 -2.68 -15.66
N LYS A 166 8.87 -2.45 -16.88
CA LYS A 166 9.74 -2.59 -18.02
C LYS A 166 9.92 -1.20 -18.57
N ASN A 167 8.82 -0.56 -18.87
CA ASN A 167 8.81 0.86 -19.14
C ASN A 167 7.50 1.45 -18.69
N THR A 168 7.29 1.31 -17.42
CA THR A 168 6.17 1.87 -16.71
C THR A 168 6.73 2.93 -15.75
N ILE A 169 7.66 3.68 -16.30
CA ILE A 169 8.37 4.72 -15.61
C ILE A 169 7.46 5.93 -15.40
N SER A 170 6.88 6.42 -16.51
CA SER A 170 6.00 7.58 -16.54
C SER A 170 6.74 8.87 -16.09
N GLU A 171 6.05 10.01 -16.18
CA GLU A 171 6.51 11.33 -15.73
C GLU A 171 7.64 11.90 -16.63
N ALA A 172 8.70 11.16 -16.77
CA ALA A 172 9.81 11.60 -17.57
C ALA A 172 9.85 10.86 -18.89
N GLY A 173 9.11 11.37 -19.84
CA GLY A 173 9.07 10.76 -21.15
C GLY A 173 7.85 9.92 -21.31
N SER A 1 -18.36 5.62 19.28
CA SER A 1 -19.16 6.78 18.98
C SER A 1 -20.18 6.42 17.89
N SER A 2 -20.99 7.36 17.48
CA SER A 2 -21.93 7.10 16.42
C SER A 2 -21.28 7.41 15.09
N LYS A 3 -21.55 6.57 14.10
CA LYS A 3 -21.00 6.73 12.77
C LYS A 3 -21.59 7.98 12.13
N THR A 4 -20.86 8.58 11.24
CA THR A 4 -21.33 9.73 10.50
C THR A 4 -22.16 9.22 9.28
N GLN A 5 -23.13 8.33 9.58
CA GLN A 5 -24.09 7.73 8.64
C GLN A 5 -23.47 7.02 7.41
N ASP A 6 -22.15 6.84 7.42
CA ASP A 6 -21.39 6.19 6.33
C ASP A 6 -21.63 6.93 5.01
N LEU A 7 -21.80 8.24 5.11
CA LEU A 7 -22.09 9.13 3.96
C LEU A 7 -21.09 8.95 2.82
N LEU A 8 -19.83 9.10 3.13
CA LEU A 8 -18.77 8.97 2.14
C LEU A 8 -17.66 8.12 2.71
N LEU A 9 -18.00 7.43 3.80
CA LEU A 9 -17.05 6.62 4.57
C LEU A 9 -15.83 7.43 4.99
N LEU A 10 -16.06 8.31 5.94
CA LEU A 10 -15.06 9.20 6.44
C LEU A 10 -15.02 9.07 7.95
N ASP A 11 -13.99 9.66 8.59
CA ASP A 11 -13.67 9.55 10.03
C ASP A 11 -13.06 8.19 10.35
N VAL A 12 -13.35 7.25 9.52
CA VAL A 12 -12.78 5.95 9.56
C VAL A 12 -12.23 5.68 8.18
N ALA A 13 -11.25 4.82 8.07
CA ALA A 13 -10.69 4.47 6.78
C ALA A 13 -11.74 3.74 5.94
N PRO A 14 -12.05 4.28 4.74
CA PRO A 14 -13.09 3.71 3.86
C PRO A 14 -12.68 2.39 3.23
N LEU A 15 -11.40 2.24 2.97
CA LEU A 15 -10.83 1.07 2.34
C LEU A 15 -9.47 0.81 2.91
N SER A 16 -9.03 -0.41 2.80
CA SER A 16 -7.75 -0.81 3.27
C SER A 16 -6.65 -0.22 2.38
N LEU A 17 -5.70 0.42 2.99
CA LEU A 17 -4.63 1.06 2.29
C LEU A 17 -3.38 0.26 2.47
N GLY A 18 -2.67 0.04 1.40
CA GLY A 18 -1.47 -0.74 1.50
C GLY A 18 -0.57 -0.60 0.31
N ILE A 19 0.35 -1.52 0.19
CA ILE A 19 1.33 -1.53 -0.87
C ILE A 19 1.34 -2.82 -1.63
N GLU A 20 1.99 -2.80 -2.75
CA GLU A 20 2.18 -3.96 -3.58
C GLU A 20 3.56 -4.53 -3.29
N THR A 21 3.62 -5.76 -2.87
CA THR A 21 4.87 -6.42 -2.72
C THR A 21 4.98 -7.45 -3.83
N ALA A 22 6.20 -7.63 -4.35
CA ALA A 22 6.46 -8.51 -5.50
C ALA A 22 5.80 -9.87 -5.37
N GLY A 23 4.81 -10.08 -6.20
CA GLY A 23 4.05 -11.31 -6.15
C GLY A 23 2.59 -11.07 -6.37
N GLY A 24 2.19 -9.81 -6.24
CA GLY A 24 0.80 -9.47 -6.43
C GLY A 24 0.05 -9.59 -5.15
N VAL A 25 0.73 -9.30 -4.09
CA VAL A 25 0.21 -9.41 -2.77
C VAL A 25 -0.03 -8.03 -2.23
N MET A 26 -1.27 -7.69 -2.02
CA MET A 26 -1.61 -6.41 -1.52
C MET A 26 -1.38 -6.42 -0.03
N THR A 27 -0.34 -5.76 0.34
CA THR A 27 0.15 -5.70 1.67
C THR A 27 -0.56 -4.58 2.39
N LYS A 28 -1.38 -4.93 3.33
CA LYS A 28 -2.28 -4.01 4.00
C LYS A 28 -1.64 -3.37 5.21
N LEU A 29 -1.75 -2.06 5.32
CA LEU A 29 -1.25 -1.35 6.48
C LEU A 29 -2.40 -0.68 7.21
N ILE A 30 -3.18 0.09 6.50
CA ILE A 30 -4.32 0.77 7.11
C ILE A 30 -5.57 -0.03 6.83
N PRO A 31 -6.24 -0.56 7.85
CA PRO A 31 -7.48 -1.31 7.67
C PRO A 31 -8.71 -0.40 7.61
N ARG A 32 -9.77 -0.88 6.96
CA ARG A 32 -11.03 -0.16 6.92
C ARG A 32 -11.64 -0.12 8.32
N ASN A 33 -12.38 0.95 8.62
CA ASN A 33 -13.09 1.17 9.89
C ASN A 33 -12.17 1.63 11.00
N SER A 34 -10.88 1.64 10.74
CA SER A 34 -9.95 2.21 11.65
C SER A 34 -10.15 3.71 11.68
N THR A 35 -10.54 4.20 12.83
CA THR A 35 -10.87 5.57 13.01
C THR A 35 -9.61 6.44 12.96
N ILE A 36 -9.63 7.40 12.06
CA ILE A 36 -8.50 8.28 11.85
C ILE A 36 -8.52 9.45 12.86
N PRO A 37 -7.38 10.15 13.11
CA PRO A 37 -6.09 9.89 12.44
C PRO A 37 -5.47 8.57 12.88
N THR A 38 -4.72 7.98 12.01
CA THR A 38 -4.08 6.75 12.29
C THR A 38 -2.75 6.73 11.56
N LYS A 39 -1.85 5.94 12.04
CA LYS A 39 -0.56 5.81 11.47
C LYS A 39 -0.13 4.39 11.64
N LYS A 40 0.27 3.77 10.58
CA LYS A 40 0.68 2.42 10.63
C LYS A 40 1.99 2.26 9.87
N SER A 41 2.97 1.77 10.54
CA SER A 41 4.26 1.53 9.96
C SER A 41 4.57 0.05 9.95
N GLU A 42 5.37 -0.38 9.00
CA GLU A 42 5.79 -1.75 8.91
C GLU A 42 7.14 -1.76 8.21
N ILE A 43 8.03 -2.64 8.60
CA ILE A 43 9.34 -2.72 7.99
C ILE A 43 9.36 -3.77 6.90
N PHE A 44 9.77 -3.35 5.74
CA PHE A 44 9.90 -4.20 4.60
C PHE A 44 11.32 -4.10 4.10
N SER A 45 11.74 -5.02 3.31
CA SER A 45 13.05 -4.94 2.73
C SER A 45 12.85 -5.03 1.24
N THR A 46 13.89 -4.99 0.49
CA THR A 46 13.74 -4.91 -0.94
C THR A 46 14.50 -6.05 -1.59
N TYR A 47 14.40 -6.17 -2.91
CA TYR A 47 15.22 -7.12 -3.63
C TYR A 47 16.64 -6.65 -3.68
N ALA A 48 17.30 -6.96 -2.62
CA ALA A 48 18.64 -6.60 -2.34
C ALA A 48 19.62 -7.30 -3.24
N ASP A 49 20.89 -6.95 -3.02
CA ASP A 49 22.03 -7.41 -3.79
C ASP A 49 22.19 -6.53 -4.98
N ASN A 50 22.97 -5.47 -4.78
CA ASN A 50 23.25 -4.45 -5.80
C ASN A 50 22.01 -3.68 -6.20
N GLN A 51 21.14 -3.47 -5.24
CA GLN A 51 19.93 -2.71 -5.41
C GLN A 51 20.27 -1.22 -5.49
N PRO A 52 19.75 -0.50 -6.51
CA PRO A 52 19.99 0.94 -6.66
C PRO A 52 18.98 1.79 -5.87
N GLY A 53 17.91 1.18 -5.44
CA GLY A 53 16.91 1.90 -4.75
C GLY A 53 15.76 1.02 -4.39
N VAL A 54 14.70 1.62 -3.90
CA VAL A 54 13.46 0.94 -3.55
C VAL A 54 12.27 1.67 -4.18
N LEU A 55 11.28 0.91 -4.59
CA LEU A 55 10.10 1.43 -5.22
C LEU A 55 8.90 1.08 -4.32
N ILE A 56 8.21 2.08 -3.82
CA ILE A 56 7.05 1.86 -2.98
C ILE A 56 5.80 2.12 -3.81
N GLN A 57 4.97 1.12 -3.91
CA GLN A 57 3.77 1.13 -4.72
C GLN A 57 2.55 1.09 -3.82
N VAL A 58 1.73 2.12 -3.84
CA VAL A 58 0.60 2.25 -2.93
C VAL A 58 -0.73 1.93 -3.64
N PHE A 59 -1.53 1.09 -3.01
CA PHE A 59 -2.82 0.62 -3.55
C PHE A 59 -3.88 0.59 -2.44
N GLU A 60 -5.14 0.87 -2.78
CA GLU A 60 -6.22 0.74 -1.81
C GLU A 60 -7.22 -0.32 -2.28
N GLY A 61 -8.01 -0.82 -1.35
CA GLY A 61 -9.09 -1.72 -1.68
C GLY A 61 -9.03 -3.05 -0.95
N GLU A 62 -10.18 -3.66 -0.76
CA GLU A 62 -10.25 -4.96 -0.13
C GLU A 62 -10.36 -6.04 -1.18
N ARG A 63 -9.28 -6.80 -1.37
CA ARG A 63 -9.35 -8.03 -2.17
C ARG A 63 -8.12 -8.94 -1.96
N ALA A 64 -7.27 -8.61 -0.97
CA ALA A 64 -6.00 -9.34 -0.65
C ALA A 64 -4.95 -9.28 -1.78
N LYS A 65 -5.39 -9.38 -3.00
CA LYS A 65 -4.53 -9.40 -4.14
C LYS A 65 -4.71 -8.13 -4.96
N THR A 66 -3.59 -7.50 -5.22
CA THR A 66 -3.46 -6.22 -5.88
C THR A 66 -4.19 -6.13 -7.24
N LYS A 67 -4.47 -7.27 -7.84
CA LYS A 67 -5.18 -7.38 -9.12
C LYS A 67 -6.52 -6.64 -9.10
N ASP A 68 -7.16 -6.58 -7.96
CA ASP A 68 -8.46 -5.92 -7.85
C ASP A 68 -8.35 -4.62 -7.09
N ASN A 69 -7.14 -4.22 -6.81
CA ASN A 69 -6.88 -3.02 -6.04
C ASN A 69 -6.66 -1.86 -6.96
N ASN A 70 -6.73 -0.68 -6.41
CA ASN A 70 -6.57 0.51 -7.22
C ASN A 70 -5.21 1.12 -6.95
N LEU A 71 -4.59 1.69 -7.95
CA LEU A 71 -3.31 2.32 -7.77
C LEU A 71 -3.49 3.74 -7.28
N LEU A 72 -3.04 3.98 -6.08
CA LEU A 72 -3.11 5.30 -5.50
C LEU A 72 -1.96 6.13 -6.00
N GLY A 73 -0.82 5.51 -6.09
CA GLY A 73 0.33 6.15 -6.58
C GLY A 73 1.55 5.42 -6.15
N LYS A 74 2.70 5.90 -6.53
CA LYS A 74 3.92 5.28 -6.13
C LYS A 74 5.04 6.30 -6.07
N PHE A 75 6.16 5.91 -5.52
CA PHE A 75 7.33 6.76 -5.46
C PHE A 75 8.56 5.89 -5.39
N GLU A 76 9.67 6.40 -5.86
CA GLU A 76 10.90 5.66 -5.84
C GLU A 76 11.91 6.38 -4.98
N LEU A 77 12.69 5.64 -4.28
CA LEU A 77 13.76 6.19 -3.51
C LEU A 77 15.01 5.51 -4.04
N SER A 78 15.79 6.22 -4.78
CA SER A 78 16.98 5.67 -5.36
C SER A 78 18.19 6.33 -4.73
N GLY A 79 19.36 5.89 -5.12
CA GLY A 79 20.55 6.41 -4.54
C GLY A 79 20.96 5.57 -3.39
N ILE A 80 20.42 4.38 -3.34
CA ILE A 80 20.69 3.47 -2.28
C ILE A 80 21.93 2.68 -2.62
N PRO A 81 22.96 2.75 -1.76
CA PRO A 81 24.19 1.99 -1.93
C PRO A 81 23.94 0.49 -2.02
N PRO A 82 24.50 -0.17 -3.07
CA PRO A 82 24.44 -1.63 -3.25
C PRO A 82 24.79 -2.33 -1.95
N ALA A 83 23.96 -3.27 -1.52
CA ALA A 83 24.16 -3.84 -0.19
C ALA A 83 23.57 -5.24 -0.06
N PRO A 84 24.11 -6.04 0.90
CA PRO A 84 23.60 -7.38 1.24
C PRO A 84 22.09 -7.37 1.54
N ARG A 85 21.52 -8.53 1.49
CA ARG A 85 20.11 -8.70 1.58
C ARG A 85 19.64 -8.84 3.02
N GLY A 86 18.59 -8.10 3.36
CA GLY A 86 18.03 -8.14 4.69
C GLY A 86 18.57 -7.05 5.57
N VAL A 87 19.70 -6.49 5.16
CA VAL A 87 20.32 -5.39 5.88
C VAL A 87 19.48 -4.09 5.79
N PRO A 88 19.06 -3.63 4.57
CA PRO A 88 18.21 -2.45 4.46
C PRO A 88 16.82 -2.70 5.03
N GLN A 89 16.39 -1.83 5.90
CA GLN A 89 15.12 -1.93 6.56
C GLN A 89 14.32 -0.71 6.20
N ILE A 90 13.35 -0.87 5.35
CA ILE A 90 12.55 0.23 4.93
C ILE A 90 11.26 0.20 5.70
N GLU A 91 11.10 1.11 6.61
CA GLU A 91 9.90 1.19 7.35
C GLU A 91 8.97 2.09 6.59
N VAL A 92 7.92 1.53 6.09
CA VAL A 92 6.96 2.26 5.33
C VAL A 92 5.86 2.65 6.28
N THR A 93 5.67 3.92 6.38
CA THR A 93 4.73 4.48 7.28
C THR A 93 3.57 5.11 6.52
N PHE A 94 2.38 4.66 6.82
CA PHE A 94 1.16 5.21 6.28
C PHE A 94 0.50 6.04 7.35
N ASP A 95 0.42 7.34 7.14
CA ASP A 95 -0.29 8.19 8.09
C ASP A 95 -1.49 8.81 7.41
N VAL A 96 -2.61 8.71 8.06
CA VAL A 96 -3.85 9.25 7.54
C VAL A 96 -4.41 10.24 8.52
N ASP A 97 -4.54 11.47 8.10
CA ASP A 97 -5.13 12.49 8.96
C ASP A 97 -6.64 12.55 8.73
N SER A 98 -7.31 13.43 9.44
CA SER A 98 -8.75 13.50 9.41
C SER A 98 -9.36 14.11 8.15
N ASN A 99 -8.54 14.56 7.23
CA ASN A 99 -9.06 15.10 5.99
C ASN A 99 -9.05 14.00 4.94
N GLY A 100 -8.45 12.88 5.28
CA GLY A 100 -8.36 11.79 4.35
C GLY A 100 -7.09 11.86 3.53
N ILE A 101 -6.09 12.51 4.07
CA ILE A 101 -4.84 12.64 3.39
C ILE A 101 -3.92 11.52 3.90
N LEU A 102 -3.40 10.74 2.99
CA LEU A 102 -2.50 9.68 3.32
C LEU A 102 -1.08 10.05 2.96
N ASN A 103 -0.23 10.11 3.91
CA ASN A 103 1.15 10.37 3.63
C ASN A 103 1.91 9.09 3.80
N VAL A 104 2.51 8.65 2.75
CA VAL A 104 3.28 7.44 2.76
C VAL A 104 4.73 7.82 2.77
N SER A 105 5.40 7.48 3.81
CA SER A 105 6.79 7.79 3.93
C SER A 105 7.56 6.51 4.09
N ALA A 106 8.67 6.44 3.45
CA ALA A 106 9.51 5.28 3.52
C ALA A 106 10.84 5.70 4.08
N VAL A 107 11.24 5.08 5.15
CA VAL A 107 12.49 5.39 5.79
C VAL A 107 13.35 4.13 5.87
N GLU A 108 14.52 4.20 5.29
CA GLU A 108 15.44 3.09 5.29
C GLU A 108 16.44 3.37 6.42
N LYS A 109 16.47 2.50 7.38
CA LYS A 109 17.25 2.67 8.60
C LYS A 109 18.75 2.42 8.43
N GLY A 110 19.12 1.53 7.53
CA GLY A 110 20.50 1.15 7.38
C GLY A 110 21.35 2.28 6.82
N THR A 111 20.90 2.86 5.75
CA THR A 111 21.61 3.93 5.10
C THR A 111 21.17 5.29 5.64
N GLY A 112 19.99 5.32 6.26
CA GLY A 112 19.48 6.57 6.78
C GLY A 112 18.82 7.39 5.71
N LYS A 113 17.99 6.76 4.94
CA LYS A 113 17.30 7.43 3.86
C LYS A 113 15.83 7.54 4.12
N SER A 114 15.20 8.52 3.54
CA SER A 114 13.78 8.74 3.73
C SER A 114 13.18 9.48 2.54
N ASN A 115 12.01 9.06 2.12
CA ASN A 115 11.26 9.72 1.01
C ASN A 115 9.78 9.50 1.24
N LYS A 116 8.97 10.52 0.99
CA LYS A 116 7.54 10.41 1.20
C LYS A 116 6.74 10.93 0.01
N ILE A 117 5.47 10.62 0.00
CA ILE A 117 4.55 11.11 -1.00
C ILE A 117 3.19 11.37 -0.31
N THR A 118 2.47 12.34 -0.79
CA THR A 118 1.17 12.66 -0.30
C THR A 118 0.09 12.12 -1.24
N ILE A 119 -0.61 11.13 -0.79
CA ILE A 119 -1.66 10.52 -1.54
C ILE A 119 -2.98 10.90 -0.87
N THR A 120 -3.77 11.67 -1.54
CA THR A 120 -5.02 12.06 -0.98
C THR A 120 -6.16 11.45 -1.77
N ASN A 121 -7.25 11.23 -1.09
CA ASN A 121 -8.44 10.70 -1.70
C ASN A 121 -9.12 11.79 -2.55
N ASP A 122 -8.76 11.85 -3.79
CA ASP A 122 -9.39 12.77 -4.69
C ASP A 122 -10.69 12.18 -5.22
N LYS A 123 -11.44 12.99 -5.92
CA LYS A 123 -12.81 12.65 -6.36
C LYS A 123 -12.84 11.50 -7.34
N GLY A 124 -11.77 11.37 -8.09
CA GLY A 124 -11.69 10.34 -9.08
C GLY A 124 -10.87 9.18 -8.60
N ARG A 125 -10.38 9.27 -7.39
CA ARG A 125 -9.57 8.23 -6.83
C ARG A 125 -10.51 7.20 -6.20
N LEU A 126 -11.16 7.60 -5.13
CA LEU A 126 -12.12 6.74 -4.48
C LEU A 126 -13.49 7.34 -4.63
N SER A 127 -14.33 6.66 -5.31
CA SER A 127 -15.69 7.07 -5.40
C SER A 127 -16.45 6.28 -4.37
N LYS A 128 -17.67 6.68 -4.05
CA LYS A 128 -18.51 5.91 -3.14
C LYS A 128 -18.69 4.53 -3.72
N GLU A 129 -18.74 4.47 -5.07
CA GLU A 129 -18.82 3.22 -5.79
C GLU A 129 -17.69 2.30 -5.43
N ASP A 130 -16.46 2.78 -5.58
CA ASP A 130 -15.27 1.95 -5.33
C ASP A 130 -15.31 1.40 -3.95
N ILE A 131 -15.64 2.27 -3.02
CA ILE A 131 -15.72 1.93 -1.62
C ILE A 131 -16.73 0.80 -1.40
N GLU A 132 -17.98 1.01 -1.78
CA GLU A 132 -19.02 0.02 -1.54
C GLU A 132 -18.80 -1.27 -2.35
N LYS A 133 -18.29 -1.15 -3.56
CA LYS A 133 -18.04 -2.33 -4.42
C LYS A 133 -16.97 -3.21 -3.86
N MET A 134 -15.83 -2.63 -3.55
CA MET A 134 -14.69 -3.38 -3.03
C MET A 134 -15.05 -4.06 -1.73
N VAL A 135 -15.68 -3.31 -0.85
CA VAL A 135 -16.11 -3.83 0.43
C VAL A 135 -17.13 -4.96 0.24
N ALA A 136 -18.06 -4.75 -0.68
CA ALA A 136 -19.07 -5.77 -0.97
C ALA A 136 -18.43 -7.04 -1.48
N GLU A 137 -17.47 -6.89 -2.38
CA GLU A 137 -16.77 -8.03 -2.97
C GLU A 137 -15.95 -8.79 -1.95
N ALA A 138 -15.17 -8.09 -1.17
CA ALA A 138 -14.31 -8.71 -0.19
C ALA A 138 -15.11 -9.33 0.93
N GLU A 139 -16.13 -8.64 1.38
CA GLU A 139 -16.98 -9.18 2.42
C GLU A 139 -17.83 -10.33 1.88
N LYS A 140 -18.13 -10.30 0.60
CA LYS A 140 -18.82 -11.38 -0.08
C LYS A 140 -17.95 -12.61 0.00
N PHE A 141 -16.72 -12.47 -0.43
CA PHE A 141 -15.76 -13.54 -0.43
C PHE A 141 -14.86 -13.40 0.80
N LYS A 142 -15.52 -13.23 1.94
CA LYS A 142 -14.91 -12.95 3.24
C LYS A 142 -13.89 -14.03 3.59
N GLU A 143 -14.26 -15.28 3.39
CA GLU A 143 -13.38 -16.39 3.68
C GLU A 143 -12.23 -16.44 2.70
N GLU A 144 -12.46 -15.94 1.53
CA GLU A 144 -11.47 -16.04 0.49
C GLU A 144 -10.34 -15.07 0.76
N ASP A 145 -10.69 -13.81 0.93
CA ASP A 145 -9.72 -12.73 1.19
C ASP A 145 -8.84 -12.99 2.37
N GLU A 146 -9.42 -13.30 3.51
CA GLU A 146 -8.61 -13.53 4.67
C GLU A 146 -7.88 -14.85 4.62
N LYS A 147 -8.49 -15.91 4.10
CA LYS A 147 -7.78 -17.18 4.02
C LYS A 147 -6.63 -17.12 3.03
N GLU A 148 -6.80 -16.37 1.94
CA GLU A 148 -5.70 -16.14 1.00
C GLU A 148 -4.58 -15.41 1.68
N SER A 149 -4.93 -14.51 2.58
CA SER A 149 -3.97 -13.77 3.36
C SER A 149 -3.28 -14.68 4.40
N GLN A 150 -3.92 -15.81 4.71
CA GLN A 150 -3.31 -16.78 5.58
C GLN A 150 -2.39 -17.69 4.78
N ARG A 151 -2.68 -17.84 3.49
CA ARG A 151 -1.88 -18.68 2.58
C ARG A 151 -0.65 -17.90 2.18
N ILE A 152 -0.84 -16.64 1.93
CA ILE A 152 0.22 -15.76 1.52
C ILE A 152 0.73 -15.04 2.75
N ALA A 153 1.92 -15.34 3.18
CA ALA A 153 2.47 -14.75 4.40
C ALA A 153 3.15 -13.41 4.11
N SER A 154 2.94 -12.92 2.88
CA SER A 154 3.50 -11.69 2.35
C SER A 154 5.01 -11.80 2.10
N LYS A 155 5.48 -11.21 1.03
CA LYS A 155 6.88 -11.26 0.71
C LYS A 155 7.62 -10.30 1.57
N ASN A 156 6.97 -9.16 1.85
CA ASN A 156 7.58 -8.05 2.59
C ASN A 156 8.80 -7.56 1.84
N GLN A 157 8.73 -7.68 0.53
CA GLN A 157 9.81 -7.33 -0.34
C GLN A 157 9.36 -6.28 -1.31
N LEU A 158 10.12 -5.24 -1.34
CA LEU A 158 9.93 -4.10 -2.17
C LEU A 158 10.72 -4.28 -3.45
N GLU A 159 10.29 -3.61 -4.46
CA GLU A 159 10.95 -3.64 -5.73
C GLU A 159 12.11 -2.67 -5.70
N SER A 160 13.19 -3.04 -6.32
CA SER A 160 14.39 -2.22 -6.30
C SER A 160 14.54 -1.40 -7.59
N ILE A 161 13.91 -1.88 -8.64
CA ILE A 161 13.98 -1.25 -9.93
C ILE A 161 12.58 -1.15 -10.46
N ALA A 162 12.37 -0.23 -11.36
CA ALA A 162 11.07 -0.14 -11.95
C ALA A 162 10.96 -1.20 -13.03
N TYR A 163 10.10 -2.16 -12.79
CA TYR A 163 9.80 -3.22 -13.76
C TYR A 163 8.77 -2.71 -14.73
N SER A 164 8.17 -1.62 -14.35
CA SER A 164 7.19 -0.95 -15.10
C SER A 164 7.86 -0.08 -16.15
N LEU A 165 7.72 -0.49 -17.38
CA LEU A 165 8.32 0.18 -18.50
C LEU A 165 7.62 1.51 -18.81
N LYS A 166 8.01 2.53 -18.10
CA LYS A 166 7.55 3.87 -18.37
C LYS A 166 8.67 4.54 -19.14
N ASN A 167 9.87 4.44 -18.57
CA ASN A 167 11.10 4.91 -19.21
C ASN A 167 12.22 3.97 -18.85
N THR A 168 12.35 3.72 -17.55
CA THR A 168 13.39 2.88 -16.91
C THR A 168 14.81 3.43 -17.04
N ILE A 169 14.95 4.53 -17.75
CA ILE A 169 16.22 5.22 -17.96
C ILE A 169 16.43 6.21 -16.80
N SER A 170 15.51 6.19 -15.87
CA SER A 170 15.46 7.05 -14.72
C SER A 170 16.39 6.60 -13.57
N GLU A 171 17.43 5.86 -13.91
CA GLU A 171 18.37 5.43 -12.92
C GLU A 171 19.78 5.78 -13.36
N ALA A 172 20.32 5.00 -14.28
CA ALA A 172 21.66 5.26 -14.79
C ALA A 172 21.59 5.55 -16.29
N GLY A 173 20.79 4.78 -16.96
CA GLY A 173 20.61 4.91 -18.36
C GLY A 173 19.82 3.73 -18.83
N SER A 1 -26.03 13.38 -11.58
CA SER A 1 -25.19 14.30 -12.34
C SER A 1 -23.87 14.58 -11.59
N SER A 2 -23.98 14.92 -10.31
CA SER A 2 -22.83 15.20 -9.50
C SER A 2 -22.09 13.91 -9.18
N LYS A 3 -20.80 13.91 -9.48
CA LYS A 3 -19.96 12.76 -9.23
C LYS A 3 -19.63 12.66 -7.76
N THR A 4 -19.61 13.83 -7.10
CA THR A 4 -19.44 13.95 -5.66
C THR A 4 -17.99 13.67 -5.19
N GLN A 5 -17.52 14.52 -4.29
CA GLN A 5 -16.24 14.38 -3.68
C GLN A 5 -16.41 13.42 -2.50
N ASP A 6 -17.22 13.88 -1.56
CA ASP A 6 -17.59 13.15 -0.38
C ASP A 6 -18.78 13.85 0.18
N LEU A 7 -19.52 13.18 1.01
CA LEU A 7 -20.70 13.79 1.59
C LEU A 7 -20.49 14.07 3.06
N LEU A 8 -20.25 13.04 3.82
CA LEU A 8 -20.05 13.20 5.26
C LEU A 8 -18.65 12.75 5.59
N LEU A 9 -17.70 13.07 4.70
CA LEU A 9 -16.29 12.72 4.83
C LEU A 9 -16.09 11.21 4.77
N LEU A 10 -14.87 10.82 4.89
CA LEU A 10 -14.49 9.47 5.05
C LEU A 10 -13.75 9.40 6.36
N ASP A 11 -14.49 9.23 7.44
CA ASP A 11 -13.94 9.27 8.79
C ASP A 11 -13.25 7.97 9.15
N VAL A 12 -13.61 6.94 8.44
CA VAL A 12 -12.96 5.69 8.59
C VAL A 12 -12.48 5.25 7.23
N ALA A 13 -11.40 4.52 7.20
CA ALA A 13 -10.88 3.98 5.95
C ALA A 13 -11.93 3.07 5.32
N PRO A 14 -12.45 3.42 4.13
CA PRO A 14 -13.52 2.66 3.48
C PRO A 14 -13.07 1.24 3.17
N LEU A 15 -11.83 1.14 2.76
CA LEU A 15 -11.16 -0.10 2.47
C LEU A 15 -9.81 -0.03 3.14
N SER A 16 -9.13 -1.12 3.21
CA SER A 16 -7.83 -1.18 3.77
C SER A 16 -6.80 -0.69 2.73
N LEU A 17 -5.82 0.05 3.17
CA LEU A 17 -4.79 0.56 2.27
C LEU A 17 -3.47 -0.12 2.53
N GLY A 18 -2.61 -0.09 1.56
CA GLY A 18 -1.34 -0.75 1.69
C GLY A 18 -0.53 -0.70 0.42
N ILE A 19 0.36 -1.67 0.27
CA ILE A 19 1.27 -1.72 -0.88
C ILE A 19 1.14 -3.01 -1.67
N GLU A 20 1.75 -3.01 -2.84
CA GLU A 20 1.81 -4.16 -3.74
C GLU A 20 3.15 -4.88 -3.55
N THR A 21 3.15 -6.13 -3.11
CA THR A 21 4.40 -6.87 -2.98
C THR A 21 4.45 -8.03 -3.98
N ALA A 22 5.67 -8.47 -4.31
CA ALA A 22 5.93 -9.52 -5.31
C ALA A 22 5.01 -10.70 -5.21
N GLY A 23 4.10 -10.77 -6.15
CA GLY A 23 3.19 -11.88 -6.23
C GLY A 23 1.79 -11.39 -6.28
N GLY A 24 1.62 -10.09 -6.17
CA GLY A 24 0.29 -9.53 -6.21
C GLY A 24 -0.33 -9.59 -4.86
N VAL A 25 0.51 -9.46 -3.85
CA VAL A 25 0.09 -9.55 -2.48
C VAL A 25 -0.17 -8.16 -1.97
N MET A 26 -1.42 -7.87 -1.67
CA MET A 26 -1.77 -6.57 -1.17
C MET A 26 -1.45 -6.56 0.30
N THR A 27 -0.42 -5.86 0.60
CA THR A 27 0.11 -5.78 1.91
C THR A 27 -0.56 -4.62 2.63
N LYS A 28 -1.45 -4.95 3.52
CA LYS A 28 -2.28 -3.98 4.21
C LYS A 28 -1.53 -3.26 5.34
N LEU A 29 -1.50 -1.95 5.26
CA LEU A 29 -0.94 -1.10 6.29
C LEU A 29 -2.03 -0.48 7.11
N ILE A 30 -2.94 0.16 6.44
CA ILE A 30 -4.04 0.84 7.09
C ILE A 30 -5.22 -0.10 7.02
N PRO A 31 -5.65 -0.67 8.15
CA PRO A 31 -6.77 -1.62 8.17
C PRO A 31 -8.08 -0.94 7.80
N ARG A 32 -9.02 -1.70 7.29
CA ARG A 32 -10.31 -1.17 6.92
C ARG A 32 -11.07 -0.75 8.17
N ASN A 33 -11.85 0.32 8.05
CA ASN A 33 -12.69 0.88 9.13
C ASN A 33 -11.85 1.52 10.21
N SER A 34 -10.61 1.82 9.91
CA SER A 34 -9.77 2.49 10.86
C SER A 34 -10.22 3.93 10.99
N THR A 35 -10.41 4.35 12.21
CA THR A 35 -10.84 5.66 12.49
C THR A 35 -9.67 6.62 12.34
N ILE A 36 -9.79 7.55 11.42
CA ILE A 36 -8.70 8.46 11.18
C ILE A 36 -8.75 9.60 12.20
N PRO A 37 -7.58 10.18 12.57
CA PRO A 37 -6.24 9.85 12.00
C PRO A 37 -5.74 8.43 12.35
N THR A 38 -4.98 7.86 11.43
CA THR A 38 -4.43 6.52 11.58
C THR A 38 -3.00 6.49 11.00
N LYS A 39 -2.06 6.07 11.80
CA LYS A 39 -0.68 5.95 11.40
C LYS A 39 -0.24 4.51 11.60
N LYS A 40 0.54 4.01 10.67
CA LYS A 40 1.06 2.67 10.73
C LYS A 40 2.51 2.74 10.28
N SER A 41 3.39 2.12 11.02
CA SER A 41 4.81 2.16 10.69
C SER A 41 5.39 0.75 10.77
N GLU A 42 6.00 0.28 9.67
CA GLU A 42 6.56 -1.07 9.61
C GLU A 42 7.85 -1.07 8.84
N ILE A 43 8.72 -2.00 9.16
CA ILE A 43 9.97 -2.15 8.46
C ILE A 43 9.83 -3.19 7.38
N PHE A 44 10.06 -2.76 6.18
CA PHE A 44 9.96 -3.58 5.02
C PHE A 44 11.35 -3.82 4.45
N SER A 45 11.53 -4.91 3.74
CA SER A 45 12.80 -5.24 3.14
C SER A 45 12.55 -6.11 1.92
N THR A 46 13.41 -6.01 0.95
CA THR A 46 13.23 -6.69 -0.29
C THR A 46 13.99 -8.02 -0.23
N TYR A 47 13.99 -8.77 -1.31
CA TYR A 47 14.75 -9.99 -1.36
C TYR A 47 16.17 -9.63 -1.69
N ALA A 48 17.08 -9.87 -0.74
CA ALA A 48 18.50 -9.60 -0.90
C ALA A 48 18.85 -8.13 -0.81
N ASP A 49 20.12 -7.87 -0.90
CA ASP A 49 20.68 -6.54 -0.85
C ASP A 49 21.29 -6.24 -2.21
N ASN A 50 21.52 -4.96 -2.49
CA ASN A 50 22.11 -4.47 -3.75
C ASN A 50 21.20 -4.27 -4.91
N GLN A 51 19.93 -4.20 -4.67
CA GLN A 51 19.06 -3.70 -5.69
C GLN A 51 18.99 -2.18 -5.52
N PRO A 52 19.26 -1.43 -6.60
CA PRO A 52 19.43 0.05 -6.55
C PRO A 52 18.15 0.88 -6.30
N GLY A 53 17.20 0.36 -5.60
CA GLY A 53 16.02 1.13 -5.34
C GLY A 53 14.93 0.33 -4.71
N VAL A 54 14.06 0.99 -4.04
CA VAL A 54 12.83 0.39 -3.54
C VAL A 54 11.64 1.21 -4.03
N LEU A 55 10.66 0.52 -4.53
CA LEU A 55 9.45 1.12 -5.05
C LEU A 55 8.28 0.86 -4.11
N ILE A 56 7.73 1.92 -3.59
CA ILE A 56 6.60 1.82 -2.70
C ILE A 56 5.36 2.14 -3.51
N GLN A 57 4.56 1.13 -3.79
CA GLN A 57 3.35 1.28 -4.60
C GLN A 57 2.16 1.24 -3.69
N VAL A 58 1.43 2.33 -3.64
CA VAL A 58 0.33 2.50 -2.72
C VAL A 58 -1.00 2.15 -3.37
N PHE A 59 -1.73 1.25 -2.76
CA PHE A 59 -3.01 0.80 -3.22
C PHE A 59 -4.03 0.80 -2.09
N GLU A 60 -5.28 0.85 -2.45
CA GLU A 60 -6.38 0.71 -1.50
C GLU A 60 -7.25 -0.44 -2.00
N GLY A 61 -7.58 -1.38 -1.13
CA GLY A 61 -8.35 -2.50 -1.58
C GLY A 61 -8.41 -3.63 -0.56
N GLU A 62 -9.45 -4.43 -0.68
CA GLU A 62 -9.70 -5.52 0.24
C GLU A 62 -9.25 -6.89 -0.30
N ARG A 63 -9.42 -7.08 -1.62
CA ARG A 63 -9.42 -8.41 -2.36
C ARG A 63 -8.12 -9.27 -2.27
N ALA A 64 -7.20 -8.90 -1.37
CA ALA A 64 -5.90 -9.61 -1.13
C ALA A 64 -4.93 -9.51 -2.30
N LYS A 65 -5.42 -9.67 -3.50
CA LYS A 65 -4.63 -9.60 -4.67
C LYS A 65 -4.79 -8.25 -5.27
N THR A 66 -3.70 -7.54 -5.29
CA THR A 66 -3.63 -6.15 -5.63
C THR A 66 -4.14 -5.80 -7.04
N LYS A 67 -4.30 -6.79 -7.88
CA LYS A 67 -4.84 -6.60 -9.20
C LYS A 67 -6.33 -6.16 -9.19
N ASP A 68 -7.03 -6.44 -8.08
CA ASP A 68 -8.43 -5.98 -7.92
C ASP A 68 -8.47 -4.77 -7.01
N ASN A 69 -7.32 -4.32 -6.59
CA ASN A 69 -7.21 -3.24 -5.65
C ASN A 69 -6.76 -1.99 -6.38
N ASN A 70 -7.21 -0.85 -5.92
CA ASN A 70 -7.04 0.41 -6.62
C ASN A 70 -5.70 1.06 -6.38
N LEU A 71 -5.04 1.45 -7.47
CA LEU A 71 -3.75 2.14 -7.42
C LEU A 71 -3.95 3.61 -7.07
N LEU A 72 -3.21 4.08 -6.10
CA LEU A 72 -3.27 5.46 -5.68
C LEU A 72 -2.09 6.25 -6.22
N GLY A 73 -0.91 5.73 -5.98
CA GLY A 73 0.29 6.38 -6.41
C GLY A 73 1.47 5.56 -5.99
N LYS A 74 2.66 5.97 -6.35
CA LYS A 74 3.85 5.25 -5.98
C LYS A 74 5.05 6.18 -5.97
N PHE A 75 6.14 5.74 -5.39
CA PHE A 75 7.39 6.49 -5.42
C PHE A 75 8.56 5.53 -5.15
N GLU A 76 9.71 5.86 -5.69
CA GLU A 76 10.88 5.04 -5.50
C GLU A 76 11.94 5.78 -4.71
N LEU A 77 12.67 5.06 -3.90
CA LEU A 77 13.81 5.58 -3.18
C LEU A 77 15.02 4.94 -3.87
N SER A 78 15.87 5.74 -4.43
CA SER A 78 16.96 5.24 -5.23
C SER A 78 18.26 5.26 -4.41
N GLY A 79 19.24 4.50 -4.85
CA GLY A 79 20.52 4.45 -4.18
C GLY A 79 20.45 3.72 -2.86
N ILE A 80 20.08 2.47 -2.92
CA ILE A 80 19.99 1.62 -1.75
C ILE A 80 21.40 1.08 -1.45
N PRO A 81 21.86 1.15 -0.18
CA PRO A 81 23.25 0.82 0.20
C PRO A 81 23.65 -0.64 -0.03
N PRO A 82 24.98 -0.88 -0.20
CA PRO A 82 25.53 -2.23 -0.22
C PRO A 82 25.72 -2.72 1.21
N ALA A 83 25.11 -3.81 1.52
CA ALA A 83 25.15 -4.38 2.85
C ALA A 83 25.06 -5.90 2.74
N PRO A 84 25.19 -6.67 3.86
CA PRO A 84 24.89 -8.08 3.81
C PRO A 84 23.44 -8.30 3.30
N ARG A 85 23.20 -9.41 2.63
CA ARG A 85 21.92 -9.72 1.98
C ARG A 85 20.68 -9.46 2.85
N GLY A 86 19.93 -8.43 2.49
CA GLY A 86 18.67 -8.16 3.15
C GLY A 86 18.76 -7.19 4.31
N VAL A 87 19.93 -6.68 4.60
CA VAL A 87 20.12 -5.78 5.76
C VAL A 87 19.27 -4.46 5.71
N PRO A 88 19.29 -3.67 4.57
CA PRO A 88 18.51 -2.42 4.46
C PRO A 88 17.10 -2.53 5.01
N GLN A 89 16.83 -1.70 5.99
CA GLN A 89 15.56 -1.70 6.67
C GLN A 89 14.81 -0.49 6.19
N ILE A 90 13.84 -0.67 5.37
CA ILE A 90 13.11 0.46 4.92
C ILE A 90 11.84 0.56 5.72
N GLU A 91 11.81 1.52 6.56
CA GLU A 91 10.70 1.75 7.42
C GLU A 91 9.69 2.59 6.68
N VAL A 92 8.58 1.99 6.36
CA VAL A 92 7.55 2.64 5.63
C VAL A 92 6.46 3.04 6.62
N THR A 93 6.21 4.30 6.67
CA THR A 93 5.25 4.86 7.55
C THR A 93 4.10 5.47 6.76
N PHE A 94 2.91 5.04 7.08
CA PHE A 94 1.69 5.53 6.52
C PHE A 94 1.00 6.38 7.55
N ASP A 95 0.94 7.67 7.33
CA ASP A 95 0.22 8.53 8.26
C ASP A 95 -0.98 9.18 7.59
N VAL A 96 -2.15 8.84 8.06
CA VAL A 96 -3.41 9.38 7.58
C VAL A 96 -3.91 10.38 8.62
N ASP A 97 -4.26 11.57 8.20
CA ASP A 97 -4.78 12.59 9.12
C ASP A 97 -6.30 12.47 9.21
N SER A 98 -6.94 13.45 9.82
CA SER A 98 -8.37 13.44 10.02
C SER A 98 -9.17 13.83 8.74
N ASN A 99 -8.47 14.20 7.69
CA ASN A 99 -9.11 14.48 6.40
C ASN A 99 -8.99 13.26 5.51
N GLY A 100 -8.18 12.31 5.93
CA GLY A 100 -7.98 11.14 5.13
C GLY A 100 -6.84 11.32 4.14
N ILE A 101 -5.93 12.20 4.45
CA ILE A 101 -4.79 12.43 3.62
C ILE A 101 -3.64 11.59 4.17
N LEU A 102 -3.13 10.75 3.33
CA LEU A 102 -2.11 9.81 3.69
C LEU A 102 -0.75 10.28 3.24
N ASN A 103 0.20 10.28 4.11
CA ASN A 103 1.57 10.51 3.72
C ASN A 103 2.30 9.23 3.83
N VAL A 104 2.85 8.80 2.75
CA VAL A 104 3.60 7.58 2.73
C VAL A 104 5.05 7.97 2.76
N SER A 105 5.71 7.57 3.79
CA SER A 105 7.07 7.93 4.01
C SER A 105 7.93 6.69 4.14
N ALA A 106 9.11 6.73 3.57
CA ALA A 106 10.03 5.63 3.63
C ALA A 106 11.37 6.10 4.14
N VAL A 107 11.93 5.38 5.08
CA VAL A 107 13.24 5.66 5.62
C VAL A 107 14.09 4.42 5.52
N GLU A 108 15.18 4.52 4.83
CA GLU A 108 16.12 3.44 4.73
C GLU A 108 17.04 3.63 5.94
N LYS A 109 16.93 2.73 6.88
CA LYS A 109 17.55 2.85 8.18
C LYS A 109 19.09 2.72 8.15
N GLY A 110 19.64 2.12 7.11
CA GLY A 110 21.08 1.94 7.04
C GLY A 110 21.81 3.23 6.74
N THR A 111 21.42 3.88 5.69
CA THR A 111 22.03 5.13 5.28
C THR A 111 21.36 6.34 5.93
N GLY A 112 20.13 6.18 6.36
CA GLY A 112 19.42 7.27 6.96
C GLY A 112 18.72 8.09 5.91
N LYS A 113 18.61 7.52 4.73
CA LYS A 113 17.96 8.16 3.62
C LYS A 113 16.49 8.04 3.76
N SER A 114 15.80 9.06 3.41
CA SER A 114 14.39 9.11 3.61
C SER A 114 13.71 9.89 2.48
N ASN A 115 12.52 9.48 2.13
CA ASN A 115 11.71 10.17 1.11
C ASN A 115 10.23 9.89 1.36
N LYS A 116 9.35 10.71 0.81
CA LYS A 116 7.92 10.55 1.03
C LYS A 116 7.07 11.08 -0.12
N ILE A 117 5.79 10.79 -0.05
CA ILE A 117 4.82 11.28 -1.01
C ILE A 117 3.48 11.45 -0.28
N THR A 118 2.68 12.39 -0.70
CA THR A 118 1.39 12.58 -0.12
C THR A 118 0.35 12.00 -1.07
N ILE A 119 -0.48 11.14 -0.55
CA ILE A 119 -1.55 10.53 -1.28
C ILE A 119 -2.87 10.87 -0.58
N THR A 120 -3.63 11.73 -1.16
CA THR A 120 -4.89 12.15 -0.59
C THR A 120 -6.05 11.43 -1.30
N ASN A 121 -7.14 11.24 -0.58
CA ASN A 121 -8.31 10.61 -1.15
C ASN A 121 -9.03 11.61 -2.07
N ASP A 122 -8.71 11.49 -3.32
CA ASP A 122 -9.28 12.31 -4.36
C ASP A 122 -10.62 11.76 -4.85
N LYS A 123 -11.10 12.33 -5.93
CA LYS A 123 -12.40 12.02 -6.47
C LYS A 123 -12.35 10.91 -7.50
N GLY A 124 -11.17 10.69 -8.07
CA GLY A 124 -11.04 9.80 -9.19
C GLY A 124 -10.74 8.37 -8.81
N ARG A 125 -10.12 8.15 -7.66
CA ARG A 125 -9.83 6.79 -7.22
C ARG A 125 -11.08 5.93 -6.98
N LEU A 126 -11.69 6.07 -5.84
CA LEU A 126 -12.91 5.35 -5.55
C LEU A 126 -14.07 6.28 -5.55
N SER A 127 -15.07 5.92 -6.27
CA SER A 127 -16.29 6.65 -6.25
C SER A 127 -17.17 6.00 -5.19
N LYS A 128 -18.35 6.52 -4.94
CA LYS A 128 -19.22 5.95 -3.92
C LYS A 128 -19.67 4.56 -4.40
N GLU A 129 -19.79 4.44 -5.71
CA GLU A 129 -20.17 3.19 -6.37
C GLU A 129 -19.07 2.14 -6.21
N ASP A 130 -17.81 2.57 -6.33
CA ASP A 130 -16.67 1.65 -6.16
C ASP A 130 -16.64 1.11 -4.76
N ILE A 131 -16.84 2.01 -3.81
CA ILE A 131 -16.82 1.67 -2.41
C ILE A 131 -17.87 0.60 -2.09
N GLU A 132 -19.12 0.87 -2.46
CA GLU A 132 -20.18 -0.08 -2.20
C GLU A 132 -19.98 -1.41 -2.91
N LYS A 133 -19.47 -1.38 -4.17
CA LYS A 133 -19.18 -2.60 -4.90
C LYS A 133 -18.13 -3.41 -4.19
N MET A 134 -16.99 -2.77 -3.96
CA MET A 134 -15.83 -3.41 -3.37
C MET A 134 -16.15 -4.00 -2.03
N VAL A 135 -16.79 -3.23 -1.19
CA VAL A 135 -17.18 -3.68 0.12
C VAL A 135 -18.10 -4.90 0.01
N ALA A 136 -19.10 -4.83 -0.85
CA ALA A 136 -20.06 -5.91 -0.99
C ALA A 136 -19.42 -7.21 -1.50
N GLU A 137 -18.61 -7.10 -2.53
CA GLU A 137 -18.01 -8.27 -3.15
C GLU A 137 -16.87 -8.85 -2.32
N ALA A 138 -16.03 -8.01 -1.75
CA ALA A 138 -14.90 -8.48 -0.96
C ALA A 138 -15.34 -8.98 0.39
N GLU A 139 -16.43 -8.44 0.92
CA GLU A 139 -16.95 -8.91 2.19
C GLU A 139 -17.70 -10.23 1.99
N LYS A 140 -18.24 -10.43 0.80
CA LYS A 140 -18.94 -11.66 0.48
C LYS A 140 -17.95 -12.82 0.43
N PHE A 141 -16.82 -12.58 -0.18
CA PHE A 141 -15.77 -13.57 -0.32
C PHE A 141 -14.67 -13.38 0.73
N LYS A 142 -15.00 -12.70 1.85
CA LYS A 142 -14.01 -12.30 2.89
C LYS A 142 -13.07 -13.42 3.34
N GLU A 143 -13.58 -14.64 3.39
CA GLU A 143 -12.78 -15.79 3.79
C GLU A 143 -11.66 -16.05 2.81
N GLU A 144 -11.94 -15.86 1.55
CA GLU A 144 -10.97 -16.11 0.54
C GLU A 144 -9.86 -15.06 0.61
N ASP A 145 -10.23 -13.81 0.86
CA ASP A 145 -9.26 -12.69 0.95
C ASP A 145 -8.22 -13.00 2.01
N GLU A 146 -8.70 -13.31 3.19
CA GLU A 146 -7.83 -13.59 4.31
C GLU A 146 -7.05 -14.89 4.12
N LYS A 147 -7.71 -15.93 3.61
CA LYS A 147 -7.02 -17.20 3.38
C LYS A 147 -5.98 -17.10 2.29
N GLU A 148 -6.22 -16.25 1.28
CA GLU A 148 -5.20 -15.99 0.27
C GLU A 148 -4.03 -15.28 0.92
N SER A 149 -4.34 -14.33 1.79
CA SER A 149 -3.34 -13.59 2.55
C SER A 149 -2.55 -14.51 3.52
N GLN A 150 -3.11 -15.66 3.81
CA GLN A 150 -2.44 -16.66 4.61
C GLN A 150 -1.50 -17.49 3.73
N ARG A 151 -1.86 -17.64 2.45
CA ARG A 151 -1.00 -18.37 1.51
C ARG A 151 0.16 -17.48 1.14
N ILE A 152 -0.15 -16.21 0.97
CA ILE A 152 0.82 -15.21 0.65
C ILE A 152 0.82 -14.13 1.73
N ALA A 153 1.61 -14.37 2.75
CA ALA A 153 1.70 -13.43 3.85
C ALA A 153 2.73 -12.37 3.53
N SER A 154 3.62 -12.71 2.60
CA SER A 154 4.65 -11.83 2.08
C SER A 154 5.80 -11.65 3.09
N LYS A 155 6.94 -11.27 2.58
CA LYS A 155 8.10 -10.99 3.39
C LYS A 155 8.04 -9.50 3.74
N ASN A 156 7.12 -8.83 3.05
CA ASN A 156 6.96 -7.39 3.10
C ASN A 156 8.08 -6.74 2.34
N GLN A 157 8.14 -7.12 1.06
CA GLN A 157 9.16 -6.66 0.15
C GLN A 157 8.84 -5.32 -0.41
N LEU A 158 9.82 -4.78 -1.04
CA LEU A 158 9.72 -3.59 -1.81
C LEU A 158 10.47 -3.88 -3.08
N GLU A 159 9.79 -3.91 -4.18
CA GLU A 159 10.41 -4.22 -5.44
C GLU A 159 11.22 -3.05 -5.92
N SER A 160 12.26 -3.32 -6.62
CA SER A 160 13.19 -2.30 -7.00
C SER A 160 12.87 -1.69 -8.34
N ILE A 161 12.19 -2.42 -9.15
CA ILE A 161 11.88 -1.98 -10.47
C ILE A 161 10.41 -2.00 -10.69
N ALA A 162 9.94 -1.20 -11.60
CA ALA A 162 8.56 -1.20 -11.91
C ALA A 162 8.32 -2.31 -12.90
N TYR A 163 7.55 -3.28 -12.47
CA TYR A 163 7.17 -4.40 -13.31
C TYR A 163 6.05 -4.00 -14.25
N SER A 164 5.53 -2.80 -14.00
CA SER A 164 4.56 -2.10 -14.84
C SER A 164 3.34 -2.93 -15.21
N LEU A 165 2.33 -2.90 -14.40
CA LEU A 165 1.12 -3.59 -14.73
C LEU A 165 0.28 -2.74 -15.65
N LYS A 166 0.58 -2.86 -16.92
CA LYS A 166 -0.14 -2.21 -17.99
C LYS A 166 -1.44 -2.96 -18.13
N ASN A 167 -1.30 -4.24 -17.93
CA ASN A 167 -2.38 -5.15 -17.81
C ASN A 167 -2.12 -5.92 -16.54
N THR A 168 -3.10 -6.00 -15.69
CA THR A 168 -2.95 -6.66 -14.41
C THR A 168 -2.81 -8.18 -14.56
N ILE A 169 -3.07 -8.69 -15.77
CA ILE A 169 -3.04 -10.12 -16.08
C ILE A 169 -4.17 -10.79 -15.32
N SER A 170 -5.30 -10.81 -15.93
CA SER A 170 -6.48 -11.24 -15.29
C SER A 170 -6.81 -12.68 -15.70
N GLU A 171 -7.91 -13.17 -15.19
CA GLU A 171 -8.41 -14.48 -15.48
C GLU A 171 -9.75 -14.24 -16.19
N ALA A 172 -10.47 -15.28 -16.53
CA ALA A 172 -11.76 -15.17 -17.18
C ALA A 172 -12.73 -14.28 -16.41
N GLY A 173 -12.76 -14.42 -15.10
CA GLY A 173 -13.62 -13.60 -14.31
C GLY A 173 -14.74 -14.41 -13.76
N SER A 1 -23.88 26.08 7.42
CA SER A 1 -23.84 24.69 7.81
C SER A 1 -25.23 24.10 7.65
N SER A 2 -25.32 22.85 7.27
CA SER A 2 -26.60 22.23 7.10
C SER A 2 -26.53 20.77 7.53
N LYS A 3 -26.86 20.53 8.81
CA LYS A 3 -26.99 19.19 9.43
C LYS A 3 -25.69 18.38 9.56
N THR A 4 -24.99 18.23 8.45
CA THR A 4 -23.93 17.26 8.29
C THR A 4 -24.64 15.92 8.10
N GLN A 5 -24.93 15.63 6.84
CA GLN A 5 -25.78 14.52 6.40
C GLN A 5 -25.30 13.18 6.94
N ASP A 6 -24.01 13.02 7.00
CA ASP A 6 -23.41 11.77 7.43
C ASP A 6 -21.99 12.07 7.75
N LEU A 7 -21.14 11.11 7.62
CA LEU A 7 -19.74 11.33 7.71
C LEU A 7 -19.33 12.06 6.44
N LEU A 8 -18.23 12.71 6.49
CA LEU A 8 -17.70 13.51 5.38
C LEU A 8 -16.77 12.62 4.55
N LEU A 9 -17.04 11.32 4.64
CA LEU A 9 -16.30 10.24 3.98
C LEU A 9 -14.94 10.05 4.61
N LEU A 10 -14.16 11.10 4.62
CA LEU A 10 -12.85 11.06 5.20
C LEU A 10 -12.93 11.35 6.69
N ASP A 11 -13.42 10.38 7.40
CA ASP A 11 -13.51 10.40 8.86
C ASP A 11 -12.99 9.07 9.35
N VAL A 12 -13.38 8.06 8.64
CA VAL A 12 -12.89 6.74 8.85
C VAL A 12 -12.33 6.29 7.52
N ALA A 13 -11.41 5.37 7.54
CA ALA A 13 -10.87 4.83 6.31
C ALA A 13 -11.99 4.09 5.55
N PRO A 14 -12.30 4.50 4.31
CA PRO A 14 -13.36 3.85 3.53
C PRO A 14 -12.97 2.43 3.15
N LEU A 15 -11.68 2.23 3.05
CA LEU A 15 -11.06 1.01 2.65
C LEU A 15 -9.78 0.91 3.40
N SER A 16 -9.25 -0.27 3.49
CA SER A 16 -7.95 -0.46 4.05
C SER A 16 -6.91 0.12 3.10
N LEU A 17 -5.95 0.83 3.64
CA LEU A 17 -4.93 1.46 2.83
C LEU A 17 -3.67 0.67 2.99
N GLY A 18 -3.05 0.35 1.90
CA GLY A 18 -1.87 -0.43 1.99
C GLY A 18 -0.98 -0.38 0.79
N ILE A 19 -0.18 -1.40 0.63
CA ILE A 19 0.76 -1.48 -0.44
C ILE A 19 0.69 -2.81 -1.15
N GLU A 20 1.30 -2.83 -2.30
CA GLU A 20 1.47 -4.02 -3.10
C GLU A 20 2.84 -4.59 -2.80
N THR A 21 2.87 -5.71 -2.13
CA THR A 21 4.12 -6.36 -1.94
C THR A 21 4.24 -7.46 -2.97
N ALA A 22 5.45 -7.63 -3.48
CA ALA A 22 5.78 -8.52 -4.59
C ALA A 22 5.13 -9.88 -4.48
N GLY A 23 4.08 -10.06 -5.24
CA GLY A 23 3.35 -11.28 -5.24
C GLY A 23 1.89 -11.03 -5.46
N GLY A 24 1.49 -9.78 -5.33
CA GLY A 24 0.10 -9.44 -5.48
C GLY A 24 -0.56 -9.44 -4.15
N VAL A 25 0.24 -9.20 -3.14
CA VAL A 25 -0.18 -9.24 -1.78
C VAL A 25 -0.59 -7.85 -1.33
N MET A 26 -1.87 -7.69 -1.05
CA MET A 26 -2.37 -6.43 -0.58
C MET A 26 -2.02 -6.35 0.88
N THR A 27 -1.08 -5.53 1.17
CA THR A 27 -0.57 -5.40 2.48
C THR A 27 -1.29 -4.24 3.16
N LYS A 28 -2.21 -4.55 4.05
CA LYS A 28 -3.03 -3.54 4.70
C LYS A 28 -2.30 -2.92 5.90
N LEU A 29 -2.02 -1.62 5.82
CA LEU A 29 -1.40 -0.91 6.92
C LEU A 29 -2.46 -0.17 7.72
N ILE A 30 -3.35 0.50 7.02
CA ILE A 30 -4.44 1.20 7.65
C ILE A 30 -5.68 0.33 7.51
N PRO A 31 -6.31 -0.09 8.61
CA PRO A 31 -7.47 -0.96 8.55
C PRO A 31 -8.75 -0.24 8.11
N ARG A 32 -9.64 -1.01 7.51
CA ARG A 32 -10.94 -0.56 7.07
C ARG A 32 -11.74 0.04 8.23
N ASN A 33 -12.29 1.23 7.98
CA ASN A 33 -13.19 1.95 8.89
C ASN A 33 -12.48 2.46 10.13
N SER A 34 -11.17 2.51 10.11
CA SER A 34 -10.45 3.07 11.20
C SER A 34 -10.56 4.59 11.19
N THR A 35 -10.89 5.13 12.33
CA THR A 35 -11.10 6.52 12.50
C THR A 35 -9.77 7.28 12.47
N ILE A 36 -9.65 8.14 11.51
CA ILE A 36 -8.45 8.93 11.33
C ILE A 36 -8.52 10.18 12.24
N PRO A 37 -7.39 10.88 12.54
CA PRO A 37 -6.04 10.57 12.02
C PRO A 37 -5.46 9.23 12.51
N THR A 38 -4.65 8.64 11.67
CA THR A 38 -3.98 7.39 11.98
C THR A 38 -2.60 7.38 11.32
N LYS A 39 -1.57 7.12 12.09
CA LYS A 39 -0.24 6.99 11.57
C LYS A 39 0.26 5.58 11.86
N LYS A 40 0.72 4.92 10.83
CA LYS A 40 1.14 3.54 10.93
C LYS A 40 2.54 3.38 10.36
N SER A 41 3.42 2.87 11.14
CA SER A 41 4.75 2.56 10.69
C SER A 41 4.91 1.06 10.64
N GLU A 42 5.26 0.55 9.50
CA GLU A 42 5.42 -0.86 9.28
C GLU A 42 6.70 -1.06 8.51
N ILE A 43 7.42 -2.11 8.78
CA ILE A 43 8.72 -2.27 8.16
C ILE A 43 8.74 -3.49 7.24
N PHE A 44 9.26 -3.29 6.05
CA PHE A 44 9.29 -4.30 5.00
C PHE A 44 10.71 -4.38 4.45
N SER A 45 10.97 -5.35 3.63
CA SER A 45 12.24 -5.44 2.96
C SER A 45 11.94 -5.54 1.46
N THR A 46 12.94 -5.63 0.66
CA THR A 46 12.78 -5.58 -0.78
C THR A 46 13.39 -6.82 -1.41
N TYR A 47 13.20 -6.99 -2.72
CA TYR A 47 13.96 -7.99 -3.45
C TYR A 47 15.41 -7.67 -3.22
N ALA A 48 16.06 -8.55 -2.57
CA ALA A 48 17.35 -8.28 -2.07
C ALA A 48 18.42 -8.72 -3.02
N ASP A 49 19.66 -8.42 -2.63
CA ASP A 49 20.89 -8.71 -3.35
C ASP A 49 21.19 -7.64 -4.34
N ASN A 50 21.92 -6.65 -3.86
CA ASN A 50 22.45 -5.54 -4.68
C ASN A 50 21.39 -4.71 -5.39
N GLN A 51 20.20 -4.67 -4.82
CA GLN A 51 19.08 -3.92 -5.38
C GLN A 51 19.36 -2.40 -5.38
N PRO A 52 19.17 -1.74 -6.51
CA PRO A 52 19.49 -0.33 -6.67
C PRO A 52 18.44 0.63 -6.10
N GLY A 53 17.25 0.16 -5.88
CA GLY A 53 16.18 1.00 -5.46
C GLY A 53 15.00 0.19 -5.08
N VAL A 54 14.03 0.83 -4.47
CA VAL A 54 12.78 0.20 -4.11
C VAL A 54 11.64 1.00 -4.69
N LEU A 55 10.54 0.37 -4.88
CA LEU A 55 9.37 1.01 -5.42
C LEU A 55 8.25 0.85 -4.38
N ILE A 56 7.78 1.96 -3.86
CA ILE A 56 6.71 1.91 -2.90
C ILE A 56 5.41 2.11 -3.64
N GLN A 57 4.68 1.03 -3.76
CA GLN A 57 3.44 0.98 -4.52
C GLN A 57 2.27 1.02 -3.56
N VAL A 58 1.46 2.06 -3.64
CA VAL A 58 0.39 2.27 -2.66
C VAL A 58 -0.99 2.08 -3.31
N PHE A 59 -1.79 1.23 -2.69
CA PHE A 59 -3.13 0.90 -3.16
C PHE A 59 -4.13 0.91 -2.00
N GLU A 60 -5.39 0.90 -2.31
CA GLU A 60 -6.42 0.86 -1.31
C GLU A 60 -7.47 -0.16 -1.71
N GLY A 61 -8.02 -0.85 -0.75
CA GLY A 61 -9.03 -1.82 -1.04
C GLY A 61 -9.10 -2.88 0.01
N GLU A 62 -10.11 -3.71 -0.08
CA GLU A 62 -10.30 -4.78 0.90
C GLU A 62 -9.82 -6.11 0.41
N ARG A 63 -9.59 -6.21 -0.89
CA ARG A 63 -9.24 -7.48 -1.50
C ARG A 63 -7.83 -7.88 -1.09
N ALA A 64 -7.61 -9.18 -0.87
CA ALA A 64 -6.28 -9.68 -0.49
C ALA A 64 -5.34 -9.62 -1.69
N LYS A 65 -5.92 -9.60 -2.87
CA LYS A 65 -5.17 -9.43 -4.08
C LYS A 65 -5.28 -7.98 -4.51
N THR A 66 -4.15 -7.32 -4.59
CA THR A 66 -4.07 -5.91 -4.91
C THR A 66 -4.60 -5.60 -6.33
N LYS A 67 -4.75 -6.62 -7.16
CA LYS A 67 -5.27 -6.43 -8.51
C LYS A 67 -6.72 -5.90 -8.53
N ASP A 68 -7.45 -6.07 -7.43
CA ASP A 68 -8.83 -5.56 -7.36
C ASP A 68 -8.86 -4.25 -6.60
N ASN A 69 -7.70 -3.68 -6.35
CA ASN A 69 -7.59 -2.46 -5.55
C ASN A 69 -7.58 -1.23 -6.42
N ASN A 70 -7.63 -0.09 -5.77
CA ASN A 70 -7.56 1.19 -6.47
C ASN A 70 -6.14 1.71 -6.33
N LEU A 71 -5.66 2.35 -7.36
CA LEU A 71 -4.32 2.87 -7.36
C LEU A 71 -4.28 4.22 -6.67
N LEU A 72 -3.61 4.27 -5.54
CA LEU A 72 -3.41 5.50 -4.82
C LEU A 72 -2.23 6.24 -5.40
N GLY A 73 -1.14 5.54 -5.57
CA GLY A 73 0.03 6.14 -6.11
C GLY A 73 1.23 5.31 -5.85
N LYS A 74 2.37 5.86 -6.09
CA LYS A 74 3.61 5.17 -5.89
C LYS A 74 4.74 6.17 -5.88
N PHE A 75 5.88 5.75 -5.41
CA PHE A 75 7.10 6.54 -5.49
C PHE A 75 8.25 5.60 -5.34
N GLU A 76 9.36 5.92 -5.93
CA GLU A 76 10.49 5.07 -5.81
C GLU A 76 11.48 5.70 -4.87
N LEU A 77 12.28 4.88 -4.28
CA LEU A 77 13.39 5.33 -3.49
C LEU A 77 14.60 4.62 -4.04
N SER A 78 15.40 5.36 -4.72
CA SER A 78 16.55 4.81 -5.37
C SER A 78 17.78 5.18 -4.58
N GLY A 79 18.84 4.42 -4.78
CA GLY A 79 20.05 4.65 -4.06
C GLY A 79 20.11 3.79 -2.84
N ILE A 80 19.44 2.65 -2.92
CA ILE A 80 19.42 1.66 -1.86
C ILE A 80 20.77 0.96 -1.86
N PRO A 81 21.37 0.74 -0.69
CA PRO A 81 22.69 0.12 -0.58
C PRO A 81 22.73 -1.27 -1.21
N PRO A 82 23.65 -1.52 -2.14
CA PRO A 82 23.79 -2.83 -2.70
C PRO A 82 24.35 -3.75 -1.63
N ALA A 83 23.54 -4.70 -1.21
CA ALA A 83 23.89 -5.51 -0.07
C ALA A 83 23.21 -6.88 -0.17
N PRO A 84 23.71 -7.87 0.60
CA PRO A 84 23.14 -9.23 0.71
C PRO A 84 21.64 -9.28 1.06
N ARG A 85 21.06 -10.45 0.83
CA ARG A 85 19.66 -10.77 1.10
C ARG A 85 19.24 -10.32 2.51
N GLY A 86 18.32 -9.36 2.59
CA GLY A 86 17.76 -8.98 3.87
C GLY A 86 18.53 -7.91 4.61
N VAL A 87 19.57 -7.36 4.02
CA VAL A 87 20.30 -6.28 4.68
C VAL A 87 19.51 -4.94 4.68
N PRO A 88 19.09 -4.40 3.50
CA PRO A 88 18.28 -3.17 3.46
C PRO A 88 16.87 -3.40 4.04
N GLN A 89 16.49 -2.57 4.96
CA GLN A 89 15.23 -2.71 5.61
C GLN A 89 14.48 -1.41 5.44
N ILE A 90 13.29 -1.46 4.89
CA ILE A 90 12.57 -0.25 4.57
C ILE A 90 11.37 -0.06 5.48
N GLU A 91 11.42 0.97 6.25
CA GLU A 91 10.38 1.36 7.15
C GLU A 91 9.42 2.27 6.41
N VAL A 92 8.20 1.83 6.26
CA VAL A 92 7.20 2.60 5.55
C VAL A 92 6.16 3.10 6.55
N THR A 93 5.88 4.36 6.48
CA THR A 93 4.98 4.98 7.39
C THR A 93 3.86 5.68 6.63
N PHE A 94 2.65 5.38 7.02
CA PHE A 94 1.46 5.97 6.47
C PHE A 94 0.85 6.91 7.50
N ASP A 95 0.76 8.18 7.20
CA ASP A 95 0.03 9.08 8.08
C ASP A 95 -1.16 9.66 7.36
N VAL A 96 -2.32 9.35 7.86
CA VAL A 96 -3.56 9.84 7.32
C VAL A 96 -4.14 10.80 8.33
N ASP A 97 -4.28 12.04 7.95
CA ASP A 97 -4.86 13.03 8.86
C ASP A 97 -6.37 13.04 8.68
N SER A 98 -7.03 13.92 9.38
CA SER A 98 -8.47 14.02 9.41
C SER A 98 -9.10 14.44 8.07
N ASN A 99 -8.30 14.93 7.15
CA ASN A 99 -8.80 15.30 5.83
C ASN A 99 -8.69 14.14 4.86
N GLY A 100 -8.07 13.07 5.33
CA GLY A 100 -7.87 11.90 4.49
C GLY A 100 -6.65 12.04 3.61
N ILE A 101 -5.74 12.90 4.01
CA ILE A 101 -4.54 13.10 3.28
C ILE A 101 -3.48 12.15 3.84
N LEU A 102 -2.94 11.33 2.99
CA LEU A 102 -1.99 10.32 3.38
C LEU A 102 -0.58 10.70 2.94
N ASN A 103 0.32 10.77 3.87
CA ASN A 103 1.71 10.94 3.52
C ASN A 103 2.37 9.61 3.67
N VAL A 104 3.02 9.17 2.64
CA VAL A 104 3.67 7.89 2.68
C VAL A 104 5.15 8.13 2.72
N SER A 105 5.76 7.71 3.78
CA SER A 105 7.16 7.90 3.96
C SER A 105 7.86 6.56 3.98
N ALA A 106 8.97 6.49 3.33
CA ALA A 106 9.76 5.30 3.29
C ALA A 106 11.17 5.63 3.72
N VAL A 107 11.67 4.90 4.66
CA VAL A 107 12.99 5.11 5.17
C VAL A 107 13.78 3.81 5.06
N GLU A 108 14.90 3.85 4.41
CA GLU A 108 15.77 2.72 4.32
C GLU A 108 16.66 2.80 5.56
N LYS A 109 16.52 1.84 6.43
CA LYS A 109 17.12 1.87 7.76
C LYS A 109 18.66 1.70 7.75
N GLY A 110 19.20 1.13 6.70
CA GLY A 110 20.64 0.91 6.64
C GLY A 110 21.40 2.19 6.37
N THR A 111 21.07 2.84 5.29
CA THR A 111 21.70 4.09 4.92
C THR A 111 21.07 5.28 5.61
N GLY A 112 19.84 5.13 6.03
CA GLY A 112 19.16 6.21 6.71
C GLY A 112 18.43 7.10 5.74
N LYS A 113 18.35 6.67 4.50
CA LYS A 113 17.71 7.43 3.45
C LYS A 113 16.23 7.40 3.58
N SER A 114 15.61 8.47 3.21
CA SER A 114 14.18 8.55 3.32
C SER A 114 13.60 9.39 2.19
N ASN A 115 12.48 8.95 1.68
CA ASN A 115 11.73 9.67 0.65
C ASN A 115 10.26 9.55 1.01
N LYS A 116 9.49 10.59 0.74
CA LYS A 116 8.09 10.59 1.11
C LYS A 116 7.28 11.50 0.20
N ILE A 117 6.02 11.14 -0.03
CA ILE A 117 5.12 11.93 -0.87
C ILE A 117 3.75 12.03 -0.24
N THR A 118 2.94 12.91 -0.77
CA THR A 118 1.60 13.13 -0.28
C THR A 118 0.57 12.60 -1.27
N ILE A 119 -0.20 11.63 -0.84
CA ILE A 119 -1.26 11.07 -1.60
C ILE A 119 -2.56 11.33 -0.85
N THR A 120 -3.34 12.22 -1.33
CA THR A 120 -4.59 12.53 -0.69
C THR A 120 -5.69 11.70 -1.37
N ASN A 121 -6.68 11.32 -0.63
CA ASN A 121 -7.71 10.48 -1.18
C ASN A 121 -8.91 11.32 -1.53
N ASP A 122 -8.83 11.85 -2.72
CA ASP A 122 -9.83 12.70 -3.34
C ASP A 122 -9.23 13.10 -4.69
N LYS A 123 -9.95 13.87 -5.50
CA LYS A 123 -9.48 14.32 -6.83
C LYS A 123 -9.31 13.14 -7.79
N GLY A 124 -10.43 12.63 -8.25
CA GLY A 124 -10.44 11.53 -9.20
C GLY A 124 -9.82 10.28 -8.63
N ARG A 125 -10.22 9.95 -7.43
CA ARG A 125 -9.68 8.79 -6.78
C ARG A 125 -10.80 7.78 -6.55
N LEU A 126 -11.62 8.04 -5.57
CA LEU A 126 -12.72 7.16 -5.23
C LEU A 126 -14.05 7.79 -5.48
N SER A 127 -14.87 7.09 -6.20
CA SER A 127 -16.26 7.42 -6.29
C SER A 127 -16.94 6.53 -5.28
N LYS A 128 -18.14 6.87 -4.85
CA LYS A 128 -18.85 6.13 -3.80
C LYS A 128 -18.92 4.63 -4.11
N GLU A 129 -19.21 4.35 -5.37
CA GLU A 129 -19.31 3.01 -5.85
C GLU A 129 -18.01 2.24 -5.66
N ASP A 130 -16.88 2.92 -5.75
CA ASP A 130 -15.57 2.27 -5.67
C ASP A 130 -15.36 1.65 -4.30
N ILE A 131 -15.80 2.37 -3.27
CA ILE A 131 -15.69 1.86 -1.92
C ILE A 131 -16.53 0.60 -1.80
N GLU A 132 -17.80 0.71 -2.18
CA GLU A 132 -18.71 -0.41 -2.06
C GLU A 132 -18.34 -1.61 -2.96
N LYS A 133 -17.67 -1.37 -4.09
CA LYS A 133 -17.20 -2.48 -4.95
C LYS A 133 -16.23 -3.34 -4.17
N MET A 134 -15.17 -2.70 -3.67
CA MET A 134 -14.10 -3.40 -3.01
C MET A 134 -14.48 -3.98 -1.67
N VAL A 135 -15.30 -3.24 -0.93
CA VAL A 135 -15.79 -3.73 0.36
C VAL A 135 -16.62 -4.99 0.15
N ALA A 136 -17.55 -4.92 -0.77
CA ALA A 136 -18.47 -6.00 -0.98
C ALA A 136 -17.84 -7.22 -1.64
N GLU A 137 -17.00 -7.03 -2.67
CA GLU A 137 -16.43 -8.18 -3.37
C GLU A 137 -15.46 -8.95 -2.47
N ALA A 138 -14.66 -8.22 -1.72
CA ALA A 138 -13.66 -8.86 -0.88
C ALA A 138 -14.30 -9.56 0.29
N GLU A 139 -15.36 -8.99 0.82
CA GLU A 139 -16.04 -9.59 1.93
C GLU A 139 -16.94 -10.75 1.45
N LYS A 140 -17.29 -10.70 0.16
CA LYS A 140 -18.04 -11.78 -0.48
C LYS A 140 -17.13 -12.99 -0.59
N PHE A 141 -15.98 -12.78 -1.20
CA PHE A 141 -14.98 -13.83 -1.42
C PHE A 141 -14.07 -13.94 -0.22
N LYS A 142 -14.56 -13.52 0.94
CA LYS A 142 -13.78 -13.46 2.16
C LYS A 142 -13.21 -14.83 2.52
N GLU A 143 -13.96 -15.89 2.24
CA GLU A 143 -13.49 -17.25 2.49
C GLU A 143 -12.20 -17.53 1.73
N GLU A 144 -12.20 -17.16 0.47
CA GLU A 144 -11.05 -17.36 -0.36
C GLU A 144 -9.95 -16.41 0.08
N ASP A 145 -10.30 -15.15 0.16
CA ASP A 145 -9.35 -14.09 0.52
C ASP A 145 -8.65 -14.33 1.86
N GLU A 146 -9.35 -14.84 2.89
CA GLU A 146 -8.67 -15.11 4.14
C GLU A 146 -7.77 -16.35 4.03
N LYS A 147 -8.18 -17.32 3.24
CA LYS A 147 -7.33 -18.47 2.99
C LYS A 147 -6.12 -18.04 2.20
N GLU A 148 -6.33 -17.09 1.32
CA GLU A 148 -5.28 -16.52 0.51
C GLU A 148 -4.34 -15.69 1.37
N SER A 149 -4.88 -15.13 2.45
CA SER A 149 -4.06 -14.40 3.42
C SER A 149 -3.10 -15.38 4.09
N GLN A 150 -3.59 -16.59 4.28
CA GLN A 150 -2.84 -17.65 4.91
C GLN A 150 -1.89 -18.29 3.89
N ARG A 151 -2.14 -18.03 2.62
CA ARG A 151 -1.28 -18.49 1.53
C ARG A 151 -0.14 -17.51 1.32
N ILE A 152 -0.20 -16.39 2.02
CA ILE A 152 0.80 -15.36 1.86
C ILE A 152 2.08 -15.73 2.58
N ALA A 153 3.02 -16.23 1.85
CA ALA A 153 4.32 -16.54 2.37
C ALA A 153 5.33 -15.50 1.89
N SER A 154 5.08 -15.00 0.70
CA SER A 154 5.93 -14.02 0.03
C SER A 154 5.59 -12.58 0.47
N LYS A 155 5.30 -12.41 1.74
CA LYS A 155 4.89 -11.13 2.28
C LYS A 155 6.07 -10.19 2.47
N ASN A 156 5.75 -8.91 2.56
CA ASN A 156 6.71 -7.87 2.94
C ASN A 156 7.84 -7.70 1.95
N GLN A 157 7.60 -8.01 0.69
CA GLN A 157 8.61 -7.82 -0.32
C GLN A 157 8.29 -6.58 -1.13
N LEU A 158 9.19 -5.66 -1.16
CA LEU A 158 9.04 -4.49 -1.96
C LEU A 158 9.73 -4.72 -3.29
N GLU A 159 9.27 -4.05 -4.31
CA GLU A 159 9.88 -4.16 -5.61
C GLU A 159 11.06 -3.25 -5.71
N SER A 160 11.97 -3.61 -6.56
CA SER A 160 13.16 -2.84 -6.76
C SER A 160 13.10 -2.15 -8.11
N ILE A 161 12.42 -2.79 -9.00
CA ILE A 161 12.29 -2.36 -10.36
C ILE A 161 10.85 -2.19 -10.70
N ALA A 162 10.57 -1.39 -11.69
CA ALA A 162 9.22 -1.19 -12.13
C ALA A 162 8.69 -2.49 -12.71
N TYR A 163 7.70 -3.03 -12.06
CA TYR A 163 7.02 -4.22 -12.56
C TYR A 163 6.12 -3.81 -13.74
N SER A 164 5.63 -2.59 -13.65
CA SER A 164 4.79 -1.97 -14.64
C SER A 164 4.52 -0.54 -14.21
N LEU A 165 5.27 0.40 -14.70
CA LEU A 165 5.00 1.79 -14.39
C LEU A 165 4.65 2.57 -15.62
N LYS A 166 3.48 2.32 -16.11
CA LYS A 166 2.95 2.99 -17.27
C LYS A 166 1.63 3.60 -16.90
N ASN A 167 1.56 4.90 -16.94
CA ASN A 167 0.35 5.65 -16.68
C ASN A 167 -0.12 5.57 -15.24
N THR A 168 0.07 6.64 -14.51
CA THR A 168 -0.44 6.78 -13.17
C THR A 168 -1.91 7.23 -13.20
N ILE A 169 -2.44 7.22 -14.41
CA ILE A 169 -3.80 7.57 -14.70
C ILE A 169 -4.70 6.43 -14.22
N SER A 170 -5.77 6.76 -13.52
CA SER A 170 -6.72 5.77 -13.04
C SER A 170 -7.47 5.13 -14.22
N GLU A 171 -7.56 5.91 -15.30
CA GLU A 171 -8.12 5.50 -16.57
C GLU A 171 -9.62 5.30 -16.46
N ALA A 172 -10.30 6.42 -16.29
CA ALA A 172 -11.74 6.46 -16.18
C ALA A 172 -12.35 6.91 -17.49
N GLY A 173 -11.50 7.19 -18.44
CA GLY A 173 -11.90 7.60 -19.73
C GLY A 173 -10.83 8.45 -20.31
N SER A 1 -18.15 16.53 19.20
CA SER A 1 -19.05 16.88 18.12
C SER A 1 -20.30 16.01 18.25
N SER A 2 -21.12 16.01 17.24
CA SER A 2 -22.31 15.21 17.22
C SER A 2 -22.57 14.86 15.78
N LYS A 3 -22.11 13.71 15.38
CA LYS A 3 -22.23 13.29 14.02
C LYS A 3 -22.46 11.80 14.01
N THR A 4 -23.07 11.31 12.98
CA THR A 4 -23.27 9.89 12.80
C THR A 4 -22.24 9.43 11.72
N GLN A 5 -21.07 10.09 11.74
CA GLN A 5 -19.98 9.96 10.76
C GLN A 5 -20.41 10.52 9.41
N ASP A 6 -19.59 10.35 8.42
CA ASP A 6 -19.89 10.78 7.07
C ASP A 6 -19.35 9.71 6.17
N LEU A 7 -20.05 9.38 5.12
CA LEU A 7 -19.66 8.26 4.28
C LEU A 7 -18.85 8.70 3.06
N LEU A 8 -18.65 9.98 2.89
CA LEU A 8 -17.91 10.42 1.73
C LEU A 8 -16.46 10.77 2.04
N LEU A 9 -15.66 9.71 2.20
CA LEU A 9 -14.19 9.80 2.37
C LEU A 9 -13.77 10.61 3.61
N LEU A 10 -14.47 10.41 4.71
CA LEU A 10 -14.18 11.13 5.93
C LEU A 10 -14.29 10.22 7.13
N ASP A 11 -13.50 10.51 8.16
CA ASP A 11 -13.51 9.88 9.49
C ASP A 11 -12.96 8.47 9.50
N VAL A 12 -13.30 7.69 8.52
CA VAL A 12 -12.79 6.35 8.44
C VAL A 12 -12.21 6.08 7.07
N ALA A 13 -11.32 5.12 7.01
CA ALA A 13 -10.74 4.68 5.77
C ALA A 13 -11.80 3.93 4.96
N PRO A 14 -12.02 4.30 3.68
CA PRO A 14 -13.02 3.66 2.84
C PRO A 14 -12.70 2.18 2.63
N LEU A 15 -11.45 1.92 2.34
CA LEU A 15 -10.92 0.61 2.17
C LEU A 15 -9.59 0.60 2.84
N SER A 16 -9.02 -0.56 3.00
CA SER A 16 -7.74 -0.71 3.61
C SER A 16 -6.63 -0.09 2.76
N LEU A 17 -5.68 0.49 3.43
CA LEU A 17 -4.55 1.09 2.78
C LEU A 17 -3.35 0.19 2.98
N GLY A 18 -2.60 -0.02 1.94
CA GLY A 18 -1.43 -0.81 2.04
C GLY A 18 -0.57 -0.68 0.83
N ILE A 19 0.37 -1.55 0.70
CA ILE A 19 1.26 -1.56 -0.44
C ILE A 19 1.21 -2.93 -1.05
N GLU A 20 1.90 -3.11 -2.11
CA GLU A 20 2.02 -4.42 -2.66
C GLU A 20 3.42 -4.88 -2.44
N THR A 21 3.58 -6.01 -1.82
CA THR A 21 4.84 -6.60 -1.77
C THR A 21 4.99 -7.42 -3.04
N ALA A 22 6.18 -7.40 -3.60
CA ALA A 22 6.49 -7.96 -4.91
C ALA A 22 5.87 -9.35 -5.14
N GLY A 23 4.89 -9.41 -6.02
CA GLY A 23 4.32 -10.68 -6.38
C GLY A 23 2.84 -10.66 -6.42
N GLY A 24 2.26 -9.55 -6.06
CA GLY A 24 0.82 -9.46 -6.07
C GLY A 24 0.26 -9.78 -4.73
N VAL A 25 0.99 -9.44 -3.69
CA VAL A 25 0.57 -9.66 -2.35
C VAL A 25 0.16 -8.33 -1.76
N MET A 26 -1.12 -8.16 -1.48
CA MET A 26 -1.57 -6.93 -0.89
C MET A 26 -1.14 -6.90 0.55
N THR A 27 -0.26 -6.03 0.83
CA THR A 27 0.23 -5.88 2.13
C THR A 27 -0.65 -4.86 2.84
N LYS A 28 -1.49 -5.37 3.69
CA LYS A 28 -2.53 -4.60 4.35
C LYS A 28 -1.93 -3.99 5.65
N LEU A 29 -1.84 -2.67 5.70
CA LEU A 29 -1.29 -2.02 6.90
C LEU A 29 -2.41 -1.41 7.73
N ILE A 30 -3.31 -0.74 7.06
CA ILE A 30 -4.41 -0.07 7.73
C ILE A 30 -5.72 -0.67 7.23
N PRO A 31 -6.53 -1.24 8.13
CA PRO A 31 -7.76 -1.93 7.76
C PRO A 31 -8.93 -1.03 7.30
N ARG A 32 -9.93 -1.71 6.75
CA ARG A 32 -11.17 -1.13 6.30
C ARG A 32 -11.92 -0.50 7.48
N ASN A 33 -12.47 0.71 7.25
CA ASN A 33 -13.30 1.42 8.25
C ASN A 33 -12.55 1.77 9.51
N SER A 34 -11.24 1.69 9.46
CA SER A 34 -10.46 2.09 10.58
C SER A 34 -10.41 3.61 10.62
N THR A 35 -10.52 4.15 11.80
CA THR A 35 -10.65 5.55 12.00
C THR A 35 -9.40 6.34 11.67
N ILE A 36 -9.58 7.34 10.84
CA ILE A 36 -8.54 8.23 10.45
C ILE A 36 -8.83 9.56 11.16
N PRO A 37 -7.82 10.38 11.50
CA PRO A 37 -6.40 10.18 11.15
C PRO A 37 -5.76 9.03 11.93
N THR A 38 -4.96 8.26 11.24
CA THR A 38 -4.30 7.13 11.85
C THR A 38 -2.93 6.97 11.19
N LYS A 39 -2.02 6.29 11.86
CA LYS A 39 -0.66 6.13 11.38
C LYS A 39 -0.23 4.66 11.52
N LYS A 40 0.56 4.18 10.59
CA LYS A 40 1.04 2.81 10.65
C LYS A 40 2.45 2.75 10.08
N SER A 41 3.37 2.28 10.85
CA SER A 41 4.73 2.14 10.41
C SER A 41 5.07 0.64 10.33
N GLU A 42 5.56 0.19 9.21
CA GLU A 42 5.88 -1.21 9.03
C GLU A 42 7.23 -1.34 8.32
N ILE A 43 8.00 -2.33 8.70
CA ILE A 43 9.33 -2.57 8.14
C ILE A 43 9.25 -3.53 6.95
N PHE A 44 9.87 -3.18 5.85
CA PHE A 44 9.91 -4.04 4.67
C PHE A 44 11.33 -4.05 4.09
N SER A 45 11.60 -5.00 3.23
CA SER A 45 12.87 -5.08 2.55
C SER A 45 12.67 -5.81 1.22
N THR A 46 13.74 -5.97 0.49
CA THR A 46 13.73 -6.53 -0.84
C THR A 46 14.44 -7.89 -0.85
N TYR A 47 14.38 -8.58 -1.98
CA TYR A 47 15.09 -9.84 -2.15
C TYR A 47 16.52 -9.51 -2.57
N ALA A 48 16.69 -8.30 -3.04
CA ALA A 48 17.91 -7.91 -3.68
C ALA A 48 18.93 -7.31 -2.77
N ASP A 49 20.13 -7.38 -3.25
CA ASP A 49 21.31 -6.87 -2.63
C ASP A 49 21.90 -5.86 -3.58
N ASN A 50 22.62 -4.90 -3.02
CA ASN A 50 23.32 -3.85 -3.79
C ASN A 50 22.37 -2.98 -4.64
N GLN A 51 21.10 -2.99 -4.24
CA GLN A 51 20.04 -2.26 -4.92
C GLN A 51 20.27 -0.75 -4.87
N PRO A 52 19.89 -0.03 -5.95
CA PRO A 52 20.00 1.43 -5.99
C PRO A 52 18.81 2.13 -5.29
N GLY A 53 17.72 1.39 -5.11
CA GLY A 53 16.55 1.96 -4.51
C GLY A 53 15.45 0.94 -4.41
N VAL A 54 14.29 1.37 -3.96
CA VAL A 54 13.10 0.53 -3.85
C VAL A 54 11.92 1.22 -4.48
N LEU A 55 11.09 0.45 -5.10
CA LEU A 55 9.93 0.90 -5.78
C LEU A 55 8.73 0.66 -4.84
N ILE A 56 8.07 1.73 -4.42
CA ILE A 56 6.97 1.61 -3.48
C ILE A 56 5.63 1.94 -4.15
N GLN A 57 4.83 0.91 -4.36
CA GLN A 57 3.50 1.05 -4.93
C GLN A 57 2.45 0.90 -3.84
N VAL A 58 1.61 1.91 -3.68
CA VAL A 58 0.59 1.95 -2.64
C VAL A 58 -0.79 1.62 -3.24
N PHE A 59 -1.50 0.72 -2.59
CA PHE A 59 -2.78 0.25 -3.05
C PHE A 59 -3.90 0.49 -2.06
N GLU A 60 -5.05 0.65 -2.63
CA GLU A 60 -6.31 0.86 -1.98
C GLU A 60 -7.17 -0.36 -2.25
N GLY A 61 -7.70 -0.99 -1.23
CA GLY A 61 -8.53 -2.14 -1.46
C GLY A 61 -8.63 -3.06 -0.26
N GLU A 62 -9.14 -4.26 -0.50
CA GLU A 62 -9.33 -5.26 0.55
C GLU A 62 -8.92 -6.62 0.07
N ARG A 63 -8.78 -6.76 -1.22
CA ARG A 63 -8.94 -8.06 -1.84
C ARG A 63 -7.76 -9.03 -1.69
N ALA A 64 -6.69 -8.63 -1.02
CA ALA A 64 -5.46 -9.44 -0.82
C ALA A 64 -4.68 -9.64 -2.13
N LYS A 65 -5.40 -9.77 -3.21
CA LYS A 65 -4.85 -9.86 -4.51
C LYS A 65 -4.87 -8.44 -5.03
N THR A 66 -3.74 -7.88 -5.30
CA THR A 66 -3.64 -6.51 -5.71
C THR A 66 -4.26 -6.23 -7.06
N LYS A 67 -4.50 -7.27 -7.81
CA LYS A 67 -5.09 -7.16 -9.10
C LYS A 67 -6.57 -6.70 -9.06
N ASP A 68 -7.21 -6.80 -7.90
CA ASP A 68 -8.59 -6.30 -7.73
C ASP A 68 -8.58 -4.95 -7.04
N ASN A 69 -7.40 -4.49 -6.67
CA ASN A 69 -7.25 -3.27 -5.89
C ASN A 69 -6.92 -2.10 -6.81
N ASN A 70 -6.93 -0.93 -6.25
CA ASN A 70 -6.62 0.30 -6.99
C ASN A 70 -5.26 0.82 -6.54
N LEU A 71 -4.44 1.28 -7.46
CA LEU A 71 -3.16 1.86 -7.10
C LEU A 71 -3.37 3.36 -6.92
N LEU A 72 -3.10 3.86 -5.73
CA LEU A 72 -3.30 5.28 -5.43
C LEU A 72 -2.11 6.12 -5.83
N GLY A 73 -0.95 5.75 -5.34
CA GLY A 73 0.22 6.52 -5.61
C GLY A 73 1.45 5.68 -5.49
N LYS A 74 2.55 6.21 -5.93
CA LYS A 74 3.78 5.51 -5.95
C LYS A 74 4.93 6.50 -5.86
N PHE A 75 5.97 6.08 -5.22
CA PHE A 75 7.19 6.85 -5.13
C PHE A 75 8.34 5.88 -5.05
N GLU A 76 9.50 6.31 -5.40
CA GLU A 76 10.62 5.44 -5.37
C GLU A 76 11.64 6.01 -4.42
N LEU A 77 12.11 5.22 -3.49
CA LEU A 77 13.14 5.68 -2.59
C LEU A 77 14.43 5.32 -3.26
N SER A 78 15.10 6.29 -3.77
CA SER A 78 16.29 6.08 -4.53
C SER A 78 17.51 6.51 -3.74
N GLY A 79 18.67 6.12 -4.20
CA GLY A 79 19.89 6.47 -3.54
C GLY A 79 20.12 5.58 -2.35
N ILE A 80 19.73 4.35 -2.49
CA ILE A 80 19.91 3.39 -1.45
C ILE A 80 21.31 2.78 -1.59
N PRO A 81 22.04 2.70 -0.48
CA PRO A 81 23.41 2.18 -0.45
C PRO A 81 23.51 0.71 -0.86
N PRO A 82 24.65 0.30 -1.43
CA PRO A 82 24.88 -1.09 -1.75
C PRO A 82 25.03 -1.91 -0.47
N ALA A 83 24.09 -2.79 -0.24
CA ALA A 83 24.09 -3.59 0.95
C ALA A 83 23.49 -4.95 0.63
N PRO A 84 23.91 -6.00 1.35
CA PRO A 84 23.37 -7.35 1.20
C PRO A 84 21.86 -7.38 1.48
N ARG A 85 21.15 -8.29 0.84
CA ARG A 85 19.70 -8.38 1.00
C ARG A 85 19.33 -8.67 2.45
N GLY A 86 18.31 -8.01 2.93
CA GLY A 86 17.88 -8.16 4.29
C GLY A 86 18.42 -7.05 5.16
N VAL A 87 19.55 -6.51 4.77
CA VAL A 87 20.20 -5.45 5.52
C VAL A 87 19.48 -4.09 5.39
N PRO A 88 19.22 -3.56 4.15
CA PRO A 88 18.48 -2.31 3.99
C PRO A 88 17.09 -2.45 4.58
N GLN A 89 16.81 -1.64 5.56
CA GLN A 89 15.57 -1.72 6.27
C GLN A 89 14.72 -0.54 5.93
N ILE A 90 13.71 -0.75 5.12
CA ILE A 90 12.87 0.32 4.68
C ILE A 90 11.59 0.31 5.50
N GLU A 91 11.45 1.28 6.32
CA GLU A 91 10.29 1.40 7.14
C GLU A 91 9.30 2.30 6.43
N VAL A 92 8.19 1.75 6.08
CA VAL A 92 7.16 2.46 5.38
C VAL A 92 6.10 2.88 6.37
N THR A 93 5.79 4.14 6.38
CA THR A 93 4.87 4.72 7.29
C THR A 93 3.71 5.37 6.54
N PHE A 94 2.53 4.95 6.89
CA PHE A 94 1.31 5.47 6.38
C PHE A 94 0.74 6.46 7.38
N ASP A 95 0.51 7.66 6.95
CA ASP A 95 -0.07 8.70 7.78
C ASP A 95 -1.27 9.31 7.08
N VAL A 96 -2.45 8.96 7.55
CA VAL A 96 -3.68 9.43 6.92
C VAL A 96 -4.27 10.53 7.78
N ASP A 97 -4.84 11.56 7.18
CA ASP A 97 -5.51 12.58 7.97
C ASP A 97 -7.01 12.26 7.97
N SER A 98 -7.85 13.13 8.46
CA SER A 98 -9.27 12.87 8.51
C SER A 98 -9.99 13.02 7.15
N ASN A 99 -9.26 13.51 6.14
CA ASN A 99 -9.83 13.70 4.79
C ASN A 99 -9.42 12.59 3.87
N GLY A 100 -8.68 11.64 4.41
CA GLY A 100 -8.28 10.51 3.62
C GLY A 100 -7.05 10.80 2.77
N ILE A 101 -6.26 11.77 3.18
CA ILE A 101 -5.04 12.06 2.49
C ILE A 101 -3.93 11.27 3.17
N LEU A 102 -3.27 10.47 2.41
CA LEU A 102 -2.30 9.54 2.90
C LEU A 102 -0.87 9.96 2.56
N ASN A 103 -0.10 10.24 3.55
CA ASN A 103 1.30 10.53 3.36
C ASN A 103 2.06 9.27 3.60
N VAL A 104 2.78 8.83 2.63
CA VAL A 104 3.52 7.61 2.74
C VAL A 104 5.00 7.96 2.78
N SER A 105 5.62 7.62 3.86
CA SER A 105 7.01 7.90 4.05
C SER A 105 7.78 6.58 4.13
N ALA A 106 8.93 6.52 3.53
CA ALA A 106 9.77 5.34 3.60
C ALA A 106 11.14 5.77 4.03
N VAL A 107 11.68 5.10 5.02
CA VAL A 107 12.99 5.44 5.56
C VAL A 107 13.87 4.20 5.57
N GLU A 108 15.05 4.31 5.00
CA GLU A 108 16.03 3.25 4.99
C GLU A 108 16.91 3.46 6.24
N LYS A 109 16.79 2.59 7.21
CA LYS A 109 17.46 2.75 8.52
C LYS A 109 18.99 2.59 8.54
N GLY A 110 19.57 2.03 7.51
CA GLY A 110 21.02 1.88 7.49
C GLY A 110 21.69 3.21 7.27
N THR A 111 21.14 3.99 6.39
CA THR A 111 21.64 5.32 6.11
C THR A 111 20.83 6.43 6.76
N GLY A 112 19.54 6.25 6.84
CA GLY A 112 18.68 7.26 7.40
C GLY A 112 17.92 8.01 6.33
N LYS A 113 18.15 7.61 5.09
CA LYS A 113 17.53 8.24 3.95
C LYS A 113 16.06 8.00 3.93
N SER A 114 15.35 9.06 3.77
CA SER A 114 13.93 9.05 3.80
C SER A 114 13.37 9.68 2.54
N ASN A 115 12.24 9.18 2.11
CA ASN A 115 11.51 9.77 1.01
C ASN A 115 10.04 9.63 1.31
N LYS A 116 9.23 10.53 0.83
CA LYS A 116 7.83 10.50 1.15
C LYS A 116 7.02 11.15 0.06
N ILE A 117 5.78 10.78 -0.02
CA ILE A 117 4.88 11.32 -1.01
C ILE A 117 3.52 11.56 -0.35
N THR A 118 2.80 12.51 -0.86
CA THR A 118 1.48 12.78 -0.41
C THR A 118 0.50 12.21 -1.43
N ILE A 119 -0.17 11.17 -1.03
CA ILE A 119 -1.13 10.53 -1.85
C ILE A 119 -2.51 10.94 -1.37
N THR A 120 -3.14 11.77 -2.12
CA THR A 120 -4.45 12.18 -1.78
C THR A 120 -5.39 11.45 -2.70
N ASN A 121 -6.60 11.22 -2.24
CA ASN A 121 -7.64 10.61 -3.04
C ASN A 121 -7.95 11.50 -4.25
N ASP A 122 -7.20 11.27 -5.30
CA ASP A 122 -7.22 12.06 -6.53
C ASP A 122 -8.48 11.77 -7.39
N LYS A 123 -8.37 11.83 -8.70
CA LYS A 123 -9.53 11.77 -9.57
C LYS A 123 -10.07 10.34 -9.70
N GLY A 124 -9.21 9.44 -10.09
CA GLY A 124 -9.61 8.08 -10.34
C GLY A 124 -9.22 7.15 -9.21
N ARG A 125 -10.17 6.85 -8.38
CA ARG A 125 -10.00 5.95 -7.26
C ARG A 125 -11.31 5.26 -6.91
N LEU A 126 -11.89 5.60 -5.80
CA LEU A 126 -13.16 5.08 -5.45
C LEU A 126 -14.19 6.18 -5.56
N SER A 127 -15.19 5.96 -6.36
CA SER A 127 -16.33 6.84 -6.33
C SER A 127 -17.21 6.31 -5.20
N LYS A 128 -18.32 6.95 -4.92
CA LYS A 128 -19.24 6.48 -3.88
C LYS A 128 -19.58 5.00 -4.12
N GLU A 129 -19.89 4.69 -5.37
CA GLU A 129 -20.26 3.36 -5.77
C GLU A 129 -19.11 2.38 -5.61
N ASP A 130 -17.89 2.79 -5.98
CA ASP A 130 -16.74 1.88 -5.90
C ASP A 130 -16.47 1.48 -4.47
N ILE A 131 -16.67 2.43 -3.55
CA ILE A 131 -16.53 2.16 -2.12
C ILE A 131 -17.50 1.05 -1.73
N GLU A 132 -18.77 1.29 -1.99
CA GLU A 132 -19.86 0.39 -1.63
C GLU A 132 -19.67 -0.99 -2.25
N LYS A 133 -19.28 -1.01 -3.51
CA LYS A 133 -19.07 -2.26 -4.25
C LYS A 133 -17.92 -3.07 -3.68
N MET A 134 -16.74 -2.45 -3.59
CA MET A 134 -15.56 -3.17 -3.14
C MET A 134 -15.66 -3.62 -1.70
N VAL A 135 -16.31 -2.81 -0.87
CA VAL A 135 -16.56 -3.20 0.52
C VAL A 135 -17.40 -4.47 0.57
N ALA A 136 -18.49 -4.48 -0.19
CA ALA A 136 -19.44 -5.57 -0.17
C ALA A 136 -18.87 -6.86 -0.75
N GLU A 137 -18.28 -6.77 -1.94
CA GLU A 137 -17.79 -7.98 -2.61
C GLU A 137 -16.61 -8.62 -1.87
N ALA A 138 -15.73 -7.79 -1.33
CA ALA A 138 -14.56 -8.29 -0.60
C ALA A 138 -14.99 -8.89 0.73
N GLU A 139 -16.10 -8.43 1.25
CA GLU A 139 -16.64 -8.98 2.47
C GLU A 139 -17.40 -10.27 2.15
N LYS A 140 -17.97 -10.32 0.96
CA LYS A 140 -18.72 -11.48 0.51
C LYS A 140 -17.77 -12.67 0.32
N PHE A 141 -16.69 -12.41 -0.37
CA PHE A 141 -15.68 -13.43 -0.62
C PHE A 141 -14.50 -13.24 0.34
N LYS A 142 -14.81 -12.78 1.54
CA LYS A 142 -13.81 -12.47 2.56
C LYS A 142 -12.98 -13.70 2.93
N GLU A 143 -13.62 -14.84 2.96
CA GLU A 143 -12.94 -16.10 3.25
C GLU A 143 -11.92 -16.45 2.18
N GLU A 144 -12.15 -15.98 0.99
CA GLU A 144 -11.25 -16.24 -0.11
C GLU A 144 -10.03 -15.36 0.07
N ASP A 145 -10.31 -14.07 0.23
CA ASP A 145 -9.30 -13.02 0.44
C ASP A 145 -8.35 -13.36 1.56
N GLU A 146 -8.90 -13.64 2.75
CA GLU A 146 -8.06 -13.92 3.90
C GLU A 146 -7.27 -15.18 3.72
N LYS A 147 -7.91 -16.24 3.25
CA LYS A 147 -7.24 -17.51 3.04
C LYS A 147 -6.13 -17.43 1.99
N GLU A 148 -6.24 -16.50 1.07
CA GLU A 148 -5.15 -16.25 0.14
C GLU A 148 -3.98 -15.63 0.90
N SER A 149 -4.26 -14.54 1.60
CA SER A 149 -3.24 -13.78 2.33
C SER A 149 -2.57 -14.62 3.43
N GLN A 150 -3.36 -15.44 4.12
CA GLN A 150 -2.85 -16.26 5.21
C GLN A 150 -1.96 -17.37 4.68
N ARG A 151 -2.21 -17.83 3.48
CA ARG A 151 -1.42 -18.89 2.91
C ARG A 151 -0.14 -18.36 2.29
N ILE A 152 -0.21 -17.13 1.75
CA ILE A 152 0.98 -16.49 1.18
C ILE A 152 2.07 -16.42 2.26
N ALA A 153 1.69 -15.87 3.43
CA ALA A 153 2.51 -15.78 4.65
C ALA A 153 3.78 -14.92 4.50
N SER A 154 4.60 -15.24 3.54
CA SER A 154 5.85 -14.57 3.31
C SER A 154 5.60 -13.18 2.71
N LYS A 155 5.83 -12.19 3.52
CA LYS A 155 5.72 -10.80 3.14
C LYS A 155 7.12 -10.19 3.17
N ASN A 156 7.21 -8.86 3.20
CA ASN A 156 8.51 -8.14 3.18
C ASN A 156 9.26 -8.38 1.90
N GLN A 157 8.61 -8.04 0.81
CA GLN A 157 9.19 -8.22 -0.51
C GLN A 157 9.02 -6.92 -1.26
N LEU A 158 10.09 -6.33 -1.70
CA LEU A 158 10.02 -5.07 -2.40
C LEU A 158 10.77 -5.18 -3.70
N GLU A 159 10.39 -4.36 -4.64
CA GLU A 159 11.04 -4.28 -5.90
C GLU A 159 12.09 -3.21 -5.83
N SER A 160 13.24 -3.49 -6.36
CA SER A 160 14.31 -2.54 -6.35
C SER A 160 14.36 -1.75 -7.65
N ILE A 161 13.87 -2.36 -8.70
CA ILE A 161 13.83 -1.73 -10.00
C ILE A 161 12.40 -1.67 -10.49
N ALA A 162 12.12 -0.76 -11.38
CA ALA A 162 10.79 -0.66 -11.91
C ALA A 162 10.54 -1.80 -12.87
N TYR A 163 9.62 -2.65 -12.51
CA TYR A 163 9.22 -3.76 -13.33
C TYR A 163 8.44 -3.29 -14.55
N SER A 164 7.51 -2.40 -14.31
CA SER A 164 6.67 -1.80 -15.31
C SER A 164 5.78 -0.76 -14.65
N LEU A 165 5.92 0.48 -15.05
CA LEU A 165 5.11 1.54 -14.50
C LEU A 165 4.27 2.09 -15.64
N LYS A 166 3.18 1.34 -15.96
CA LYS A 166 2.27 1.66 -17.10
C LYS A 166 3.02 1.52 -18.42
N ASN A 167 4.23 0.98 -18.30
CA ASN A 167 5.20 0.87 -19.37
C ASN A 167 5.59 2.19 -19.99
N THR A 168 5.29 3.27 -19.30
CA THR A 168 5.71 4.56 -19.72
C THR A 168 7.13 4.79 -19.20
N ILE A 169 8.04 4.05 -19.79
CA ILE A 169 9.43 4.02 -19.44
C ILE A 169 10.22 3.92 -20.72
N SER A 170 10.81 4.99 -21.13
CA SER A 170 11.56 4.98 -22.35
C SER A 170 13.05 5.26 -22.07
N GLU A 171 13.29 6.01 -21.01
CA GLU A 171 14.64 6.37 -20.58
C GLU A 171 14.71 6.21 -19.06
N ALA A 172 14.21 5.05 -18.60
CA ALA A 172 14.01 4.71 -17.17
C ALA A 172 12.85 5.53 -16.60
N GLY A 173 12.17 6.17 -17.51
CA GLY A 173 11.07 7.01 -17.29
C GLY A 173 10.55 7.38 -18.64
N SER A 1 -33.47 4.19 8.75
CA SER A 1 -34.57 5.08 8.48
C SER A 1 -34.16 6.20 7.48
N SER A 2 -33.21 7.02 7.87
CA SER A 2 -32.75 8.13 7.08
C SER A 2 -31.80 7.66 5.97
N LYS A 3 -32.36 7.45 4.77
CA LYS A 3 -31.61 7.00 3.58
C LYS A 3 -30.92 5.66 3.83
N THR A 4 -29.69 5.75 4.23
CA THR A 4 -28.88 4.64 4.62
C THR A 4 -27.76 5.25 5.45
N GLN A 5 -28.05 6.48 5.94
CA GLN A 5 -27.14 7.38 6.63
C GLN A 5 -25.99 7.82 5.71
N ASP A 6 -25.76 9.11 5.65
CA ASP A 6 -24.73 9.64 4.78
C ASP A 6 -23.36 9.41 5.37
N LEU A 7 -22.37 9.46 4.53
CA LEU A 7 -21.02 9.31 4.96
C LEU A 7 -20.44 10.69 5.23
N LEU A 8 -20.53 11.11 6.48
CA LEU A 8 -20.04 12.41 6.88
C LEU A 8 -18.53 12.41 7.00
N LEU A 9 -17.89 12.60 5.85
CA LEU A 9 -16.44 12.67 5.69
C LEU A 9 -15.79 11.31 5.92
N LEU A 10 -14.53 11.22 5.62
CA LEU A 10 -13.81 10.00 5.86
C LEU A 10 -13.34 9.98 7.29
N ASP A 11 -14.14 9.40 8.14
CA ASP A 11 -13.78 9.25 9.54
C ASP A 11 -13.03 7.94 9.72
N VAL A 12 -13.27 7.05 8.82
CA VAL A 12 -12.67 5.77 8.86
C VAL A 12 -12.04 5.45 7.55
N ALA A 13 -11.18 4.46 7.54
CA ALA A 13 -10.60 3.97 6.33
C ALA A 13 -11.68 3.22 5.56
N PRO A 14 -12.07 3.72 4.38
CA PRO A 14 -13.16 3.13 3.58
C PRO A 14 -12.72 1.84 2.89
N LEU A 15 -11.44 1.75 2.68
CA LEU A 15 -10.78 0.60 2.12
C LEU A 15 -9.53 0.45 2.94
N SER A 16 -8.95 -0.70 2.94
CA SER A 16 -7.69 -0.87 3.58
C SER A 16 -6.62 -0.13 2.78
N LEU A 17 -5.65 0.40 3.46
CA LEU A 17 -4.56 1.08 2.81
C LEU A 17 -3.36 0.18 2.87
N GLY A 18 -2.72 0.00 1.75
CA GLY A 18 -1.60 -0.86 1.72
C GLY A 18 -0.73 -0.65 0.53
N ILE A 19 0.21 -1.53 0.40
CA ILE A 19 1.15 -1.51 -0.69
C ILE A 19 1.13 -2.85 -1.35
N GLU A 20 1.77 -2.98 -2.46
CA GLU A 20 1.90 -4.26 -3.08
C GLU A 20 3.27 -4.81 -2.77
N THR A 21 3.32 -6.05 -2.42
CA THR A 21 4.57 -6.70 -2.23
C THR A 21 4.80 -7.71 -3.33
N ALA A 22 6.02 -8.22 -3.43
CA ALA A 22 6.43 -9.13 -4.49
C ALA A 22 5.54 -10.37 -4.57
N GLY A 23 4.69 -10.41 -5.58
CA GLY A 23 3.82 -11.53 -5.77
C GLY A 23 2.38 -11.14 -6.01
N GLY A 24 2.09 -9.84 -5.93
CA GLY A 24 0.73 -9.37 -6.14
C GLY A 24 -0.05 -9.46 -4.85
N VAL A 25 0.66 -9.26 -3.77
CA VAL A 25 0.11 -9.36 -2.44
C VAL A 25 -0.31 -7.99 -1.97
N MET A 26 -1.58 -7.81 -1.62
CA MET A 26 -1.95 -6.57 -1.03
C MET A 26 -1.49 -6.62 0.39
N THR A 27 -0.60 -5.78 0.70
CA THR A 27 -0.05 -5.72 2.00
C THR A 27 -0.81 -4.67 2.78
N LYS A 28 -1.70 -5.12 3.66
CA LYS A 28 -2.54 -4.22 4.42
C LYS A 28 -1.86 -3.77 5.70
N LEU A 29 -1.57 -2.50 5.78
CA LEU A 29 -1.01 -1.93 7.00
C LEU A 29 -2.15 -1.37 7.83
N ILE A 30 -3.13 -0.81 7.15
CA ILE A 30 -4.29 -0.23 7.78
C ILE A 30 -5.53 -0.85 7.17
N PRO A 31 -6.29 -1.64 7.95
CA PRO A 31 -7.51 -2.29 7.46
C PRO A 31 -8.71 -1.33 7.36
N ARG A 32 -9.80 -1.82 6.82
CA ARG A 32 -11.02 -1.03 6.69
C ARG A 32 -11.59 -0.77 8.08
N ASN A 33 -12.19 0.40 8.27
CA ASN A 33 -12.80 0.82 9.55
C ASN A 33 -11.76 0.97 10.66
N SER A 34 -10.51 1.18 10.30
CA SER A 34 -9.45 1.31 11.29
C SER A 34 -9.45 2.73 11.95
N THR A 35 -10.33 3.61 11.47
CA THR A 35 -10.52 4.96 11.96
C THR A 35 -9.28 5.89 11.75
N ILE A 36 -9.51 7.02 11.11
CA ILE A 36 -8.48 8.00 10.87
C ILE A 36 -8.86 9.27 11.66
N PRO A 37 -7.92 10.21 11.96
CA PRO A 37 -6.51 10.16 11.58
C PRO A 37 -5.74 9.00 12.22
N THR A 38 -4.87 8.40 11.46
CA THR A 38 -4.11 7.28 11.92
C THR A 38 -2.73 7.32 11.26
N LYS A 39 -1.78 6.69 11.89
CA LYS A 39 -0.44 6.57 11.38
C LYS A 39 0.04 5.17 11.68
N LYS A 40 0.56 4.49 10.69
CA LYS A 40 0.97 3.12 10.86
C LYS A 40 2.32 2.92 10.22
N SER A 41 3.25 2.43 10.98
CA SER A 41 4.58 2.15 10.51
C SER A 41 4.78 0.64 10.46
N GLU A 42 5.25 0.14 9.35
CA GLU A 42 5.47 -1.27 9.17
C GLU A 42 6.85 -1.44 8.52
N ILE A 43 7.57 -2.46 8.89
CA ILE A 43 8.91 -2.69 8.39
C ILE A 43 8.88 -3.69 7.24
N PHE A 44 9.58 -3.37 6.19
CA PHE A 44 9.74 -4.23 5.04
C PHE A 44 11.20 -4.29 4.67
N SER A 45 11.55 -5.15 3.79
CA SER A 45 12.91 -5.34 3.38
C SER A 45 12.81 -5.85 1.97
N THR A 46 13.89 -6.04 1.32
CA THR A 46 13.84 -6.57 0.01
C THR A 46 14.51 -7.93 0.03
N TYR A 47 14.31 -8.71 -1.01
CA TYR A 47 14.92 -10.01 -1.12
C TYR A 47 16.42 -9.87 -1.20
N ALA A 48 16.87 -8.86 -1.90
CA ALA A 48 18.25 -8.70 -2.12
C ALA A 48 18.66 -7.27 -2.23
N ASP A 49 19.80 -6.97 -1.67
CA ASP A 49 20.44 -5.66 -1.75
C ASP A 49 21.01 -5.49 -3.14
N ASN A 50 21.65 -4.33 -3.37
CA ASN A 50 22.27 -3.96 -4.68
C ASN A 50 21.25 -3.51 -5.69
N GLN A 51 20.00 -3.50 -5.30
CA GLN A 51 18.96 -2.98 -6.16
C GLN A 51 19.09 -1.46 -6.20
N PRO A 52 18.91 -0.81 -7.36
CA PRO A 52 19.08 0.66 -7.52
C PRO A 52 18.15 1.46 -6.60
N GLY A 53 16.96 0.98 -6.47
CA GLY A 53 15.97 1.63 -5.70
C GLY A 53 14.88 0.68 -5.42
N VAL A 54 14.05 1.00 -4.48
CA VAL A 54 12.91 0.19 -4.17
C VAL A 54 11.65 0.98 -4.47
N LEU A 55 10.69 0.32 -5.00
CA LEU A 55 9.48 0.97 -5.40
C LEU A 55 8.39 0.75 -4.39
N ILE A 56 7.82 1.82 -3.91
CA ILE A 56 6.70 1.71 -3.04
C ILE A 56 5.47 2.10 -3.82
N GLN A 57 4.70 1.12 -4.19
CA GLN A 57 3.45 1.30 -4.88
C GLN A 57 2.31 1.12 -3.91
N VAL A 58 1.47 2.14 -3.83
CA VAL A 58 0.41 2.21 -2.83
C VAL A 58 -0.95 1.89 -3.46
N PHE A 59 -1.67 1.00 -2.85
CA PHE A 59 -2.95 0.54 -3.34
C PHE A 59 -3.98 0.55 -2.24
N GLU A 60 -5.21 0.73 -2.62
CA GLU A 60 -6.30 0.61 -1.71
C GLU A 60 -7.23 -0.46 -2.20
N GLY A 61 -8.10 -0.88 -1.36
CA GLY A 61 -9.08 -1.83 -1.75
C GLY A 61 -9.21 -2.96 -0.79
N GLU A 62 -10.32 -3.60 -0.81
CA GLU A 62 -10.56 -4.74 -0.02
C GLU A 62 -10.32 -5.96 -0.89
N ARG A 63 -9.13 -6.51 -0.77
CA ARG A 63 -8.76 -7.73 -1.44
C ARG A 63 -7.42 -8.10 -0.87
N ALA A 64 -6.99 -9.31 -1.07
CA ALA A 64 -5.66 -9.73 -0.64
C ALA A 64 -4.77 -9.83 -1.86
N LYS A 65 -5.38 -9.91 -2.99
CA LYS A 65 -4.69 -10.02 -4.24
C LYS A 65 -4.83 -8.70 -4.95
N THR A 66 -3.72 -8.03 -5.17
CA THR A 66 -3.64 -6.67 -5.70
C THR A 66 -4.38 -6.47 -7.07
N LYS A 67 -4.73 -7.56 -7.75
CA LYS A 67 -5.41 -7.48 -9.04
C LYS A 67 -6.81 -6.82 -8.95
N ASP A 68 -7.36 -6.68 -7.75
CA ASP A 68 -8.64 -5.95 -7.58
C ASP A 68 -8.40 -4.66 -6.84
N ASN A 69 -7.16 -4.35 -6.61
CA ASN A 69 -6.82 -3.17 -5.87
C ASN A 69 -6.57 -2.04 -6.79
N ASN A 70 -6.80 -0.86 -6.30
CA ASN A 70 -6.65 0.33 -7.11
C ASN A 70 -5.42 1.09 -6.67
N LEU A 71 -4.72 1.63 -7.62
CA LEU A 71 -3.49 2.32 -7.39
C LEU A 71 -3.77 3.75 -6.97
N LEU A 72 -3.19 4.16 -5.88
CA LEU A 72 -3.34 5.53 -5.42
C LEU A 72 -2.15 6.36 -5.87
N GLY A 73 -1.03 5.70 -6.01
CA GLY A 73 0.14 6.36 -6.45
C GLY A 73 1.35 5.57 -6.07
N LYS A 74 2.51 6.11 -6.35
CA LYS A 74 3.74 5.43 -6.03
C LYS A 74 4.87 6.41 -5.98
N PHE A 75 5.97 6.00 -5.38
CA PHE A 75 7.18 6.76 -5.33
C PHE A 75 8.34 5.80 -5.25
N GLU A 76 9.44 6.18 -5.83
CA GLU A 76 10.58 5.33 -5.87
C GLU A 76 11.63 5.85 -4.91
N LEU A 77 12.17 4.99 -4.08
CA LEU A 77 13.21 5.39 -3.18
C LEU A 77 14.50 4.82 -3.73
N SER A 78 15.31 5.68 -4.29
CA SER A 78 16.52 5.27 -4.95
C SER A 78 17.73 5.47 -4.05
N GLY A 79 18.80 4.77 -4.35
CA GLY A 79 20.03 4.92 -3.60
C GLY A 79 20.24 3.80 -2.62
N ILE A 80 19.72 2.64 -2.93
CA ILE A 80 19.85 1.48 -2.06
C ILE A 80 21.32 1.00 -2.12
N PRO A 81 21.95 0.76 -0.98
CA PRO A 81 23.37 0.42 -0.92
C PRO A 81 23.67 -1.07 -1.26
N PRO A 82 24.92 -1.38 -1.67
CA PRO A 82 25.37 -2.75 -1.83
C PRO A 82 25.81 -3.31 -0.47
N ALA A 83 25.10 -4.27 0.03
CA ALA A 83 25.37 -4.81 1.32
C ALA A 83 24.94 -6.26 1.36
N PRO A 84 25.28 -7.02 2.46
CA PRO A 84 24.79 -8.37 2.63
C PRO A 84 23.26 -8.40 2.55
N ARG A 85 22.72 -9.30 1.75
CA ARG A 85 21.29 -9.36 1.46
C ARG A 85 20.39 -9.34 2.71
N GLY A 86 19.69 -8.24 2.88
CA GLY A 86 18.80 -8.09 4.01
C GLY A 86 19.27 -7.05 5.02
N VAL A 87 20.25 -6.25 4.66
CA VAL A 87 20.73 -5.18 5.56
C VAL A 87 19.77 -3.97 5.69
N PRO A 88 19.33 -3.32 4.60
CA PRO A 88 18.49 -2.16 4.69
C PRO A 88 17.00 -2.49 4.69
N GLN A 89 16.35 -2.14 5.75
CA GLN A 89 14.93 -2.32 5.88
C GLN A 89 14.24 -1.01 5.65
N ILE A 90 13.10 -1.07 5.06
CA ILE A 90 12.35 0.09 4.74
C ILE A 90 11.11 0.16 5.63
N GLU A 91 11.06 1.20 6.40
CA GLU A 91 9.98 1.50 7.28
C GLU A 91 8.95 2.29 6.50
N VAL A 92 7.86 1.67 6.18
CA VAL A 92 6.80 2.33 5.47
C VAL A 92 5.77 2.80 6.47
N THR A 93 5.54 4.07 6.47
CA THR A 93 4.64 4.69 7.37
C THR A 93 3.54 5.43 6.62
N PHE A 94 2.32 5.08 6.93
CA PHE A 94 1.18 5.74 6.37
C PHE A 94 0.66 6.73 7.39
N ASP A 95 0.55 7.98 7.03
CA ASP A 95 -0.12 8.92 7.91
C ASP A 95 -1.30 9.53 7.21
N VAL A 96 -2.47 9.23 7.72
CA VAL A 96 -3.72 9.72 7.17
C VAL A 96 -4.30 10.70 8.15
N ASP A 97 -4.66 11.87 7.69
CA ASP A 97 -5.29 12.87 8.56
C ASP A 97 -6.81 12.72 8.45
N SER A 98 -7.57 13.65 8.99
CA SER A 98 -9.02 13.56 8.96
C SER A 98 -9.64 14.00 7.62
N ASN A 99 -8.81 14.43 6.68
CA ASN A 99 -9.30 14.84 5.37
C ASN A 99 -9.06 13.75 4.37
N GLY A 100 -8.36 12.72 4.79
CA GLY A 100 -8.05 11.63 3.91
C GLY A 100 -6.76 11.86 3.14
N ILE A 101 -5.88 12.67 3.70
CA ILE A 101 -4.60 12.93 3.10
C ILE A 101 -3.60 11.93 3.65
N LEU A 102 -3.10 11.07 2.79
CA LEU A 102 -2.21 10.03 3.17
C LEU A 102 -0.78 10.33 2.74
N ASN A 103 0.08 10.54 3.67
CA ASN A 103 1.47 10.69 3.34
C ASN A 103 2.12 9.36 3.56
N VAL A 104 2.67 8.84 2.52
CA VAL A 104 3.33 7.57 2.61
C VAL A 104 4.79 7.83 2.70
N SER A 105 5.36 7.47 3.79
CA SER A 105 6.74 7.72 4.04
C SER A 105 7.50 6.41 4.07
N ALA A 106 8.64 6.38 3.47
CA ALA A 106 9.47 5.22 3.50
C ALA A 106 10.85 5.61 3.96
N VAL A 107 11.29 4.98 5.01
CA VAL A 107 12.59 5.25 5.56
C VAL A 107 13.45 4.01 5.43
N GLU A 108 14.54 4.14 4.75
CA GLU A 108 15.47 3.06 4.58
C GLU A 108 16.44 3.17 5.75
N LYS A 109 16.22 2.29 6.71
CA LYS A 109 16.86 2.33 8.04
C LYS A 109 18.35 2.02 7.99
N GLY A 110 18.79 1.39 6.93
CA GLY A 110 20.18 0.98 6.84
C GLY A 110 21.10 2.16 6.71
N THR A 111 20.81 3.01 5.78
CA THR A 111 21.62 4.18 5.55
C THR A 111 21.04 5.40 6.28
N GLY A 112 19.74 5.41 6.42
CA GLY A 112 19.08 6.53 7.04
C GLY A 112 18.45 7.43 6.01
N LYS A 113 17.94 6.84 4.96
CA LYS A 113 17.26 7.58 3.92
C LYS A 113 15.80 7.67 4.20
N SER A 114 15.18 8.68 3.70
CA SER A 114 13.80 8.91 3.95
C SER A 114 13.21 9.64 2.76
N ASN A 115 12.08 9.18 2.31
CA ASN A 115 11.40 9.77 1.20
C ASN A 115 9.92 9.51 1.38
N LYS A 116 9.10 10.48 1.09
CA LYS A 116 7.69 10.26 1.22
C LYS A 116 6.97 10.87 0.05
N ILE A 117 5.73 10.56 -0.05
CA ILE A 117 4.88 11.11 -1.05
C ILE A 117 3.58 11.52 -0.39
N THR A 118 2.93 12.48 -0.91
CA THR A 118 1.65 12.86 -0.41
C THR A 118 0.62 12.36 -1.38
N ILE A 119 -0.13 11.39 -0.97
CA ILE A 119 -1.18 10.88 -1.79
C ILE A 119 -2.47 11.17 -1.04
N THR A 120 -3.19 12.11 -1.49
CA THR A 120 -4.41 12.39 -0.86
C THR A 120 -5.52 11.77 -1.66
N ASN A 121 -6.56 11.39 -1.01
CA ASN A 121 -7.71 10.90 -1.70
C ASN A 121 -8.43 12.09 -2.26
N ASP A 122 -8.17 12.35 -3.51
CA ASP A 122 -8.78 13.46 -4.15
C ASP A 122 -10.23 13.14 -4.46
N LYS A 123 -10.94 14.09 -4.99
CA LYS A 123 -12.36 14.04 -5.13
C LYS A 123 -12.79 13.01 -6.17
N GLY A 124 -11.96 12.83 -7.17
CA GLY A 124 -12.26 11.88 -8.22
C GLY A 124 -11.46 10.59 -8.09
N ARG A 125 -10.71 10.46 -7.02
CA ARG A 125 -9.94 9.25 -6.82
C ARG A 125 -10.87 8.15 -6.29
N LEU A 126 -11.42 8.37 -5.12
CA LEU A 126 -12.37 7.43 -4.56
C LEU A 126 -13.75 8.02 -4.56
N SER A 127 -14.65 7.35 -5.22
CA SER A 127 -16.02 7.72 -5.20
C SER A 127 -16.71 6.83 -4.16
N LYS A 128 -17.96 7.11 -3.86
CA LYS A 128 -18.70 6.31 -2.89
C LYS A 128 -18.89 4.90 -3.46
N GLU A 129 -19.10 4.84 -4.76
CA GLU A 129 -19.33 3.60 -5.46
C GLU A 129 -18.09 2.70 -5.46
N ASP A 130 -16.89 3.30 -5.50
CA ASP A 130 -15.63 2.50 -5.44
C ASP A 130 -15.62 1.72 -4.16
N ILE A 131 -15.93 2.42 -3.09
CA ILE A 131 -15.98 1.86 -1.76
C ILE A 131 -16.98 0.72 -1.70
N GLU A 132 -18.23 1.04 -2.07
CA GLU A 132 -19.34 0.11 -2.02
C GLU A 132 -19.07 -1.18 -2.84
N LYS A 133 -18.53 -1.02 -4.06
CA LYS A 133 -18.18 -2.17 -4.92
C LYS A 133 -17.22 -3.11 -4.22
N MET A 134 -16.14 -2.53 -3.73
CA MET A 134 -15.05 -3.26 -3.14
C MET A 134 -15.44 -3.91 -1.83
N VAL A 135 -16.11 -3.16 -0.98
CA VAL A 135 -16.52 -3.65 0.31
C VAL A 135 -17.43 -4.85 0.19
N ALA A 136 -18.47 -4.74 -0.62
CA ALA A 136 -19.44 -5.82 -0.81
C ALA A 136 -18.77 -7.06 -1.36
N GLU A 137 -17.87 -6.86 -2.27
CA GLU A 137 -17.21 -7.94 -2.96
C GLU A 137 -16.26 -8.70 -2.03
N ALA A 138 -15.45 -7.97 -1.31
CA ALA A 138 -14.47 -8.57 -0.44
C ALA A 138 -15.09 -9.12 0.81
N GLU A 139 -16.22 -8.56 1.19
CA GLU A 139 -16.97 -9.09 2.31
C GLU A 139 -17.54 -10.45 1.90
N LYS A 140 -17.94 -10.53 0.64
CA LYS A 140 -18.48 -11.75 0.06
C LYS A 140 -17.41 -12.87 0.09
N PHE A 141 -16.25 -12.55 -0.44
CA PHE A 141 -15.13 -13.49 -0.53
C PHE A 141 -14.15 -13.28 0.62
N LYS A 142 -14.67 -12.90 1.81
CA LYS A 142 -13.80 -12.61 2.95
C LYS A 142 -12.88 -13.75 3.33
N GLU A 143 -13.39 -14.99 3.27
CA GLU A 143 -12.58 -16.15 3.62
C GLU A 143 -11.52 -16.34 2.57
N GLU A 144 -11.96 -16.34 1.34
CA GLU A 144 -11.12 -16.60 0.20
C GLU A 144 -9.93 -15.66 0.15
N ASP A 145 -10.17 -14.40 0.35
CA ASP A 145 -9.08 -13.45 0.34
C ASP A 145 -8.13 -13.65 1.51
N GLU A 146 -8.66 -13.81 2.72
CA GLU A 146 -7.79 -13.96 3.87
C GLU A 146 -7.02 -15.26 3.83
N LYS A 147 -7.64 -16.32 3.31
CA LYS A 147 -6.98 -17.60 3.18
C LYS A 147 -5.78 -17.53 2.26
N GLU A 148 -5.87 -16.70 1.22
CA GLU A 148 -4.71 -16.48 0.37
C GLU A 148 -3.72 -15.57 1.07
N SER A 149 -4.24 -14.55 1.75
CA SER A 149 -3.44 -13.56 2.47
C SER A 149 -2.61 -14.22 3.60
N GLN A 150 -3.02 -15.41 4.01
CA GLN A 150 -2.30 -16.15 5.04
C GLN A 150 -1.09 -16.90 4.48
N ARG A 151 -1.10 -17.16 3.18
CA ARG A 151 0.03 -17.85 2.54
C ARG A 151 1.08 -16.83 2.15
N ILE A 152 0.65 -15.60 2.10
CA ILE A 152 1.47 -14.48 1.74
C ILE A 152 1.39 -13.43 2.84
N ALA A 153 1.70 -12.17 2.53
CA ALA A 153 1.65 -11.06 3.50
C ALA A 153 2.65 -11.30 4.62
N SER A 154 3.66 -12.09 4.31
CA SER A 154 4.71 -12.47 5.21
C SER A 154 5.65 -11.27 5.47
N LYS A 155 5.44 -10.21 4.68
CA LYS A 155 6.21 -8.97 4.74
C LYS A 155 7.65 -9.17 4.34
N ASN A 156 8.41 -8.09 4.38
CA ASN A 156 9.83 -8.07 4.04
C ASN A 156 10.07 -8.44 2.58
N GLN A 157 9.04 -8.24 1.76
CA GLN A 157 9.14 -8.50 0.35
C GLN A 157 9.08 -7.15 -0.35
N LEU A 158 10.08 -6.82 -1.11
CA LEU A 158 10.09 -5.57 -1.86
C LEU A 158 10.65 -5.77 -3.22
N GLU A 159 10.26 -4.92 -4.12
CA GLU A 159 10.75 -4.95 -5.45
C GLU A 159 11.41 -3.63 -5.77
N SER A 160 12.36 -3.69 -6.65
CA SER A 160 13.15 -2.57 -7.03
C SER A 160 12.35 -1.65 -7.95
N ILE A 161 11.91 -2.17 -9.08
CA ILE A 161 11.13 -1.42 -10.04
C ILE A 161 9.93 -2.24 -10.42
N ALA A 162 8.89 -1.59 -10.90
CA ALA A 162 7.65 -2.27 -11.26
C ALA A 162 7.92 -3.35 -12.29
N TYR A 163 7.67 -4.58 -11.90
CA TYR A 163 7.90 -5.72 -12.76
C TYR A 163 6.98 -5.71 -13.96
N SER A 164 5.72 -5.34 -13.72
CA SER A 164 4.67 -5.26 -14.75
C SER A 164 4.62 -6.49 -15.67
N LEU A 165 3.89 -7.51 -15.27
CA LEU A 165 3.80 -8.72 -16.07
C LEU A 165 2.84 -8.47 -17.21
N LYS A 166 1.69 -7.95 -16.85
CA LYS A 166 0.65 -7.58 -17.76
C LYS A 166 0.06 -6.28 -17.25
N ASN A 167 0.29 -5.20 -17.95
CA ASN A 167 -0.26 -3.94 -17.49
C ASN A 167 -1.72 -3.87 -17.88
N THR A 168 -2.56 -4.09 -16.92
CA THR A 168 -3.98 -4.10 -17.12
C THR A 168 -4.52 -2.68 -16.98
N ILE A 169 -3.84 -1.88 -16.18
CA ILE A 169 -4.18 -0.49 -16.01
C ILE A 169 -3.63 0.31 -17.18
N SER A 170 -4.52 0.74 -18.01
CA SER A 170 -4.22 1.54 -19.16
C SER A 170 -5.23 2.67 -19.17
N GLU A 171 -4.94 3.75 -19.81
CA GLU A 171 -5.88 4.83 -19.89
C GLU A 171 -6.53 4.84 -21.25
N ALA A 172 -7.83 4.59 -21.27
CA ALA A 172 -8.57 4.55 -22.51
C ALA A 172 -8.70 5.95 -23.07
N GLY A 173 -8.83 6.88 -22.18
CA GLY A 173 -8.94 8.23 -22.53
C GLY A 173 -8.33 9.04 -21.45
N SER A 1 -22.96 -1.51 3.07
CA SER A 1 -23.67 -0.26 2.90
C SER A 1 -24.83 -0.22 3.87
N SER A 2 -24.94 0.83 4.63
CA SER A 2 -26.04 1.00 5.53
C SER A 2 -26.71 2.33 5.29
N LYS A 3 -25.94 3.40 5.35
CA LYS A 3 -26.47 4.73 5.14
C LYS A 3 -25.46 5.63 4.49
N THR A 4 -25.86 6.23 3.40
CA THR A 4 -25.07 7.25 2.78
C THR A 4 -25.38 8.52 3.58
N GLN A 5 -24.51 8.84 4.50
CA GLN A 5 -24.80 9.87 5.45
C GLN A 5 -24.03 11.13 5.12
N ASP A 6 -22.74 11.09 5.29
CA ASP A 6 -21.96 12.28 5.10
C ASP A 6 -20.84 12.07 4.13
N LEU A 7 -20.89 12.79 3.06
CA LEU A 7 -19.88 12.72 2.03
C LEU A 7 -18.97 13.93 2.13
N LEU A 8 -19.15 14.70 3.19
CA LEU A 8 -18.38 15.90 3.39
C LEU A 8 -17.07 15.57 4.06
N LEU A 9 -17.15 14.93 5.19
CA LEU A 9 -15.96 14.58 5.91
C LEU A 9 -15.80 13.08 5.99
N LEU A 10 -14.81 12.57 5.29
CA LEU A 10 -14.47 11.19 5.42
C LEU A 10 -13.63 11.03 6.66
N ASP A 11 -14.31 10.95 7.78
CA ASP A 11 -13.70 10.83 9.10
C ASP A 11 -13.20 9.41 9.28
N VAL A 12 -13.73 8.54 8.47
CA VAL A 12 -13.35 7.17 8.46
C VAL A 12 -12.75 6.82 7.11
N ALA A 13 -11.77 5.95 7.10
CA ALA A 13 -11.18 5.48 5.87
C ALA A 13 -12.16 4.53 5.22
N PRO A 14 -12.66 4.84 4.01
CA PRO A 14 -13.69 4.04 3.33
C PRO A 14 -13.20 2.64 2.97
N LEU A 15 -11.93 2.54 2.66
CA LEU A 15 -11.29 1.30 2.30
C LEU A 15 -9.93 1.30 2.97
N SER A 16 -9.26 0.18 3.01
CA SER A 16 -7.96 0.14 3.60
C SER A 16 -6.90 0.60 2.59
N LEU A 17 -5.93 1.31 3.07
CA LEU A 17 -4.87 1.84 2.24
C LEU A 17 -3.62 1.04 2.50
N GLY A 18 -2.84 0.81 1.47
CA GLY A 18 -1.66 0.04 1.66
C GLY A 18 -0.74 0.07 0.48
N ILE A 19 0.07 -0.95 0.34
CA ILE A 19 1.04 -1.05 -0.72
C ILE A 19 0.94 -2.37 -1.42
N GLU A 20 1.66 -2.51 -2.48
CA GLU A 20 1.79 -3.76 -3.14
C GLU A 20 3.15 -4.31 -2.88
N THR A 21 3.19 -5.51 -2.43
CA THR A 21 4.41 -6.19 -2.29
C THR A 21 4.54 -7.20 -3.43
N ALA A 22 5.77 -7.52 -3.82
CA ALA A 22 6.05 -8.39 -4.96
C ALA A 22 5.25 -9.68 -4.90
N GLY A 23 4.40 -9.86 -5.89
CA GLY A 23 3.54 -11.00 -5.95
C GLY A 23 2.12 -10.59 -6.19
N GLY A 24 1.86 -9.30 -6.05
CA GLY A 24 0.53 -8.79 -6.25
C GLY A 24 -0.25 -8.85 -4.96
N VAL A 25 0.48 -8.81 -3.88
CA VAL A 25 -0.06 -8.88 -2.56
C VAL A 25 -0.40 -7.48 -2.11
N MET A 26 -1.64 -7.21 -1.89
CA MET A 26 -2.02 -5.91 -1.43
C MET A 26 -1.90 -5.91 0.07
N THR A 27 -0.90 -5.23 0.49
CA THR A 27 -0.51 -5.15 1.84
C THR A 27 -1.25 -3.98 2.50
N LYS A 28 -2.11 -4.29 3.42
CA LYS A 28 -2.99 -3.31 4.04
C LYS A 28 -2.29 -2.68 5.25
N LEU A 29 -2.18 -1.37 5.28
CA LEU A 29 -1.58 -0.69 6.40
C LEU A 29 -2.61 0.11 7.16
N ILE A 30 -3.35 0.93 6.47
CA ILE A 30 -4.38 1.74 7.10
C ILE A 30 -5.65 0.95 7.08
N PRO A 31 -6.16 0.54 8.25
CA PRO A 31 -7.36 -0.26 8.32
C PRO A 31 -8.62 0.52 7.95
N ARG A 32 -9.52 -0.14 7.27
CA ARG A 32 -10.79 0.42 6.89
C ARG A 32 -11.57 0.82 8.14
N ASN A 33 -12.20 1.98 8.09
CA ASN A 33 -13.03 2.52 9.18
C ASN A 33 -12.25 2.70 10.49
N SER A 34 -10.93 2.85 10.41
CA SER A 34 -10.09 3.01 11.60
C SER A 34 -10.21 4.40 12.24
N THR A 35 -11.00 5.28 11.62
CA THR A 35 -11.23 6.65 12.04
C THR A 35 -9.92 7.48 12.08
N ILE A 36 -9.79 8.37 11.13
CA ILE A 36 -8.57 9.16 10.96
C ILE A 36 -8.60 10.37 11.91
N PRO A 37 -7.45 11.03 12.22
CA PRO A 37 -6.11 10.68 11.69
C PRO A 37 -5.63 9.28 12.13
N THR A 38 -4.87 8.66 11.28
CA THR A 38 -4.36 7.33 11.53
C THR A 38 -2.98 7.20 10.91
N LYS A 39 -2.00 6.86 11.72
CA LYS A 39 -0.69 6.61 11.20
C LYS A 39 -0.40 5.14 11.37
N LYS A 40 0.42 4.61 10.51
CA LYS A 40 0.74 3.22 10.54
C LYS A 40 2.16 3.01 10.01
N SER A 41 2.99 2.43 10.80
CA SER A 41 4.33 2.12 10.39
C SER A 41 4.53 0.61 10.40
N GLU A 42 4.92 0.05 9.30
CA GLU A 42 5.15 -1.35 9.21
C GLU A 42 6.51 -1.60 8.57
N ILE A 43 7.16 -2.65 8.98
CA ILE A 43 8.50 -2.96 8.55
C ILE A 43 8.45 -3.98 7.41
N PHE A 44 9.05 -3.62 6.32
CA PHE A 44 9.12 -4.46 5.15
C PHE A 44 10.57 -4.61 4.75
N SER A 45 10.84 -5.50 3.84
CA SER A 45 12.19 -5.75 3.42
C SER A 45 12.23 -5.85 1.92
N THR A 46 13.38 -5.64 1.37
CA THR A 46 13.54 -5.86 -0.01
C THR A 46 14.07 -7.27 -0.12
N TYR A 47 13.68 -7.95 -1.14
CA TYR A 47 14.11 -9.30 -1.31
C TYR A 47 15.16 -9.32 -2.34
N ALA A 48 16.15 -10.15 -2.08
CA ALA A 48 17.39 -10.26 -2.82
C ALA A 48 18.41 -9.24 -2.33
N ASP A 49 19.64 -9.67 -2.22
CA ASP A 49 20.71 -8.81 -1.74
C ASP A 49 21.25 -7.92 -2.85
N ASN A 50 21.91 -6.85 -2.43
CA ASN A 50 22.59 -5.91 -3.33
C ASN A 50 21.65 -5.07 -4.20
N GLN A 51 20.42 -4.94 -3.76
CA GLN A 51 19.43 -4.14 -4.47
C GLN A 51 19.70 -2.64 -4.24
N PRO A 52 19.83 -1.84 -5.32
CA PRO A 52 20.20 -0.41 -5.22
C PRO A 52 19.05 0.53 -4.86
N GLY A 53 17.94 -0.01 -4.46
CA GLY A 53 16.81 0.80 -4.14
C GLY A 53 15.59 -0.02 -3.92
N VAL A 54 14.53 0.63 -3.52
CA VAL A 54 13.22 -0.01 -3.34
C VAL A 54 12.13 0.81 -4.04
N LEU A 55 11.15 0.14 -4.56
CA LEU A 55 10.07 0.79 -5.27
C LEU A 55 8.80 0.65 -4.40
N ILE A 56 8.29 1.76 -3.91
CA ILE A 56 7.13 1.72 -3.04
C ILE A 56 5.88 2.06 -3.86
N GLN A 57 4.95 1.15 -3.89
CA GLN A 57 3.74 1.26 -4.71
C GLN A 57 2.51 1.31 -3.81
N VAL A 58 1.77 2.41 -3.87
CA VAL A 58 0.64 2.67 -2.98
C VAL A 58 -0.69 2.30 -3.63
N PHE A 59 -1.50 1.53 -2.92
CA PHE A 59 -2.78 1.05 -3.41
C PHE A 59 -3.89 1.26 -2.37
N GLU A 60 -5.10 1.21 -2.85
CA GLU A 60 -6.31 1.45 -2.07
C GLU A 60 -7.31 0.31 -2.36
N GLY A 61 -7.85 -0.32 -1.32
CA GLY A 61 -8.84 -1.37 -1.57
C GLY A 61 -8.85 -2.50 -0.55
N GLU A 62 -9.83 -3.39 -0.70
CA GLU A 62 -10.07 -4.50 0.24
C GLU A 62 -9.88 -5.89 -0.38
N ARG A 63 -9.64 -5.99 -1.68
CA ARG A 63 -9.77 -7.31 -2.34
C ARG A 63 -8.55 -8.26 -2.15
N ALA A 64 -7.68 -7.97 -1.18
CA ALA A 64 -6.46 -8.76 -0.84
C ALA A 64 -5.40 -8.76 -1.95
N LYS A 65 -5.82 -8.93 -3.17
CA LYS A 65 -4.94 -8.90 -4.29
C LYS A 65 -5.03 -7.57 -4.95
N THR A 66 -3.90 -7.05 -5.27
CA THR A 66 -3.74 -5.74 -5.85
C THR A 66 -4.42 -5.61 -7.23
N LYS A 67 -4.74 -6.74 -7.85
CA LYS A 67 -5.34 -6.74 -9.18
C LYS A 67 -6.78 -6.18 -9.23
N ASP A 68 -7.43 -6.08 -8.08
CA ASP A 68 -8.79 -5.48 -8.00
C ASP A 68 -8.76 -4.22 -7.16
N ASN A 69 -7.58 -3.79 -6.81
CA ASN A 69 -7.44 -2.64 -5.96
C ASN A 69 -7.03 -1.42 -6.77
N ASN A 70 -7.33 -0.26 -6.26
CA ASN A 70 -7.08 0.99 -6.95
C ASN A 70 -5.65 1.43 -6.74
N LEU A 71 -5.01 1.89 -7.80
CA LEU A 71 -3.65 2.35 -7.73
C LEU A 71 -3.68 3.84 -7.43
N LEU A 72 -3.10 4.22 -6.32
CA LEU A 72 -3.07 5.62 -5.95
C LEU A 72 -1.86 6.31 -6.54
N GLY A 73 -0.70 5.78 -6.25
CA GLY A 73 0.53 6.35 -6.74
C GLY A 73 1.69 5.52 -6.28
N LYS A 74 2.89 5.99 -6.49
CA LYS A 74 4.08 5.28 -6.09
C LYS A 74 5.24 6.23 -5.97
N PHE A 75 6.31 5.78 -5.36
CA PHE A 75 7.52 6.55 -5.29
C PHE A 75 8.71 5.64 -5.20
N GLU A 76 9.84 6.15 -5.54
CA GLU A 76 11.02 5.35 -5.69
C GLU A 76 12.05 5.83 -4.70
N LEU A 77 12.56 4.94 -3.89
CA LEU A 77 13.65 5.28 -3.01
C LEU A 77 14.83 4.57 -3.60
N SER A 78 15.68 5.30 -4.21
CA SER A 78 16.83 4.76 -4.84
C SER A 78 18.06 5.36 -4.22
N GLY A 79 19.21 4.81 -4.50
CA GLY A 79 20.40 5.31 -3.90
C GLY A 79 20.75 4.52 -2.68
N ILE A 80 20.23 3.31 -2.64
CA ILE A 80 20.50 2.42 -1.58
C ILE A 80 21.74 1.62 -1.97
N PRO A 81 22.86 1.80 -1.26
CA PRO A 81 24.08 1.05 -1.51
C PRO A 81 23.81 -0.45 -1.41
N PRO A 82 24.27 -1.24 -2.42
CA PRO A 82 24.07 -2.68 -2.45
C PRO A 82 24.50 -3.35 -1.14
N ALA A 83 23.54 -3.89 -0.44
CA ALA A 83 23.79 -4.46 0.83
C ALA A 83 23.17 -5.85 0.94
N PRO A 84 23.74 -6.72 1.80
CA PRO A 84 23.22 -8.08 2.05
C PRO A 84 21.75 -8.09 2.49
N ARG A 85 21.14 -9.26 2.39
CA ARG A 85 19.75 -9.46 2.76
C ARG A 85 19.48 -9.04 4.17
N GLY A 86 18.42 -8.31 4.34
CA GLY A 86 17.99 -7.92 5.66
C GLY A 86 18.66 -6.67 6.18
N VAL A 87 19.78 -6.28 5.57
CA VAL A 87 20.46 -5.07 5.96
C VAL A 87 19.57 -3.85 5.69
N PRO A 88 19.09 -3.63 4.43
CA PRO A 88 18.12 -2.59 4.21
C PRO A 88 16.74 -3.06 4.68
N GLN A 89 16.23 -2.38 5.66
CA GLN A 89 14.95 -2.66 6.23
C GLN A 89 14.13 -1.41 6.06
N ILE A 90 12.95 -1.53 5.54
CA ILE A 90 12.21 -0.34 5.21
C ILE A 90 11.00 -0.19 6.11
N GLU A 91 10.94 0.90 6.80
CA GLU A 91 9.80 1.22 7.62
C GLU A 91 8.89 2.10 6.79
N VAL A 92 7.79 1.58 6.37
CA VAL A 92 6.85 2.33 5.59
C VAL A 92 5.78 2.87 6.51
N THR A 93 5.60 4.15 6.48
CA THR A 93 4.66 4.82 7.30
C THR A 93 3.57 5.46 6.45
N PHE A 94 2.37 5.03 6.69
CA PHE A 94 1.20 5.59 6.10
C PHE A 94 0.60 6.51 7.11
N ASP A 95 0.53 7.75 6.77
CA ASP A 95 0.02 8.74 7.68
C ASP A 95 -1.17 9.45 7.06
N VAL A 96 -2.34 9.17 7.55
CA VAL A 96 -3.53 9.78 7.03
C VAL A 96 -3.99 10.84 7.99
N ASP A 97 -3.91 12.09 7.58
CA ASP A 97 -4.36 13.18 8.43
C ASP A 97 -5.88 13.32 8.35
N SER A 98 -6.42 14.25 9.11
CA SER A 98 -7.85 14.44 9.25
C SER A 98 -8.56 14.93 7.98
N ASN A 99 -7.80 15.33 6.98
CA ASN A 99 -8.38 15.83 5.73
C ASN A 99 -8.56 14.67 4.77
N GLY A 100 -8.06 13.51 5.16
CA GLY A 100 -8.13 12.36 4.30
C GLY A 100 -6.95 12.30 3.36
N ILE A 101 -5.90 13.01 3.71
CA ILE A 101 -4.71 13.05 2.93
C ILE A 101 -3.68 12.09 3.51
N LEU A 102 -3.16 11.24 2.67
CA LEU A 102 -2.21 10.23 3.06
C LEU A 102 -0.79 10.68 2.72
N ASN A 103 0.08 10.53 3.66
CA ASN A 103 1.49 10.77 3.44
C ASN A 103 2.15 9.43 3.55
N VAL A 104 2.87 9.05 2.55
CA VAL A 104 3.55 7.77 2.58
C VAL A 104 5.02 8.01 2.71
N SER A 105 5.59 7.57 3.79
CA SER A 105 6.99 7.76 4.04
C SER A 105 7.70 6.40 4.07
N ALA A 106 8.83 6.32 3.45
CA ALA A 106 9.60 5.11 3.47
C ALA A 106 10.99 5.43 3.98
N VAL A 107 11.38 4.77 5.03
CA VAL A 107 12.69 4.98 5.63
C VAL A 107 13.46 3.69 5.62
N GLU A 108 14.61 3.69 5.01
CA GLU A 108 15.42 2.52 5.04
C GLU A 108 16.44 2.60 6.15
N LYS A 109 16.30 1.67 7.07
CA LYS A 109 17.10 1.57 8.27
C LYS A 109 18.51 1.08 7.98
N GLY A 110 18.74 0.67 6.73
CA GLY A 110 20.00 0.09 6.37
C GLY A 110 21.09 1.11 6.26
N THR A 111 20.92 2.03 5.37
CA THR A 111 21.91 3.03 5.16
C THR A 111 21.50 4.39 5.72
N GLY A 112 20.22 4.55 5.99
CA GLY A 112 19.77 5.72 6.68
C GLY A 112 19.09 6.77 5.82
N LYS A 113 18.63 6.41 4.66
CA LYS A 113 17.89 7.37 3.84
C LYS A 113 16.39 7.18 3.97
N SER A 114 15.66 8.23 3.68
CA SER A 114 14.23 8.25 3.81
C SER A 114 13.62 9.20 2.78
N ASN A 115 12.45 8.88 2.31
CA ASN A 115 11.74 9.73 1.37
C ASN A 115 10.25 9.58 1.59
N LYS A 116 9.47 10.52 1.09
CA LYS A 116 8.04 10.49 1.32
C LYS A 116 7.29 11.28 0.27
N ILE A 117 6.03 10.95 0.05
CA ILE A 117 5.18 11.67 -0.89
C ILE A 117 3.79 11.90 -0.29
N THR A 118 3.05 12.76 -0.91
CA THR A 118 1.72 13.08 -0.50
C THR A 118 0.72 12.45 -1.50
N ILE A 119 -0.10 11.55 -1.01
CA ILE A 119 -1.08 10.88 -1.81
C ILE A 119 -2.48 11.14 -1.25
N THR A 120 -3.24 11.87 -1.96
CA THR A 120 -4.58 12.08 -1.59
C THR A 120 -5.44 11.60 -2.75
N ASN A 121 -6.63 11.13 -2.49
CA ASN A 121 -7.50 10.74 -3.56
C ASN A 121 -8.24 11.95 -4.11
N ASP A 122 -7.54 12.63 -5.01
CA ASP A 122 -7.94 13.90 -5.61
C ASP A 122 -8.80 13.68 -6.82
N LYS A 123 -8.46 12.67 -7.56
CA LYS A 123 -9.22 12.31 -8.73
C LYS A 123 -10.42 11.49 -8.29
N GLY A 124 -11.26 11.15 -9.23
CA GLY A 124 -12.36 10.27 -8.94
C GLY A 124 -11.86 8.87 -8.76
N ARG A 125 -11.36 8.62 -7.58
CA ARG A 125 -10.81 7.35 -7.24
C ARG A 125 -11.87 6.48 -6.65
N LEU A 126 -12.53 6.96 -5.63
CA LEU A 126 -13.57 6.22 -5.01
C LEU A 126 -14.91 6.86 -5.22
N SER A 127 -15.76 6.18 -5.89
CA SER A 127 -17.14 6.53 -5.99
C SER A 127 -17.82 5.81 -4.85
N LYS A 128 -19.10 6.03 -4.64
CA LYS A 128 -19.81 5.33 -3.59
C LYS A 128 -19.78 3.85 -3.90
N GLU A 129 -19.89 3.51 -5.19
CA GLU A 129 -19.84 2.14 -5.64
C GLU A 129 -18.54 1.47 -5.29
N ASP A 130 -17.42 2.15 -5.49
CA ASP A 130 -16.10 1.56 -5.21
C ASP A 130 -16.01 1.16 -3.77
N ILE A 131 -16.46 2.04 -2.91
CA ILE A 131 -16.47 1.81 -1.48
C ILE A 131 -17.35 0.61 -1.16
N GLU A 132 -18.62 0.70 -1.55
CA GLU A 132 -19.61 -0.33 -1.30
C GLU A 132 -19.18 -1.68 -1.82
N LYS A 133 -18.81 -1.72 -3.08
CA LYS A 133 -18.48 -2.95 -3.78
C LYS A 133 -17.23 -3.64 -3.23
N MET A 134 -16.18 -2.88 -2.97
CA MET A 134 -14.96 -3.50 -2.44
C MET A 134 -15.20 -4.02 -1.06
N VAL A 135 -15.91 -3.25 -0.26
CA VAL A 135 -16.27 -3.68 1.09
C VAL A 135 -17.18 -4.91 1.00
N ALA A 136 -18.16 -4.83 0.12
CA ALA A 136 -19.16 -5.86 -0.05
C ALA A 136 -18.57 -7.19 -0.41
N GLU A 137 -17.79 -7.25 -1.48
CA GLU A 137 -17.31 -8.54 -1.94
C GLU A 137 -16.18 -9.09 -1.09
N ALA A 138 -15.29 -8.22 -0.63
CA ALA A 138 -14.13 -8.66 0.12
C ALA A 138 -14.49 -9.09 1.53
N GLU A 139 -15.49 -8.47 2.11
CA GLU A 139 -15.94 -8.91 3.41
C GLU A 139 -16.89 -10.11 3.25
N LYS A 140 -17.53 -10.22 2.08
CA LYS A 140 -18.46 -11.30 1.80
C LYS A 140 -17.71 -12.61 1.67
N PHE A 141 -16.73 -12.62 0.80
CA PHE A 141 -15.93 -13.79 0.54
C PHE A 141 -14.62 -13.73 1.28
N LYS A 142 -14.61 -13.13 2.48
CA LYS A 142 -13.35 -12.85 3.20
C LYS A 142 -12.45 -14.09 3.37
N GLU A 143 -13.03 -15.26 3.55
CA GLU A 143 -12.25 -16.49 3.63
C GLU A 143 -11.48 -16.76 2.36
N GLU A 144 -12.08 -16.49 1.21
CA GLU A 144 -11.43 -16.67 -0.08
C GLU A 144 -10.18 -15.80 -0.13
N ASP A 145 -10.35 -14.55 0.27
CA ASP A 145 -9.28 -13.56 0.37
C ASP A 145 -8.18 -14.07 1.28
N GLU A 146 -8.59 -14.52 2.47
CA GLU A 146 -7.67 -15.04 3.47
C GLU A 146 -6.89 -16.23 2.95
N LYS A 147 -7.55 -17.16 2.24
CA LYS A 147 -6.84 -18.36 1.76
C LYS A 147 -5.81 -17.96 0.72
N GLU A 148 -6.11 -16.91 -0.05
CA GLU A 148 -5.15 -16.39 -1.01
C GLU A 148 -4.02 -15.69 -0.28
N SER A 149 -4.37 -15.00 0.78
CA SER A 149 -3.40 -14.29 1.61
C SER A 149 -2.43 -15.28 2.29
N GLN A 150 -2.83 -16.54 2.39
CA GLN A 150 -1.99 -17.60 2.93
C GLN A 150 -1.04 -18.14 1.85
N ARG A 151 -1.43 -17.98 0.60
CA ARG A 151 -0.63 -18.42 -0.54
C ARG A 151 0.49 -17.44 -0.76
N ILE A 152 0.16 -16.19 -0.60
CA ILE A 152 1.07 -15.10 -0.78
C ILE A 152 1.51 -14.56 0.57
N ALA A 153 1.56 -15.44 1.55
CA ALA A 153 1.94 -15.08 2.92
C ALA A 153 3.43 -14.82 3.01
N SER A 154 4.15 -15.19 1.96
CA SER A 154 5.59 -14.92 1.82
C SER A 154 5.78 -13.48 1.32
N LYS A 155 4.92 -12.59 1.77
CA LYS A 155 4.88 -11.22 1.31
C LYS A 155 5.96 -10.35 1.98
N ASN A 156 5.70 -9.02 1.97
CA ASN A 156 6.58 -7.99 2.54
C ASN A 156 7.77 -7.77 1.65
N GLN A 157 7.61 -8.20 0.41
CA GLN A 157 8.66 -8.10 -0.58
C GLN A 157 8.58 -6.77 -1.28
N LEU A 158 9.63 -6.03 -1.20
CA LEU A 158 9.70 -4.78 -1.92
C LEU A 158 10.60 -4.94 -3.11
N GLU A 159 10.15 -4.43 -4.25
CA GLU A 159 10.92 -4.47 -5.47
C GLU A 159 12.00 -3.44 -5.41
N SER A 160 12.99 -3.63 -6.20
CA SER A 160 14.12 -2.75 -6.20
C SER A 160 13.99 -1.73 -7.30
N ILE A 161 13.52 -2.20 -8.41
CA ILE A 161 13.37 -1.41 -9.59
C ILE A 161 11.96 -1.54 -10.05
N ALA A 162 11.50 -0.58 -10.80
CA ALA A 162 10.17 -0.63 -11.30
C ALA A 162 10.09 -1.67 -12.39
N TYR A 163 9.32 -2.70 -12.15
CA TYR A 163 9.14 -3.71 -13.13
C TYR A 163 8.09 -3.28 -14.12
N SER A 164 6.99 -2.73 -13.57
CA SER A 164 5.82 -2.22 -14.32
C SER A 164 5.21 -3.24 -15.30
N LEU A 165 4.01 -2.92 -15.84
CA LEU A 165 3.25 -3.77 -16.81
C LEU A 165 2.87 -5.13 -16.22
N LYS A 166 3.19 -5.33 -14.96
CA LYS A 166 3.11 -6.61 -14.27
C LYS A 166 4.18 -7.57 -14.77
N ASN A 167 4.24 -7.74 -16.09
CA ASN A 167 5.26 -8.54 -16.77
C ASN A 167 5.26 -9.98 -16.29
N THR A 168 4.48 -10.80 -16.94
CA THR A 168 4.40 -12.19 -16.57
C THR A 168 5.53 -13.03 -17.15
N ILE A 169 6.68 -12.41 -17.31
CA ILE A 169 7.85 -13.07 -17.75
C ILE A 169 8.55 -13.64 -16.53
N SER A 170 8.32 -14.89 -16.32
CA SER A 170 8.94 -15.63 -15.28
C SER A 170 9.85 -16.72 -15.88
N GLU A 171 10.19 -16.49 -17.16
CA GLU A 171 11.15 -17.25 -17.96
C GLU A 171 10.68 -18.66 -18.27
N ALA A 172 10.77 -19.55 -17.30
CA ALA A 172 10.41 -20.94 -17.52
C ALA A 172 8.89 -21.08 -17.53
N GLY A 173 8.27 -20.58 -16.51
CA GLY A 173 6.86 -20.62 -16.38
C GLY A 173 6.41 -19.37 -15.69
N SER A 1 -19.63 9.55 25.92
CA SER A 1 -18.36 10.14 26.26
C SER A 1 -18.36 11.59 25.77
N SER A 2 -17.18 12.19 25.57
CA SER A 2 -17.10 13.57 25.10
C SER A 2 -17.82 13.74 23.75
N LYS A 3 -17.59 12.82 22.84
CA LYS A 3 -18.24 12.85 21.54
C LYS A 3 -19.04 11.59 21.30
N THR A 4 -18.44 10.44 21.64
CA THR A 4 -19.03 9.09 21.44
C THR A 4 -19.09 8.78 19.91
N GLN A 5 -18.40 9.64 19.16
CA GLN A 5 -18.35 9.65 17.69
C GLN A 5 -19.69 10.02 17.07
N ASP A 6 -19.72 11.15 16.42
CA ASP A 6 -20.91 11.55 15.69
C ASP A 6 -20.98 10.71 14.45
N LEU A 7 -22.13 10.18 14.15
CA LEU A 7 -22.28 9.31 12.98
C LEU A 7 -22.42 10.15 11.73
N LEU A 8 -22.28 11.43 11.89
CA LEU A 8 -22.27 12.35 10.80
C LEU A 8 -20.82 12.73 10.47
N LEU A 9 -19.90 12.24 11.29
CA LEU A 9 -18.50 12.51 11.13
C LEU A 9 -17.76 11.21 10.90
N LEU A 10 -17.54 10.89 9.66
CA LEU A 10 -16.86 9.68 9.32
C LEU A 10 -15.46 9.99 8.87
N ASP A 11 -14.58 10.24 9.80
CA ASP A 11 -13.19 10.45 9.47
C ASP A 11 -12.57 9.12 9.48
N VAL A 12 -12.88 8.37 8.47
CA VAL A 12 -12.44 7.03 8.35
C VAL A 12 -11.96 6.75 6.95
N ALA A 13 -11.06 5.82 6.84
CA ALA A 13 -10.56 5.37 5.55
C ALA A 13 -11.61 4.46 4.91
N PRO A 14 -12.02 4.75 3.65
CA PRO A 14 -13.09 3.99 2.95
C PRO A 14 -12.71 2.52 2.77
N LEU A 15 -11.45 2.31 2.53
CA LEU A 15 -10.87 1.03 2.33
C LEU A 15 -9.58 1.04 3.07
N SER A 16 -9.03 -0.10 3.34
CA SER A 16 -7.75 -0.17 3.97
C SER A 16 -6.68 0.34 3.03
N LEU A 17 -5.76 1.08 3.57
CA LEU A 17 -4.72 1.69 2.81
C LEU A 17 -3.43 0.94 3.05
N GLY A 18 -2.79 0.58 1.98
CA GLY A 18 -1.56 -0.13 2.10
C GLY A 18 -0.75 -0.12 0.83
N ILE A 19 0.10 -1.10 0.70
CA ILE A 19 0.98 -1.19 -0.44
C ILE A 19 0.94 -2.58 -1.05
N GLU A 20 1.54 -2.70 -2.19
CA GLU A 20 1.66 -3.95 -2.89
C GLU A 20 3.04 -4.51 -2.63
N THR A 21 3.13 -5.60 -1.94
CA THR A 21 4.40 -6.22 -1.71
C THR A 21 4.66 -7.30 -2.76
N ALA A 22 5.87 -7.85 -2.74
CA ALA A 22 6.34 -8.82 -3.73
C ALA A 22 5.40 -10.02 -3.87
N GLY A 23 4.67 -10.05 -4.95
CA GLY A 23 3.82 -11.17 -5.23
C GLY A 23 2.38 -10.78 -5.36
N GLY A 24 2.08 -9.54 -5.05
CA GLY A 24 0.71 -9.08 -5.17
C GLY A 24 -0.03 -9.20 -3.87
N VAL A 25 0.72 -9.15 -2.82
CA VAL A 25 0.18 -9.19 -1.49
C VAL A 25 -0.23 -7.79 -1.07
N MET A 26 -1.51 -7.60 -0.86
CA MET A 26 -2.02 -6.35 -0.40
C MET A 26 -1.63 -6.21 1.05
N THR A 27 -0.76 -5.30 1.30
CA THR A 27 -0.22 -5.12 2.58
C THR A 27 -1.03 -4.04 3.31
N LYS A 28 -1.89 -4.48 4.21
CA LYS A 28 -2.78 -3.61 4.98
C LYS A 28 -2.04 -2.97 6.15
N LEU A 29 -1.90 -1.67 6.12
CA LEU A 29 -1.34 -0.95 7.25
C LEU A 29 -2.41 -0.16 7.95
N ILE A 30 -3.17 0.59 7.18
CA ILE A 30 -4.28 1.35 7.74
C ILE A 30 -5.53 0.54 7.46
N PRO A 31 -6.20 0.01 8.49
CA PRO A 31 -7.39 -0.83 8.31
C PRO A 31 -8.61 -0.05 7.78
N ARG A 32 -9.63 -0.78 7.37
CA ARG A 32 -10.84 -0.20 6.81
C ARG A 32 -11.71 0.43 7.89
N ASN A 33 -12.29 1.60 7.60
CA ASN A 33 -13.22 2.31 8.50
C ASN A 33 -12.53 2.74 9.78
N SER A 34 -11.24 2.96 9.68
CA SER A 34 -10.44 3.39 10.79
C SER A 34 -10.61 4.87 11.07
N THR A 35 -10.84 5.21 12.31
CA THR A 35 -10.99 6.59 12.70
C THR A 35 -9.66 7.33 12.72
N ILE A 36 -9.43 8.04 11.66
CA ILE A 36 -8.22 8.78 11.45
C ILE A 36 -8.30 10.14 12.17
N PRO A 37 -7.17 10.84 12.45
CA PRO A 37 -5.80 10.45 12.08
C PRO A 37 -5.33 9.10 12.66
N THR A 38 -4.58 8.38 11.88
CA THR A 38 -4.02 7.11 12.26
C THR A 38 -2.67 6.96 11.58
N LYS A 39 -1.70 6.39 12.27
CA LYS A 39 -0.41 6.14 11.70
C LYS A 39 -0.08 4.68 11.83
N LYS A 40 0.79 4.24 10.98
CA LYS A 40 1.26 2.89 11.02
C LYS A 40 2.67 2.88 10.46
N SER A 41 3.54 2.08 11.00
CA SER A 41 4.88 2.03 10.49
C SER A 41 5.41 0.60 10.48
N GLU A 42 5.82 0.15 9.32
CA GLU A 42 6.36 -1.18 9.15
C GLU A 42 7.71 -1.14 8.47
N ILE A 43 8.58 -2.01 8.88
CA ILE A 43 9.85 -2.19 8.23
C ILE A 43 9.73 -3.30 7.21
N PHE A 44 10.15 -3.03 6.03
CA PHE A 44 10.08 -3.99 4.96
C PHE A 44 11.50 -4.21 4.43
N SER A 45 11.76 -5.36 3.89
CA SER A 45 13.03 -5.67 3.32
C SER A 45 12.83 -6.09 1.90
N THR A 46 13.77 -5.77 1.08
CA THR A 46 13.72 -6.19 -0.26
C THR A 46 14.63 -7.40 -0.36
N TYR A 47 14.30 -8.34 -1.19
CA TYR A 47 15.19 -9.44 -1.42
C TYR A 47 16.07 -9.10 -2.56
N ALA A 48 17.27 -9.66 -2.54
CA ALA A 48 18.38 -9.30 -3.40
C ALA A 48 18.93 -7.95 -2.94
N ASP A 49 19.98 -7.49 -3.54
CA ASP A 49 20.56 -6.23 -3.16
C ASP A 49 21.21 -5.60 -4.38
N ASN A 50 21.80 -4.42 -4.21
CA ASN A 50 22.46 -3.66 -5.27
C ASN A 50 21.43 -3.17 -6.27
N GLN A 51 20.19 -3.18 -5.83
CA GLN A 51 19.06 -2.76 -6.61
C GLN A 51 19.04 -1.26 -6.71
N PRO A 52 18.58 -0.72 -7.85
CA PRO A 52 18.55 0.73 -8.10
C PRO A 52 17.68 1.50 -7.10
N GLY A 53 16.65 0.84 -6.64
CA GLY A 53 15.74 1.44 -5.73
C GLY A 53 14.64 0.51 -5.41
N VAL A 54 13.79 0.89 -4.50
CA VAL A 54 12.64 0.10 -4.15
C VAL A 54 11.40 0.86 -4.57
N LEU A 55 10.44 0.16 -5.07
CA LEU A 55 9.26 0.78 -5.61
C LEU A 55 8.13 0.60 -4.60
N ILE A 56 7.64 1.70 -4.08
CA ILE A 56 6.55 1.63 -3.13
C ILE A 56 5.28 2.10 -3.82
N GLN A 57 4.42 1.17 -4.13
CA GLN A 57 3.15 1.46 -4.78
C GLN A 57 2.00 1.37 -3.77
N VAL A 58 1.24 2.43 -3.65
CA VAL A 58 0.19 2.57 -2.65
C VAL A 58 -1.18 2.22 -3.25
N PHE A 59 -1.88 1.33 -2.59
CA PHE A 59 -3.18 0.86 -3.01
C PHE A 59 -4.17 0.84 -1.86
N GLU A 60 -5.43 0.87 -2.21
CA GLU A 60 -6.50 0.73 -1.24
C GLU A 60 -7.42 -0.40 -1.70
N GLY A 61 -7.88 -1.21 -0.78
CA GLY A 61 -8.76 -2.31 -1.15
C GLY A 61 -8.76 -3.39 -0.10
N GLU A 62 -9.84 -4.18 -0.04
CA GLU A 62 -9.92 -5.19 1.00
C GLU A 62 -9.42 -6.56 0.57
N ARG A 63 -9.31 -6.77 -0.74
CA ARG A 63 -8.82 -8.04 -1.28
C ARG A 63 -7.34 -8.21 -0.86
N ALA A 64 -6.94 -9.43 -0.53
CA ALA A 64 -5.57 -9.74 -0.08
C ALA A 64 -4.59 -9.67 -1.24
N LYS A 65 -5.13 -9.61 -2.41
CA LYS A 65 -4.36 -9.44 -3.60
C LYS A 65 -4.59 -8.06 -4.13
N THR A 66 -3.53 -7.47 -4.54
CA THR A 66 -3.51 -6.13 -5.02
C THR A 66 -4.28 -5.96 -6.36
N LYS A 67 -4.52 -7.07 -7.05
CA LYS A 67 -5.23 -7.05 -8.34
C LYS A 67 -6.66 -6.49 -8.26
N ASP A 68 -7.26 -6.50 -7.07
CA ASP A 68 -8.62 -5.94 -6.88
C ASP A 68 -8.54 -4.66 -6.06
N ASN A 69 -7.39 -4.05 -6.06
CA ASN A 69 -7.20 -2.81 -5.33
C ASN A 69 -7.26 -1.61 -6.26
N ASN A 70 -7.24 -0.45 -5.65
CA ASN A 70 -7.21 0.81 -6.37
C ASN A 70 -5.90 1.52 -6.07
N LEU A 71 -5.18 1.89 -7.12
CA LEU A 71 -3.91 2.55 -6.97
C LEU A 71 -4.11 4.03 -6.72
N LEU A 72 -3.43 4.53 -5.70
CA LEU A 72 -3.53 5.93 -5.34
C LEU A 72 -2.28 6.69 -5.73
N GLY A 73 -1.20 5.98 -5.86
CA GLY A 73 0.03 6.58 -6.23
C GLY A 73 1.16 5.68 -5.88
N LYS A 74 2.35 6.10 -6.16
CA LYS A 74 3.52 5.32 -5.86
C LYS A 74 4.72 6.24 -5.83
N PHE A 75 5.79 5.78 -5.28
CA PHE A 75 7.03 6.50 -5.28
C PHE A 75 8.17 5.52 -5.25
N GLU A 76 9.23 5.86 -5.93
CA GLU A 76 10.35 4.99 -5.99
C GLU A 76 11.51 5.62 -5.24
N LEU A 77 12.03 4.93 -4.25
CA LEU A 77 13.14 5.46 -3.49
C LEU A 77 14.40 4.85 -4.08
N SER A 78 15.22 5.67 -4.67
CA SER A 78 16.42 5.20 -5.34
C SER A 78 17.65 5.49 -4.51
N GLY A 79 18.72 4.76 -4.77
CA GLY A 79 19.96 4.96 -4.06
C GLY A 79 20.05 4.09 -2.83
N ILE A 80 19.78 2.82 -3.02
CA ILE A 80 19.80 1.84 -1.96
C ILE A 80 21.25 1.38 -1.78
N PRO A 81 21.76 1.41 -0.54
CA PRO A 81 23.16 1.09 -0.23
C PRO A 81 23.51 -0.41 -0.43
N PRO A 82 24.56 -0.69 -1.25
CA PRO A 82 25.03 -2.07 -1.52
C PRO A 82 25.41 -2.81 -0.24
N ALA A 83 24.87 -3.97 -0.07
CA ALA A 83 25.06 -4.79 1.11
C ALA A 83 24.71 -6.23 0.76
N PRO A 84 24.92 -7.20 1.67
CA PRO A 84 24.41 -8.56 1.46
C PRO A 84 22.88 -8.54 1.24
N ARG A 85 22.39 -9.48 0.48
CA ARG A 85 20.99 -9.56 0.08
C ARG A 85 20.06 -9.65 1.29
N GLY A 86 19.14 -8.70 1.39
CA GLY A 86 18.18 -8.72 2.46
C GLY A 86 18.56 -7.83 3.62
N VAL A 87 19.70 -7.16 3.50
CA VAL A 87 20.14 -6.22 4.53
C VAL A 87 19.33 -4.88 4.54
N PRO A 88 19.02 -4.23 3.35
CA PRO A 88 18.20 -2.99 3.28
C PRO A 88 16.91 -3.05 4.12
N GLN A 89 16.73 -2.04 4.95
CA GLN A 89 15.58 -1.96 5.84
C GLN A 89 14.87 -0.67 5.60
N ILE A 90 13.76 -0.76 4.93
CA ILE A 90 13.00 0.38 4.57
C ILE A 90 11.75 0.42 5.42
N GLU A 91 11.66 1.40 6.25
CA GLU A 91 10.52 1.55 7.10
C GLU A 91 9.56 2.49 6.45
N VAL A 92 8.41 2.01 6.17
CA VAL A 92 7.41 2.78 5.52
C VAL A 92 6.37 3.19 6.55
N THR A 93 6.25 4.47 6.73
CA THR A 93 5.35 5.05 7.67
C THR A 93 4.15 5.61 6.92
N PHE A 94 3.01 5.39 7.47
CA PHE A 94 1.76 5.82 6.95
C PHE A 94 1.15 6.75 7.94
N ASP A 95 0.92 7.96 7.55
CA ASP A 95 0.21 8.86 8.41
C ASP A 95 -0.97 9.45 7.66
N VAL A 96 -2.15 9.14 8.13
CA VAL A 96 -3.37 9.62 7.50
C VAL A 96 -3.97 10.69 8.38
N ASP A 97 -4.17 11.87 7.83
CA ASP A 97 -4.83 12.96 8.58
C ASP A 97 -6.34 12.84 8.41
N SER A 98 -7.11 13.61 9.16
CA SER A 98 -8.58 13.52 9.13
C SER A 98 -9.23 13.95 7.79
N ASN A 99 -8.45 14.54 6.90
CA ASN A 99 -8.92 14.95 5.58
C ASN A 99 -8.70 13.77 4.60
N GLY A 100 -8.04 12.74 5.11
CA GLY A 100 -7.84 11.53 4.37
C GLY A 100 -6.48 11.44 3.73
N ILE A 101 -5.72 12.50 3.81
CA ILE A 101 -4.44 12.55 3.19
C ILE A 101 -3.41 11.70 3.94
N LEU A 102 -2.85 10.79 3.21
CA LEU A 102 -1.91 9.85 3.69
C LEU A 102 -0.51 10.18 3.20
N ASN A 103 0.39 10.42 4.10
CA ASN A 103 1.76 10.60 3.69
C ASN A 103 2.45 9.30 3.86
N VAL A 104 2.90 8.75 2.77
CA VAL A 104 3.59 7.49 2.83
C VAL A 104 5.05 7.83 2.77
N SER A 105 5.76 7.53 3.82
CA SER A 105 7.14 7.87 3.92
C SER A 105 7.98 6.61 4.03
N ALA A 106 8.97 6.50 3.20
CA ALA A 106 9.85 5.35 3.23
C ALA A 106 11.22 5.80 3.65
N VAL A 107 11.76 5.14 4.64
CA VAL A 107 13.06 5.50 5.16
C VAL A 107 13.98 4.27 5.23
N GLU A 108 15.09 4.33 4.53
CA GLU A 108 16.12 3.30 4.58
C GLU A 108 17.11 3.69 5.68
N LYS A 109 17.19 2.88 6.71
CA LYS A 109 18.03 3.23 7.88
C LYS A 109 19.53 3.23 7.56
N GLY A 110 19.92 2.48 6.55
CA GLY A 110 21.32 2.37 6.18
C GLY A 110 21.92 3.67 5.67
N THR A 111 21.13 4.43 4.96
CA THR A 111 21.59 5.69 4.43
C THR A 111 21.03 6.85 5.24
N GLY A 112 19.82 6.68 5.70
CA GLY A 112 19.13 7.74 6.38
C GLY A 112 18.19 8.42 5.43
N LYS A 113 18.12 7.89 4.21
CA LYS A 113 17.25 8.42 3.19
C LYS A 113 15.82 8.27 3.54
N SER A 114 15.13 9.34 3.41
CA SER A 114 13.73 9.38 3.64
C SER A 114 13.09 9.99 2.42
N ASN A 115 12.05 9.39 1.95
CA ASN A 115 11.34 9.92 0.79
C ASN A 115 9.88 9.65 1.01
N LYS A 116 9.05 10.62 0.75
CA LYS A 116 7.64 10.41 0.97
C LYS A 116 6.84 10.94 -0.17
N ILE A 117 5.63 10.52 -0.23
CA ILE A 117 4.69 10.98 -1.21
C ILE A 117 3.43 11.39 -0.47
N THR A 118 2.72 12.32 -1.01
CA THR A 118 1.50 12.71 -0.40
C THR A 118 0.39 12.01 -1.17
N ILE A 119 -0.21 11.05 -0.56
CA ILE A 119 -1.28 10.35 -1.17
C ILE A 119 -2.55 11.02 -0.79
N THR A 120 -3.08 11.70 -1.74
CA THR A 120 -4.23 12.47 -1.55
C THR A 120 -5.37 11.74 -2.26
N ASN A 121 -6.15 11.00 -1.51
CA ASN A 121 -7.25 10.28 -2.09
C ASN A 121 -8.48 11.16 -2.10
N ASP A 122 -8.44 12.04 -3.06
CA ASP A 122 -9.43 13.07 -3.26
C ASP A 122 -9.31 13.41 -4.75
N LYS A 123 -9.77 14.59 -5.17
CA LYS A 123 -9.79 15.04 -6.60
C LYS A 123 -10.81 14.28 -7.44
N GLY A 124 -10.63 12.98 -7.52
CA GLY A 124 -11.48 12.15 -8.31
C GLY A 124 -10.83 10.82 -8.53
N ARG A 125 -10.76 10.03 -7.49
CA ARG A 125 -10.16 8.72 -7.59
C ARG A 125 -11.20 7.59 -7.61
N LEU A 126 -12.06 7.53 -6.62
CA LEU A 126 -13.10 6.53 -6.59
C LEU A 126 -14.46 7.18 -6.67
N SER A 127 -15.40 6.46 -7.17
CA SER A 127 -16.76 6.89 -7.09
C SER A 127 -17.29 6.27 -5.80
N LYS A 128 -18.46 6.65 -5.32
CA LYS A 128 -18.96 6.00 -4.12
C LYS A 128 -19.29 4.57 -4.48
N GLU A 129 -19.75 4.40 -5.72
CA GLU A 129 -20.10 3.11 -6.28
C GLU A 129 -18.89 2.17 -6.22
N ASP A 130 -17.71 2.65 -6.61
CA ASP A 130 -16.49 1.84 -6.55
C ASP A 130 -16.18 1.39 -5.16
N ILE A 131 -16.38 2.28 -4.19
CA ILE A 131 -16.18 1.95 -2.79
C ILE A 131 -17.14 0.83 -2.40
N GLU A 132 -18.42 1.03 -2.71
CA GLU A 132 -19.48 0.05 -2.44
C GLU A 132 -19.11 -1.30 -3.06
N LYS A 133 -18.72 -1.27 -4.33
CA LYS A 133 -18.31 -2.45 -5.10
C LYS A 133 -17.16 -3.17 -4.42
N MET A 134 -16.08 -2.44 -4.19
CA MET A 134 -14.85 -3.03 -3.66
C MET A 134 -15.03 -3.57 -2.26
N VAL A 135 -15.85 -2.91 -1.47
CA VAL A 135 -16.18 -3.38 -0.16
C VAL A 135 -17.00 -4.67 -0.25
N ALA A 136 -18.08 -4.62 -1.01
CA ALA A 136 -19.00 -5.74 -1.16
C ALA A 136 -18.30 -6.95 -1.73
N GLU A 137 -17.51 -6.71 -2.74
CA GLU A 137 -16.80 -7.73 -3.46
C GLU A 137 -15.82 -8.44 -2.55
N ALA A 138 -15.16 -7.69 -1.70
CA ALA A 138 -14.19 -8.24 -0.80
C ALA A 138 -14.86 -8.99 0.32
N GLU A 139 -15.89 -8.37 0.89
CA GLU A 139 -16.66 -8.94 2.00
C GLU A 139 -17.31 -10.26 1.54
N LYS A 140 -17.69 -10.29 0.28
CA LYS A 140 -18.27 -11.45 -0.38
C LYS A 140 -17.26 -12.59 -0.36
N PHE A 141 -16.09 -12.33 -0.86
CA PHE A 141 -15.06 -13.33 -0.96
C PHE A 141 -14.13 -13.31 0.24
N LYS A 142 -14.68 -13.03 1.42
CA LYS A 142 -13.90 -13.04 2.66
C LYS A 142 -13.19 -14.37 2.82
N GLU A 143 -13.92 -15.44 2.47
CA GLU A 143 -13.45 -16.81 2.55
C GLU A 143 -12.26 -17.03 1.63
N GLU A 144 -12.23 -16.32 0.52
CA GLU A 144 -11.14 -16.46 -0.41
C GLU A 144 -9.92 -15.84 0.22
N ASP A 145 -10.03 -14.57 0.56
CA ASP A 145 -8.92 -13.78 1.07
C ASP A 145 -8.28 -14.34 2.32
N GLU A 146 -9.09 -14.85 3.23
CA GLU A 146 -8.55 -15.44 4.45
C GLU A 146 -7.81 -16.76 4.15
N LYS A 147 -8.36 -17.58 3.26
CA LYS A 147 -7.70 -18.81 2.88
C LYS A 147 -6.46 -18.50 2.02
N GLU A 148 -6.49 -17.38 1.31
CA GLU A 148 -5.34 -16.89 0.57
C GLU A 148 -4.28 -16.41 1.52
N SER A 149 -4.71 -15.83 2.64
CA SER A 149 -3.79 -15.39 3.69
C SER A 149 -3.02 -16.59 4.24
N GLN A 150 -3.68 -17.75 4.21
CA GLN A 150 -3.05 -19.01 4.60
C GLN A 150 -1.96 -19.41 3.58
N ARG A 151 -2.15 -19.02 2.34
CA ARG A 151 -1.19 -19.30 1.26
C ARG A 151 -0.03 -18.31 1.26
N ILE A 152 -0.28 -17.14 1.78
CA ILE A 152 0.71 -16.09 1.82
C ILE A 152 1.71 -16.34 2.95
N ALA A 153 2.81 -16.98 2.62
CA ALA A 153 3.87 -17.27 3.58
C ALA A 153 4.96 -16.21 3.49
N SER A 154 4.73 -15.25 2.65
CA SER A 154 5.61 -14.16 2.44
C SER A 154 5.12 -12.94 3.23
N LYS A 155 6.02 -12.14 3.76
CA LYS A 155 5.62 -10.97 4.52
C LYS A 155 6.71 -9.91 4.50
N ASN A 156 6.27 -8.66 4.44
CA ASN A 156 7.14 -7.47 4.50
C ASN A 156 8.20 -7.45 3.39
N GLN A 157 7.87 -8.01 2.24
CA GLN A 157 8.83 -8.12 1.14
C GLN A 157 8.66 -7.03 0.09
N LEU A 158 9.72 -6.30 -0.14
CA LEU A 158 9.78 -5.28 -1.16
C LEU A 158 10.45 -5.83 -2.38
N GLU A 159 10.15 -5.25 -3.50
CA GLU A 159 10.77 -5.61 -4.74
C GLU A 159 11.03 -4.30 -5.50
N SER A 160 12.05 -4.28 -6.29
CA SER A 160 12.46 -3.10 -7.00
C SER A 160 11.66 -2.90 -8.29
N ILE A 161 11.41 -3.99 -8.95
CA ILE A 161 10.70 -4.01 -10.20
C ILE A 161 9.33 -4.59 -10.04
N ALA A 162 8.47 -4.27 -10.95
CA ALA A 162 7.15 -4.82 -10.96
C ALA A 162 7.19 -6.31 -11.31
N TYR A 163 6.72 -7.12 -10.39
CA TYR A 163 6.61 -8.58 -10.54
C TYR A 163 5.79 -9.00 -11.75
N SER A 164 4.98 -8.09 -12.27
CA SER A 164 4.10 -8.33 -13.40
C SER A 164 4.88 -8.69 -14.67
N LEU A 165 6.09 -8.18 -14.76
CA LEU A 165 6.94 -8.44 -15.90
C LEU A 165 7.44 -9.88 -15.85
N LYS A 166 7.81 -10.30 -14.65
CA LYS A 166 8.41 -11.60 -14.38
C LYS A 166 9.72 -11.72 -15.12
N ASN A 167 10.66 -10.89 -14.72
CA ASN A 167 11.95 -10.85 -15.34
C ASN A 167 12.92 -11.78 -14.57
N THR A 168 14.23 -11.62 -14.76
CA THR A 168 15.23 -12.57 -14.27
C THR A 168 14.93 -13.95 -14.82
N ILE A 169 14.85 -13.97 -16.13
CA ILE A 169 14.53 -15.14 -16.91
C ILE A 169 15.80 -15.95 -17.03
N SER A 170 15.97 -16.91 -16.11
CA SER A 170 17.17 -17.74 -15.96
C SER A 170 18.32 -16.87 -15.38
N GLU A 171 18.69 -15.84 -16.10
CA GLU A 171 19.68 -14.89 -15.70
C GLU A 171 19.35 -13.59 -16.40
N ALA A 172 19.52 -12.49 -15.74
CA ALA A 172 19.28 -11.21 -16.34
C ALA A 172 20.58 -10.49 -16.53
N GLY A 173 20.83 -10.06 -17.73
CA GLY A 173 22.03 -9.35 -18.04
C GLY A 173 22.65 -9.91 -19.29
N SER A 1 -9.41 29.29 2.58
CA SER A 1 -9.66 27.99 3.15
C SER A 1 -10.70 27.26 2.30
N SER A 2 -10.61 25.96 2.27
CA SER A 2 -11.55 25.15 1.59
C SER A 2 -11.99 24.03 2.51
N LYS A 3 -13.28 23.91 2.70
CA LYS A 3 -13.86 22.88 3.54
C LYS A 3 -13.70 21.50 2.87
N THR A 4 -13.50 21.51 1.54
CA THR A 4 -13.33 20.29 0.72
C THR A 4 -14.67 19.50 0.69
N GLN A 5 -15.70 20.19 1.14
CA GLN A 5 -17.05 19.69 1.30
C GLN A 5 -17.13 18.54 2.30
N ASP A 6 -16.78 17.35 1.88
CA ASP A 6 -16.90 16.19 2.76
C ASP A 6 -15.60 15.84 3.40
N LEU A 7 -15.64 15.70 4.70
CA LEU A 7 -14.50 15.24 5.45
C LEU A 7 -14.95 14.16 6.43
N LEU A 8 -16.23 13.77 6.33
CA LEU A 8 -16.79 12.81 7.27
C LEU A 8 -16.56 11.39 6.81
N LEU A 9 -16.54 11.20 5.51
CA LEU A 9 -16.24 9.88 4.96
C LEU A 9 -14.73 9.66 4.90
N LEU A 10 -14.00 10.69 5.30
CA LEU A 10 -12.56 10.63 5.35
C LEU A 10 -12.08 10.51 6.79
N ASP A 11 -13.05 10.25 7.65
CA ASP A 11 -12.82 10.07 9.09
C ASP A 11 -12.52 8.61 9.37
N VAL A 12 -13.04 7.79 8.52
CA VAL A 12 -12.85 6.39 8.59
C VAL A 12 -12.33 5.92 7.27
N ALA A 13 -11.47 4.95 7.29
CA ALA A 13 -10.97 4.35 6.08
C ALA A 13 -12.05 3.40 5.56
N PRO A 14 -12.67 3.70 4.41
CA PRO A 14 -13.74 2.86 3.85
C PRO A 14 -13.19 1.56 3.30
N LEU A 15 -11.91 1.59 3.03
CA LEU A 15 -11.17 0.51 2.47
C LEU A 15 -9.83 0.52 3.16
N SER A 16 -9.12 -0.58 3.14
CA SER A 16 -7.81 -0.60 3.71
C SER A 16 -6.82 0.08 2.76
N LEU A 17 -5.86 0.77 3.33
CA LEU A 17 -4.81 1.44 2.58
C LEU A 17 -3.57 0.62 2.70
N GLY A 18 -2.95 0.34 1.60
CA GLY A 18 -1.77 -0.47 1.65
C GLY A 18 -0.89 -0.29 0.45
N ILE A 19 0.00 -1.22 0.28
CA ILE A 19 0.96 -1.20 -0.80
C ILE A 19 0.87 -2.47 -1.62
N GLU A 20 1.60 -2.49 -2.68
CA GLU A 20 1.69 -3.66 -3.53
C GLU A 20 3.08 -4.23 -3.29
N THR A 21 3.16 -5.42 -2.79
CA THR A 21 4.45 -6.02 -2.61
C THR A 21 4.73 -6.93 -3.78
N ALA A 22 5.99 -6.91 -4.24
CA ALA A 22 6.41 -7.52 -5.50
C ALA A 22 5.84 -8.91 -5.75
N GLY A 23 4.78 -8.96 -6.56
CA GLY A 23 4.19 -10.22 -6.92
C GLY A 23 2.68 -10.14 -7.12
N GLY A 24 2.07 -9.00 -6.85
CA GLY A 24 0.63 -8.91 -7.04
C GLY A 24 -0.08 -9.07 -5.72
N VAL A 25 0.55 -8.58 -4.70
CA VAL A 25 0.08 -8.74 -3.36
C VAL A 25 -0.36 -7.41 -2.75
N MET A 26 -1.60 -7.33 -2.33
CA MET A 26 -2.08 -6.12 -1.70
C MET A 26 -1.79 -6.23 -0.23
N THR A 27 -0.82 -5.48 0.19
CA THR A 27 -0.33 -5.50 1.52
C THR A 27 -0.96 -4.36 2.31
N LYS A 28 -1.87 -4.72 3.19
CA LYS A 28 -2.60 -3.75 3.99
C LYS A 28 -1.74 -3.14 5.09
N LEU A 29 -1.89 -1.84 5.28
CA LEU A 29 -1.29 -1.13 6.37
C LEU A 29 -2.36 -0.57 7.28
N ILE A 30 -3.20 0.26 6.71
CA ILE A 30 -4.29 0.89 7.44
C ILE A 30 -5.54 0.09 7.14
N PRO A 31 -6.14 -0.58 8.13
CA PRO A 31 -7.31 -1.42 7.90
C PRO A 31 -8.60 -0.62 7.65
N ARG A 32 -9.54 -1.28 7.02
CA ARG A 32 -10.87 -0.76 6.78
C ARG A 32 -11.58 -0.54 8.13
N ASN A 33 -12.29 0.58 8.24
CA ASN A 33 -13.07 0.96 9.45
C ASN A 33 -12.16 1.28 10.64
N SER A 34 -10.85 1.43 10.39
CA SER A 34 -9.85 1.66 11.45
C SER A 34 -10.10 2.98 12.21
N THR A 35 -10.82 3.91 11.56
CA THR A 35 -11.09 5.23 12.09
C THR A 35 -9.80 6.02 12.32
N ILE A 36 -9.57 7.02 11.51
CA ILE A 36 -8.31 7.71 11.56
C ILE A 36 -8.32 8.82 12.62
N PRO A 37 -7.16 9.38 13.05
CA PRO A 37 -5.81 9.00 12.58
C PRO A 37 -5.41 7.55 12.86
N THR A 38 -4.59 7.03 11.99
CA THR A 38 -4.05 5.71 12.12
C THR A 38 -2.65 5.75 11.55
N LYS A 39 -1.68 5.45 12.36
CA LYS A 39 -0.33 5.39 11.90
C LYS A 39 0.08 3.95 11.89
N LYS A 40 0.77 3.56 10.87
CA LYS A 40 1.24 2.21 10.78
C LYS A 40 2.63 2.24 10.20
N SER A 41 3.57 1.73 10.91
CA SER A 41 4.90 1.61 10.40
C SER A 41 5.25 0.16 10.37
N GLU A 42 5.62 -0.32 9.23
CA GLU A 42 5.93 -1.70 9.08
C GLU A 42 7.18 -1.79 8.23
N ILE A 43 8.05 -2.71 8.54
CA ILE A 43 9.28 -2.83 7.80
C ILE A 43 9.15 -3.77 6.63
N PHE A 44 9.40 -3.25 5.50
CA PHE A 44 9.41 -4.00 4.30
C PHE A 44 10.82 -3.96 3.81
N SER A 45 11.22 -4.91 3.07
CA SER A 45 12.57 -4.93 2.65
C SER A 45 12.67 -5.35 1.22
N THR A 46 13.84 -5.39 0.76
CA THR A 46 14.12 -5.75 -0.53
C THR A 46 14.96 -7.02 -0.48
N TYR A 47 14.37 -8.09 -0.91
CA TYR A 47 15.02 -9.37 -0.94
C TYR A 47 15.73 -9.50 -2.22
N ALA A 48 16.68 -8.66 -2.33
CA ALA A 48 17.43 -8.51 -3.48
C ALA A 48 18.78 -8.06 -3.02
N ASP A 49 19.77 -8.54 -3.65
CA ASP A 49 21.12 -8.23 -3.29
C ASP A 49 21.75 -7.41 -4.37
N ASN A 50 22.52 -6.41 -3.94
CA ASN A 50 23.19 -5.45 -4.85
C ASN A 50 22.14 -4.63 -5.57
N GLN A 51 21.15 -4.25 -4.82
CA GLN A 51 20.01 -3.52 -5.25
C GLN A 51 20.31 -2.01 -5.28
N PRO A 52 19.75 -1.28 -6.25
CA PRO A 52 19.94 0.16 -6.36
C PRO A 52 18.76 0.99 -5.81
N GLY A 53 17.73 0.35 -5.31
CA GLY A 53 16.58 1.08 -4.92
C GLY A 53 15.45 0.19 -4.50
N VAL A 54 14.39 0.81 -4.06
CA VAL A 54 13.15 0.17 -3.67
C VAL A 54 12.01 1.01 -4.22
N LEU A 55 10.99 0.38 -4.65
CA LEU A 55 9.90 1.09 -5.24
C LEU A 55 8.64 0.76 -4.42
N ILE A 56 7.91 1.80 -4.02
CA ILE A 56 6.72 1.62 -3.22
C ILE A 56 5.50 2.18 -3.98
N GLN A 57 4.43 1.42 -4.01
CA GLN A 57 3.20 1.81 -4.67
C GLN A 57 2.03 1.62 -3.75
N VAL A 58 1.14 2.58 -3.75
CA VAL A 58 0.02 2.64 -2.81
C VAL A 58 -1.28 2.25 -3.49
N PHE A 59 -2.00 1.35 -2.87
CA PHE A 59 -3.27 0.85 -3.36
C PHE A 59 -4.25 0.78 -2.19
N GLU A 60 -5.50 0.94 -2.47
CA GLU A 60 -6.51 0.85 -1.44
C GLU A 60 -7.59 -0.10 -1.91
N GLY A 61 -8.30 -0.67 -0.98
CA GLY A 61 -9.38 -1.54 -1.34
C GLY A 61 -9.33 -2.87 -0.65
N GLU A 62 -10.46 -3.50 -0.55
CA GLU A 62 -10.57 -4.80 0.06
C GLU A 62 -10.55 -5.85 -1.03
N ARG A 63 -9.70 -6.87 -0.85
CA ARG A 63 -9.63 -8.07 -1.72
C ARG A 63 -8.32 -8.82 -1.46
N ALA A 64 -7.33 -8.10 -0.91
CA ALA A 64 -6.00 -8.66 -0.54
C ALA A 64 -5.11 -8.93 -1.77
N LYS A 65 -5.68 -8.77 -2.95
CA LYS A 65 -4.96 -8.92 -4.19
C LYS A 65 -5.19 -7.71 -5.04
N THR A 66 -4.10 -7.05 -5.33
CA THR A 66 -4.00 -5.75 -5.98
C THR A 66 -4.78 -5.64 -7.31
N LYS A 67 -5.06 -6.76 -7.95
CA LYS A 67 -5.79 -6.79 -9.20
C LYS A 67 -7.18 -6.14 -9.10
N ASP A 68 -7.78 -6.17 -7.91
CA ASP A 68 -9.12 -5.62 -7.72
C ASP A 68 -9.07 -4.29 -6.99
N ASN A 69 -7.87 -3.80 -6.77
CA ASN A 69 -7.65 -2.60 -5.96
C ASN A 69 -7.57 -1.32 -6.76
N ASN A 70 -7.72 -0.21 -6.04
CA ASN A 70 -7.65 1.13 -6.59
C ASN A 70 -6.21 1.61 -6.52
N LEU A 71 -5.69 2.16 -7.60
CA LEU A 71 -4.32 2.64 -7.65
C LEU A 71 -4.29 4.11 -7.25
N LEU A 72 -3.53 4.43 -6.22
CA LEU A 72 -3.41 5.81 -5.75
C LEU A 72 -2.21 6.48 -6.36
N GLY A 73 -1.06 5.91 -6.12
CA GLY A 73 0.16 6.50 -6.56
C GLY A 73 1.31 5.57 -6.33
N LYS A 74 2.50 6.03 -6.63
CA LYS A 74 3.68 5.25 -6.57
C LYS A 74 4.89 6.18 -6.44
N PHE A 75 5.88 5.76 -5.68
CA PHE A 75 7.09 6.55 -5.52
C PHE A 75 8.30 5.64 -5.50
N GLU A 76 9.36 6.10 -6.10
CA GLU A 76 10.55 5.31 -6.26
C GLU A 76 11.64 5.88 -5.38
N LEU A 77 12.28 5.04 -4.62
CA LEU A 77 13.40 5.45 -3.82
C LEU A 77 14.65 4.76 -4.32
N SER A 78 15.49 5.51 -4.97
CA SER A 78 16.71 5.00 -5.49
C SER A 78 17.87 5.46 -4.62
N GLY A 79 18.97 4.74 -4.69
CA GLY A 79 20.09 5.06 -3.84
C GLY A 79 20.10 4.19 -2.61
N ILE A 80 19.47 3.05 -2.73
CA ILE A 80 19.42 2.07 -1.66
C ILE A 80 20.74 1.32 -1.64
N PRO A 81 21.33 1.14 -0.45
CA PRO A 81 22.63 0.49 -0.31
C PRO A 81 22.66 -0.95 -0.84
N PRO A 82 23.60 -1.25 -1.77
CA PRO A 82 23.79 -2.60 -2.24
C PRO A 82 24.25 -3.48 -1.08
N ALA A 83 23.43 -4.42 -0.73
CA ALA A 83 23.66 -5.25 0.42
C ALA A 83 23.01 -6.59 0.15
N PRO A 84 23.22 -7.61 1.01
CA PRO A 84 22.53 -8.88 0.88
C PRO A 84 21.00 -8.72 1.06
N ARG A 85 20.28 -9.71 0.60
CA ARG A 85 18.82 -9.70 0.58
C ARG A 85 18.22 -9.53 1.97
N GLY A 86 17.44 -8.48 2.16
CA GLY A 86 16.76 -8.26 3.42
C GLY A 86 17.57 -7.49 4.44
N VAL A 87 18.83 -7.24 4.15
CA VAL A 87 19.72 -6.55 5.08
C VAL A 87 19.32 -5.06 5.38
N PRO A 88 18.94 -4.23 4.38
CA PRO A 88 18.41 -2.89 4.64
C PRO A 88 16.93 -2.95 5.09
N GLN A 89 16.60 -2.23 6.15
CA GLN A 89 15.24 -2.19 6.65
C GLN A 89 14.57 -0.93 6.23
N ILE A 90 13.54 -1.05 5.43
CA ILE A 90 12.80 0.09 4.99
C ILE A 90 11.50 0.15 5.76
N GLU A 91 11.41 1.09 6.64
CA GLU A 91 10.23 1.26 7.44
C GLU A 91 9.27 2.12 6.66
N VAL A 92 8.15 1.55 6.31
CA VAL A 92 7.15 2.27 5.60
C VAL A 92 6.07 2.70 6.56
N THR A 93 6.00 3.98 6.77
CA THR A 93 5.07 4.57 7.67
C THR A 93 3.90 5.18 6.91
N PHE A 94 2.74 4.70 7.23
CA PHE A 94 1.51 5.23 6.76
C PHE A 94 0.95 6.11 7.85
N ASP A 95 0.92 7.37 7.59
CA ASP A 95 0.38 8.34 8.52
C ASP A 95 -0.87 8.98 7.94
N VAL A 96 -2.01 8.52 8.39
CA VAL A 96 -3.28 9.07 7.91
C VAL A 96 -3.83 10.01 8.95
N ASP A 97 -4.03 11.26 8.58
CA ASP A 97 -4.57 12.25 9.49
C ASP A 97 -6.06 12.47 9.23
N SER A 98 -6.65 13.34 10.04
CA SER A 98 -8.08 13.68 10.01
C SER A 98 -8.63 14.18 8.66
N ASN A 99 -7.76 14.61 7.77
CA ASN A 99 -8.21 15.13 6.48
C ASN A 99 -8.28 14.03 5.45
N GLY A 100 -8.04 12.80 5.87
CA GLY A 100 -8.04 11.67 4.97
C GLY A 100 -6.79 11.66 4.13
N ILE A 101 -5.80 12.34 4.61
CA ILE A 101 -4.56 12.44 3.91
C ILE A 101 -3.59 11.43 4.49
N LEU A 102 -2.92 10.73 3.61
CA LEU A 102 -2.01 9.72 3.97
C LEU A 102 -0.63 10.11 3.50
N ASN A 103 0.27 10.15 4.40
CA ASN A 103 1.63 10.40 4.09
C ASN A 103 2.31 9.06 4.10
N VAL A 104 2.81 8.64 2.97
CA VAL A 104 3.49 7.39 2.90
C VAL A 104 4.96 7.67 2.91
N SER A 105 5.62 7.22 3.93
CA SER A 105 7.02 7.48 4.12
C SER A 105 7.80 6.19 4.15
N ALA A 106 8.82 6.11 3.37
CA ALA A 106 9.71 4.99 3.39
C ALA A 106 11.05 5.47 3.92
N VAL A 107 11.52 4.87 4.99
CA VAL A 107 12.78 5.25 5.58
C VAL A 107 13.68 4.02 5.68
N GLU A 108 14.84 4.13 5.10
CA GLU A 108 15.82 3.06 5.07
C GLU A 108 16.81 3.32 6.23
N LYS A 109 16.82 2.42 7.21
CA LYS A 109 17.60 2.61 8.44
C LYS A 109 19.12 2.37 8.32
N GLY A 110 19.58 1.86 7.21
CA GLY A 110 21.00 1.67 7.03
C GLY A 110 21.69 2.96 6.64
N THR A 111 21.31 3.50 5.53
CA THR A 111 21.90 4.73 5.03
C THR A 111 21.24 5.97 5.60
N GLY A 112 20.05 5.80 6.15
CA GLY A 112 19.34 6.91 6.73
C GLY A 112 18.68 7.76 5.67
N LYS A 113 18.15 7.11 4.68
CA LYS A 113 17.47 7.77 3.62
C LYS A 113 15.99 7.65 3.80
N SER A 114 15.28 8.63 3.36
CA SER A 114 13.86 8.61 3.48
C SER A 114 13.23 9.26 2.27
N ASN A 115 12.08 8.81 1.94
CA ASN A 115 11.31 9.40 0.85
C ASN A 115 9.85 9.27 1.21
N LYS A 116 9.09 10.33 1.04
CA LYS A 116 7.69 10.32 1.40
C LYS A 116 6.90 11.16 0.45
N ILE A 117 5.67 10.78 0.20
CA ILE A 117 4.79 11.54 -0.66
C ILE A 117 3.41 11.63 -0.05
N THR A 118 2.66 12.60 -0.49
CA THR A 118 1.32 12.81 -0.04
C THR A 118 0.33 12.08 -0.95
N ILE A 119 -0.28 11.06 -0.43
CA ILE A 119 -1.26 10.29 -1.15
C ILE A 119 -2.58 10.31 -0.38
N THR A 120 -3.51 11.02 -0.87
CA THR A 120 -4.80 11.10 -0.28
C THR A 120 -5.83 10.65 -1.31
N ASN A 121 -6.93 10.09 -0.88
CA ASN A 121 -7.97 9.67 -1.82
C ASN A 121 -8.93 10.81 -2.11
N ASP A 122 -8.34 11.87 -2.57
CA ASP A 122 -9.01 13.12 -2.89
C ASP A 122 -9.43 13.12 -4.35
N LYS A 123 -10.45 13.93 -4.67
CA LYS A 123 -11.02 14.08 -6.02
C LYS A 123 -11.77 12.80 -6.37
N GLY A 124 -11.96 12.55 -7.65
CA GLY A 124 -12.63 11.34 -8.07
C GLY A 124 -11.70 10.17 -7.99
N ARG A 125 -11.26 9.86 -6.80
CA ARG A 125 -10.33 8.80 -6.56
C ARG A 125 -11.13 7.54 -6.36
N LEU A 126 -12.05 7.62 -5.46
CA LEU A 126 -12.96 6.57 -5.20
C LEU A 126 -14.32 7.01 -5.63
N SER A 127 -14.92 6.27 -6.48
CA SER A 127 -16.27 6.51 -6.81
C SER A 127 -17.09 5.72 -5.84
N LYS A 128 -18.35 6.05 -5.69
CA LYS A 128 -19.24 5.30 -4.82
C LYS A 128 -19.25 3.86 -5.34
N GLU A 129 -19.19 3.75 -6.67
CA GLU A 129 -19.10 2.49 -7.39
C GLU A 129 -17.92 1.63 -6.87
N ASP A 130 -16.70 2.24 -6.85
CA ASP A 130 -15.46 1.55 -6.40
C ASP A 130 -15.61 1.04 -5.01
N ILE A 131 -16.07 1.92 -4.13
CA ILE A 131 -16.25 1.61 -2.71
C ILE A 131 -17.21 0.46 -2.56
N GLU A 132 -18.39 0.59 -3.18
CA GLU A 132 -19.43 -0.43 -3.10
C GLU A 132 -18.91 -1.78 -3.58
N LYS A 133 -18.11 -1.78 -4.66
CA LYS A 133 -17.60 -3.05 -5.20
C LYS A 133 -16.76 -3.74 -4.18
N MET A 134 -15.73 -3.08 -3.73
CA MET A 134 -14.74 -3.69 -2.86
C MET A 134 -15.30 -4.01 -1.50
N VAL A 135 -16.13 -3.13 -0.97
CA VAL A 135 -16.77 -3.37 0.30
C VAL A 135 -17.68 -4.60 0.23
N ALA A 136 -18.52 -4.66 -0.80
CA ALA A 136 -19.49 -5.72 -0.92
C ALA A 136 -18.88 -7.05 -1.36
N GLU A 137 -18.14 -7.07 -2.46
CA GLU A 137 -17.64 -8.32 -3.01
C GLU A 137 -16.56 -8.95 -2.15
N ALA A 138 -15.68 -8.13 -1.59
CA ALA A 138 -14.61 -8.68 -0.79
C ALA A 138 -15.14 -9.15 0.54
N GLU A 139 -16.15 -8.45 1.09
CA GLU A 139 -16.75 -8.90 2.34
C GLU A 139 -17.51 -10.19 2.10
N LYS A 140 -18.06 -10.33 0.90
CA LYS A 140 -18.80 -11.52 0.52
C LYS A 140 -17.86 -12.72 0.50
N PHE A 141 -16.72 -12.55 -0.09
CA PHE A 141 -15.73 -13.61 -0.19
C PHE A 141 -14.67 -13.42 0.90
N LYS A 142 -15.12 -13.00 2.08
CA LYS A 142 -14.26 -12.66 3.23
C LYS A 142 -13.23 -13.73 3.58
N GLU A 143 -13.60 -14.97 3.40
CA GLU A 143 -12.76 -16.06 3.80
C GLU A 143 -11.57 -16.28 2.91
N GLU A 144 -11.71 -16.08 1.62
CA GLU A 144 -10.56 -16.27 0.76
C GLU A 144 -9.56 -15.11 0.99
N ASP A 145 -10.10 -13.91 1.18
CA ASP A 145 -9.32 -12.70 1.48
C ASP A 145 -8.40 -12.91 2.66
N GLU A 146 -8.97 -13.34 3.77
CA GLU A 146 -8.19 -13.55 4.97
C GLU A 146 -7.19 -14.69 4.82
N LYS A 147 -7.57 -15.76 4.13
CA LYS A 147 -6.66 -16.89 3.95
C LYS A 147 -5.48 -16.47 3.07
N GLU A 148 -5.75 -15.66 2.07
CA GLU A 148 -4.70 -15.15 1.22
C GLU A 148 -3.80 -14.22 2.01
N SER A 149 -4.41 -13.33 2.80
CA SER A 149 -3.67 -12.36 3.61
C SER A 149 -2.77 -13.04 4.66
N GLN A 150 -3.05 -14.29 4.96
CA GLN A 150 -2.23 -15.06 5.87
C GLN A 150 -0.96 -15.54 5.18
N ARG A 151 -1.07 -15.84 3.91
CA ARG A 151 0.05 -16.37 3.13
C ARG A 151 0.82 -15.27 2.43
N ILE A 152 0.11 -14.32 1.90
CA ILE A 152 0.75 -13.24 1.20
C ILE A 152 0.77 -12.01 2.07
N ALA A 153 1.36 -10.93 1.57
CA ALA A 153 1.57 -9.63 2.29
C ALA A 153 2.74 -9.78 3.25
N SER A 154 2.78 -10.93 3.86
CA SER A 154 3.78 -11.39 4.78
C SER A 154 5.12 -11.65 4.05
N LYS A 155 5.16 -11.37 2.75
CA LYS A 155 6.34 -11.55 1.95
C LYS A 155 7.29 -10.39 2.17
N ASN A 156 6.73 -9.21 2.47
CA ASN A 156 7.50 -7.98 2.79
C ASN A 156 8.44 -7.55 1.67
N GLN A 157 8.16 -7.95 0.44
CA GLN A 157 9.06 -7.69 -0.67
C GLN A 157 8.75 -6.39 -1.39
N LEU A 158 9.70 -5.52 -1.43
CA LEU A 158 9.60 -4.31 -2.22
C LEU A 158 10.33 -4.56 -3.52
N GLU A 159 9.86 -4.00 -4.60
CA GLU A 159 10.51 -4.20 -5.86
C GLU A 159 11.71 -3.26 -5.97
N SER A 160 12.87 -3.82 -6.21
CA SER A 160 14.09 -3.07 -6.36
C SER A 160 14.07 -2.30 -7.67
N ILE A 161 13.50 -2.93 -8.65
CA ILE A 161 13.31 -2.37 -9.97
C ILE A 161 11.88 -2.62 -10.33
N ALA A 162 11.36 -1.84 -11.21
CA ALA A 162 9.98 -1.94 -11.60
C ALA A 162 9.70 -3.21 -12.40
N TYR A 163 8.62 -3.89 -12.04
CA TYR A 163 8.10 -5.06 -12.78
C TYR A 163 7.99 -4.83 -14.28
N SER A 164 7.69 -3.60 -14.69
CA SER A 164 7.56 -3.20 -16.10
C SER A 164 6.40 -3.90 -16.85
N LEU A 165 5.42 -4.39 -16.11
CA LEU A 165 4.23 -4.94 -16.72
C LEU A 165 3.16 -3.87 -16.76
N LYS A 166 2.41 -3.83 -17.82
CA LYS A 166 1.38 -2.83 -17.99
C LYS A 166 0.04 -3.47 -17.66
N ASN A 167 -0.36 -4.42 -18.48
CA ASN A 167 -1.61 -5.17 -18.32
C ASN A 167 -1.76 -6.10 -19.50
N THR A 168 -2.34 -7.26 -19.28
CA THR A 168 -2.59 -8.20 -20.32
C THR A 168 -3.93 -7.93 -21.00
N ILE A 169 -4.13 -8.51 -22.18
CA ILE A 169 -5.29 -8.26 -23.05
C ILE A 169 -5.19 -6.88 -23.66
N SER A 170 -5.39 -5.86 -22.82
CA SER A 170 -5.38 -4.47 -23.21
C SER A 170 -6.35 -4.22 -24.38
N GLU A 171 -7.59 -3.98 -24.04
CA GLU A 171 -8.63 -3.81 -25.02
C GLU A 171 -8.44 -2.53 -25.80
N ALA A 172 -7.86 -2.66 -26.98
CA ALA A 172 -7.61 -1.53 -27.86
C ALA A 172 -8.89 -1.19 -28.60
N GLY A 173 -9.68 -2.20 -28.84
CA GLY A 173 -10.91 -2.05 -29.52
C GLY A 173 -11.48 -3.41 -29.74
N SER A 1 -33.16 8.39 17.58
CA SER A 1 -32.31 8.23 16.41
C SER A 1 -33.14 7.92 15.15
N SER A 2 -33.13 8.85 14.21
CA SER A 2 -33.76 8.70 12.90
C SER A 2 -32.75 7.94 11.99
N LYS A 3 -31.53 7.97 12.44
CA LYS A 3 -30.38 7.33 11.86
C LYS A 3 -29.42 7.27 13.02
N THR A 4 -28.25 6.71 12.88
CA THR A 4 -27.26 6.68 13.96
C THR A 4 -26.56 8.10 14.09
N GLN A 5 -27.32 9.14 13.72
CA GLN A 5 -26.89 10.53 13.64
C GLN A 5 -25.78 10.72 12.60
N ASP A 6 -25.41 11.94 12.39
CA ASP A 6 -24.26 12.24 11.60
C ASP A 6 -23.07 12.25 12.51
N LEU A 7 -22.10 11.47 12.20
CA LEU A 7 -20.92 11.35 13.04
C LEU A 7 -19.89 12.41 12.66
N LEU A 8 -20.39 13.54 12.13
CA LEU A 8 -19.58 14.62 11.60
C LEU A 8 -18.81 14.04 10.44
N LEU A 9 -19.59 13.41 9.55
CA LEU A 9 -19.11 12.64 8.40
C LEU A 9 -18.38 11.38 8.85
N LEU A 10 -18.18 10.46 7.94
CA LEU A 10 -17.40 9.29 8.25
C LEU A 10 -15.93 9.65 8.15
N ASP A 11 -15.35 9.98 9.27
CA ASP A 11 -13.98 10.43 9.36
C ASP A 11 -13.11 9.21 9.57
N VAL A 12 -13.14 8.37 8.56
CA VAL A 12 -12.49 7.10 8.57
C VAL A 12 -11.89 6.84 7.20
N ALA A 13 -11.01 5.87 7.11
CA ALA A 13 -10.51 5.44 5.82
C ALA A 13 -11.56 4.52 5.22
N PRO A 14 -12.06 4.83 4.00
CA PRO A 14 -13.15 4.08 3.39
C PRO A 14 -12.81 2.61 3.14
N LEU A 15 -11.63 2.36 2.66
CA LEU A 15 -11.17 1.02 2.37
C LEU A 15 -9.83 0.80 3.08
N SER A 16 -9.38 -0.44 3.12
CA SER A 16 -8.12 -0.74 3.77
C SER A 16 -6.92 -0.27 2.94
N LEU A 17 -5.95 0.32 3.62
CA LEU A 17 -4.79 0.94 2.99
C LEU A 17 -3.56 0.07 3.14
N GLY A 18 -2.75 0.02 2.11
CA GLY A 18 -1.54 -0.73 2.21
C GLY A 18 -0.69 -0.63 0.96
N ILE A 19 0.20 -1.56 0.83
CA ILE A 19 1.11 -1.64 -0.30
C ILE A 19 1.07 -2.99 -0.93
N GLU A 20 1.67 -3.08 -2.08
CA GLU A 20 1.82 -4.33 -2.73
C GLU A 20 3.20 -4.85 -2.44
N THR A 21 3.27 -6.04 -1.92
CA THR A 21 4.52 -6.68 -1.78
C THR A 21 4.64 -7.79 -2.83
N ALA A 22 5.76 -8.48 -2.81
CA ALA A 22 6.15 -9.48 -3.80
C ALA A 22 5.06 -10.45 -4.26
N GLY A 23 4.45 -10.15 -5.39
CA GLY A 23 3.53 -11.08 -5.99
C GLY A 23 2.12 -10.59 -6.00
N GLY A 24 1.92 -9.33 -5.71
CA GLY A 24 0.58 -8.81 -5.69
C GLY A 24 -0.07 -9.09 -4.36
N VAL A 25 0.76 -9.08 -3.34
CA VAL A 25 0.31 -9.33 -1.99
C VAL A 25 -0.15 -8.04 -1.36
N MET A 26 -1.43 -7.94 -1.08
CA MET A 26 -1.96 -6.77 -0.43
C MET A 26 -1.50 -6.77 1.00
N THR A 27 -0.63 -5.88 1.29
CA THR A 27 -0.09 -5.75 2.60
C THR A 27 -0.82 -4.59 3.26
N LYS A 28 -1.74 -4.91 4.13
CA LYS A 28 -2.56 -3.90 4.76
C LYS A 28 -1.90 -3.37 6.00
N LEU A 29 -1.78 -2.08 6.09
CA LEU A 29 -1.23 -1.47 7.26
C LEU A 29 -2.34 -0.83 8.08
N ILE A 30 -3.37 -0.37 7.39
CA ILE A 30 -4.48 0.29 8.03
C ILE A 30 -5.78 -0.36 7.56
N PRO A 31 -6.62 -0.84 8.51
CA PRO A 31 -7.88 -1.52 8.20
C PRO A 31 -8.97 -0.60 7.66
N ARG A 32 -10.08 -1.21 7.23
CA ARG A 32 -11.22 -0.49 6.69
C ARG A 32 -11.96 0.21 7.83
N ASN A 33 -12.50 1.41 7.57
CA ASN A 33 -13.33 2.16 8.53
C ASN A 33 -12.54 2.52 9.78
N SER A 34 -11.28 2.71 9.60
CA SER A 34 -10.40 3.07 10.66
C SER A 34 -10.57 4.56 10.95
N THR A 35 -10.90 4.87 12.19
CA THR A 35 -11.14 6.21 12.60
C THR A 35 -9.84 7.02 12.59
N ILE A 36 -9.71 7.88 11.62
CA ILE A 36 -8.53 8.67 11.42
C ILE A 36 -8.55 9.92 12.32
N PRO A 37 -7.42 10.62 12.54
CA PRO A 37 -6.09 10.31 11.96
C PRO A 37 -5.49 9.00 12.47
N THR A 38 -4.65 8.42 11.67
CA THR A 38 -3.95 7.21 12.00
C THR A 38 -2.56 7.23 11.36
N LYS A 39 -1.54 7.05 12.17
CA LYS A 39 -0.19 6.92 11.68
C LYS A 39 0.29 5.53 11.96
N LYS A 40 0.64 4.85 10.92
CA LYS A 40 1.03 3.48 11.00
C LYS A 40 2.37 3.29 10.32
N SER A 41 3.33 2.79 11.03
CA SER A 41 4.63 2.51 10.49
C SER A 41 4.85 1.02 10.52
N GLU A 42 5.55 0.51 9.55
CA GLU A 42 5.87 -0.89 9.51
C GLU A 42 7.16 -1.07 8.70
N ILE A 43 7.87 -2.15 8.97
CA ILE A 43 9.17 -2.39 8.38
C ILE A 43 9.08 -3.40 7.24
N PHE A 44 9.76 -3.12 6.15
CA PHE A 44 9.79 -3.98 4.99
C PHE A 44 11.22 -4.02 4.45
N SER A 45 11.54 -5.00 3.66
CA SER A 45 12.87 -5.10 3.10
C SER A 45 12.75 -5.41 1.61
N THR A 46 13.85 -5.49 0.92
CA THR A 46 13.85 -5.67 -0.51
C THR A 46 14.41 -7.07 -0.83
N TYR A 47 14.18 -7.56 -2.06
CA TYR A 47 14.70 -8.86 -2.48
C TYR A 47 16.21 -8.82 -2.51
N ALA A 48 16.86 -9.60 -1.66
CA ALA A 48 18.33 -9.72 -1.70
C ALA A 48 19.06 -8.41 -1.37
N ASP A 49 20.35 -8.50 -1.37
CA ASP A 49 21.22 -7.39 -1.10
C ASP A 49 21.57 -6.66 -2.37
N ASN A 50 22.17 -5.48 -2.21
CA ASN A 50 22.70 -4.65 -3.31
C ASN A 50 21.64 -4.06 -4.22
N GLN A 51 20.41 -4.03 -3.79
CA GLN A 51 19.36 -3.46 -4.60
C GLN A 51 19.41 -1.94 -4.52
N PRO A 52 19.48 -1.26 -5.67
CA PRO A 52 19.67 0.20 -5.72
C PRO A 52 18.44 1.00 -5.31
N GLY A 53 17.33 0.34 -5.17
CA GLY A 53 16.14 1.02 -4.81
C GLY A 53 15.00 0.08 -4.60
N VAL A 54 13.91 0.62 -4.10
CA VAL A 54 12.69 -0.12 -3.89
C VAL A 54 11.53 0.64 -4.51
N LEU A 55 10.57 -0.10 -5.00
CA LEU A 55 9.37 0.45 -5.55
C LEU A 55 8.24 0.22 -4.58
N ILE A 56 7.71 1.29 -4.06
CA ILE A 56 6.67 1.23 -3.09
C ILE A 56 5.37 1.65 -3.73
N GLN A 57 4.51 0.70 -3.90
CA GLN A 57 3.27 0.89 -4.59
C GLN A 57 2.14 0.94 -3.58
N VAL A 58 1.47 2.06 -3.49
CA VAL A 58 0.43 2.25 -2.50
C VAL A 58 -0.95 1.99 -3.11
N PHE A 59 -1.68 1.10 -2.49
CA PHE A 59 -2.98 0.71 -2.95
C PHE A 59 -4.00 0.79 -1.82
N GLU A 60 -5.21 1.09 -2.18
CA GLU A 60 -6.31 1.08 -1.27
C GLU A 60 -7.33 0.13 -1.85
N GLY A 61 -7.97 -0.64 -1.00
CA GLY A 61 -8.93 -1.56 -1.49
C GLY A 61 -9.37 -2.53 -0.44
N GLU A 62 -9.75 -3.70 -0.88
CA GLU A 62 -10.25 -4.75 -0.01
C GLU A 62 -9.67 -6.11 -0.31
N ARG A 63 -9.21 -6.32 -1.52
CA ARG A 63 -8.83 -7.64 -1.94
C ARG A 63 -7.42 -7.99 -1.54
N ALA A 64 -7.17 -9.29 -1.36
CA ALA A 64 -5.84 -9.79 -1.02
C ALA A 64 -4.90 -9.65 -2.19
N LYS A 65 -5.46 -9.61 -3.37
CA LYS A 65 -4.70 -9.39 -4.55
C LYS A 65 -4.72 -7.91 -4.82
N THR A 66 -3.59 -7.30 -4.73
CA THR A 66 -3.44 -5.87 -4.89
C THR A 66 -3.81 -5.42 -6.32
N LYS A 67 -3.85 -6.36 -7.22
CA LYS A 67 -4.21 -6.11 -8.61
C LYS A 67 -5.72 -5.83 -8.77
N ASP A 68 -6.49 -6.07 -7.70
CA ASP A 68 -7.92 -5.75 -7.68
C ASP A 68 -8.17 -4.51 -6.86
N ASN A 69 -7.09 -3.92 -6.38
CA ASN A 69 -7.17 -2.74 -5.54
C ASN A 69 -6.80 -1.50 -6.36
N ASN A 70 -7.01 -0.34 -5.81
CA ASN A 70 -6.78 0.90 -6.56
C ASN A 70 -5.42 1.49 -6.21
N LEU A 71 -4.59 1.66 -7.23
CA LEU A 71 -3.30 2.29 -7.11
C LEU A 71 -3.51 3.78 -7.03
N LEU A 72 -3.25 4.35 -5.88
CA LEU A 72 -3.47 5.79 -5.72
C LEU A 72 -2.27 6.52 -6.28
N GLY A 73 -1.12 5.95 -6.04
CA GLY A 73 0.12 6.49 -6.48
C GLY A 73 1.23 5.64 -5.97
N LYS A 74 2.42 5.90 -6.40
CA LYS A 74 3.55 5.13 -5.95
C LYS A 74 4.81 5.96 -6.00
N PHE A 75 5.80 5.53 -5.29
CA PHE A 75 7.06 6.20 -5.29
C PHE A 75 8.16 5.18 -5.21
N GLU A 76 9.25 5.48 -5.81
CA GLU A 76 10.36 4.58 -5.85
C GLU A 76 11.59 5.27 -5.32
N LEU A 77 12.15 4.70 -4.29
CA LEU A 77 13.25 5.31 -3.62
C LEU A 77 14.51 4.62 -4.09
N SER A 78 15.26 5.33 -4.88
CA SER A 78 16.52 4.83 -5.38
C SER A 78 17.63 5.51 -4.58
N GLY A 79 18.79 4.92 -4.58
CA GLY A 79 19.88 5.45 -3.82
C GLY A 79 20.08 4.63 -2.57
N ILE A 80 19.54 3.43 -2.59
CA ILE A 80 19.66 2.53 -1.50
C ILE A 80 21.05 1.89 -1.51
N PRO A 81 21.75 1.93 -0.37
CA PRO A 81 23.13 1.47 -0.25
C PRO A 81 23.35 0.00 -0.64
N PRO A 82 24.41 -0.29 -1.41
CA PRO A 82 24.79 -1.65 -1.65
C PRO A 82 25.40 -2.19 -0.35
N ALA A 83 24.73 -3.13 0.24
CA ALA A 83 25.09 -3.69 1.50
C ALA A 83 24.44 -5.04 1.59
N PRO A 84 24.91 -5.95 2.50
CA PRO A 84 24.33 -7.29 2.69
C PRO A 84 22.81 -7.25 2.95
N ARG A 85 22.17 -8.36 2.65
CA ARG A 85 20.73 -8.47 2.75
C ARG A 85 20.24 -8.26 4.17
N GLY A 86 19.24 -7.44 4.31
CA GLY A 86 18.69 -7.15 5.61
C GLY A 86 19.35 -5.96 6.29
N VAL A 87 20.47 -5.50 5.74
CA VAL A 87 21.15 -4.33 6.28
C VAL A 87 20.36 -3.03 5.94
N PRO A 88 20.00 -2.77 4.65
CA PRO A 88 19.13 -1.65 4.34
C PRO A 88 17.71 -2.01 4.78
N GLN A 89 17.18 -1.28 5.70
CA GLN A 89 15.89 -1.60 6.22
C GLN A 89 14.97 -0.45 5.96
N ILE A 90 13.83 -0.73 5.35
CA ILE A 90 12.92 0.31 4.96
C ILE A 90 11.73 0.35 5.90
N GLU A 91 11.55 1.48 6.53
CA GLU A 91 10.43 1.69 7.40
C GLU A 91 9.45 2.56 6.66
N VAL A 92 8.29 2.02 6.39
CA VAL A 92 7.28 2.73 5.68
C VAL A 92 6.24 3.24 6.66
N THR A 93 5.90 4.48 6.54
CA THR A 93 4.97 5.12 7.43
C THR A 93 3.79 5.72 6.65
N PHE A 94 2.61 5.37 7.07
CA PHE A 94 1.38 5.88 6.53
C PHE A 94 0.75 6.79 7.56
N ASP A 95 0.65 8.05 7.28
CA ASP A 95 -0.06 8.96 8.17
C ASP A 95 -1.24 9.56 7.47
N VAL A 96 -2.41 9.20 7.92
CA VAL A 96 -3.66 9.65 7.34
C VAL A 96 -4.27 10.69 8.25
N ASP A 97 -4.48 11.88 7.74
CA ASP A 97 -5.15 12.90 8.52
C ASP A 97 -6.63 12.85 8.25
N SER A 98 -7.37 13.63 9.00
CA SER A 98 -8.82 13.69 8.91
C SER A 98 -9.31 14.47 7.66
N ASN A 99 -8.38 14.99 6.89
CA ASN A 99 -8.71 15.72 5.68
C ASN A 99 -8.63 14.74 4.50
N GLY A 100 -8.09 13.58 4.79
CA GLY A 100 -7.97 12.55 3.81
C GLY A 100 -6.64 12.62 3.10
N ILE A 101 -5.66 13.25 3.72
CA ILE A 101 -4.35 13.34 3.14
C ILE A 101 -3.50 12.23 3.79
N LEU A 102 -2.91 11.39 2.99
CA LEU A 102 -2.08 10.31 3.43
C LEU A 102 -0.65 10.53 2.99
N ASN A 103 0.23 10.64 3.93
CA ASN A 103 1.63 10.70 3.60
C ASN A 103 2.20 9.34 3.75
N VAL A 104 2.79 8.82 2.73
CA VAL A 104 3.45 7.57 2.83
C VAL A 104 4.92 7.84 2.72
N SER A 105 5.64 7.57 3.77
CA SER A 105 7.04 7.84 3.81
C SER A 105 7.81 6.56 3.91
N ALA A 106 8.95 6.55 3.32
CA ALA A 106 9.84 5.44 3.42
C ALA A 106 11.16 5.95 3.89
N VAL A 107 11.60 5.41 4.97
CA VAL A 107 12.86 5.78 5.53
C VAL A 107 13.73 4.55 5.55
N GLU A 108 14.85 4.59 4.89
CA GLU A 108 15.74 3.48 4.94
C GLU A 108 16.83 3.77 5.95
N LYS A 109 17.03 2.86 6.83
CA LYS A 109 17.98 3.03 7.92
C LYS A 109 19.41 2.77 7.51
N GLY A 110 19.61 2.26 6.30
CA GLY A 110 20.94 1.92 5.83
C GLY A 110 21.81 3.15 5.76
N THR A 111 21.43 4.09 4.94
CA THR A 111 22.17 5.33 4.85
C THR A 111 21.47 6.48 5.56
N GLY A 112 20.17 6.44 5.56
CA GLY A 112 19.40 7.45 6.21
C GLY A 112 18.58 8.23 5.21
N LYS A 113 18.22 7.59 4.13
CA LYS A 113 17.43 8.25 3.15
C LYS A 113 15.98 8.13 3.46
N SER A 114 15.30 9.18 3.21
CA SER A 114 13.90 9.25 3.50
C SER A 114 13.20 9.99 2.37
N ASN A 115 12.10 9.45 1.94
CA ASN A 115 11.32 10.06 0.88
C ASN A 115 9.89 9.71 1.11
N LYS A 116 8.97 10.52 0.64
CA LYS A 116 7.58 10.25 0.82
C LYS A 116 6.79 10.69 -0.38
N ILE A 117 5.57 10.26 -0.43
CA ILE A 117 4.65 10.67 -1.43
C ILE A 117 3.42 11.21 -0.71
N THR A 118 2.76 12.16 -1.31
CA THR A 118 1.58 12.70 -0.74
C THR A 118 0.40 12.17 -1.52
N ILE A 119 -0.35 11.31 -0.91
CA ILE A 119 -1.47 10.71 -1.53
C ILE A 119 -2.72 11.09 -0.80
N THR A 120 -3.53 11.86 -1.38
CA THR A 120 -4.78 12.14 -0.78
C THR A 120 -5.85 11.42 -1.57
N ASN A 121 -6.86 11.01 -0.90
CA ASN A 121 -7.93 10.31 -1.56
C ASN A 121 -8.96 11.33 -1.96
N ASP A 122 -8.77 11.83 -3.14
CA ASP A 122 -9.60 12.88 -3.70
C ASP A 122 -10.88 12.30 -4.32
N LYS A 123 -11.65 13.15 -4.95
CA LYS A 123 -12.97 12.77 -5.46
C LYS A 123 -12.88 11.92 -6.72
N GLY A 124 -11.77 12.02 -7.41
CA GLY A 124 -11.57 11.25 -8.60
C GLY A 124 -10.63 10.11 -8.35
N ARG A 125 -10.39 9.86 -7.08
CA ARG A 125 -9.53 8.79 -6.69
C ARG A 125 -10.39 7.57 -6.44
N LEU A 126 -11.17 7.61 -5.38
CA LEU A 126 -12.18 6.62 -5.14
C LEU A 126 -13.52 7.26 -5.22
N SER A 127 -14.38 6.68 -5.96
CA SER A 127 -15.72 7.13 -6.04
C SER A 127 -16.52 6.27 -5.07
N LYS A 128 -17.79 6.56 -4.87
CA LYS A 128 -18.56 5.81 -3.92
C LYS A 128 -18.74 4.38 -4.41
N GLU A 129 -18.84 4.21 -5.73
CA GLU A 129 -19.02 2.90 -6.32
C GLU A 129 -17.83 2.00 -6.03
N ASP A 130 -16.62 2.56 -6.05
CA ASP A 130 -15.41 1.78 -5.78
C ASP A 130 -15.50 1.23 -4.40
N ILE A 131 -15.85 2.11 -3.48
CA ILE A 131 -15.96 1.78 -2.09
C ILE A 131 -17.06 0.73 -1.89
N GLU A 132 -18.26 1.01 -2.37
CA GLU A 132 -19.38 0.12 -2.13
C GLU A 132 -19.27 -1.22 -2.87
N LYS A 133 -18.64 -1.24 -4.04
CA LYS A 133 -18.37 -2.49 -4.76
C LYS A 133 -17.37 -3.33 -3.98
N MET A 134 -16.20 -2.74 -3.69
CA MET A 134 -15.14 -3.47 -2.99
C MET A 134 -15.60 -3.95 -1.63
N VAL A 135 -16.25 -3.08 -0.86
CA VAL A 135 -16.76 -3.46 0.45
C VAL A 135 -17.72 -4.64 0.35
N ALA A 136 -18.71 -4.55 -0.51
CA ALA A 136 -19.73 -5.57 -0.62
C ALA A 136 -19.17 -6.91 -1.11
N GLU A 137 -18.49 -6.90 -2.26
CA GLU A 137 -17.99 -8.14 -2.81
C GLU A 137 -16.93 -8.78 -1.94
N ALA A 138 -16.01 -7.98 -1.46
CA ALA A 138 -14.91 -8.49 -0.68
C ALA A 138 -15.31 -8.89 0.71
N GLU A 139 -16.40 -8.32 1.23
CA GLU A 139 -16.93 -8.76 2.50
C GLU A 139 -17.41 -10.19 2.34
N LYS A 140 -18.03 -10.46 1.20
CA LYS A 140 -18.51 -11.77 0.86
C LYS A 140 -17.31 -12.68 0.54
N PHE A 141 -16.31 -12.12 -0.07
CA PHE A 141 -15.12 -12.86 -0.45
C PHE A 141 -14.01 -12.80 0.62
N LYS A 142 -14.38 -12.59 1.88
CA LYS A 142 -13.35 -12.57 2.93
C LYS A 142 -12.62 -13.88 3.10
N GLU A 143 -13.33 -14.99 2.94
CA GLU A 143 -12.67 -16.30 2.93
C GLU A 143 -11.72 -16.39 1.77
N GLU A 144 -12.08 -15.81 0.65
CA GLU A 144 -11.24 -15.79 -0.52
C GLU A 144 -9.95 -15.02 -0.18
N ASP A 145 -10.14 -13.77 0.28
CA ASP A 145 -9.02 -12.88 0.62
C ASP A 145 -8.05 -13.52 1.62
N GLU A 146 -8.57 -14.02 2.74
CA GLU A 146 -7.70 -14.60 3.75
C GLU A 146 -7.05 -15.90 3.28
N LYS A 147 -7.80 -16.72 2.54
CA LYS A 147 -7.26 -17.97 2.03
C LYS A 147 -6.19 -17.76 0.98
N GLU A 148 -6.37 -16.75 0.14
CA GLU A 148 -5.34 -16.39 -0.84
C GLU A 148 -4.09 -15.95 -0.12
N SER A 149 -4.29 -15.30 1.02
CA SER A 149 -3.20 -14.81 1.85
C SER A 149 -2.53 -15.98 2.61
N GLN A 150 -3.23 -17.10 2.74
CA GLN A 150 -2.68 -18.28 3.40
C GLN A 150 -1.70 -19.00 2.48
N ARG A 151 -1.96 -18.94 1.18
CA ARG A 151 -1.13 -19.63 0.17
C ARG A 151 0.25 -18.99 0.11
N ILE A 152 0.25 -17.69 0.20
CA ILE A 152 1.45 -16.90 0.05
C ILE A 152 2.26 -16.82 1.33
N ALA A 153 3.50 -17.27 1.24
CA ALA A 153 4.38 -17.31 2.38
C ALA A 153 5.60 -16.42 2.16
N SER A 154 5.58 -15.67 1.08
CA SER A 154 6.62 -14.71 0.79
C SER A 154 6.02 -13.31 0.83
N LYS A 155 6.13 -12.66 1.97
CA LYS A 155 5.55 -11.35 2.16
C LYS A 155 6.57 -10.38 2.72
N ASN A 156 6.19 -9.10 2.78
CA ASN A 156 6.99 -7.99 3.38
C ASN A 156 8.25 -7.70 2.59
N GLN A 157 8.25 -8.17 1.37
CA GLN A 157 9.32 -7.94 0.45
C GLN A 157 8.89 -6.87 -0.50
N LEU A 158 9.69 -5.88 -0.66
CA LEU A 158 9.42 -4.80 -1.54
C LEU A 158 10.04 -5.09 -2.87
N GLU A 159 9.47 -4.50 -3.87
CA GLU A 159 9.91 -4.70 -5.21
C GLU A 159 11.18 -3.91 -5.39
N SER A 160 12.24 -4.57 -5.70
CA SER A 160 13.50 -3.93 -5.93
C SER A 160 13.40 -3.16 -7.25
N ILE A 161 13.14 -3.88 -8.30
CA ILE A 161 12.95 -3.31 -9.60
C ILE A 161 11.48 -3.38 -9.95
N ALA A 162 11.06 -2.53 -10.83
CA ALA A 162 9.72 -2.59 -11.33
C ALA A 162 9.56 -3.87 -12.14
N TYR A 163 8.58 -4.68 -11.76
CA TYR A 163 8.28 -5.96 -12.42
C TYR A 163 7.78 -5.78 -13.86
N SER A 164 7.53 -4.52 -14.21
CA SER A 164 7.14 -4.05 -15.52
C SER A 164 5.73 -4.47 -15.94
N LEU A 165 4.89 -3.48 -16.17
CA LEU A 165 3.54 -3.71 -16.66
C LEU A 165 3.57 -3.73 -18.17
N LYS A 166 4.70 -3.24 -18.72
CA LYS A 166 4.94 -3.11 -20.15
C LYS A 166 4.07 -1.98 -20.64
N ASN A 167 2.83 -2.30 -20.98
CA ASN A 167 1.79 -1.35 -21.34
C ASN A 167 0.64 -2.10 -21.94
N THR A 168 -0.51 -1.97 -21.34
CA THR A 168 -1.70 -2.61 -21.82
C THR A 168 -2.51 -1.60 -22.66
N ILE A 169 -2.30 -0.33 -22.39
CA ILE A 169 -3.07 0.71 -23.00
C ILE A 169 -2.53 1.05 -24.39
N SER A 170 -2.98 0.27 -25.35
CA SER A 170 -2.76 0.48 -26.75
C SER A 170 -3.91 -0.22 -27.47
N GLU A 171 -4.06 -1.50 -27.21
CA GLU A 171 -5.20 -2.23 -27.68
C GLU A 171 -6.15 -2.47 -26.50
N ALA A 172 -5.68 -3.29 -25.56
CA ALA A 172 -6.39 -3.61 -24.30
C ALA A 172 -7.77 -4.22 -24.50
N GLY A 173 -7.84 -5.52 -24.41
CA GLY A 173 -9.08 -6.22 -24.49
C GLY A 173 -9.10 -7.28 -23.44
N SER A 1 -32.18 16.57 0.29
CA SER A 1 -32.66 15.27 0.67
C SER A 1 -31.66 14.19 0.26
N SER A 2 -31.26 13.37 1.25
CA SER A 2 -30.34 12.24 1.06
C SER A 2 -28.90 12.69 0.78
N LYS A 3 -28.00 12.33 1.65
CA LYS A 3 -26.60 12.63 1.47
C LYS A 3 -25.75 11.40 1.36
N THR A 4 -26.11 10.36 2.12
CA THR A 4 -25.31 9.13 2.22
C THR A 4 -23.91 9.55 2.78
N GLN A 5 -23.98 10.50 3.75
CA GLN A 5 -22.82 11.13 4.40
C GLN A 5 -22.17 12.18 3.48
N ASP A 6 -21.11 12.79 3.95
CA ASP A 6 -20.46 13.85 3.19
C ASP A 6 -19.08 13.50 2.81
N LEU A 7 -18.58 14.24 1.87
CA LEU A 7 -17.22 14.14 1.46
C LEU A 7 -16.39 15.05 2.36
N LEU A 8 -15.12 15.15 2.06
CA LEU A 8 -14.13 15.96 2.81
C LEU A 8 -13.84 15.36 4.20
N LEU A 9 -14.84 15.34 5.04
CA LEU A 9 -14.68 14.90 6.39
C LEU A 9 -14.86 13.40 6.52
N LEU A 10 -13.87 12.67 6.09
CA LEU A 10 -13.81 11.26 6.28
C LEU A 10 -12.99 11.05 7.51
N ASP A 11 -13.61 10.63 8.58
CA ASP A 11 -12.91 10.48 9.86
C ASP A 11 -12.37 9.08 9.98
N VAL A 12 -12.94 8.19 9.20
CA VAL A 12 -12.56 6.81 9.18
C VAL A 12 -12.17 6.41 7.76
N ALA A 13 -11.25 5.47 7.66
CA ALA A 13 -10.85 4.95 6.37
C ALA A 13 -11.93 3.98 5.87
N PRO A 14 -12.52 4.27 4.70
CA PRO A 14 -13.60 3.45 4.14
C PRO A 14 -13.09 2.13 3.54
N LEU A 15 -11.80 2.03 3.42
CA LEU A 15 -11.14 0.89 2.83
C LEU A 15 -9.87 0.64 3.57
N SER A 16 -9.40 -0.56 3.51
CA SER A 16 -8.11 -0.90 4.03
C SER A 16 -7.05 -0.27 3.11
N LEU A 17 -6.02 0.27 3.70
CA LEU A 17 -5.01 0.95 2.92
C LEU A 17 -3.69 0.23 3.06
N GLY A 18 -3.06 -0.04 1.95
CA GLY A 18 -1.80 -0.69 2.00
C GLY A 18 -0.97 -0.53 0.76
N ILE A 19 -0.11 -1.47 0.55
CA ILE A 19 0.81 -1.49 -0.56
C ILE A 19 0.78 -2.86 -1.18
N GLU A 20 1.42 -2.99 -2.30
CA GLU A 20 1.56 -4.28 -2.89
C GLU A 20 2.95 -4.78 -2.61
N THR A 21 3.04 -5.93 -2.02
CA THR A 21 4.32 -6.54 -1.89
C THR A 21 4.52 -7.48 -3.05
N ALA A 22 5.77 -7.71 -3.41
CA ALA A 22 6.18 -8.49 -4.58
C ALA A 22 5.45 -9.82 -4.73
N GLY A 23 4.41 -9.81 -5.55
CA GLY A 23 3.71 -11.02 -5.82
C GLY A 23 2.22 -10.81 -5.95
N GLY A 24 1.79 -9.57 -5.77
CA GLY A 24 0.39 -9.28 -5.89
C GLY A 24 -0.30 -9.49 -4.58
N VAL A 25 0.42 -9.21 -3.52
CA VAL A 25 -0.09 -9.37 -2.20
C VAL A 25 -0.49 -8.02 -1.66
N MET A 26 -1.75 -7.85 -1.31
CA MET A 26 -2.21 -6.58 -0.81
C MET A 26 -1.81 -6.54 0.65
N THR A 27 -0.84 -5.76 0.92
CA THR A 27 -0.30 -5.65 2.21
C THR A 27 -0.96 -4.48 2.91
N LYS A 28 -1.86 -4.79 3.80
CA LYS A 28 -2.65 -3.81 4.50
C LYS A 28 -1.90 -3.30 5.70
N LEU A 29 -1.69 -2.00 5.77
CA LEU A 29 -1.07 -1.42 6.93
C LEU A 29 -2.16 -0.86 7.83
N ILE A 30 -3.14 -0.26 7.21
CA ILE A 30 -4.23 0.35 7.92
C ILE A 30 -5.51 -0.37 7.55
N PRO A 31 -6.23 -0.93 8.54
CA PRO A 31 -7.47 -1.68 8.32
C PRO A 31 -8.64 -0.75 7.94
N ARG A 32 -9.76 -1.36 7.60
CA ARG A 32 -10.96 -0.62 7.24
C ARG A 32 -11.62 -0.09 8.51
N ASN A 33 -12.30 1.06 8.40
CA ASN A 33 -13.07 1.67 9.50
C ASN A 33 -12.18 2.18 10.61
N SER A 34 -10.95 2.42 10.26
CA SER A 34 -9.96 2.92 11.16
C SER A 34 -10.06 4.45 11.23
N THR A 35 -9.93 4.97 12.41
CA THR A 35 -10.05 6.38 12.63
C THR A 35 -8.74 7.13 12.37
N ILE A 36 -8.86 8.24 11.66
CA ILE A 36 -7.73 9.09 11.39
C ILE A 36 -7.89 10.39 12.22
N PRO A 37 -6.84 11.21 12.43
CA PRO A 37 -5.47 10.98 11.93
C PRO A 37 -4.81 9.76 12.56
N THR A 38 -4.12 8.98 11.76
CA THR A 38 -3.47 7.81 12.25
C THR A 38 -2.17 7.59 11.46
N LYS A 39 -1.19 6.99 12.10
CA LYS A 39 0.06 6.67 11.47
C LYS A 39 0.31 5.18 11.61
N LYS A 40 0.94 4.62 10.63
CA LYS A 40 1.32 3.23 10.64
C LYS A 40 2.69 3.12 10.02
N SER A 41 3.63 2.58 10.73
CA SER A 41 4.96 2.45 10.19
C SER A 41 5.42 1.01 10.30
N GLU A 42 5.78 0.41 9.19
CA GLU A 42 6.22 -0.97 9.19
C GLU A 42 7.52 -1.11 8.42
N ILE A 43 8.36 -2.01 8.87
CA ILE A 43 9.62 -2.31 8.20
C ILE A 43 9.41 -3.32 7.09
N PHE A 44 9.61 -2.89 5.90
CA PHE A 44 9.57 -3.73 4.75
C PHE A 44 10.98 -3.84 4.20
N SER A 45 11.20 -4.73 3.29
CA SER A 45 12.52 -4.91 2.77
C SER A 45 12.43 -5.46 1.36
N THR A 46 13.55 -5.61 0.75
CA THR A 46 13.64 -6.17 -0.54
C THR A 46 14.42 -7.47 -0.37
N TYR A 47 14.24 -8.41 -1.26
CA TYR A 47 15.03 -9.60 -1.23
C TYR A 47 16.23 -9.42 -2.07
N ALA A 48 17.34 -9.98 -1.59
CA ALA A 48 18.68 -9.70 -2.09
C ALA A 48 19.08 -8.32 -1.62
N ASP A 49 20.26 -7.92 -1.89
CA ASP A 49 20.69 -6.63 -1.45
C ASP A 49 21.40 -5.99 -2.60
N ASN A 50 22.04 -4.86 -2.34
CA ASN A 50 22.79 -4.11 -3.37
C ASN A 50 21.83 -3.56 -4.43
N GLN A 51 20.57 -3.52 -4.09
CA GLN A 51 19.54 -3.03 -4.97
C GLN A 51 19.61 -1.50 -5.07
N PRO A 52 19.35 -0.94 -6.25
CA PRO A 52 19.46 0.50 -6.48
C PRO A 52 18.31 1.30 -5.86
N GLY A 53 17.26 0.62 -5.47
CA GLY A 53 16.12 1.28 -4.94
C GLY A 53 15.04 0.32 -4.57
N VAL A 54 13.99 0.84 -4.00
CA VAL A 54 12.79 0.09 -3.69
C VAL A 54 11.59 0.83 -4.26
N LEU A 55 10.68 0.09 -4.82
CA LEU A 55 9.51 0.65 -5.43
C LEU A 55 8.36 0.41 -4.46
N ILE A 56 7.64 1.45 -4.14
CA ILE A 56 6.54 1.33 -3.23
C ILE A 56 5.25 1.78 -3.92
N GLN A 57 4.42 0.83 -4.24
CA GLN A 57 3.14 1.09 -4.87
C GLN A 57 2.03 0.98 -3.83
N VAL A 58 1.27 2.06 -3.69
CA VAL A 58 0.24 2.18 -2.66
C VAL A 58 -1.14 1.90 -3.25
N PHE A 59 -1.92 1.10 -2.55
CA PHE A 59 -3.24 0.68 -3.00
C PHE A 59 -4.30 0.88 -1.94
N GLU A 60 -5.48 1.12 -2.42
CA GLU A 60 -6.68 1.22 -1.63
C GLU A 60 -7.51 -0.02 -1.97
N GLY A 61 -7.96 -0.75 -0.98
CA GLY A 61 -8.75 -1.90 -1.30
C GLY A 61 -8.95 -2.87 -0.17
N GLU A 62 -9.96 -3.70 -0.32
CA GLU A 62 -10.32 -4.69 0.67
C GLU A 62 -9.82 -6.09 0.31
N ARG A 63 -9.73 -6.36 -0.97
CA ARG A 63 -9.34 -7.67 -1.47
C ARG A 63 -7.88 -7.91 -1.13
N ALA A 64 -7.52 -9.15 -0.81
CA ALA A 64 -6.15 -9.52 -0.43
C ALA A 64 -5.23 -9.53 -1.63
N LYS A 65 -5.80 -9.46 -2.80
CA LYS A 65 -5.06 -9.35 -3.99
C LYS A 65 -5.18 -7.96 -4.56
N THR A 66 -4.04 -7.37 -4.78
CA THR A 66 -3.92 -6.03 -5.28
C THR A 66 -4.47 -5.86 -6.68
N LYS A 67 -4.65 -6.97 -7.38
CA LYS A 67 -5.20 -6.91 -8.71
C LYS A 67 -6.69 -6.50 -8.72
N ASP A 68 -7.31 -6.47 -7.54
CA ASP A 68 -8.71 -5.99 -7.43
C ASP A 68 -8.74 -4.66 -6.72
N ASN A 69 -7.59 -4.15 -6.38
CA ASN A 69 -7.47 -2.91 -5.64
C ASN A 69 -7.30 -1.77 -6.55
N ASN A 70 -7.39 -0.59 -6.03
CA ASN A 70 -7.18 0.59 -6.81
C ASN A 70 -5.88 1.22 -6.35
N LEU A 71 -5.18 1.83 -7.25
CA LEU A 71 -3.88 2.37 -6.96
C LEU A 71 -4.04 3.83 -6.52
N LEU A 72 -3.52 4.14 -5.35
CA LEU A 72 -3.55 5.47 -4.80
C LEU A 72 -2.43 6.32 -5.36
N GLY A 73 -1.26 5.76 -5.39
CA GLY A 73 -0.11 6.43 -5.89
C GLY A 73 1.09 5.59 -5.62
N LYS A 74 2.25 6.08 -5.94
CA LYS A 74 3.46 5.35 -5.69
C LYS A 74 4.63 6.29 -5.74
N PHE A 75 5.76 5.82 -5.27
CA PHE A 75 6.98 6.56 -5.33
C PHE A 75 8.12 5.57 -5.34
N GLU A 76 9.18 5.91 -6.03
CA GLU A 76 10.31 5.04 -6.10
C GLU A 76 11.44 5.65 -5.27
N LEU A 77 11.91 4.94 -4.30
CA LEU A 77 12.99 5.44 -3.46
C LEU A 77 14.27 4.84 -3.99
N SER A 78 15.10 5.66 -4.57
CA SER A 78 16.32 5.21 -5.15
C SER A 78 17.49 5.57 -4.23
N GLY A 79 18.50 4.75 -4.25
CA GLY A 79 19.65 4.99 -3.43
C GLY A 79 19.56 4.21 -2.14
N ILE A 80 19.41 2.91 -2.29
CA ILE A 80 19.37 1.98 -1.18
C ILE A 80 20.80 1.51 -0.91
N PRO A 81 21.23 1.44 0.35
CA PRO A 81 22.60 1.06 0.69
C PRO A 81 22.91 -0.40 0.37
N PRO A 82 23.97 -0.66 -0.41
CA PRO A 82 24.42 -2.02 -0.66
C PRO A 82 25.14 -2.54 0.57
N ALA A 83 24.59 -3.52 1.19
CA ALA A 83 25.06 -4.01 2.47
C ALA A 83 24.90 -5.54 2.53
N PRO A 84 25.40 -6.21 3.62
CA PRO A 84 25.07 -7.61 3.87
C PRO A 84 23.55 -7.77 3.78
N ARG A 85 23.14 -8.81 3.07
CA ARG A 85 21.74 -8.99 2.63
C ARG A 85 20.68 -8.75 3.69
N GLY A 86 20.06 -7.59 3.63
CA GLY A 86 18.99 -7.30 4.51
C GLY A 86 19.35 -6.34 5.62
N VAL A 87 20.43 -5.59 5.46
CA VAL A 87 20.77 -4.55 6.44
C VAL A 87 19.81 -3.34 6.34
N PRO A 88 19.60 -2.74 5.11
CA PRO A 88 18.64 -1.63 4.91
C PRO A 88 17.24 -1.98 5.43
N GLN A 89 16.66 -1.08 6.18
CA GLN A 89 15.33 -1.28 6.73
C GLN A 89 14.43 -0.20 6.24
N ILE A 90 13.40 -0.58 5.54
CA ILE A 90 12.54 0.39 4.91
C ILE A 90 11.32 0.55 5.75
N GLU A 91 11.19 1.64 6.42
CA GLU A 91 10.02 1.84 7.19
C GLU A 91 9.03 2.63 6.38
N VAL A 92 7.97 2.00 6.02
CA VAL A 92 6.95 2.61 5.25
C VAL A 92 5.89 3.11 6.20
N THR A 93 5.78 4.39 6.23
CA THR A 93 4.92 5.08 7.12
C THR A 93 3.70 5.61 6.36
N PHE A 94 2.56 5.12 6.72
CA PHE A 94 1.31 5.63 6.25
C PHE A 94 0.79 6.56 7.31
N ASP A 95 0.86 7.82 7.05
CA ASP A 95 0.43 8.80 8.01
C ASP A 95 -0.68 9.65 7.43
N VAL A 96 -1.88 9.36 7.84
CA VAL A 96 -3.05 10.03 7.33
C VAL A 96 -3.44 11.12 8.31
N ASP A 97 -3.66 12.31 7.82
CA ASP A 97 -4.15 13.37 8.68
C ASP A 97 -5.65 13.54 8.50
N SER A 98 -6.24 14.47 9.21
CA SER A 98 -7.68 14.66 9.27
C SER A 98 -8.29 15.20 7.95
N ASN A 99 -7.46 15.61 7.01
CA ASN A 99 -7.96 16.13 5.75
C ASN A 99 -8.09 15.01 4.74
N GLY A 100 -7.72 13.81 5.15
CA GLY A 100 -7.78 12.66 4.25
C GLY A 100 -6.56 12.60 3.40
N ILE A 101 -5.49 13.18 3.90
CA ILE A 101 -4.24 13.20 3.21
C ILE A 101 -3.37 12.05 3.72
N LEU A 102 -3.02 11.17 2.84
CA LEU A 102 -2.19 10.05 3.16
C LEU A 102 -0.74 10.35 2.80
N ASN A 103 0.05 10.47 3.79
CA ASN A 103 1.46 10.69 3.60
C ASN A 103 2.13 9.37 3.67
N VAL A 104 2.66 8.93 2.58
CA VAL A 104 3.34 7.67 2.54
C VAL A 104 4.81 7.95 2.50
N SER A 105 5.49 7.54 3.51
CA SER A 105 6.88 7.81 3.64
C SER A 105 7.63 6.52 3.73
N ALA A 106 8.83 6.52 3.27
CA ALA A 106 9.70 5.40 3.41
C ALA A 106 11.00 5.91 3.93
N VAL A 107 11.40 5.39 5.04
CA VAL A 107 12.62 5.80 5.66
C VAL A 107 13.50 4.60 5.85
N GLU A 108 14.64 4.65 5.25
CA GLU A 108 15.61 3.62 5.35
C GLU A 108 16.54 4.04 6.49
N LYS A 109 16.57 3.25 7.53
CA LYS A 109 17.30 3.60 8.76
C LYS A 109 18.82 3.50 8.63
N GLY A 110 19.32 2.65 7.75
CA GLY A 110 20.75 2.46 7.61
C GLY A 110 21.44 3.73 7.12
N THR A 111 20.89 4.30 6.09
CA THR A 111 21.35 5.55 5.53
C THR A 111 20.73 6.74 6.25
N GLY A 112 19.52 6.58 6.71
CA GLY A 112 18.80 7.66 7.35
C GLY A 112 18.08 8.46 6.29
N LYS A 113 17.74 7.81 5.21
CA LYS A 113 17.08 8.44 4.12
C LYS A 113 15.61 8.31 4.20
N SER A 114 14.97 9.42 4.07
CA SER A 114 13.54 9.48 4.11
C SER A 114 13.01 10.09 2.82
N ASN A 115 12.03 9.46 2.27
CA ASN A 115 11.39 9.94 1.06
C ASN A 115 9.92 9.73 1.23
N LYS A 116 9.13 10.70 0.88
CA LYS A 116 7.72 10.60 1.10
C LYS A 116 6.94 11.26 0.00
N ILE A 117 5.79 10.74 -0.27
CA ILE A 117 4.91 11.29 -1.25
C ILE A 117 3.62 11.65 -0.54
N THR A 118 2.98 12.65 -1.01
CA THR A 118 1.75 13.07 -0.45
C THR A 118 0.61 12.62 -1.37
N ILE A 119 -0.15 11.66 -0.93
CA ILE A 119 -1.26 11.16 -1.69
C ILE A 119 -2.53 11.56 -0.96
N THR A 120 -3.22 12.52 -1.47
CA THR A 120 -4.39 12.98 -0.78
C THR A 120 -5.65 12.46 -1.45
N ASN A 121 -6.67 12.24 -0.65
CA ASN A 121 -7.94 11.81 -1.17
C ASN A 121 -8.72 13.04 -1.50
N ASP A 122 -8.51 13.49 -2.68
CA ASP A 122 -9.09 14.70 -3.18
C ASP A 122 -8.91 14.66 -4.66
N LYS A 123 -9.75 15.37 -5.40
CA LYS A 123 -9.69 15.49 -6.87
C LYS A 123 -10.18 14.21 -7.60
N GLY A 124 -9.69 13.07 -7.19
CA GLY A 124 -10.12 11.83 -7.79
C GLY A 124 -9.34 10.63 -7.32
N ARG A 125 -9.64 10.14 -6.14
CA ARG A 125 -9.00 8.94 -5.60
C ARG A 125 -10.06 7.92 -5.23
N LEU A 126 -10.60 8.06 -4.04
CA LEU A 126 -11.64 7.20 -3.57
C LEU A 126 -12.95 7.65 -4.12
N SER A 127 -13.55 6.84 -4.92
CA SER A 127 -14.86 7.09 -5.40
C SER A 127 -15.78 6.31 -4.49
N LYS A 128 -17.04 6.71 -4.38
CA LYS A 128 -17.97 5.94 -3.56
C LYS A 128 -18.16 4.58 -4.24
N GLU A 129 -18.04 4.60 -5.56
CA GLU A 129 -18.16 3.43 -6.41
C GLU A 129 -17.14 2.36 -6.03
N ASP A 130 -15.85 2.73 -5.98
CA ASP A 130 -14.77 1.76 -5.70
C ASP A 130 -14.86 1.22 -4.32
N ILE A 131 -15.33 2.06 -3.41
CA ILE A 131 -15.56 1.65 -2.06
C ILE A 131 -16.62 0.55 -2.04
N GLU A 132 -17.76 0.85 -2.66
CA GLU A 132 -18.88 -0.09 -2.76
C GLU A 132 -18.45 -1.43 -3.37
N LYS A 133 -17.68 -1.35 -4.44
CA LYS A 133 -17.19 -2.53 -5.15
C LYS A 133 -16.34 -3.40 -4.24
N MET A 134 -15.30 -2.80 -3.70
CA MET A 134 -14.32 -3.54 -2.93
C MET A 134 -14.83 -3.97 -1.57
N VAL A 135 -15.60 -3.12 -0.90
CA VAL A 135 -16.15 -3.47 0.40
C VAL A 135 -17.12 -4.61 0.28
N ALA A 136 -18.00 -4.55 -0.68
CA ALA A 136 -19.02 -5.56 -0.82
C ALA A 136 -18.47 -6.91 -1.25
N GLU A 137 -17.73 -6.94 -2.35
CA GLU A 137 -17.31 -8.23 -2.89
C GLU A 137 -16.31 -8.94 -1.98
N ALA A 138 -15.41 -8.19 -1.37
CA ALA A 138 -14.38 -8.76 -0.52
C ALA A 138 -14.95 -9.17 0.82
N GLU A 139 -16.02 -8.53 1.25
CA GLU A 139 -16.66 -8.92 2.48
C GLU A 139 -17.49 -10.17 2.24
N LYS A 140 -18.11 -10.21 1.07
CA LYS A 140 -18.89 -11.35 0.63
C LYS A 140 -17.97 -12.58 0.51
N PHE A 141 -16.92 -12.45 -0.27
CA PHE A 141 -15.97 -13.52 -0.45
C PHE A 141 -14.78 -13.36 0.48
N LYS A 142 -15.09 -13.00 1.73
CA LYS A 142 -14.10 -12.84 2.79
C LYS A 142 -13.28 -14.10 2.98
N GLU A 143 -13.98 -15.22 2.98
CA GLU A 143 -13.39 -16.51 3.18
C GLU A 143 -12.37 -16.82 2.07
N GLU A 144 -12.57 -16.26 0.92
CA GLU A 144 -11.68 -16.47 -0.20
C GLU A 144 -10.35 -15.80 0.11
N ASP A 145 -10.41 -14.51 0.46
CA ASP A 145 -9.22 -13.71 0.75
C ASP A 145 -8.39 -14.31 1.86
N GLU A 146 -9.04 -14.73 2.94
CA GLU A 146 -8.35 -15.30 4.09
C GLU A 146 -7.57 -16.54 3.70
N LYS A 147 -8.23 -17.43 2.99
CA LYS A 147 -7.59 -18.67 2.63
C LYS A 147 -6.54 -18.50 1.54
N GLU A 148 -6.70 -17.46 0.72
CA GLU A 148 -5.65 -17.12 -0.24
C GLU A 148 -4.46 -16.55 0.52
N SER A 149 -4.76 -15.81 1.58
CA SER A 149 -3.74 -15.25 2.46
C SER A 149 -2.95 -16.36 3.18
N GLN A 150 -3.55 -17.53 3.30
CA GLN A 150 -2.89 -18.69 3.90
C GLN A 150 -1.92 -19.33 2.90
N ARG A 151 -2.21 -19.17 1.62
CA ARG A 151 -1.39 -19.72 0.53
C ARG A 151 -0.21 -18.79 0.26
N ILE A 152 -0.43 -17.53 0.52
CA ILE A 152 0.55 -16.50 0.31
C ILE A 152 1.43 -16.31 1.56
N ALA A 153 2.70 -16.04 1.37
CA ALA A 153 3.58 -15.75 2.49
C ALA A 153 3.96 -14.28 2.44
N SER A 154 4.87 -13.94 1.52
CA SER A 154 5.38 -12.59 1.29
C SER A 154 5.99 -11.98 2.55
N LYS A 155 7.27 -12.18 2.72
CA LYS A 155 7.98 -11.63 3.84
C LYS A 155 8.35 -10.16 3.59
N ASN A 156 7.31 -9.32 3.52
CA ASN A 156 7.44 -7.85 3.41
C ASN A 156 8.30 -7.43 2.21
N GLN A 157 8.11 -8.10 1.08
CA GLN A 157 8.95 -7.88 -0.11
C GLN A 157 8.53 -6.68 -0.94
N LEU A 158 9.44 -5.77 -1.12
CA LEU A 158 9.26 -4.64 -2.02
C LEU A 158 10.13 -4.88 -3.24
N GLU A 159 9.70 -4.38 -4.38
CA GLU A 159 10.46 -4.50 -5.60
C GLU A 159 11.61 -3.52 -5.56
N SER A 160 12.64 -3.84 -6.25
CA SER A 160 13.77 -2.99 -6.34
C SER A 160 13.72 -2.15 -7.62
N ILE A 161 13.59 -2.83 -8.72
CA ILE A 161 13.55 -2.20 -10.01
C ILE A 161 12.13 -1.95 -10.48
N ALA A 162 11.97 -1.00 -11.37
CA ALA A 162 10.68 -0.73 -11.94
C ALA A 162 10.37 -1.79 -12.97
N TYR A 163 9.34 -2.56 -12.70
CA TYR A 163 8.92 -3.61 -13.62
C TYR A 163 8.05 -3.04 -14.73
N SER A 164 7.51 -1.87 -14.49
CA SER A 164 6.65 -1.21 -15.43
C SER A 164 7.47 -0.34 -16.40
N LEU A 165 8.07 0.72 -15.89
CA LEU A 165 8.85 1.63 -16.72
C LEU A 165 10.21 1.02 -17.06
N LYS A 166 10.32 0.47 -18.24
CA LYS A 166 11.55 -0.12 -18.66
C LYS A 166 12.10 0.51 -19.92
N ASN A 167 12.89 1.52 -19.72
CA ASN A 167 13.58 2.21 -20.81
C ASN A 167 15.07 1.92 -20.63
N THR A 168 15.33 0.97 -19.72
CA THR A 168 16.66 0.56 -19.32
C THR A 168 17.53 1.72 -18.91
N ILE A 169 17.19 2.28 -17.78
CA ILE A 169 17.88 3.41 -17.26
C ILE A 169 18.81 2.97 -16.15
N SER A 170 19.99 2.57 -16.55
CA SER A 170 21.06 2.18 -15.64
C SER A 170 22.20 3.18 -15.81
N GLU A 171 21.82 4.29 -16.36
CA GLU A 171 22.70 5.37 -16.72
C GLU A 171 21.85 6.61 -16.69
N ALA A 172 22.38 7.72 -17.08
CA ALA A 172 21.61 8.92 -17.14
C ALA A 172 20.78 8.91 -18.42
N GLY A 173 19.50 8.81 -18.27
CA GLY A 173 18.61 8.81 -19.38
C GLY A 173 17.33 9.46 -18.99
N SER A 1 -18.35 25.80 12.05
CA SER A 1 -19.00 24.55 11.81
C SER A 1 -20.04 24.31 12.90
N SER A 2 -21.25 23.91 12.50
CA SER A 2 -22.30 23.62 13.46
C SER A 2 -21.93 22.35 14.22
N LYS A 3 -21.42 21.40 13.49
CA LYS A 3 -21.00 20.14 14.05
C LYS A 3 -19.52 19.99 13.76
N THR A 4 -18.98 18.84 14.05
CA THR A 4 -17.64 18.53 13.65
C THR A 4 -17.71 17.86 12.27
N GLN A 5 -18.95 17.44 11.92
CA GLN A 5 -19.32 16.87 10.61
C GLN A 5 -18.60 15.53 10.38
N ASP A 6 -18.21 14.88 11.50
CA ASP A 6 -17.41 13.64 11.47
C ASP A 6 -16.18 13.88 10.65
N LEU A 7 -15.55 15.02 10.91
CA LEU A 7 -14.37 15.49 10.24
C LEU A 7 -14.70 15.87 8.81
N LEU A 8 -14.60 14.93 7.89
CA LEU A 8 -14.94 15.16 6.48
C LEU A 8 -15.73 13.97 5.96
N LEU A 9 -16.44 13.31 6.88
CA LEU A 9 -17.23 12.08 6.63
C LEU A 9 -16.31 10.91 6.36
N LEU A 10 -15.06 11.15 6.64
CA LEU A 10 -14.03 10.19 6.59
C LEU A 10 -13.47 10.15 7.97
N ASP A 11 -14.10 9.38 8.79
CA ASP A 11 -13.69 9.21 10.18
C ASP A 11 -12.86 7.98 10.29
N VAL A 12 -13.10 7.08 9.40
CA VAL A 12 -12.36 5.87 9.34
C VAL A 12 -11.83 5.73 7.94
N ALA A 13 -10.89 4.84 7.76
CA ALA A 13 -10.42 4.52 6.43
C ALA A 13 -11.55 3.80 5.70
N PRO A 14 -11.98 4.31 4.52
CA PRO A 14 -13.09 3.73 3.74
C PRO A 14 -12.77 2.31 3.29
N LEU A 15 -11.50 2.06 3.07
CA LEU A 15 -11.02 0.79 2.61
C LEU A 15 -9.66 0.58 3.20
N SER A 16 -9.17 -0.61 3.08
CA SER A 16 -7.87 -0.97 3.52
C SER A 16 -6.82 -0.36 2.56
N LEU A 17 -5.87 0.32 3.12
CA LEU A 17 -4.82 0.93 2.36
C LEU A 17 -3.54 0.17 2.61
N GLY A 18 -2.80 -0.10 1.57
CA GLY A 18 -1.60 -0.84 1.73
C GLY A 18 -0.73 -0.83 0.51
N ILE A 19 0.14 -1.79 0.42
CA ILE A 19 1.09 -1.89 -0.68
C ILE A 19 1.02 -3.24 -1.35
N GLU A 20 1.61 -3.31 -2.53
CA GLU A 20 1.69 -4.55 -3.30
C GLU A 20 3.06 -5.16 -3.08
N THR A 21 3.10 -6.29 -2.39
CA THR A 21 4.33 -6.98 -2.17
C THR A 21 4.46 -8.12 -3.16
N ALA A 22 5.70 -8.61 -3.32
CA ALA A 22 6.09 -9.57 -4.34
C ALA A 22 5.12 -10.74 -4.52
N GLY A 23 4.28 -10.63 -5.54
CA GLY A 23 3.36 -11.69 -5.86
C GLY A 23 1.94 -11.20 -6.01
N GLY A 24 1.71 -9.90 -5.85
CA GLY A 24 0.37 -9.37 -5.96
C GLY A 24 -0.34 -9.50 -4.65
N VAL A 25 0.43 -9.42 -3.60
CA VAL A 25 -0.06 -9.58 -2.27
C VAL A 25 -0.40 -8.22 -1.69
N MET A 26 -1.63 -8.05 -1.29
CA MET A 26 -2.06 -6.80 -0.72
C MET A 26 -1.63 -6.77 0.74
N THR A 27 -0.65 -5.99 1.00
CA THR A 27 -0.11 -5.86 2.30
C THR A 27 -0.74 -4.64 2.95
N LYS A 28 -1.66 -4.90 3.84
CA LYS A 28 -2.43 -3.87 4.47
C LYS A 28 -1.65 -3.20 5.58
N LEU A 29 -1.62 -1.90 5.52
CA LEU A 29 -1.07 -1.08 6.56
C LEU A 29 -2.18 -0.59 7.42
N ILE A 30 -3.12 0.07 6.82
CA ILE A 30 -4.22 0.64 7.53
C ILE A 30 -5.52 0.07 7.00
N PRO A 31 -6.19 -0.75 7.79
CA PRO A 31 -7.42 -1.40 7.39
C PRO A 31 -8.63 -0.46 7.39
N ARG A 32 -9.72 -0.96 6.86
CA ARG A 32 -10.96 -0.24 6.83
C ARG A 32 -11.49 -0.15 8.27
N ASN A 33 -12.17 0.95 8.58
CA ASN A 33 -12.77 1.19 9.93
C ASN A 33 -11.71 1.40 11.00
N SER A 34 -10.49 1.73 10.58
CA SER A 34 -9.34 1.91 11.47
C SER A 34 -9.42 3.20 12.35
N THR A 35 -10.40 4.06 12.09
CA THR A 35 -10.58 5.32 12.78
C THR A 35 -9.34 6.24 12.67
N ILE A 36 -9.42 7.18 11.77
CA ILE A 36 -8.32 8.07 11.53
C ILE A 36 -8.43 9.30 12.43
N PRO A 37 -7.34 10.07 12.69
CA PRO A 37 -6.01 9.84 12.12
C PRO A 37 -5.37 8.53 12.58
N THR A 38 -4.82 7.82 11.65
CA THR A 38 -4.16 6.57 11.93
C THR A 38 -2.75 6.66 11.38
N LYS A 39 -1.78 6.29 12.18
CA LYS A 39 -0.41 6.27 11.74
C LYS A 39 0.11 4.87 11.95
N LYS A 40 0.63 4.31 10.90
CA LYS A 40 1.05 2.95 10.91
C LYS A 40 2.46 2.88 10.39
N SER A 41 3.34 2.35 11.16
CA SER A 41 4.73 2.22 10.77
C SER A 41 5.11 0.75 10.74
N GLU A 42 5.61 0.31 9.60
CA GLU A 42 6.03 -1.06 9.48
C GLU A 42 7.30 -1.11 8.64
N ILE A 43 8.17 -2.03 8.96
CA ILE A 43 9.44 -2.14 8.30
C ILE A 43 9.38 -3.18 7.20
N PHE A 44 9.92 -2.84 6.07
CA PHE A 44 9.99 -3.69 4.94
C PHE A 44 11.43 -3.63 4.43
N SER A 45 11.77 -4.52 3.57
CA SER A 45 13.08 -4.59 3.00
C SER A 45 12.90 -4.97 1.55
N THR A 46 13.93 -4.93 0.79
CA THR A 46 13.82 -5.39 -0.54
C THR A 46 14.36 -6.82 -0.55
N TYR A 47 13.64 -7.71 -1.16
CA TYR A 47 14.07 -9.04 -1.28
C TYR A 47 14.56 -9.33 -2.63
N ALA A 48 15.60 -8.65 -2.91
CA ALA A 48 16.24 -8.69 -4.13
C ALA A 48 17.61 -8.12 -3.93
N ASP A 49 18.57 -8.89 -4.27
CA ASP A 49 19.96 -8.55 -4.05
C ASP A 49 20.49 -7.75 -5.19
N ASN A 50 21.37 -6.81 -4.84
CA ASN A 50 22.09 -5.93 -5.81
C ASN A 50 21.18 -4.88 -6.43
N GLN A 51 20.03 -4.69 -5.85
CA GLN A 51 19.09 -3.73 -6.37
C GLN A 51 19.31 -2.37 -5.68
N PRO A 52 19.31 -1.27 -6.46
CA PRO A 52 19.60 0.07 -5.95
C PRO A 52 18.35 0.90 -5.60
N GLY A 53 17.23 0.24 -5.40
CA GLY A 53 16.05 0.97 -5.09
C GLY A 53 14.85 0.10 -4.89
N VAL A 54 13.80 0.69 -4.37
CA VAL A 54 12.53 0.05 -4.15
C VAL A 54 11.44 0.96 -4.65
N LEU A 55 10.46 0.40 -5.24
CA LEU A 55 9.36 1.16 -5.69
C LEU A 55 8.17 0.76 -4.86
N ILE A 56 7.62 1.70 -4.19
CA ILE A 56 6.55 1.44 -3.29
C ILE A 56 5.24 1.82 -3.93
N GLN A 57 4.44 0.81 -4.15
CA GLN A 57 3.16 0.92 -4.80
C GLN A 57 2.08 0.89 -3.75
N VAL A 58 1.34 1.98 -3.63
CA VAL A 58 0.33 2.11 -2.62
C VAL A 58 -1.06 1.95 -3.23
N PHE A 59 -1.79 0.98 -2.75
CA PHE A 59 -3.10 0.65 -3.28
C PHE A 59 -4.20 0.84 -2.24
N GLU A 60 -5.38 1.03 -2.74
CA GLU A 60 -6.60 1.16 -1.99
C GLU A 60 -7.51 -0.02 -2.36
N GLY A 61 -7.95 -0.79 -1.40
CA GLY A 61 -8.82 -1.89 -1.70
C GLY A 61 -8.90 -2.90 -0.58
N GLU A 62 -9.97 -3.64 -0.57
CA GLU A 62 -10.21 -4.62 0.46
C GLU A 62 -9.60 -5.96 0.15
N ARG A 63 -9.47 -6.29 -1.13
CA ARG A 63 -9.02 -7.62 -1.53
C ARG A 63 -7.60 -7.87 -1.12
N ALA A 64 -7.36 -9.08 -0.64
CA ALA A 64 -6.03 -9.54 -0.25
C ALA A 64 -5.14 -9.72 -1.48
N LYS A 65 -5.76 -9.77 -2.64
CA LYS A 65 -5.04 -9.88 -3.86
C LYS A 65 -5.18 -8.57 -4.60
N THR A 66 -4.07 -7.90 -4.76
CA THR A 66 -3.98 -6.55 -5.30
C THR A 66 -4.59 -6.38 -6.72
N LYS A 67 -4.84 -7.48 -7.40
CA LYS A 67 -5.37 -7.44 -8.76
C LYS A 67 -6.81 -6.86 -8.84
N ASP A 68 -7.48 -6.76 -7.70
CA ASP A 68 -8.83 -6.15 -7.67
C ASP A 68 -8.78 -4.77 -7.06
N ASN A 69 -7.62 -4.35 -6.64
CA ASN A 69 -7.51 -3.09 -5.90
C ASN A 69 -7.16 -1.95 -6.83
N ASN A 70 -7.34 -0.74 -6.36
CA ASN A 70 -7.12 0.47 -7.16
C ASN A 70 -5.84 1.16 -6.68
N LEU A 71 -5.14 1.84 -7.56
CA LEU A 71 -3.88 2.47 -7.20
C LEU A 71 -4.08 3.91 -6.71
N LEU A 72 -3.50 4.23 -5.57
CA LEU A 72 -3.49 5.60 -5.05
C LEU A 72 -2.39 6.39 -5.74
N GLY A 73 -1.21 5.84 -5.70
CA GLY A 73 -0.05 6.43 -6.29
C GLY A 73 1.15 5.66 -5.88
N LYS A 74 2.32 6.11 -6.26
CA LYS A 74 3.53 5.42 -5.92
C LYS A 74 4.72 6.35 -5.91
N PHE A 75 5.80 5.91 -5.34
CA PHE A 75 7.04 6.66 -5.33
C PHE A 75 8.20 5.70 -5.46
N GLU A 76 9.33 6.22 -5.80
CA GLU A 76 10.49 5.42 -6.07
C GLU A 76 11.63 5.87 -5.21
N LEU A 77 12.15 5.00 -4.38
CA LEU A 77 13.25 5.37 -3.54
C LEU A 77 14.47 4.69 -4.11
N SER A 78 15.30 5.44 -4.72
CA SER A 78 16.49 4.93 -5.28
C SER A 78 17.65 5.53 -4.48
N GLY A 79 18.81 4.96 -4.63
CA GLY A 79 19.93 5.41 -3.85
C GLY A 79 20.27 4.38 -2.82
N ILE A 80 19.48 3.31 -2.83
CA ILE A 80 19.70 2.19 -1.97
C ILE A 80 20.94 1.48 -2.48
N PRO A 81 21.86 1.15 -1.61
CA PRO A 81 23.08 0.52 -1.99
C PRO A 81 22.84 -0.95 -2.31
N PRO A 82 23.33 -1.41 -3.50
CA PRO A 82 23.23 -2.80 -3.88
C PRO A 82 23.77 -3.68 -2.77
N ALA A 83 22.89 -4.45 -2.19
CA ALA A 83 23.21 -5.25 -1.07
C ALA A 83 22.43 -6.53 -1.13
N PRO A 84 22.82 -7.54 -0.35
CA PRO A 84 22.07 -8.78 -0.19
C PRO A 84 20.62 -8.56 0.31
N ARG A 85 19.80 -9.57 0.14
CA ARG A 85 18.39 -9.51 0.45
C ARG A 85 18.15 -9.39 1.96
N GLY A 86 17.61 -8.27 2.38
CA GLY A 86 17.29 -8.10 3.79
C GLY A 86 18.21 -7.12 4.50
N VAL A 87 19.22 -6.63 3.80
CA VAL A 87 20.17 -5.70 4.40
C VAL A 87 19.58 -4.28 4.64
N PRO A 88 19.08 -3.57 3.60
CA PRO A 88 18.48 -2.24 3.79
C PRO A 88 17.19 -2.33 4.63
N GLN A 89 16.99 -1.37 5.50
CA GLN A 89 15.87 -1.39 6.39
C GLN A 89 14.98 -0.20 6.08
N ILE A 90 13.87 -0.45 5.43
CA ILE A 90 12.99 0.62 5.01
C ILE A 90 11.74 0.62 5.88
N GLU A 91 11.62 1.61 6.72
CA GLU A 91 10.43 1.74 7.50
C GLU A 91 9.47 2.60 6.75
N VAL A 92 8.36 2.03 6.40
CA VAL A 92 7.35 2.72 5.68
C VAL A 92 6.27 3.15 6.66
N THR A 93 5.99 4.41 6.66
CA THR A 93 5.04 5.00 7.54
C THR A 93 3.84 5.50 6.74
N PHE A 94 2.68 5.14 7.18
CA PHE A 94 1.43 5.56 6.62
C PHE A 94 0.68 6.39 7.63
N ASP A 95 0.50 7.66 7.38
CA ASP A 95 -0.32 8.47 8.28
C ASP A 95 -1.49 9.06 7.50
N VAL A 96 -2.68 8.75 7.96
CA VAL A 96 -3.92 9.25 7.34
C VAL A 96 -4.58 10.22 8.28
N ASP A 97 -4.82 11.43 7.83
CA ASP A 97 -5.48 12.44 8.65
C ASP A 97 -6.97 12.54 8.34
N SER A 98 -7.62 13.52 8.95
CA SER A 98 -9.05 13.77 8.84
C SER A 98 -9.54 14.05 7.42
N ASN A 99 -8.65 14.49 6.56
CA ASN A 99 -9.01 14.81 5.18
C ASN A 99 -8.85 13.58 4.31
N GLY A 100 -8.41 12.49 4.92
CA GLY A 100 -8.16 11.27 4.19
C GLY A 100 -6.80 11.28 3.51
N ILE A 101 -6.02 12.33 3.75
CA ILE A 101 -4.72 12.47 3.16
C ILE A 101 -3.72 11.54 3.83
N LEU A 102 -2.95 10.87 3.01
CA LEU A 102 -2.03 9.85 3.46
C LEU A 102 -0.60 10.20 3.09
N ASN A 103 0.24 10.39 4.06
CA ASN A 103 1.65 10.57 3.78
C ASN A 103 2.35 9.27 3.92
N VAL A 104 2.92 8.80 2.85
CA VAL A 104 3.63 7.57 2.87
C VAL A 104 5.10 7.92 2.88
N SER A 105 5.75 7.56 3.94
CA SER A 105 7.14 7.89 4.10
C SER A 105 7.97 6.62 4.22
N ALA A 106 8.99 6.53 3.45
CA ALA A 106 9.87 5.39 3.51
C ALA A 106 11.26 5.86 3.85
N VAL A 107 11.78 5.33 4.92
CA VAL A 107 13.10 5.70 5.39
C VAL A 107 13.98 4.47 5.48
N GLU A 108 15.07 4.49 4.78
CA GLU A 108 16.03 3.41 4.79
C GLU A 108 17.08 3.78 5.83
N LYS A 109 17.09 3.06 6.93
CA LYS A 109 17.94 3.35 8.08
C LYS A 109 19.44 3.12 7.83
N GLY A 110 19.77 2.20 6.94
CA GLY A 110 21.16 1.87 6.71
C GLY A 110 21.94 2.98 6.03
N THR A 111 21.36 3.57 5.03
CA THR A 111 21.99 4.66 4.32
C THR A 111 21.43 6.03 4.70
N GLY A 112 20.36 6.04 5.46
CA GLY A 112 19.80 7.29 5.92
C GLY A 112 19.08 8.03 4.82
N LYS A 113 18.56 7.30 3.88
CA LYS A 113 17.81 7.89 2.80
C LYS A 113 16.34 7.81 3.09
N SER A 114 15.61 8.76 2.60
CA SER A 114 14.20 8.84 2.87
C SER A 114 13.45 9.42 1.69
N ASN A 115 12.30 8.91 1.43
CA ASN A 115 11.45 9.40 0.36
C ASN A 115 10.03 9.33 0.85
N LYS A 116 9.26 10.35 0.60
CA LYS A 116 7.92 10.43 1.11
C LYS A 116 7.06 11.23 0.16
N ILE A 117 5.84 10.84 0.01
CA ILE A 117 4.91 11.57 -0.81
C ILE A 117 3.61 11.77 -0.07
N THR A 118 2.98 12.86 -0.33
CA THR A 118 1.72 13.12 0.25
C THR A 118 0.68 12.64 -0.74
N ILE A 119 0.02 11.58 -0.42
CA ILE A 119 -1.01 11.11 -1.26
C ILE A 119 -2.26 11.78 -0.78
N THR A 120 -2.65 12.74 -1.52
CA THR A 120 -3.78 13.51 -1.23
C THR A 120 -4.86 12.92 -2.07
N ASN A 121 -5.68 12.14 -1.47
CA ASN A 121 -6.63 11.43 -2.21
C ASN A 121 -8.05 11.87 -1.86
N ASP A 122 -8.52 12.83 -2.59
CA ASP A 122 -9.89 13.31 -2.41
C ASP A 122 -10.64 13.37 -3.72
N LYS A 123 -9.94 13.76 -4.77
CA LYS A 123 -10.58 14.05 -6.03
C LYS A 123 -10.81 12.77 -6.84
N GLY A 124 -9.74 12.19 -7.32
CA GLY A 124 -9.86 11.04 -8.19
C GLY A 124 -9.43 9.76 -7.55
N ARG A 125 -10.28 9.22 -6.70
CA ARG A 125 -10.11 7.94 -6.12
C ARG A 125 -11.47 7.33 -5.89
N LEU A 126 -11.67 6.78 -4.75
CA LEU A 126 -12.92 6.18 -4.35
C LEU A 126 -14.09 7.13 -4.48
N SER A 127 -15.01 6.76 -5.32
CA SER A 127 -16.31 7.33 -5.31
C SER A 127 -17.08 6.47 -4.30
N LYS A 128 -18.33 6.75 -4.02
CA LYS A 128 -19.03 5.87 -3.08
C LYS A 128 -19.19 4.51 -3.74
N GLU A 129 -19.41 4.56 -5.07
CA GLU A 129 -19.55 3.38 -5.91
C GLU A 129 -18.36 2.47 -5.67
N ASP A 130 -17.16 3.04 -5.78
CA ASP A 130 -15.92 2.27 -5.62
C ASP A 130 -15.81 1.63 -4.27
N ILE A 131 -16.13 2.40 -3.23
CA ILE A 131 -16.04 1.92 -1.85
C ILE A 131 -16.98 0.75 -1.67
N GLU A 132 -18.26 0.98 -1.96
CA GLU A 132 -19.31 -0.01 -1.81
C GLU A 132 -18.98 -1.29 -2.58
N LYS A 133 -18.48 -1.11 -3.80
CA LYS A 133 -18.13 -2.15 -4.73
C LYS A 133 -17.00 -3.01 -4.19
N MET A 134 -15.90 -2.39 -3.79
CA MET A 134 -14.77 -3.17 -3.34
C MET A 134 -14.99 -3.79 -1.98
N VAL A 135 -15.82 -3.14 -1.16
CA VAL A 135 -16.24 -3.74 0.10
C VAL A 135 -17.08 -4.98 -0.19
N ALA A 136 -17.96 -4.87 -1.18
CA ALA A 136 -18.83 -5.96 -1.60
C ALA A 136 -18.00 -7.14 -2.12
N GLU A 137 -16.92 -6.84 -2.84
CA GLU A 137 -16.04 -7.88 -3.34
C GLU A 137 -15.36 -8.63 -2.19
N ALA A 138 -14.94 -7.92 -1.17
CA ALA A 138 -14.31 -8.54 -0.01
C ALA A 138 -15.32 -9.34 0.78
N GLU A 139 -16.53 -8.84 0.81
CA GLU A 139 -17.64 -9.53 1.43
C GLU A 139 -17.94 -10.83 0.67
N LYS A 140 -17.97 -10.72 -0.63
CA LYS A 140 -18.24 -11.82 -1.56
C LYS A 140 -17.17 -12.92 -1.41
N PHE A 141 -15.93 -12.51 -1.45
CA PHE A 141 -14.79 -13.41 -1.36
C PHE A 141 -14.23 -13.48 0.06
N LYS A 142 -15.07 -13.27 1.06
CA LYS A 142 -14.65 -13.20 2.48
C LYS A 142 -13.80 -14.42 2.88
N GLU A 143 -14.28 -15.60 2.52
CA GLU A 143 -13.58 -16.83 2.85
C GLU A 143 -12.25 -16.94 2.05
N GLU A 144 -12.25 -16.42 0.84
CA GLU A 144 -11.08 -16.50 0.00
C GLU A 144 -9.99 -15.62 0.56
N ASP A 145 -10.35 -14.41 0.89
CA ASP A 145 -9.42 -13.41 1.41
C ASP A 145 -8.71 -13.84 2.66
N GLU A 146 -9.40 -14.49 3.56
CA GLU A 146 -8.74 -15.00 4.76
C GLU A 146 -7.77 -16.12 4.41
N LYS A 147 -8.16 -16.97 3.46
CA LYS A 147 -7.30 -18.03 2.99
C LYS A 147 -6.07 -17.46 2.28
N GLU A 148 -6.29 -16.37 1.56
CA GLU A 148 -5.21 -15.67 0.88
C GLU A 148 -4.30 -14.99 1.89
N SER A 149 -4.87 -14.54 3.00
CA SER A 149 -4.11 -13.92 4.07
C SER A 149 -3.17 -14.96 4.69
N GLN A 150 -3.58 -16.22 4.64
CA GLN A 150 -2.78 -17.33 5.15
C GLN A 150 -1.61 -17.63 4.21
N ARG A 151 -1.67 -17.10 3.00
CA ARG A 151 -0.63 -17.34 2.01
C ARG A 151 0.42 -16.25 2.10
N ILE A 152 0.12 -15.21 2.86
CA ILE A 152 0.99 -14.06 2.93
C ILE A 152 2.29 -14.35 3.69
N ALA A 153 3.29 -14.66 2.91
CA ALA A 153 4.62 -14.87 3.42
C ALA A 153 5.52 -13.77 2.90
N SER A 154 5.08 -13.10 1.85
CA SER A 154 5.86 -12.06 1.19
C SER A 154 5.83 -10.71 1.93
N LYS A 155 5.68 -10.74 3.25
CA LYS A 155 5.74 -9.52 4.03
C LYS A 155 7.21 -9.11 4.12
N ASN A 156 7.46 -7.84 4.34
CA ASN A 156 8.82 -7.26 4.38
C ASN A 156 9.49 -7.28 3.01
N GLN A 157 8.73 -7.43 1.95
CA GLN A 157 9.33 -7.49 0.62
C GLN A 157 8.87 -6.33 -0.24
N LEU A 158 9.81 -5.56 -0.70
CA LEU A 158 9.55 -4.44 -1.58
C LEU A 158 10.23 -4.71 -2.89
N GLU A 159 9.52 -4.48 -3.96
CA GLU A 159 10.04 -4.73 -5.26
C GLU A 159 10.85 -3.55 -5.71
N SER A 160 11.87 -3.85 -6.43
CA SER A 160 12.82 -2.87 -6.87
C SER A 160 12.28 -2.17 -8.09
N ILE A 161 11.93 -2.95 -9.07
CA ILE A 161 11.30 -2.45 -10.23
C ILE A 161 9.87 -2.93 -10.27
N ALA A 162 8.97 -2.04 -10.58
CA ALA A 162 7.58 -2.38 -10.57
C ALA A 162 7.13 -2.91 -11.89
N TYR A 163 6.50 -4.04 -11.83
CA TYR A 163 5.92 -4.67 -12.99
C TYR A 163 4.59 -4.00 -13.20
N SER A 164 3.96 -3.68 -12.05
CA SER A 164 2.65 -3.04 -11.96
C SER A 164 1.57 -3.86 -12.65
N LEU A 165 0.84 -4.59 -11.84
CA LEU A 165 -0.12 -5.60 -12.29
C LEU A 165 -1.26 -5.09 -13.19
N LYS A 166 -1.00 -5.06 -14.47
CA LYS A 166 -2.04 -4.82 -15.46
C LYS A 166 -2.01 -5.95 -16.49
N ASN A 167 -1.08 -5.90 -17.43
CA ASN A 167 -0.96 -6.95 -18.45
C ASN A 167 0.16 -7.92 -18.04
N THR A 168 0.80 -7.58 -16.95
CA THR A 168 1.92 -8.31 -16.37
C THR A 168 1.45 -9.59 -15.63
N ILE A 169 0.57 -10.30 -16.28
CA ILE A 169 0.02 -11.52 -15.75
C ILE A 169 1.01 -12.65 -15.98
N SER A 170 1.22 -12.94 -17.24
CA SER A 170 2.13 -13.95 -17.73
C SER A 170 2.15 -13.73 -19.24
N GLU A 171 1.94 -12.49 -19.60
CA GLU A 171 1.68 -12.15 -20.96
C GLU A 171 2.87 -11.45 -21.55
N ALA A 172 3.00 -11.53 -22.85
CA ALA A 172 4.07 -10.89 -23.55
C ALA A 172 3.55 -9.64 -24.24
N GLY A 173 2.70 -9.83 -25.21
CA GLY A 173 2.19 -8.75 -25.97
C GLY A 173 1.65 -9.29 -27.24
#